data_8ZOG
#
_entry.id   8ZOG
#
_cell.length_a   1.00
_cell.length_b   1.00
_cell.length_c   1.00
_cell.angle_alpha   90.00
_cell.angle_beta   90.00
_cell.angle_gamma   90.00
#
_symmetry.space_group_name_H-M   'P 1'
#
loop_
_entity.id
_entity.type
_entity.pdbx_description
1 polymer VCPI-5
2 polymer VCPI-9
3 polymer VCPI-8
4 polymer VCPI-4/7
5 polymer VCPI-3
6 polymer VCPI-6
7 polymer VCPI-2
8 polymer VCPI-1
9 polymer 'Photosystem I P700 chlorophyll a apoprotein A1'
10 polymer 'Photosystem I P700 chlorophyll a apoprotein A2'
11 polymer 'Photosystem I reaction center subunit II'
12 polymer 'Photosystem I reaction center subunit IV'
13 polymer 'Photosystem I reaction center subunit III'
14 polymer PsaR
15 polymer 'Photosystem I reaction center subunit VIII'
16 polymer 'Photosystem I reaction center subunit IX'
17 polymer 'PSI subunit V'
18 polymer PsaM
19 polymer PsaS
20 polymer 'Photosystem I iron-sulfur center'
21 non-polymer "(3S,5R,6S,3'S,5'R,6'S)-5,6,5',6'-DIEPOXY-5,6,5',6'- TETRAHYDRO-BETA,BETA-CAROTENE-3,3'-DIOL"
22 non-polymer (1~{R},3~{S})-6-[(3~{E},5~{E},7~{E},9~{E},11~{E},13~{E},15~{Z},17~{E})-16-(hydroxymethyl)-3,7,12-trimethyl-18-[(1~{S},4~{S},6~{R})-2,2,6-trimethyl-4-oxidanyl-7-oxabicyclo[4.1.0]heptan-1-yl]octadeca-1,3,5,7,9,11,13,15,17-nonaenylidene]-1,5,5-trimethyl-cyclohexane-1,3-diol
23 non-polymer 'CHLOROPHYLL A'
24 non-polymer 1,2-DI-O-ACYL-3-O-[6-DEOXY-6-SULFO-ALPHA-D-GLUCOPYRANOSYL]-SN-GLYCEROL
25 non-polymer '[(2~{Z},4~{E},6~{E},8~{E},10~{E},12~{E},14~{E})-17-[(4~{S},6~{R})-4-acetyloxy-2,2,6-trimethyl-6-oxidanyl-cyclohexylidene]-6,11,15-trimethyl-2-[(~{E})-2-[(1~{S},4~{S},6~{R})-2,2,6-trimethyl-4-oxidanyl-7-oxabicyclo[4.1.0]heptan-1-yl]ethenyl]heptadeca-2,4,6,8,10,12,14,16-octaenyl] octanoate'
26 non-polymer 1,2-DIPALMITOYL-PHOSPHATIDYL-GLYCEROLE
27 non-polymer 'DIGALACTOSYL DIACYL GLYCEROL (DGDG)'
28 non-polymer 1,2-DISTEAROYL-MONOGALACTOSYL-DIGLYCERIDE
29 non-polymer PHYLLOQUINONE
30 non-polymer BETA-CAROTENE
31 non-polymer 'IRON/SULFUR CLUSTER'
#
loop_
_entity_poly.entity_id
_entity_poly.type
_entity_poly.pdbx_seq_one_letter_code
_entity_poly.pdbx_strand_id
1 'polypeptide(L)'
;MFRKLALALLCSSAVAFQVPAPLTRGSVRLHAEGKPAAPPAAAPPAAAPAAAAPAAAAPAAAAVKPPPPPPPPKVFSKSV
PFLLKPAGLDGMVGDVGFDPLGFATFIDIRWLREAELKNGRVAMLAFLGFIVQEFIRLPGDLYSEPNGVKAFFQVGPQPL
LQIFLFCGFLEFNMHKGKLTQVDMFEDGKREPGNFGFDPLGFGKDPAKRERYALAELKNGRLAMIAIGGLVHHALVTGHA
TFSS
;
5
2 'polypeptide(L)'
;MKTAAILAVLACAANAFVFPTPKVSQTVVRGTPFDTVSKDELAVENKAMAGKSVFERAMADFNGRYPAVAALGLGPSAKA
ERWNGRHAMFGWIVLLATGYAQAHGLLPEGGMDAKEWGTWVIVSTTNGEQVTIPAARAAIAIGHLHFGAVGVFAAYSKNS
VKDRLLLEPGEKDEAPAGLFPALRPGLTKEAEMLNGRVAMLGLVALVAVSAATGQDILSVIDQGLGGLLLKA
;
9
3 'polypeptide(L)'
;MKVTAVLSLLAAPLLASAFIAPAPKATRARGVMSMAQSKALPFLKAPAKLDGSLAGDFGFDPMGISDQVANLKYVRAAEL
KHCRVAMLGFLGWVVQQYVHLPGEIYAESNPLKALTSVPLLSQIQIFLFIGAIELATLDQTYTADKPWDLGFDPLNFSKG
KSEQQMKDLEVKELKNGRVAMIAIMGLIAQTLYTGVPLFS
;
8
4 'polypeptide(L)'
;MKLLSFACLLGAATAFVPSMPTTTRTRGAVRMMAEKSKAVPFLPRPAALDGSVVGDVGFDPVGFTSWLPLSYLQEAEIKH
CRIAMLATLGWIVADFVHLPGAVHEVSSLAAHDVAVKSGALAQILIWTSIAEAISVIAISQMLEGSGRQPGDFKFDPLNF
AKDEKSLKKMQLSELKNGRLAMLAFSGIVTQAALTGHAFPYM
;
4,7
5 'polypeptide(L)'
;MKISFALAALLPCAAAFVAPAIPSVTSSTGTAAARGRTVMMAERSKSLPFLMKPKNLDGSMAGDVGFDPLGLSEINDVGV
DLYWLREAELKHCRLGMMAAAGILFVEILGPAPGFPAGKSQMDVFWKVYAEKPSLIGASLAAIAILEVISGVATTQGRQN
GDRAPGDYNFDPLGFGKDPAKFKDLQLKEVKNGRLAMIAAAGMILQGVSTHQGALENLSG
;
3
6 'polypeptide(L)'
;MHHDARPTARRTAVGTQTSSASSCRHPSAHSPHPTTTSQHRSSFRNMKCIVFAGLLASATAFIAPAPRASSRSVMKMGLE
NQVGFDIETGGKPWDPFGFAGVSERNGLGILPHIKWLQESEIKHGRTAMLAFLGVIVPGSLGIYVPTYPQEPDFTKAFSA
ALQSNPLGMAQIALAVAIIEGHYYAGDFWTGGGDRQVGAFGFDPLGFSKGKSEAAIKSMQLKEIKNGRLAMIAMAAFASE
KFIPGSVPLLHSAFPTLPI
;
6
7 'polypeptide(L)'
;MRSITIVLAATAALSSAFVMPSTPKAPATQLSVKSKAVPFLEAPKALDGSLPADVGFDPLGLSDIGFDFTYLMVPTKWDE
SRTGLSALKWFREAEIKHGRFAMLAVLGWVAVDMGLRLPVAKYAGYNAVQAHDVFVKSGDMTVGLLAIGFLEVVMGAAIY
EMSKGSDRAAGEFSFDPLGLGKDPSKYARYQVSEIKNGRLAMLAFGGIATQAVLTNSGFPYYQ
;
2
8 'polypeptide(L)'
;MVGIHKTLLVAAVTMASVSAFVPPAPAAPRTRGVMKMGLDGMIGSSAPFKNFDPLGFAAKADQKTLNKYRESELKHGRVA
MLAVLGWIVQEFWHPLYDGKLSSNPLKALTEVPLIGWAQIFVAINVIEYLQNKIKELPGYRPGDYLGTWEWVEQSDEGWD
SYQTKELNNGRLAMVAIAGLIVQDLITGQAALEQITAGNTGVFSGLGK
;
1
9 'polypeptide(L)'
;MSTTRKSTIVDFNPVETSFEKWAKPGQFSRTLAKGPKTTTWIWNLHADAHDFDIQTNSLQEVSRKIFSAHFGQLAVIFLW
LSGMHFHGAYFSNYSAWLTNPTSTKPSAQIVWPIVGQEVLNADVGGNFQGIQITSGFFQLWRAEGITSEVELYWTAVGGL
VASFLMLFAGWFHYHKAAPKLEWFQNVESMLNHHLAGLLGLGSLSWAGHQIHIALPINKLLDLGVSPEEIPLPYEFILNR
DLIAQLYPSFNKGLTPFFTLNWGEYSDFLTFKGGLNPVTGGLWLTDTAHHHLAIAVLFIVAGHMYKTNWFLGHSIKTILE
AHKGPFTGEGHKGLYEVLTTSWHAQLAINLALFGSLSIIVAHHMYAMPPYPYIAIDYPTQLSLFTHHVWIGGFCIVGGAA
HGAIFFVRDYNAANNYNNLIDRVIRHRDAIISHLNWVCIFLGCHSFGLYVHNDTMRALGRSQDLFSDNAIALKPIFAQFI
QNLHTLAPGSTAPNALTTVSYAFGGDVISVGSKIAMMPISLGTADFLVHHIHAFTIHVTVLILLKGVLYSRNSRLIPDKA
NLGFRFPCDGPGRGGTCQVSAWDHVFLGLFWMYNSISIVIFHFSWKMQSDVWGTVSPTGAVSHITGGNFAQSSITINGWL
RDFLWSQAAQVVQSYGSSLSAYGLIFLGAHFIWAFSLMFLFSGRGYWQELIESIVWAHNKLKVAPSIQPRALSITQGRAV
GVAHYLLGGIGTTWAFFLARIISVG
;
a
10 'polypeptide(L)'
;MVYKFPKFSKALAEDPSTRRIWYGIATAHDFESHDAMTESKLYQKIFASHFGHIAIIFLWTAGNLFHVAWQGNFEAWILN
PLKVRPIAHAIWDPHFGQAAYKAFLKTSSPANLALSGVYEWWYTIGMRTNNDLYQGSFFLILLSSLLLFAGWLHLQPSFR
PSLDWFKANEYRLNHHLSGLFGVSSLAWTGHLVHVAIPESRGIHVGWDNFLTVLPHPEGLTPFFSGNWKAYAQNPDTASH
IFGSGEGSGTAILTFLGGFHPQTKSLWLTDMAHHHLAIAVLFIVAGHMYRTNWLIGHQMKLILEAHRPPGGRLGIGHIGL
YETITNSLHFQLGLALAALGVATSLTAQHMYALPPYAFLASNFPTQAALYTHHQYIAGFLMVGAFAHGAIFFVRDYDPAV
NTRNGEKNVLARMLEHKEAIISHLSWVSLFLGFHTLGIYVHNDVVVAFGQPEKQILVEPLFAEWIQAASGKTLYNFDLLL
ASSNSPASVASSQLWLPGWLSAINDGKNSLFLPIGPGDFLVHHAIALGLHTTTLILVKGALDARGSKLMPDKKDFGYSFP
CDGPGRGGTCDISAWDAFYLAMFWMLNTIGWVTFYWHWKHLTLWQGNQVQFNESSNYIMGWLRDYLWLNSSPLINGYNPF
GMNSLSVWAWMFLFGHLVWATGFMFLISWRGYWQELIETIVWAHERTPLANLVRWKDKPVALSIVQARLVGLAHFTIGYV
LTYAAFVIASTIGKLGY
;
b
11 'polypeptide(L)'
;MNLKLKQSDFPKFEGSTGGWLSAAKNEEKYVIIWTSKDASLFEMPTGGTAKMNAGNNVAYFARKEQCLALGSQLRGFKIT
NYKIFRIYPPLDITLLHPFDGVFPEKVNQGRSPVGKRDASIGGNPNPASLKFQSNT
;
d
12 'polypeptide(L)' MIQKGSTVRILRKESYWYNESGTVVVVDQSKVRYPVLVRFTKVNYAGTNTNNFGLNEVEEVVTKKSS e
13 'polypeptide(L)'
;MTKIVKFAFLPLLTFLGLPMISNADIGGLNPCKDSEVFQKRLAKTVKKLENRLKKYEEGTPPQIAIQQQITQTKQRFTRY
ADSNLLCGNDGLPHLITDGRWSHGSEFLLPSILFLYISGWIGWVGRKYIRTVGQTSNPTEKEIIIDVPLAISIMTSGFLW
PFAAWQEFLSGDLIASDETITTSPK
;
f
14 'polypeptide(L)'
;MKTFCILLALVALFNFSNAFMPKAPVHTARPVVARGRTMKMMEESTYWEGKAPPSVVLGPFLSKIPSGVLGPASLVALIV
GSYCTHESNIFNTLTVDTIYPAYVLGSFLTPISWGLHVAAWIQKMNKA
;
h
15 'polypeptide(L)' MSLDLLPSFFVPLVGLVLPLFSIIGLFLYIEKENREVFDPTTYKF i
16 'polypeptide(L)' MKDFLKYLSTAPVLLTAWLTFTAGFVIEINRFYPDALTFPF j
17 'polypeptide(L)'
;MVSFIKPYRQDPFVGHLATPITTSAFTRAYLKVLPAYRPGLTPLSRGAEIGFTHGYFLIGPFYTYGPLRSVEFSLTSLAA
GLLAAITLLLILTVGLSIYGQVTYDVYDNALIVKLVRQMVGSERTQDLPQIKGTSELDTVLGWQKFSEGFFSGGLIGSIV
AAVGIALYSTYL
;
l
18 'polypeptide(L)' MIYDSQVYIALVIAVVASVLAIRLGATLYN m
19 'polypeptide(L)'
;(UNK)(UNK)(UNK)(UNK)(UNK)(UNK)(UNK)(UNK)(UNK)(UNK)(UNK)(UNK)(UNK)(UNK)(UNK)(UNK)
(UNK)(UNK)(UNK)(UNK)(UNK)(UNK)(UNK)(UNK)(UNK)(UNK)(UNK)(UNK)(UNK)(UNK)(UNK)(UNK)
(UNK)(UNK)(UNK)(UNK)(UNK)(UNK)(UNK)(UNK)(UNK)(UNK)(UNK)(UNK)(UNK)(UNK)(UNK)(UNK)
(UNK)(UNK)(UNK)(UNK)(UNK)(UNK)(UNK)
;
g
20 'polypeptide(L)'
;MSHTVKIYDTCIGCTQCVRACPTDVLEMVPWDGCKAGQIASAPRTEDCVGCKRCETACPTDFLSVRVYLGGETTRSLGLA
Y
;
c
#
# COMPACT_ATOMS: atom_id res chain seq x y z
N LYS A 74 -35.54 -33.56 -47.44
CA LYS A 74 -34.31 -32.82 -47.63
C LYS A 74 -33.85 -32.86 -49.08
N VAL A 75 -33.21 -31.78 -49.53
CA VAL A 75 -32.85 -31.63 -50.93
C VAL A 75 -31.49 -32.23 -51.24
N PHE A 76 -30.49 -31.89 -50.43
CA PHE A 76 -29.09 -32.31 -50.61
C PHE A 76 -28.47 -31.60 -51.82
N SER A 77 -27.19 -31.23 -51.69
CA SER A 77 -26.54 -30.44 -52.72
C SER A 77 -26.30 -31.28 -53.99
N LYS A 78 -26.20 -30.58 -55.12
CA LYS A 78 -25.90 -31.25 -56.38
C LYS A 78 -24.41 -31.50 -56.54
N SER A 79 -23.58 -30.57 -56.09
CA SER A 79 -22.13 -30.76 -56.17
C SER A 79 -21.67 -31.78 -55.12
N VAL A 80 -21.88 -31.46 -53.85
CA VAL A 80 -21.54 -32.36 -52.76
C VAL A 80 -22.80 -33.15 -52.40
N PRO A 81 -22.98 -34.36 -52.94
CA PRO A 81 -24.28 -35.03 -52.83
C PRO A 81 -24.62 -35.52 -51.44
N PHE A 82 -23.64 -35.64 -50.54
CA PHE A 82 -23.91 -36.10 -49.18
C PHE A 82 -24.12 -34.95 -48.21
N LEU A 83 -24.23 -33.73 -48.70
CA LEU A 83 -24.43 -32.55 -47.85
C LEU A 83 -25.74 -31.87 -48.24
N LEU A 84 -26.37 -31.26 -47.23
CA LEU A 84 -27.60 -30.52 -47.47
C LEU A 84 -27.34 -29.32 -48.38
N LYS A 85 -28.37 -28.93 -49.12
CA LYS A 85 -28.23 -27.83 -50.07
C LYS A 85 -27.95 -26.53 -49.31
N PRO A 86 -26.87 -25.81 -49.63
CA PRO A 86 -26.59 -24.55 -48.95
C PRO A 86 -27.61 -23.48 -49.31
N ALA A 87 -27.79 -22.53 -48.40
CA ALA A 87 -28.76 -21.46 -48.56
C ALA A 87 -28.08 -20.19 -49.06
N GLY A 88 -28.88 -19.34 -49.69
CA GLY A 88 -28.43 -18.04 -50.15
C GLY A 88 -27.78 -18.01 -51.52
N LEU A 89 -27.70 -19.15 -52.21
CA LEU A 89 -27.08 -19.20 -53.53
C LEU A 89 -28.09 -19.27 -54.67
N ASP A 90 -29.39 -19.19 -54.37
CA ASP A 90 -30.42 -19.59 -55.33
C ASP A 90 -30.29 -18.85 -56.65
N GLY A 91 -30.47 -17.54 -56.65
CA GLY A 91 -30.50 -16.78 -57.87
C GLY A 91 -29.13 -16.32 -58.34
N MET A 92 -28.25 -17.26 -58.66
CA MET A 92 -26.89 -16.92 -59.07
C MET A 92 -26.57 -17.62 -60.38
N VAL A 93 -25.46 -17.20 -60.99
CA VAL A 93 -25.10 -17.67 -62.33
C VAL A 93 -23.99 -18.71 -62.27
N GLY A 94 -23.70 -19.26 -61.09
CA GLY A 94 -22.73 -20.32 -60.98
C GLY A 94 -23.14 -21.35 -59.95
N ASP A 95 -24.42 -21.34 -59.59
CA ASP A 95 -24.92 -22.20 -58.51
C ASP A 95 -24.81 -23.66 -58.92
N VAL A 96 -23.90 -24.39 -58.27
CA VAL A 96 -23.91 -25.84 -58.27
C VAL A 96 -24.11 -26.39 -56.87
N GLY A 97 -24.50 -25.54 -55.92
CA GLY A 97 -24.71 -25.96 -54.55
C GLY A 97 -23.43 -26.22 -53.79
N PHE A 98 -22.33 -25.60 -54.17
CA PHE A 98 -21.03 -25.82 -53.54
C PHE A 98 -20.80 -24.77 -52.48
N ASP A 99 -21.09 -25.13 -51.22
CA ASP A 99 -20.74 -24.31 -50.07
C ASP A 99 -20.77 -25.17 -48.81
N PRO A 100 -19.86 -26.15 -48.69
CA PRO A 100 -19.89 -27.01 -47.49
C PRO A 100 -19.65 -26.24 -46.20
N LEU A 101 -18.81 -25.21 -46.23
CA LEU A 101 -18.53 -24.43 -45.03
C LEU A 101 -19.55 -23.34 -44.76
N GLY A 102 -20.52 -23.16 -45.65
CA GLY A 102 -21.56 -22.17 -45.44
C GLY A 102 -21.07 -20.74 -45.36
N PHE A 103 -20.08 -20.39 -46.19
CA PHE A 103 -19.57 -19.03 -46.19
C PHE A 103 -20.61 -18.00 -46.60
N ALA A 104 -21.62 -18.42 -47.37
CA ALA A 104 -22.69 -17.52 -47.78
C ALA A 104 -23.68 -17.21 -46.66
N THR A 105 -23.60 -17.93 -45.55
CA THR A 105 -24.54 -17.69 -44.46
C THR A 105 -24.11 -16.54 -43.57
N PHE A 106 -22.81 -16.44 -43.28
CA PHE A 106 -22.30 -15.37 -42.42
C PHE A 106 -21.55 -14.30 -43.19
N ILE A 107 -21.54 -14.36 -44.52
CA ILE A 107 -20.99 -13.31 -45.37
C ILE A 107 -22.01 -13.02 -46.47
N ASP A 108 -22.16 -11.74 -46.81
CA ASP A 108 -23.13 -11.36 -47.84
C ASP A 108 -22.79 -12.04 -49.17
N ILE A 109 -23.80 -12.64 -49.79
CA ILE A 109 -23.57 -13.38 -51.03
C ILE A 109 -23.19 -12.43 -52.16
N ARG A 110 -23.75 -11.22 -52.18
CA ARG A 110 -23.37 -10.25 -53.20
C ARG A 110 -21.91 -9.86 -53.08
N TRP A 111 -21.45 -9.60 -51.85
CA TRP A 111 -20.04 -9.29 -51.64
C TRP A 111 -19.17 -10.49 -52.01
N LEU A 112 -19.63 -11.70 -51.69
CA LEU A 112 -18.85 -12.88 -52.04
C LEU A 112 -18.70 -13.05 -53.54
N ARG A 113 -19.78 -12.79 -54.30
CA ARG A 113 -19.68 -12.88 -55.75
C ARG A 113 -18.80 -11.78 -56.32
N GLU A 114 -18.92 -10.56 -55.77
CA GLU A 114 -18.06 -9.48 -56.22
C GLU A 114 -16.59 -9.82 -56.00
N ALA A 115 -16.28 -10.37 -54.83
CA ALA A 115 -14.91 -10.75 -54.52
C ALA A 115 -14.44 -11.89 -55.39
N GLU A 116 -15.30 -12.89 -55.63
CA GLU A 116 -14.92 -14.01 -56.50
C GLU A 116 -14.63 -13.53 -57.91
N LEU A 117 -15.50 -12.66 -58.45
CA LEU A 117 -15.29 -12.15 -59.80
C LEU A 117 -14.03 -11.31 -59.89
N LYS A 118 -13.78 -10.45 -58.90
CA LYS A 118 -12.58 -9.61 -58.96
C LYS A 118 -11.32 -10.46 -58.83
N ASN A 119 -11.31 -11.41 -57.89
CA ASN A 119 -10.17 -12.31 -57.75
C ASN A 119 -9.93 -13.10 -59.02
N GLY A 120 -11.01 -13.58 -59.65
CA GLY A 120 -10.87 -14.34 -60.88
C GLY A 120 -10.30 -13.49 -62.00
N ARG A 121 -10.82 -12.28 -62.18
CA ARG A 121 -10.34 -11.41 -63.25
C ARG A 121 -8.87 -11.04 -63.03
N VAL A 122 -8.51 -10.72 -61.79
CA VAL A 122 -7.12 -10.39 -61.48
C VAL A 122 -6.22 -11.59 -61.76
N ALA A 123 -6.68 -12.80 -61.39
CA ALA A 123 -5.89 -14.00 -61.62
C ALA A 123 -5.72 -14.28 -63.10
N MET A 124 -6.77 -14.10 -63.90
CA MET A 124 -6.66 -14.28 -65.34
C MET A 124 -5.66 -13.29 -65.95
N LEU A 125 -5.77 -12.02 -65.57
CA LEU A 125 -4.82 -11.04 -66.09
C LEU A 125 -3.40 -11.37 -65.66
N ALA A 126 -3.23 -11.87 -64.43
CA ALA A 126 -1.90 -12.16 -63.93
C ALA A 126 -1.31 -13.41 -64.60
N PHE A 127 -2.14 -14.41 -64.90
CA PHE A 127 -1.67 -15.58 -65.63
C PHE A 127 -1.23 -15.19 -67.04
N LEU A 128 -2.05 -14.40 -67.73
CA LEU A 128 -1.66 -13.90 -69.03
C LEU A 128 -0.38 -13.08 -68.93
N GLY A 129 -0.24 -12.31 -67.84
CA GLY A 129 0.97 -11.54 -67.63
C GLY A 129 2.20 -12.42 -67.48
N PHE A 130 2.09 -13.52 -66.73
CA PHE A 130 3.18 -14.48 -66.67
C PHE A 130 3.58 -14.95 -68.05
N ILE A 131 2.60 -15.46 -68.81
CA ILE A 131 2.93 -16.10 -70.07
C ILE A 131 3.55 -15.11 -71.04
N VAL A 132 3.04 -13.87 -71.05
CA VAL A 132 3.60 -12.85 -71.93
C VAL A 132 4.96 -12.40 -71.45
N GLN A 133 5.13 -12.21 -70.14
CA GLN A 133 6.38 -11.71 -69.58
C GLN A 133 7.53 -12.65 -69.89
N GLU A 134 7.32 -13.95 -69.70
CA GLU A 134 8.41 -14.88 -69.96
C GLU A 134 8.72 -14.94 -71.46
N PHE A 135 7.73 -14.65 -72.31
CA PHE A 135 7.92 -14.67 -73.76
C PHE A 135 8.42 -13.34 -74.31
N ILE A 136 7.66 -12.26 -74.10
CA ILE A 136 7.87 -11.02 -74.84
C ILE A 136 8.82 -10.08 -74.11
N ARG A 137 8.42 -9.62 -72.92
CA ARG A 137 9.17 -8.65 -72.12
C ARG A 137 9.28 -7.30 -72.83
N LEU A 138 9.69 -6.27 -72.09
CA LEU A 138 9.89 -4.92 -72.60
C LEU A 138 11.37 -4.62 -72.77
N PRO A 139 11.72 -3.70 -73.67
CA PRO A 139 13.12 -3.27 -73.77
C PRO A 139 13.56 -2.56 -72.49
N GLY A 140 14.83 -2.72 -72.16
CA GLY A 140 15.38 -2.10 -70.97
C GLY A 140 16.03 -3.10 -70.02
N ASP A 141 16.97 -2.62 -69.22
CA ASP A 141 17.66 -3.51 -68.28
C ASP A 141 16.73 -3.98 -67.17
N LEU A 142 15.84 -3.11 -66.70
CA LEU A 142 14.93 -3.48 -65.62
C LEU A 142 14.00 -4.61 -66.06
N TYR A 143 13.47 -4.52 -67.27
CA TYR A 143 12.47 -5.48 -67.76
C TYR A 143 13.15 -6.57 -68.56
N SER A 144 13.95 -7.39 -67.86
CA SER A 144 14.74 -8.43 -68.52
C SER A 144 14.74 -9.74 -67.74
N GLU A 145 13.71 -9.98 -66.93
CA GLU A 145 13.65 -11.21 -66.16
C GLU A 145 12.52 -12.10 -66.66
N PRO A 146 12.81 -13.25 -67.27
CA PRO A 146 11.74 -14.16 -67.69
C PRO A 146 10.92 -14.72 -66.52
N ASN A 147 11.46 -14.71 -65.30
CA ASN A 147 10.76 -15.23 -64.14
C ASN A 147 9.95 -14.11 -63.50
N GLY A 148 8.64 -14.35 -63.34
CA GLY A 148 7.78 -13.33 -62.78
C GLY A 148 8.13 -12.97 -61.35
N VAL A 149 8.45 -13.98 -60.54
CA VAL A 149 8.77 -13.74 -59.12
C VAL A 149 10.03 -12.90 -59.01
N LYS A 150 11.07 -13.23 -59.78
CA LYS A 150 12.28 -12.43 -59.75
C LYS A 150 12.08 -11.09 -60.45
N ALA A 151 11.18 -11.02 -61.43
CA ALA A 151 10.86 -9.74 -62.05
C ALA A 151 10.18 -8.80 -61.07
N PHE A 152 9.43 -9.35 -60.11
CA PHE A 152 8.81 -8.51 -59.08
C PHE A 152 9.86 -7.76 -58.28
N PHE A 153 11.05 -8.34 -58.09
CA PHE A 153 12.11 -7.70 -57.33
C PHE A 153 13.03 -6.86 -58.20
N GLN A 154 13.35 -7.34 -59.41
CA GLN A 154 14.25 -6.59 -60.28
C GLN A 154 13.63 -5.28 -60.73
N VAL A 155 12.32 -5.27 -60.97
CA VAL A 155 11.66 -4.08 -61.50
C VAL A 155 11.75 -2.91 -60.53
N GLY A 156 11.95 -3.18 -59.24
CA GLY A 156 12.06 -2.13 -58.26
C GLY A 156 10.71 -1.70 -57.72
N PRO A 157 10.72 -0.85 -56.69
CA PRO A 157 9.45 -0.43 -56.08
C PRO A 157 8.72 0.63 -56.86
N GLN A 158 9.46 1.46 -57.61
CA GLN A 158 8.83 2.57 -58.32
C GLN A 158 7.81 2.11 -59.35
N PRO A 159 8.11 1.17 -60.27
CA PRO A 159 7.05 0.71 -61.19
C PRO A 159 5.90 0.01 -60.49
N LEU A 160 6.18 -0.73 -59.41
CA LEU A 160 5.12 -1.46 -58.72
C LEU A 160 4.19 -0.52 -57.98
N LEU A 161 4.74 0.51 -57.32
CA LEU A 161 3.91 1.45 -56.59
C LEU A 161 2.99 2.24 -57.52
N GLN A 162 3.45 2.52 -58.74
CA GLN A 162 2.58 3.17 -59.72
C GLN A 162 1.41 2.27 -60.09
N ILE A 163 1.68 0.97 -60.26
CA ILE A 163 0.59 0.02 -60.52
C ILE A 163 -0.37 -0.02 -59.33
N PHE A 164 0.17 0.02 -58.11
CA PHE A 164 -0.68 0.01 -56.92
C PHE A 164 -1.57 1.24 -56.89
N LEU A 165 -1.02 2.41 -57.17
CA LEU A 165 -1.81 3.64 -57.14
C LEU A 165 -2.84 3.67 -58.26
N PHE A 166 -2.46 3.18 -59.45
CA PHE A 166 -3.42 3.14 -60.56
C PHE A 166 -4.56 2.18 -60.25
N CYS A 167 -4.25 1.02 -59.66
CA CYS A 167 -5.30 0.09 -59.27
C CYS A 167 -6.19 0.70 -58.21
N GLY A 168 -5.62 1.48 -57.29
CA GLY A 168 -6.44 2.18 -56.31
C GLY A 168 -7.36 3.21 -56.93
N PHE A 169 -6.84 3.99 -57.87
CA PHE A 169 -7.67 4.95 -58.61
C PHE A 169 -8.81 4.23 -59.33
N LEU A 170 -8.49 3.11 -59.98
CA LEU A 170 -9.52 2.33 -60.64
C LEU A 170 -10.56 1.85 -59.63
N GLU A 171 -10.12 1.30 -58.50
CA GLU A 171 -11.05 0.82 -57.49
C GLU A 171 -11.99 1.93 -57.03
N PHE A 172 -11.44 3.11 -56.75
CA PHE A 172 -12.27 4.23 -56.30
C PHE A 172 -13.29 4.62 -57.35
N ASN A 173 -12.86 4.79 -58.61
CA ASN A 173 -13.78 5.33 -59.62
C ASN A 173 -14.79 4.29 -60.10
N MET A 174 -14.43 3.02 -60.11
CA MET A 174 -15.34 1.98 -60.58
C MET A 174 -16.45 1.69 -59.58
N HIS A 175 -16.17 1.71 -58.29
CA HIS A 175 -17.20 1.50 -57.29
C HIS A 175 -17.84 2.80 -56.81
N LYS A 176 -17.35 3.95 -57.28
CA LYS A 176 -17.93 5.26 -56.99
C LYS A 176 -18.01 5.51 -55.49
N GLY A 177 -16.85 5.42 -54.85
CA GLY A 177 -16.74 5.72 -53.42
C GLY A 177 -17.01 4.58 -52.46
N LYS A 178 -18.14 3.90 -52.62
CA LYS A 178 -18.52 2.81 -51.74
C LYS A 178 -17.63 1.61 -52.05
N LEU A 179 -16.59 1.42 -51.24
CA LEU A 179 -15.58 0.40 -51.48
C LEU A 179 -15.54 -0.72 -50.46
N THR A 180 -16.22 -0.58 -49.33
CA THR A 180 -16.07 -1.52 -48.24
C THR A 180 -17.22 -2.51 -48.20
N GLN A 181 -17.07 -3.53 -47.34
CA GLN A 181 -18.08 -4.57 -47.24
C GLN A 181 -19.39 -4.01 -46.69
N VAL A 182 -19.31 -3.05 -45.78
CA VAL A 182 -20.53 -2.50 -45.20
C VAL A 182 -21.11 -1.40 -46.08
N ASP A 183 -20.28 -0.70 -46.86
CA ASP A 183 -20.77 0.40 -47.69
C ASP A 183 -21.32 -0.11 -49.01
N MET A 184 -20.61 -1.01 -49.67
CA MET A 184 -21.11 -1.59 -50.92
C MET A 184 -22.36 -2.43 -50.64
N PHE A 185 -23.30 -2.40 -51.57
CA PHE A 185 -24.57 -3.12 -51.49
C PHE A 185 -25.43 -2.65 -50.32
N GLU A 186 -25.09 -1.52 -49.70
CA GLU A 186 -25.94 -0.97 -48.66
C GLU A 186 -27.26 -0.48 -49.23
N ASP A 187 -27.22 0.16 -50.39
CA ASP A 187 -28.42 0.63 -51.08
C ASP A 187 -28.94 -0.36 -52.11
N GLY A 188 -28.29 -1.52 -52.26
CA GLY A 188 -28.69 -2.44 -53.31
C GLY A 188 -28.36 -1.88 -54.68
N LYS A 189 -29.26 -2.09 -55.63
CA LYS A 189 -29.17 -1.62 -57.01
C LYS A 189 -27.76 -1.76 -57.59
N ARG A 190 -27.12 -2.89 -57.31
CA ARG A 190 -25.74 -3.12 -57.75
C ARG A 190 -25.57 -4.62 -57.98
N GLU A 191 -25.64 -5.05 -59.23
CA GLU A 191 -25.42 -6.45 -59.55
C GLU A 191 -23.97 -6.81 -59.27
N PRO A 192 -23.71 -7.88 -58.53
CA PRO A 192 -22.31 -8.21 -58.18
C PRO A 192 -21.45 -8.43 -59.41
N GLY A 193 -20.35 -7.69 -59.47
CA GLY A 193 -19.43 -7.76 -60.58
C GLY A 193 -19.82 -6.96 -61.80
N ASN A 194 -20.91 -6.20 -61.75
CA ASN A 194 -21.42 -5.46 -62.91
C ASN A 194 -20.89 -4.04 -62.87
N PHE A 195 -19.76 -3.81 -63.54
CA PHE A 195 -19.21 -2.48 -63.69
C PHE A 195 -19.72 -1.76 -64.93
N GLY A 196 -20.54 -2.42 -65.75
CA GLY A 196 -20.98 -1.82 -66.99
C GLY A 196 -19.93 -1.78 -68.07
N PHE A 197 -18.79 -2.44 -67.87
CA PHE A 197 -17.69 -2.40 -68.81
C PHE A 197 -17.98 -3.35 -69.97
N ASP A 198 -18.29 -2.79 -71.13
CA ASP A 198 -18.59 -3.58 -72.32
C ASP A 198 -18.43 -2.72 -73.57
N PRO A 199 -17.22 -2.24 -73.89
CA PRO A 199 -17.07 -1.38 -75.07
C PRO A 199 -17.22 -2.13 -76.38
N LEU A 200 -16.72 -3.36 -76.46
CA LEU A 200 -16.80 -4.12 -77.71
C LEU A 200 -18.20 -4.64 -78.00
N GLY A 201 -19.13 -4.53 -77.05
CA GLY A 201 -20.51 -4.87 -77.28
C GLY A 201 -20.87 -6.33 -77.12
N PHE A 202 -19.92 -7.18 -76.73
CA PHE A 202 -20.24 -8.58 -76.49
C PHE A 202 -21.15 -8.69 -75.27
N GLY A 203 -22.37 -9.18 -75.47
CA GLY A 203 -23.30 -9.31 -74.37
C GLY A 203 -24.62 -8.59 -74.59
N LYS A 204 -24.81 -8.04 -75.79
CA LYS A 204 -26.09 -7.43 -76.12
C LYS A 204 -27.20 -8.47 -76.13
N ASP A 205 -26.94 -9.65 -76.69
CA ASP A 205 -27.92 -10.72 -76.70
C ASP A 205 -28.02 -11.34 -75.31
N PRO A 206 -29.19 -11.35 -74.68
CA PRO A 206 -29.30 -11.94 -73.34
C PRO A 206 -29.23 -13.45 -73.33
N ALA A 207 -29.42 -14.11 -74.47
CA ALA A 207 -29.38 -15.57 -74.51
C ALA A 207 -27.98 -16.09 -74.18
N LYS A 208 -26.96 -15.49 -74.77
CA LYS A 208 -25.57 -15.89 -74.52
C LYS A 208 -24.98 -15.20 -73.29
N ARG A 209 -25.70 -14.27 -72.68
CA ARG A 209 -25.17 -13.54 -71.53
C ARG A 209 -24.94 -14.47 -70.34
N GLU A 210 -25.88 -15.37 -70.06
CA GLU A 210 -25.72 -16.30 -68.95
C GLU A 210 -24.55 -17.24 -69.19
N ARG A 211 -24.41 -17.73 -70.42
CA ARG A 211 -23.29 -18.60 -70.74
C ARG A 211 -21.96 -17.85 -70.60
N TYR A 212 -21.93 -16.59 -71.02
CA TYR A 212 -20.71 -15.80 -70.87
C TYR A 212 -20.38 -15.58 -69.39
N ALA A 213 -21.39 -15.33 -68.57
CA ALA A 213 -21.16 -15.15 -67.13
C ALA A 213 -20.60 -16.42 -66.51
N LEU A 214 -21.19 -17.57 -66.85
CA LEU A 214 -20.71 -18.84 -66.30
C LEU A 214 -19.29 -19.12 -66.78
N ALA A 215 -19.00 -18.85 -68.05
CA ALA A 215 -17.65 -19.05 -68.58
C ALA A 215 -16.65 -18.15 -67.87
N GLU A 216 -17.02 -16.89 -67.63
CA GLU A 216 -16.14 -15.99 -66.90
C GLU A 216 -15.87 -16.49 -65.49
N LEU A 217 -16.91 -16.98 -64.80
CA LEU A 217 -16.71 -17.49 -63.45
C LEU A 217 -15.78 -18.70 -63.44
N LYS A 218 -16.03 -19.65 -64.34
CA LYS A 218 -15.21 -20.86 -64.38
C LYS A 218 -13.76 -20.53 -64.75
N ASN A 219 -13.57 -19.64 -65.73
CA ASN A 219 -12.23 -19.24 -66.12
C ASN A 219 -11.53 -18.51 -64.98
N GLY A 220 -12.26 -17.69 -64.23
CA GLY A 220 -11.66 -17.01 -63.09
C GLY A 220 -11.20 -17.97 -62.02
N ARG A 221 -12.03 -18.98 -61.70
CA ARG A 221 -11.63 -19.97 -60.71
C ARG A 221 -10.41 -20.77 -61.17
N LEU A 222 -10.44 -21.22 -62.42
CA LEU A 222 -9.31 -21.94 -62.99
C LEU A 222 -8.05 -21.07 -62.97
N ALA A 223 -8.21 -19.78 -63.21
CA ALA A 223 -7.06 -18.89 -63.23
C ALA A 223 -6.54 -18.60 -61.83
N MET A 224 -7.40 -18.60 -60.82
CA MET A 224 -6.92 -18.52 -59.44
C MET A 224 -6.05 -19.73 -59.12
N ILE A 225 -6.53 -20.93 -59.46
CA ILE A 225 -5.73 -22.12 -59.19
C ILE A 225 -4.43 -22.06 -59.97
N ALA A 226 -4.49 -21.65 -61.24
CA ALA A 226 -3.30 -21.62 -62.08
C ALA A 226 -2.33 -20.51 -61.66
N ILE A 227 -2.84 -19.39 -61.16
CA ILE A 227 -1.96 -18.31 -60.72
C ILE A 227 -1.18 -18.76 -59.50
N GLY A 228 -1.85 -19.44 -58.56
CA GLY A 228 -1.13 -20.04 -57.45
C GLY A 228 -0.10 -21.05 -57.92
N GLY A 229 -0.48 -21.90 -58.89
CA GLY A 229 0.43 -22.90 -59.38
C GLY A 229 1.68 -22.30 -60.00
N LEU A 230 1.51 -21.29 -60.86
CA LEU A 230 2.66 -20.68 -61.52
C LEU A 230 3.56 -19.98 -60.52
N VAL A 231 2.96 -19.22 -59.58
CA VAL A 231 3.77 -18.51 -58.60
C VAL A 231 4.58 -19.50 -57.78
N HIS A 232 3.98 -20.61 -57.38
CA HIS A 232 4.70 -21.56 -56.54
C HIS A 232 5.69 -22.40 -57.34
N HIS A 233 5.45 -22.62 -58.64
CA HIS A 233 6.46 -23.24 -59.48
C HIS A 233 7.70 -22.37 -59.57
N ALA A 234 7.50 -21.05 -59.74
CA ALA A 234 8.64 -20.15 -59.81
C ALA A 234 9.41 -20.12 -58.49
N LEU A 235 8.73 -20.35 -57.37
CA LEU A 235 9.40 -20.31 -56.08
C LEU A 235 10.21 -21.58 -55.80
N VAL A 236 9.71 -22.75 -56.23
CA VAL A 236 10.39 -24.00 -55.93
C VAL A 236 11.46 -24.36 -56.95
N THR A 237 11.40 -23.78 -58.16
CA THR A 237 12.38 -24.05 -59.20
C THR A 237 13.26 -22.83 -59.47
N GLY A 238 12.66 -21.68 -59.78
CA GLY A 238 13.38 -20.44 -59.91
C GLY A 238 13.63 -19.99 -61.34
N HIS A 239 13.51 -20.88 -62.32
CA HIS A 239 13.87 -20.51 -63.69
C HIS A 239 12.73 -19.76 -64.40
N ALA A 240 11.63 -20.44 -64.66
CA ALA A 240 10.51 -19.89 -65.43
C ALA A 240 9.37 -20.89 -65.40
N THR A 241 8.31 -20.61 -66.18
CA THR A 241 7.20 -21.53 -66.35
C THR A 241 7.37 -22.40 -67.60
N PHE A 242 7.77 -21.80 -68.72
CA PHE A 242 7.91 -22.50 -70.00
C PHE A 242 6.60 -23.15 -70.43
N GLY B 31 -6.04 54.97 5.25
CA GLY B 31 -5.18 56.05 4.80
C GLY B 31 -5.88 57.39 4.78
N THR B 32 -7.11 57.40 4.28
CA THR B 32 -7.95 58.58 4.21
C THR B 32 -9.41 58.21 3.97
N PRO B 33 -9.74 57.35 3.00
CA PRO B 33 -11.15 56.99 2.80
C PRO B 33 -11.70 55.96 3.77
N PHE B 34 -10.94 55.58 4.80
CA PHE B 34 -11.44 54.62 5.79
C PHE B 34 -10.70 54.84 7.11
N ASP B 35 -11.19 54.17 8.14
CA ASP B 35 -10.61 54.25 9.48
C ASP B 35 -9.74 53.02 9.72
N THR B 36 -8.48 53.25 10.07
CA THR B 36 -7.58 52.13 10.35
C THR B 36 -8.03 51.35 11.58
N VAL B 37 -8.48 52.04 12.62
CA VAL B 37 -8.97 51.42 13.85
C VAL B 37 -10.46 51.74 13.99
N SER B 38 -11.27 50.71 14.16
CA SER B 38 -12.71 50.90 14.32
C SER B 38 -13.02 51.62 15.62
N LYS B 39 -14.10 52.40 15.61
CA LYS B 39 -14.52 53.13 16.80
C LYS B 39 -14.95 52.18 17.92
N ASP B 40 -15.36 50.96 17.59
CA ASP B 40 -15.79 50.01 18.61
C ASP B 40 -14.63 49.38 19.36
N GLU B 41 -13.42 49.49 18.85
CA GLU B 41 -12.22 48.94 19.49
C GLU B 41 -11.33 50.11 19.89
N LEU B 42 -11.57 50.65 21.08
CA LEU B 42 -10.81 51.75 21.62
C LEU B 42 -10.46 51.47 23.07
N ALA B 43 -9.29 51.93 23.49
CA ALA B 43 -8.86 51.72 24.87
C ALA B 43 -9.65 52.61 25.82
N VAL B 44 -9.96 52.06 26.99
CA VAL B 44 -10.64 52.80 28.06
C VAL B 44 -9.70 52.87 29.25
N GLU B 45 -9.60 54.05 29.84
CA GLU B 45 -8.73 54.23 31.00
C GLU B 45 -9.28 53.45 32.19
N ASN B 46 -8.42 52.68 32.83
CA ASN B 46 -8.82 51.85 33.97
C ASN B 46 -8.83 52.69 35.23
N LYS B 47 -10.01 53.22 35.58
CA LYS B 47 -10.16 54.00 36.80
C LYS B 47 -10.05 53.15 38.07
N ALA B 48 -10.11 51.83 37.94
CA ALA B 48 -10.01 50.96 39.10
C ALA B 48 -8.63 50.97 39.74
N MET B 49 -7.63 51.54 39.08
CA MET B 49 -6.28 51.61 39.59
C MET B 49 -5.89 53.03 40.02
N ALA B 50 -6.87 53.86 40.35
CA ALA B 50 -6.59 55.20 40.83
C ALA B 50 -5.84 55.13 42.16
N GLY B 51 -4.88 56.05 42.32
CA GLY B 51 -3.95 55.89 43.43
C GLY B 51 -3.14 54.63 43.20
N LYS B 52 -3.15 53.73 44.19
CA LYS B 52 -2.67 52.36 44.00
C LYS B 52 -1.21 52.35 43.53
N SER B 53 -0.33 52.74 44.46
CA SER B 53 1.10 52.86 44.19
C SER B 53 1.65 51.70 43.38
N VAL B 54 2.67 51.97 42.57
CA VAL B 54 3.15 51.08 41.51
C VAL B 54 3.23 49.63 41.95
N PHE B 55 3.55 49.39 43.22
CA PHE B 55 3.61 48.02 43.71
C PHE B 55 2.22 47.38 43.71
N GLU B 56 1.23 48.08 44.26
CA GLU B 56 -0.14 47.58 44.23
C GLU B 56 -0.64 47.45 42.79
N ARG B 57 -0.33 48.44 41.95
CA ARG B 57 -0.75 48.37 40.55
C ARG B 57 -0.11 47.19 39.84
N ALA B 58 1.18 46.96 40.06
CA ALA B 58 1.85 45.83 39.42
C ALA B 58 1.29 44.50 39.91
N MET B 59 1.04 44.38 41.22
CA MET B 59 0.47 43.15 41.74
C MET B 59 -0.92 42.89 41.16
N ALA B 60 -1.76 43.93 41.11
CA ALA B 60 -3.10 43.77 40.56
C ALA B 60 -3.05 43.39 39.08
N ASP B 61 -2.16 44.04 38.33
CA ASP B 61 -2.04 43.72 36.91
C ASP B 61 -1.58 42.28 36.71
N PHE B 62 -0.59 41.84 37.50
CA PHE B 62 -0.12 40.46 37.38
C PHE B 62 -1.22 39.47 37.74
N ASN B 63 -1.95 39.73 38.82
CA ASN B 63 -2.98 38.80 39.27
C ASN B 63 -4.13 38.72 38.28
N GLY B 64 -4.58 39.87 37.76
CA GLY B 64 -5.65 39.86 36.78
C GLY B 64 -5.23 39.26 35.45
N ARG B 65 -4.01 39.56 35.01
CA ARG B 65 -3.55 39.09 33.71
C ARG B 65 -3.16 37.62 33.73
N TYR B 66 -2.63 37.12 34.84
CA TYR B 66 -2.16 35.74 34.95
C TYR B 66 -2.79 35.07 36.16
N PRO B 67 -4.07 34.71 36.08
CA PRO B 67 -4.66 33.87 37.12
C PRO B 67 -4.19 32.44 37.00
N ALA B 68 -4.47 31.65 38.03
CA ALA B 68 -4.13 30.23 38.11
C ALA B 68 -2.63 30.03 38.30
N VAL B 69 -1.86 31.12 38.26
CA VAL B 69 -0.47 31.10 38.71
C VAL B 69 -0.36 32.15 39.81
N ALA B 70 -1.22 33.17 39.76
CA ALA B 70 -1.33 34.10 40.87
C ALA B 70 -2.11 33.48 42.02
N ALA B 71 -3.15 32.68 41.70
CA ALA B 71 -3.90 31.99 42.73
C ALA B 71 -3.04 30.94 43.45
N LEU B 72 -1.99 30.45 42.81
CA LEU B 72 -1.08 29.51 43.44
C LEU B 72 -0.04 30.20 44.32
N GLY B 73 0.01 31.53 44.31
CA GLY B 73 1.02 32.27 45.04
C GLY B 73 2.32 32.50 44.29
N LEU B 74 2.40 32.06 43.04
CA LEU B 74 3.61 32.26 42.26
C LEU B 74 3.71 33.72 41.80
N GLY B 75 4.93 34.10 41.42
CA GLY B 75 5.17 35.43 40.89
C GLY B 75 5.39 36.46 41.97
N PRO B 76 5.07 37.72 41.66
CA PRO B 76 5.25 38.80 42.65
C PRO B 76 4.25 38.70 43.78
N SER B 77 4.50 37.77 44.70
CA SER B 77 3.58 37.49 45.79
C SER B 77 4.35 37.39 47.10
N ALA B 78 3.63 37.64 48.20
CA ALA B 78 4.25 37.62 49.52
C ALA B 78 4.75 36.22 49.88
N LYS B 79 4.02 35.19 49.48
CA LYS B 79 4.48 33.82 49.71
C LYS B 79 5.79 33.56 48.98
N ALA B 80 5.85 33.92 47.70
CA ALA B 80 7.07 33.73 46.93
C ALA B 80 8.21 34.57 47.50
N GLU B 81 7.91 35.81 47.91
CA GLU B 81 8.94 36.65 48.50
C GLU B 81 9.49 36.05 49.79
N ARG B 82 8.60 35.54 50.64
CA ARG B 82 9.05 34.94 51.89
C ARG B 82 9.92 33.71 51.63
N TRP B 83 9.50 32.84 50.72
CA TRP B 83 10.28 31.64 50.43
C TRP B 83 11.64 32.01 49.84
N ASN B 84 11.66 32.96 48.90
CA ASN B 84 12.92 33.35 48.29
C ASN B 84 13.84 34.03 49.30
N GLY B 85 13.27 34.79 50.24
CA GLY B 85 14.09 35.38 51.29
C GLY B 85 14.72 34.33 52.19
N ARG B 86 13.93 33.31 52.57
CA ARG B 86 14.48 32.22 53.37
C ARG B 86 15.63 31.55 52.63
N HIS B 87 15.43 31.28 51.34
CA HIS B 87 16.48 30.62 50.56
C HIS B 87 17.70 31.51 50.41
N ALA B 88 17.50 32.81 50.28
CA ALA B 88 18.62 33.73 50.15
C ALA B 88 19.45 33.79 51.44
N MET B 89 18.79 33.80 52.59
CA MET B 89 19.52 33.76 53.86
C MET B 89 20.31 32.47 54.01
N PHE B 90 19.63 31.33 53.79
CA PHE B 90 20.32 30.05 53.84
C PHE B 90 21.48 30.01 52.86
N GLY B 91 21.35 30.66 51.72
CA GLY B 91 22.42 30.64 50.74
C GLY B 91 23.55 31.58 51.07
N TRP B 92 23.28 32.67 51.77
CA TRP B 92 24.39 33.44 52.33
C TRP B 92 25.19 32.58 53.29
N ILE B 93 24.50 31.79 54.11
CA ILE B 93 25.19 30.84 54.97
C ILE B 93 26.00 29.84 54.12
N VAL B 94 25.41 29.35 53.04
CA VAL B 94 26.09 28.36 52.19
C VAL B 94 27.32 28.97 51.53
N LEU B 95 27.22 30.22 51.09
CA LEU B 95 28.37 30.89 50.48
C LEU B 95 29.49 31.08 51.49
N LEU B 96 29.15 31.45 52.73
CA LEU B 96 30.17 31.53 53.77
C LEU B 96 30.82 30.18 54.01
N ALA B 97 30.01 29.12 54.06
CA ALA B 97 30.55 27.78 54.27
C ALA B 97 31.46 27.37 53.11
N THR B 98 31.07 27.69 51.88
CA THR B 98 31.88 27.35 50.71
C THR B 98 33.21 28.08 50.73
N GLY B 99 33.19 29.37 51.09
CA GLY B 99 34.44 30.11 51.21
C GLY B 99 35.33 29.53 52.29
N TYR B 100 34.74 29.16 53.43
CA TYR B 100 35.53 28.54 54.50
C TYR B 100 36.14 27.22 54.04
N ALA B 101 35.35 26.40 53.36
CA ALA B 101 35.86 25.10 52.90
C ALA B 101 36.97 25.27 51.88
N GLN B 102 36.82 26.23 50.96
CA GLN B 102 37.88 26.48 49.99
C GLN B 102 39.15 26.98 50.67
N ALA B 103 39.01 27.84 51.68
CA ALA B 103 40.18 28.39 52.34
C ALA B 103 40.88 27.36 53.22
N HIS B 104 40.14 26.42 53.81
CA HIS B 104 40.68 25.56 54.86
C HIS B 104 41.07 24.18 54.35
N GLY B 105 41.41 24.04 53.07
CA GLY B 105 41.96 22.79 52.55
C GLY B 105 40.95 21.70 52.29
N LEU B 106 39.66 21.95 52.50
CA LEU B 106 38.59 21.03 52.14
C LEU B 106 38.34 21.15 50.65
N LEU B 107 37.16 20.70 50.18
CA LEU B 107 36.79 20.91 48.79
C LEU B 107 37.72 20.15 47.85
N PRO B 108 37.51 18.82 47.69
CA PRO B 108 38.50 17.95 47.02
C PRO B 108 39.11 18.47 45.74
N GLU B 109 40.31 17.99 45.44
CA GLU B 109 41.14 18.50 44.36
C GLU B 109 41.07 17.60 43.14
N GLY B 110 41.31 18.19 41.97
CA GLY B 110 41.37 17.44 40.74
C GLY B 110 40.10 17.52 39.91
N GLY B 111 39.85 16.49 39.09
CA GLY B 111 38.67 16.44 38.27
C GLY B 111 38.01 15.07 38.36
N MET B 112 36.79 15.00 37.87
CA MET B 112 36.04 13.75 37.88
C MET B 112 36.67 12.76 36.92
N ASP B 113 36.46 11.47 37.20
CA ASP B 113 37.03 10.39 36.39
C ASP B 113 36.07 10.09 35.25
N ALA B 114 36.48 10.42 34.03
CA ALA B 114 35.63 10.15 32.86
C ALA B 114 35.43 8.67 32.67
N LYS B 115 36.45 7.86 32.93
CA LYS B 115 36.30 6.41 32.84
C LYS B 115 35.26 5.90 33.84
N GLU B 116 35.11 6.57 34.98
CA GLU B 116 34.15 6.14 35.99
C GLU B 116 32.76 6.71 35.77
N TRP B 117 32.65 7.94 35.28
CA TRP B 117 31.37 8.64 35.21
C TRP B 117 30.96 8.99 33.78
N GLY B 118 31.52 8.31 32.78
CA GLY B 118 31.11 8.50 31.42
C GLY B 118 31.66 9.77 30.81
N THR B 119 31.30 9.99 29.54
CA THR B 119 31.81 11.12 28.78
C THR B 119 31.06 12.43 29.08
N TRP B 120 30.04 12.38 29.92
CA TRP B 120 29.24 13.56 30.20
C TRP B 120 29.89 14.44 31.18
N VAL B 121 30.90 13.94 31.82
CA VAL B 121 31.69 14.75 32.74
C VAL B 121 32.90 15.38 32.06
N ILE B 122 33.13 15.07 30.79
CA ILE B 122 34.25 15.67 30.05
C ILE B 122 33.85 17.06 29.60
N VAL B 123 34.70 18.04 29.88
CA VAL B 123 34.41 19.43 29.56
C VAL B 123 35.02 19.83 28.21
N SER B 124 36.29 19.49 28.00
CA SER B 124 36.95 19.81 26.74
C SER B 124 38.17 18.91 26.58
N THR B 125 38.66 18.84 25.35
CA THR B 125 39.88 18.10 25.00
C THR B 125 40.80 19.06 24.26
N THR B 126 41.81 19.60 24.95
CA THR B 126 42.63 20.65 24.35
C THR B 126 43.60 20.08 23.32
N ASN B 127 44.57 19.26 23.76
CA ASN B 127 45.37 18.47 22.82
C ASN B 127 45.73 17.12 23.47
N GLY B 128 44.84 16.15 23.31
CA GLY B 128 45.08 14.82 23.82
C GLY B 128 44.83 14.60 25.29
N GLU B 129 44.40 15.61 26.04
CA GLU B 129 43.99 15.44 27.42
C GLU B 129 42.55 15.91 27.59
N GLN B 130 41.79 15.17 28.38
CA GLN B 130 40.38 15.45 28.61
C GLN B 130 40.24 16.24 29.91
N VAL B 131 39.89 17.51 29.80
CA VAL B 131 39.57 18.33 30.97
C VAL B 131 38.15 17.97 31.40
N THR B 132 38.00 17.53 32.64
CA THR B 132 36.72 17.09 33.16
C THR B 132 36.17 18.10 34.15
N ILE B 133 34.94 17.85 34.59
CA ILE B 133 34.32 18.70 35.61
C ILE B 133 35.12 18.58 36.91
N PRO B 134 35.45 19.69 37.57
CA PRO B 134 36.21 19.59 38.82
C PRO B 134 35.45 18.80 39.87
N ALA B 135 36.20 18.01 40.64
CA ALA B 135 35.57 17.21 41.69
C ALA B 135 34.93 18.08 42.76
N ALA B 136 35.52 19.26 43.02
CA ALA B 136 34.93 20.19 43.96
C ALA B 136 33.55 20.64 43.50
N ARG B 137 33.41 20.94 42.20
CA ARG B 137 32.11 21.31 41.67
C ARG B 137 31.11 20.18 41.83
N ALA B 138 31.54 18.95 41.59
CA ALA B 138 30.65 17.80 41.76
C ALA B 138 30.19 17.66 43.21
N ALA B 139 31.11 17.83 44.16
CA ALA B 139 30.73 17.72 45.58
C ALA B 139 29.76 18.82 45.98
N ILE B 140 30.02 20.05 45.53
CA ILE B 140 29.12 21.16 45.86
C ILE B 140 27.76 20.93 45.23
N ALA B 141 27.74 20.38 44.01
CA ALA B 141 26.47 20.05 43.37
C ALA B 141 25.72 18.97 44.15
N ILE B 142 26.44 18.01 44.72
CA ILE B 142 25.79 16.98 45.53
C ILE B 142 25.19 17.57 46.80
N GLY B 143 25.91 18.50 47.44
CA GLY B 143 25.33 19.15 48.61
C GLY B 143 24.09 19.97 48.28
N HIS B 144 24.16 20.72 47.18
CA HIS B 144 23.00 21.46 46.72
C HIS B 144 21.86 20.52 46.34
N LEU B 145 22.19 19.33 45.83
CA LEU B 145 21.17 18.33 45.53
C LEU B 145 20.51 17.84 46.81
N HIS B 146 21.29 17.66 47.88
CA HIS B 146 20.70 17.31 49.17
C HIS B 146 19.68 18.34 49.60
N PHE B 147 20.07 19.61 49.58
CA PHE B 147 19.16 20.67 50.02
C PHE B 147 17.94 20.79 49.10
N GLY B 148 18.15 20.70 47.78
CA GLY B 148 17.04 20.79 46.86
C GLY B 148 16.09 19.61 46.98
N ALA B 149 16.63 18.42 47.27
CA ALA B 149 15.78 17.27 47.54
C ALA B 149 14.93 17.50 48.78
N VAL B 150 15.53 18.05 49.84
CA VAL B 150 14.75 18.38 51.03
C VAL B 150 13.61 19.32 50.64
N GLY B 151 13.91 20.32 49.81
CA GLY B 151 12.87 21.22 49.35
C GLY B 151 11.77 20.54 48.57
N VAL B 152 12.15 19.61 47.69
CA VAL B 152 11.17 18.91 46.86
C VAL B 152 10.28 18.03 47.73
N PHE B 153 10.85 17.37 48.73
CA PHE B 153 10.05 16.60 49.68
C PHE B 153 9.06 17.49 50.40
N ALA B 154 9.53 18.65 50.91
CA ALA B 154 8.62 19.57 51.58
C ALA B 154 7.54 20.07 50.63
N ALA B 155 7.86 20.22 49.35
CA ALA B 155 6.86 20.63 48.36
C ALA B 155 5.79 19.55 48.19
N TYR B 156 6.21 18.31 47.98
CA TYR B 156 5.23 17.21 47.95
C TYR B 156 5.04 16.60 49.32
N SER B 157 4.92 17.44 50.34
CA SER B 157 4.51 17.06 51.68
C SER B 157 3.61 18.12 52.31
N LYS B 158 2.79 18.77 51.48
CA LYS B 158 2.03 19.95 51.89
C LYS B 158 1.19 19.73 53.13
N ASN B 159 0.64 18.54 53.32
CA ASN B 159 -0.27 18.30 54.43
C ASN B 159 0.45 18.07 55.75
N SER B 160 1.78 17.97 55.75
CA SER B 160 2.53 17.71 56.97
C SER B 160 3.55 18.78 57.30
N VAL B 161 3.63 19.86 56.53
CA VAL B 161 4.59 20.93 56.78
C VAL B 161 3.85 22.11 57.39
N LYS B 162 4.58 22.90 58.18
CA LYS B 162 3.98 24.07 58.82
C LYS B 162 3.64 25.13 57.80
N ASP B 163 4.59 25.47 56.92
CA ASP B 163 4.38 26.47 55.88
C ASP B 163 4.47 25.78 54.53
N ARG B 164 3.39 25.87 53.75
CA ARG B 164 3.36 25.26 52.44
C ARG B 164 4.13 26.10 51.43
N LEU B 165 4.46 25.48 50.30
CA LEU B 165 5.16 26.21 49.24
C LEU B 165 4.20 27.08 48.44
N LEU B 166 3.06 26.52 48.05
CA LEU B 166 2.08 27.23 47.24
C LEU B 166 0.84 27.54 48.05
N LEU B 167 -0.03 28.37 47.46
CA LEU B 167 -1.27 28.78 48.10
C LEU B 167 -2.37 27.78 47.80
N GLU B 168 -3.13 27.40 48.83
CA GLU B 168 -4.29 26.57 48.62
C GLU B 168 -5.37 27.36 47.89
N PRO B 169 -6.22 26.67 47.11
CA PRO B 169 -7.38 27.35 46.54
C PRO B 169 -8.26 27.93 47.62
N GLY B 170 -8.33 29.26 47.69
CA GLY B 170 -9.11 29.89 48.70
C GLY B 170 -8.18 30.72 49.54
N GLU B 171 -7.06 30.13 49.93
CA GLU B 171 -6.08 30.86 50.69
C GLU B 171 -5.81 32.14 49.98
N LYS B 172 -5.48 33.17 50.71
CA LYS B 172 -5.22 34.45 50.10
C LYS B 172 -3.84 34.84 50.48
N ASP B 173 -3.15 35.51 49.58
CA ASP B 173 -1.77 35.83 49.86
C ASP B 173 -1.63 36.78 50.99
N GLU B 174 -0.75 36.47 51.90
CA GLU B 174 -0.46 37.37 52.99
C GLU B 174 -0.32 38.74 52.44
N ALA B 175 -0.59 39.75 53.24
CA ALA B 175 -0.59 41.09 52.74
C ALA B 175 0.80 41.64 52.64
N PRO B 176 1.10 42.24 51.51
CA PRO B 176 2.43 42.78 51.29
C PRO B 176 2.88 43.59 52.46
N ALA B 177 4.16 43.56 52.77
CA ALA B 177 4.66 44.24 53.94
C ALA B 177 4.84 45.68 53.70
N GLY B 178 5.08 46.01 52.46
CA GLY B 178 5.24 47.41 52.11
C GLY B 178 6.69 47.79 51.95
N LEU B 179 6.92 49.10 51.90
CA LEU B 179 8.29 49.60 51.79
C LEU B 179 9.13 49.17 52.99
N PHE B 180 8.61 49.39 54.19
CA PHE B 180 9.28 49.00 55.43
C PHE B 180 8.36 48.09 56.23
N PRO B 181 8.70 46.82 56.42
CA PRO B 181 7.89 45.97 57.30
C PRO B 181 7.98 46.45 58.75
N ALA B 182 6.98 46.04 59.53
CA ALA B 182 6.90 46.46 60.92
C ALA B 182 8.15 46.04 61.69
N LEU B 183 8.64 46.94 62.53
CA LEU B 183 9.86 46.69 63.31
C LEU B 183 9.49 45.88 64.55
N ARG B 184 9.38 44.58 64.36
CA ARG B 184 9.02 43.65 65.43
C ARG B 184 10.16 42.66 65.65
N PRO B 185 11.05 42.90 66.61
CA PRO B 185 12.21 42.02 66.80
C PRO B 185 11.81 40.65 67.30
N GLY B 186 12.69 39.69 67.04
CA GLY B 186 12.51 38.32 67.48
C GLY B 186 12.25 37.37 66.33
N LEU B 187 11.59 36.26 66.66
CA LEU B 187 11.20 35.27 65.66
C LEU B 187 9.78 35.55 65.16
N THR B 188 9.65 36.70 64.51
CA THR B 188 8.36 37.18 64.01
C THR B 188 8.34 37.14 62.49
N LYS B 189 7.12 37.17 61.94
CA LYS B 189 6.97 37.19 60.50
C LYS B 189 7.64 38.42 59.89
N GLU B 190 7.50 39.56 60.55
CA GLU B 190 8.12 40.79 60.06
C GLU B 190 9.64 40.70 60.08
N ALA B 191 10.20 40.09 61.13
CA ALA B 191 11.65 39.96 61.22
C ALA B 191 12.19 39.07 60.11
N GLU B 192 11.57 37.90 59.90
CA GLU B 192 12.00 37.02 58.83
C GLU B 192 11.82 37.68 57.47
N MET B 193 10.72 38.42 57.31
CA MET B 193 10.47 39.15 56.06
C MET B 193 11.58 40.15 55.78
N LEU B 194 11.90 40.98 56.77
CA LEU B 194 12.92 42.00 56.59
C LEU B 194 14.28 41.37 56.32
N ASN B 195 14.61 40.30 57.04
CA ASN B 195 15.91 39.67 56.85
C ASN B 195 16.00 38.99 55.48
N GLY B 196 14.91 38.40 55.01
CA GLY B 196 14.91 37.82 53.68
C GLY B 196 15.07 38.87 52.60
N ARG B 197 14.39 40.00 52.73
CA ARG B 197 14.59 41.09 51.79
C ARG B 197 16.03 41.58 51.80
N VAL B 198 16.61 41.72 53.00
CA VAL B 198 17.98 42.18 53.12
C VAL B 198 18.95 41.19 52.47
N ALA B 199 18.73 39.90 52.70
CA ALA B 199 19.62 38.88 52.13
C ALA B 199 19.52 38.83 50.61
N MET B 200 18.30 38.95 50.07
CA MET B 200 18.14 38.96 48.62
C MET B 200 18.80 40.20 48.01
N LEU B 201 18.63 41.35 48.66
CA LEU B 201 19.32 42.55 48.17
C LEU B 201 20.83 42.38 48.25
N GLY B 202 21.32 41.72 49.30
CA GLY B 202 22.75 41.48 49.41
C GLY B 202 23.27 40.59 48.31
N LEU B 203 22.50 39.56 47.95
CA LEU B 203 22.90 38.71 46.83
C LEU B 203 22.91 39.49 45.53
N VAL B 204 21.90 40.35 45.32
CA VAL B 204 21.86 41.17 44.12
C VAL B 204 23.08 42.08 44.06
N ALA B 205 23.41 42.71 45.18
CA ALA B 205 24.57 43.61 45.23
C ALA B 205 25.87 42.83 45.01
N LEU B 206 25.97 41.63 45.57
CA LEU B 206 27.16 40.81 45.39
C LEU B 206 27.36 40.45 43.93
N VAL B 207 26.29 40.02 43.26
CA VAL B 207 26.40 39.68 41.84
C VAL B 207 26.73 40.92 41.03
N ALA B 208 26.12 42.06 41.36
CA ALA B 208 26.41 43.29 40.63
C ALA B 208 27.87 43.71 40.79
N VAL B 209 28.40 43.61 42.00
CA VAL B 209 29.80 43.98 42.24
C VAL B 209 30.72 43.03 41.50
N SER B 210 30.43 41.73 41.53
CA SER B 210 31.28 40.77 40.83
C SER B 210 31.27 41.01 39.33
N ALA B 211 30.10 41.32 38.77
CA ALA B 211 30.02 41.55 37.33
C ALA B 211 30.70 42.85 36.94
N ALA B 212 30.49 43.91 37.71
CA ALA B 212 31.03 45.22 37.35
C ALA B 212 32.55 45.25 37.49
N THR B 213 33.07 44.73 38.61
CA THR B 213 34.50 44.81 38.86
C THR B 213 35.26 43.68 38.16
N GLY B 214 34.73 42.46 38.20
CA GLY B 214 35.30 41.36 37.46
C GLY B 214 35.96 40.26 38.28
N GLN B 215 35.83 40.27 39.60
CA GLN B 215 36.44 39.24 40.42
C GLN B 215 35.45 38.10 40.66
N ASP B 216 35.95 37.04 41.30
CA ASP B 216 35.10 35.91 41.66
C ASP B 216 34.13 36.31 42.77
N ILE B 217 33.03 35.58 42.85
CA ILE B 217 32.03 35.83 43.90
C ILE B 217 32.67 35.68 45.27
N LEU B 218 33.43 34.60 45.48
CA LEU B 218 34.11 34.41 46.74
C LEU B 218 35.17 35.48 46.98
N SER B 219 35.80 35.98 45.92
CA SER B 219 36.73 37.09 46.07
C SER B 219 36.02 38.34 46.56
N VAL B 220 34.82 38.60 46.03
CA VAL B 220 34.05 39.76 46.48
C VAL B 220 33.64 39.59 47.94
N ILE B 221 33.21 38.39 48.32
CA ILE B 221 32.84 38.15 49.71
C ILE B 221 34.05 38.32 50.62
N ASP B 222 35.21 37.85 50.17
CA ASP B 222 36.45 38.00 50.95
C ASP B 222 36.80 39.48 51.13
N GLN B 223 36.67 40.26 50.06
CA GLN B 223 36.91 41.70 50.17
C GLN B 223 35.91 42.36 51.10
N GLY B 224 34.66 41.95 51.03
CA GLY B 224 33.61 42.49 51.87
C GLY B 224 33.61 41.97 53.29
N LEU B 225 34.49 41.03 53.61
CA LEU B 225 34.72 40.61 54.99
C LEU B 225 36.11 40.99 55.47
N GLY B 226 36.83 41.83 54.74
CA GLY B 226 38.14 42.29 55.15
C GLY B 226 39.26 41.32 54.84
N GLY B 227 38.95 40.04 54.82
CA GLY B 227 39.97 39.02 54.61
C GLY B 227 39.81 37.87 55.58
N LEU B 228 38.78 37.92 56.41
CA LEU B 228 38.56 36.94 57.47
C LEU B 228 37.93 35.65 56.95
N LEU B 229 37.55 35.58 55.68
CA LEU B 229 36.97 34.36 55.11
C LEU B 229 38.02 33.51 54.41
N LEU B 230 38.71 34.08 53.43
CA LEU B 230 39.75 33.36 52.70
C LEU B 230 41.12 33.60 53.33
N LYS B 231 41.23 33.24 54.60
CA LYS B 231 42.45 33.44 55.36
C LYS B 231 43.06 32.11 55.80
N ALA C 36 -5.61 76.87 3.63
CA ALA C 36 -6.70 77.63 4.16
C ALA C 36 -6.79 77.50 5.66
N GLN C 37 -7.01 76.30 6.15
CA GLN C 37 -7.19 76.15 7.55
C GLN C 37 -5.89 75.86 8.28
N SER C 38 -4.82 75.58 7.54
CA SER C 38 -3.53 75.39 8.18
C SER C 38 -2.86 76.73 8.38
N LYS C 39 -2.22 76.92 9.53
CA LYS C 39 -1.65 78.19 9.83
C LYS C 39 -0.26 78.09 9.41
N ALA C 40 0.29 76.89 9.36
CA ALA C 40 1.65 76.69 9.00
C ALA C 40 1.82 76.64 7.53
N LEU C 41 0.83 76.11 6.86
CA LEU C 41 0.86 76.05 5.42
C LEU C 41 -0.43 76.70 5.05
N PRO C 42 -0.49 78.01 5.01
CA PRO C 42 -1.71 78.80 4.82
C PRO C 42 -2.51 78.43 3.59
N PHE C 43 -1.97 77.58 2.75
CA PHE C 43 -2.64 77.25 1.51
C PHE C 43 -3.35 75.94 1.54
N LEU C 44 -2.93 75.01 2.37
CA LEU C 44 -3.52 73.70 2.41
C LEU C 44 -4.67 73.72 3.35
N LYS C 45 -5.53 72.75 3.33
CA LYS C 45 -6.57 72.71 4.31
C LYS C 45 -6.08 71.65 5.23
N ALA C 46 -6.28 71.82 6.51
CA ALA C 46 -5.73 70.84 7.40
C ALA C 46 -6.54 69.63 7.34
N PRO C 47 -6.03 68.56 7.92
CA PRO C 47 -6.83 67.34 8.01
C PRO C 47 -7.91 67.45 9.08
N ALA C 48 -8.82 66.46 9.06
CA ALA C 48 -10.01 66.55 9.91
C ALA C 48 -9.65 66.56 11.39
N LYS C 49 -8.68 65.76 11.80
CA LYS C 49 -8.36 65.61 13.21
C LYS C 49 -7.60 66.80 13.79
N LEU C 50 -7.08 67.70 12.95
CA LEU C 50 -6.38 68.89 13.43
C LEU C 50 -7.39 70.02 13.57
N ASP C 51 -7.85 70.26 14.79
CA ASP C 51 -8.78 71.35 15.05
C ASP C 51 -8.73 71.75 16.51
N GLY C 52 -8.87 73.05 16.77
CA GLY C 52 -9.17 73.52 18.10
C GLY C 52 -8.19 73.11 19.18
N SER C 53 -8.61 72.14 19.99
CA SER C 53 -7.89 71.74 21.19
C SER C 53 -6.57 71.08 20.83
N LEU C 54 -5.87 70.54 21.83
CA LEU C 54 -4.54 69.98 21.68
C LEU C 54 -3.55 71.05 21.19
N ALA C 55 -3.29 71.98 22.10
CA ALA C 55 -2.47 73.16 21.89
C ALA C 55 -1.20 72.88 21.08
N GLY C 56 -0.74 73.86 20.33
CA GLY C 56 0.27 73.64 19.32
C GLY C 56 -0.29 73.20 17.98
N ASP C 57 -1.61 73.12 17.85
CA ASP C 57 -2.27 72.70 16.62
C ASP C 57 -2.22 73.86 15.62
N PHE C 58 -1.27 73.80 14.69
CA PHE C 58 -1.14 74.81 13.65
C PHE C 58 -1.53 74.26 12.27
N GLY C 59 -2.27 73.16 12.24
CA GLY C 59 -2.69 72.58 10.98
C GLY C 59 -1.58 71.96 10.16
N PHE C 60 -0.47 71.61 10.79
CA PHE C 60 0.70 71.11 10.07
C PHE C 60 0.64 69.59 10.02
N ASP C 61 -0.01 69.07 8.98
CA ASP C 61 0.02 67.63 8.67
C ASP C 61 -0.20 67.46 7.18
N PRO C 62 0.75 67.94 6.36
CA PRO C 62 0.56 67.83 4.90
C PRO C 62 0.41 66.41 4.41
N MET C 63 1.14 65.46 5.00
CA MET C 63 1.08 64.08 4.54
C MET C 63 -0.15 63.34 5.03
N GLY C 64 -0.95 63.96 5.91
CA GLY C 64 -2.15 63.32 6.40
C GLY C 64 -1.88 62.11 7.28
N ILE C 65 -0.83 62.17 8.10
CA ILE C 65 -0.53 61.06 9.00
C ILE C 65 -1.63 60.92 10.05
N SER C 66 -2.22 62.04 10.49
CA SER C 66 -3.27 62.00 11.48
C SER C 66 -4.51 61.25 10.99
N ASP C 67 -4.65 61.06 9.68
CA ASP C 67 -5.81 60.36 9.14
C ASP C 67 -5.79 58.87 9.45
N GLN C 68 -4.63 58.31 9.76
CA GLN C 68 -4.53 56.87 10.04
C GLN C 68 -4.66 56.58 11.54
N VAL C 69 -4.10 57.44 12.39
CA VAL C 69 -4.19 57.22 13.82
C VAL C 69 -5.63 57.39 14.28
N ALA C 70 -6.06 56.54 15.21
CA ALA C 70 -7.43 56.62 15.70
C ALA C 70 -7.69 57.94 16.40
N ASN C 71 -6.74 58.39 17.21
CA ASN C 71 -6.83 59.66 17.92
C ASN C 71 -5.47 60.34 17.82
N LEU C 72 -5.37 61.54 18.40
CA LEU C 72 -4.11 62.26 18.47
C LEU C 72 -3.43 62.10 19.82
N LYS C 73 -3.97 61.25 20.69
CA LYS C 73 -3.39 61.11 22.03
C LYS C 73 -2.00 60.50 21.98
N TYR C 74 -1.85 59.37 21.28
CA TYR C 74 -0.55 58.68 21.28
C TYR C 74 0.51 59.47 20.53
N VAL C 75 0.13 60.06 19.38
CA VAL C 75 1.11 60.83 18.62
C VAL C 75 1.53 62.07 19.38
N ARG C 76 0.60 62.70 20.11
CA ARG C 76 0.97 63.84 20.95
C ARG C 76 1.87 63.39 22.10
N ALA C 77 1.60 62.23 22.68
CA ALA C 77 2.47 61.71 23.73
C ALA C 77 3.89 61.48 23.20
N ALA C 78 3.99 60.89 22.01
CA ALA C 78 5.31 60.64 21.41
C ALA C 78 6.01 61.96 21.07
N GLU C 79 5.27 62.93 20.52
CA GLU C 79 5.85 64.21 20.19
C GLU C 79 6.37 64.92 21.44
N LEU C 80 5.60 64.88 22.52
CA LEU C 80 6.02 65.55 23.75
C LEU C 80 7.20 64.82 24.40
N LYS C 81 7.21 63.49 24.35
CA LYS C 81 8.37 62.77 24.85
C LYS C 81 9.62 63.13 24.06
N HIS C 82 9.50 63.21 22.74
CA HIS C 82 10.62 63.63 21.91
C HIS C 82 11.04 65.06 22.24
N CYS C 83 10.07 65.95 22.45
CA CYS C 83 10.37 67.32 22.78
C CYS C 83 11.17 67.42 24.07
N ARG C 84 10.72 66.71 25.11
CA ARG C 84 11.40 66.75 26.40
C ARG C 84 12.79 66.13 26.31
N VAL C 85 12.91 64.98 25.65
CA VAL C 85 14.21 64.33 25.51
C VAL C 85 15.17 65.21 24.71
N ALA C 86 14.65 65.92 23.70
CA ALA C 86 15.50 66.77 22.89
C ALA C 86 15.92 68.03 23.64
N MET C 87 15.03 68.59 24.47
CA MET C 87 15.43 69.71 25.31
C MET C 87 16.55 69.30 26.24
N LEU C 88 16.39 68.16 26.92
CA LEU C 88 17.42 67.67 27.81
C LEU C 88 18.71 67.36 27.06
N GLY C 89 18.59 66.83 25.83
CA GLY C 89 19.76 66.52 25.04
C GLY C 89 20.53 67.76 24.62
N PHE C 90 19.82 68.81 24.20
CA PHE C 90 20.48 70.06 23.85
C PHE C 90 21.17 70.68 25.07
N LEU C 91 20.47 70.70 26.20
CA LEU C 91 21.08 71.25 27.41
C LEU C 91 22.32 70.46 27.80
N GLY C 92 22.24 69.13 27.74
CA GLY C 92 23.41 68.31 28.04
C GLY C 92 24.53 68.51 27.05
N TRP C 93 24.20 68.66 25.77
CA TRP C 93 25.22 68.93 24.77
C TRP C 93 26.01 70.18 25.12
N VAL C 94 25.31 71.28 25.40
CA VAL C 94 26.00 72.54 25.69
C VAL C 94 26.79 72.43 26.99
N VAL C 95 26.17 71.86 28.03
CA VAL C 95 26.84 71.81 29.33
C VAL C 95 28.09 70.93 29.26
N GLN C 96 27.98 69.76 28.61
CA GLN C 96 29.14 68.91 28.41
C GLN C 96 30.20 69.62 27.58
N GLN C 97 29.78 70.49 26.65
CA GLN C 97 30.76 71.31 25.95
C GLN C 97 31.53 72.19 26.91
N TYR C 98 30.85 72.75 27.91
CA TYR C 98 31.49 73.71 28.79
C TYR C 98 31.82 73.17 30.18
N VAL C 99 31.00 72.31 30.76
CA VAL C 99 31.16 71.86 32.13
C VAL C 99 31.30 70.35 32.15
N HIS C 100 32.18 69.84 33.03
CA HIS C 100 32.40 68.41 33.17
C HIS C 100 32.43 68.04 34.65
N LEU C 101 32.15 66.76 34.92
CA LEU C 101 32.23 66.25 36.27
C LEU C 101 33.70 66.15 36.70
N PRO C 102 33.97 66.13 38.01
CA PRO C 102 35.36 66.11 38.47
C PRO C 102 36.16 64.91 37.98
N GLY C 103 35.51 63.77 37.74
CA GLY C 103 36.24 62.58 37.36
C GLY C 103 36.85 62.69 35.98
N GLU C 104 37.81 61.80 35.71
CA GLU C 104 38.49 61.79 34.41
C GLU C 104 37.62 61.16 33.33
N ILE C 105 36.83 60.15 33.68
CA ILE C 105 36.02 59.45 32.68
C ILE C 105 35.01 60.38 32.03
N TYR C 106 34.66 61.49 32.69
CA TYR C 106 33.73 62.48 32.15
C TYR C 106 34.45 63.68 31.57
N ALA C 107 35.72 63.54 31.19
CA ALA C 107 36.50 64.66 30.68
C ALA C 107 36.38 64.84 29.17
N GLU C 108 35.67 63.95 28.48
CA GLU C 108 35.54 64.08 27.03
C GLU C 108 34.61 65.24 26.70
N SER C 109 35.06 66.12 25.80
CA SER C 109 34.25 67.28 25.42
C SER C 109 33.26 66.92 24.32
N ASN C 110 33.67 66.11 23.36
CA ASN C 110 32.78 65.73 22.27
C ASN C 110 31.72 64.77 22.79
N PRO C 111 30.43 65.12 22.71
CA PRO C 111 29.40 64.22 23.24
C PRO C 111 29.36 62.86 22.57
N LEU C 112 29.57 62.83 21.25
CA LEU C 112 29.57 61.54 20.55
C LEU C 112 30.79 60.71 20.91
N LYS C 113 31.92 61.36 21.16
CA LYS C 113 33.09 60.62 21.64
C LYS C 113 32.91 60.21 23.10
N ALA C 114 32.25 61.05 23.90
CA ALA C 114 31.93 60.68 25.27
C ALA C 114 30.95 59.52 25.33
N LEU C 115 30.17 59.31 24.27
CA LEU C 115 29.28 58.15 24.23
C LEU C 115 30.06 56.85 24.33
N THR C 116 31.29 56.82 23.83
CA THR C 116 32.14 55.63 23.90
C THR C 116 33.19 55.71 25.00
N SER C 117 33.64 56.92 25.37
CA SER C 117 34.64 57.05 26.42
C SER C 117 34.06 56.77 27.78
N VAL C 118 32.81 57.18 28.01
CA VAL C 118 32.18 56.97 29.33
C VAL C 118 32.03 55.48 29.58
N PRO C 119 32.31 54.99 30.79
CA PRO C 119 32.19 53.55 31.04
C PRO C 119 30.77 53.06 30.86
N LEU C 120 30.64 51.79 30.48
CA LEU C 120 29.32 51.21 30.26
C LEU C 120 28.48 51.17 31.52
N LEU C 121 29.10 51.24 32.70
CA LEU C 121 28.34 51.22 33.94
C LEU C 121 27.42 52.44 34.05
N SER C 122 27.96 53.63 33.76
CA SER C 122 27.15 54.84 33.84
C SER C 122 25.98 54.77 32.85
N GLN C 123 26.26 54.36 31.62
CA GLN C 123 25.23 54.32 30.58
C GLN C 123 24.16 53.27 30.90
N ILE C 124 24.57 52.11 31.42
CA ILE C 124 23.58 51.10 31.77
C ILE C 124 22.74 51.56 32.96
N GLN C 125 23.34 52.30 33.90
CA GLN C 125 22.55 52.85 35.00
C GLN C 125 21.52 53.85 34.48
N ILE C 126 21.94 54.73 33.57
CA ILE C 126 21.00 55.69 32.97
C ILE C 126 19.89 54.96 32.24
N PHE C 127 20.24 53.93 31.46
CA PHE C 127 19.24 53.19 30.70
C PHE C 127 18.27 52.46 31.62
N LEU C 128 18.77 51.90 32.72
CA LEU C 128 17.89 51.22 33.67
C LEU C 128 16.95 52.19 34.36
N PHE C 129 17.45 53.38 34.72
CA PHE C 129 16.59 54.40 35.29
C PHE C 129 15.49 54.80 34.31
N ILE C 130 15.87 55.01 33.04
CA ILE C 130 14.90 55.40 32.04
C ILE C 130 13.87 54.29 31.84
N GLY C 131 14.32 53.03 31.80
CA GLY C 131 13.39 51.93 31.62
C GLY C 131 12.44 51.75 32.79
N ALA C 132 12.93 51.99 34.01
CA ALA C 132 12.05 51.96 35.18
C ALA C 132 10.99 53.05 35.08
N ILE C 133 11.38 54.26 34.65
CA ILE C 133 10.38 55.29 34.41
C ILE C 133 9.46 54.90 33.26
N GLU C 134 9.97 54.13 32.29
CA GLU C 134 9.26 53.90 31.05
C GLU C 134 8.24 52.76 31.14
N LEU C 135 8.42 51.80 32.04
CA LEU C 135 7.51 50.66 32.06
C LEU C 135 6.13 51.04 32.63
N ALA C 136 6.11 51.80 33.73
CA ALA C 136 4.83 52.27 34.26
C ALA C 136 4.12 53.16 33.26
N THR C 137 4.87 54.09 32.64
CA THR C 137 4.28 54.91 31.60
C THR C 137 3.93 54.11 30.35
N LEU C 138 4.54 52.94 30.16
CA LEU C 138 4.13 52.05 29.08
C LEU C 138 2.73 51.50 29.34
N ASP C 139 2.49 51.07 30.58
CA ASP C 139 1.13 50.71 30.96
C ASP C 139 0.18 51.89 30.78
N GLN C 140 0.67 53.10 31.09
CA GLN C 140 -0.19 54.29 31.10
C GLN C 140 -0.56 54.79 29.71
N THR C 141 0.39 54.82 28.77
CA THR C 141 0.23 55.63 27.56
C THR C 141 -0.82 55.07 26.61
N TYR C 142 -0.84 53.75 26.42
CA TYR C 142 -1.65 53.17 25.35
C TYR C 142 -3.14 53.22 25.64
N THR C 143 -3.55 53.61 26.86
CA THR C 143 -4.96 53.59 27.23
C THR C 143 -5.50 54.93 27.71
N ALA C 144 -4.66 55.83 28.21
CA ALA C 144 -5.16 57.02 28.87
C ALA C 144 -5.57 58.10 27.88
N ASP C 145 -6.37 59.05 28.38
CA ASP C 145 -6.83 60.17 27.56
C ASP C 145 -5.75 61.22 27.36
N LYS C 146 -4.83 61.37 28.32
CA LYS C 146 -3.72 62.31 28.21
C LYS C 146 -2.44 61.56 28.55
N PRO C 147 -1.95 60.73 27.62
CA PRO C 147 -0.75 59.92 27.91
C PRO C 147 0.48 60.73 28.24
N TRP C 148 0.57 61.98 27.76
CA TRP C 148 1.71 62.83 28.06
C TRP C 148 1.67 63.39 29.47
N ASP C 149 0.50 63.38 30.12
CA ASP C 149 0.37 63.88 31.48
C ASP C 149 0.86 62.80 32.44
N LEU C 150 2.13 62.88 32.81
CA LEU C 150 2.74 61.93 33.71
C LEU C 150 2.59 62.33 35.18
N GLY C 151 1.88 63.41 35.45
CA GLY C 151 1.75 63.88 36.83
C GLY C 151 3.03 64.47 37.39
N PHE C 152 3.93 64.93 36.54
CA PHE C 152 5.21 65.47 36.98
C PHE C 152 5.07 66.98 37.13
N ASP C 153 4.99 67.43 38.38
CA ASP C 153 4.97 68.86 38.70
C ASP C 153 5.44 69.06 40.13
N PRO C 154 6.70 68.72 40.45
CA PRO C 154 7.15 68.84 41.84
C PRO C 154 7.09 70.24 42.40
N LEU C 155 7.34 71.27 41.57
CA LEU C 155 7.34 72.65 42.03
C LEU C 155 5.96 73.29 41.93
N ASN C 156 4.95 72.56 41.44
CA ASN C 156 3.57 73.05 41.36
C ASN C 156 3.49 74.35 40.55
N PHE C 157 4.14 74.34 39.39
CA PHE C 157 4.06 75.49 38.49
C PHE C 157 2.70 75.61 37.81
N SER C 158 1.86 74.57 37.91
CA SER C 158 0.54 74.58 37.29
C SER C 158 -0.60 74.72 38.28
N LYS C 159 -0.32 74.64 39.58
CA LYS C 159 -1.37 74.81 40.58
C LYS C 159 -1.78 76.28 40.66
N GLY C 160 -3.05 76.55 40.42
CA GLY C 160 -3.56 77.90 40.41
C GLY C 160 -3.60 78.57 39.06
N LYS C 161 -2.93 78.01 38.05
CA LYS C 161 -2.95 78.59 36.73
C LYS C 161 -4.31 78.36 36.07
N SER C 162 -4.77 79.36 35.31
CA SER C 162 -6.04 79.24 34.61
C SER C 162 -5.87 78.40 33.34
N GLU C 163 -7.01 78.12 32.71
CA GLU C 163 -6.99 77.27 31.51
C GLU C 163 -6.20 77.94 30.38
N GLN C 164 -6.39 79.23 30.18
CA GLN C 164 -5.64 79.94 29.14
C GLN C 164 -4.15 79.92 29.44
N GLN C 165 -3.77 80.15 30.70
CA GLN C 165 -2.36 80.10 31.07
C GLN C 165 -1.79 78.71 30.90
N MET C 166 -2.56 77.67 31.25
CA MET C 166 -2.09 76.30 31.06
C MET C 166 -1.88 75.99 29.59
N LYS C 167 -2.82 76.41 28.74
CA LYS C 167 -2.66 76.18 27.30
C LYS C 167 -1.46 76.94 26.76
N ASP C 168 -1.23 78.15 27.25
CA ASP C 168 -0.06 78.92 26.84
C ASP C 168 1.24 78.21 27.25
N LEU C 169 1.25 77.62 28.45
CA LEU C 169 2.42 76.85 28.88
C LEU C 169 2.64 75.63 27.99
N GLU C 170 1.56 74.95 27.63
CA GLU C 170 1.68 73.80 26.73
C GLU C 170 2.23 74.22 25.37
N VAL C 171 1.76 75.36 24.85
CA VAL C 171 2.26 75.87 23.58
C VAL C 171 3.74 76.19 23.68
N LYS C 172 4.15 76.83 24.78
CA LYS C 172 5.56 77.13 24.99
C LYS C 172 6.39 75.86 24.99
N GLU C 173 5.94 74.85 25.72
CA GLU C 173 6.66 73.59 25.78
C GLU C 173 6.80 72.96 24.41
N LEU C 174 5.70 72.93 23.64
CA LEU C 174 5.75 72.28 22.33
C LEU C 174 6.67 73.03 21.37
N LYS C 175 6.60 74.36 21.37
CA LYS C 175 7.46 75.14 20.52
C LYS C 175 8.90 74.86 20.86
N ASN C 176 9.26 75.07 22.11
CA ASN C 176 10.65 74.87 22.53
C ASN C 176 11.12 73.47 22.20
N GLY C 177 10.25 72.47 22.37
CA GLY C 177 10.65 71.11 22.07
C GLY C 177 10.90 70.87 20.60
N ARG C 178 10.04 71.41 19.74
CA ARG C 178 10.26 71.25 18.30
C ARG C 178 11.56 71.91 17.88
N VAL C 179 11.81 73.12 18.38
CA VAL C 179 13.06 73.81 18.05
C VAL C 179 14.26 73.01 18.54
N ALA C 180 14.16 72.44 19.75
CA ALA C 180 15.26 71.64 20.29
C ALA C 180 15.51 70.39 19.46
N MET C 181 14.43 69.69 19.09
CA MET C 181 14.56 68.51 18.23
C MET C 181 15.33 68.86 16.97
N ILE C 182 14.92 69.93 16.28
CA ILE C 182 15.66 70.37 15.11
C ILE C 182 17.12 70.65 15.48
N ALA C 183 17.32 71.32 16.61
CA ALA C 183 18.66 71.71 17.02
C ALA C 183 19.51 70.51 17.42
N ILE C 184 18.94 69.56 18.16
CA ILE C 184 19.74 68.41 18.58
C ILE C 184 20.10 67.53 17.40
N MET C 185 19.17 67.39 16.44
CA MET C 185 19.52 66.65 15.22
C MET C 185 20.60 67.38 14.44
N GLY C 186 20.53 68.72 14.38
CA GLY C 186 21.58 69.46 13.71
C GLY C 186 22.93 69.31 14.39
N LEU C 187 22.95 69.32 15.73
CA LEU C 187 24.19 69.14 16.45
C LEU C 187 24.78 67.76 16.20
N ILE C 188 23.95 66.72 16.22
CA ILE C 188 24.42 65.37 15.95
C ILE C 188 24.99 65.29 14.53
N ALA C 189 24.27 65.86 13.56
CA ALA C 189 24.73 65.81 12.18
C ALA C 189 26.05 66.55 11.99
N GLN C 190 26.19 67.73 12.59
CA GLN C 190 27.41 68.50 12.41
C GLN C 190 28.58 67.87 13.15
N THR C 191 28.33 67.16 14.25
CA THR C 191 29.40 66.43 14.91
C THR C 191 29.82 65.21 14.12
N LEU C 192 28.86 64.53 13.49
CA LEU C 192 29.18 63.37 12.66
C LEU C 192 29.81 63.75 11.33
N TYR C 193 29.60 64.98 10.86
CA TYR C 193 30.06 65.39 9.55
C TYR C 193 31.32 66.24 9.58
N THR C 194 31.55 66.99 10.67
CA THR C 194 32.71 67.86 10.78
C THR C 194 33.56 67.63 12.02
N GLY C 195 33.02 66.99 13.06
CA GLY C 195 33.75 66.80 14.29
C GLY C 195 33.71 67.98 15.25
N VAL C 196 33.10 69.09 14.85
CA VAL C 196 32.94 70.25 15.72
C VAL C 196 31.61 70.10 16.46
N PRO C 197 31.61 69.88 17.77
CA PRO C 197 30.34 69.62 18.47
C PRO C 197 29.47 70.85 18.63
N LEU C 198 29.98 72.04 18.41
CA LEU C 198 29.21 73.25 18.63
C LEU C 198 29.79 74.37 17.79
N PHE C 199 28.91 75.12 17.11
CA PHE C 199 29.28 76.26 16.26
C PHE C 199 30.22 75.83 15.13
N GLU D 35 -33.07 -59.72 -24.85
CA GLU D 35 -32.47 -60.59 -23.84
C GLU D 35 -31.65 -61.69 -24.51
N LYS D 36 -30.54 -62.06 -23.88
CA LYS D 36 -29.69 -63.16 -24.34
C LYS D 36 -29.18 -62.91 -25.77
N SER D 37 -28.32 -61.89 -25.87
CA SER D 37 -27.75 -61.47 -27.14
C SER D 37 -27.21 -62.66 -27.92
N LYS D 38 -27.23 -62.53 -29.25
CA LYS D 38 -26.88 -63.65 -30.12
C LYS D 38 -25.42 -64.04 -29.96
N ALA D 39 -24.52 -63.05 -29.99
CA ALA D 39 -23.10 -63.35 -29.91
C ALA D 39 -22.76 -64.03 -28.59
N VAL D 40 -22.90 -63.31 -27.48
CA VAL D 40 -22.65 -63.91 -26.18
C VAL D 40 -23.97 -64.41 -25.63
N PRO D 41 -24.25 -65.72 -25.72
CA PRO D 41 -25.59 -66.20 -25.36
C PRO D 41 -25.93 -66.08 -23.89
N PHE D 42 -24.94 -65.96 -23.01
CA PHE D 42 -25.19 -65.81 -21.58
C PHE D 42 -25.21 -64.36 -21.12
N LEU D 43 -24.96 -63.41 -22.02
CA LEU D 43 -25.05 -62.00 -21.68
C LEU D 43 -26.37 -61.42 -22.18
N PRO D 44 -26.92 -60.43 -21.47
CA PRO D 44 -28.14 -59.79 -21.95
C PRO D 44 -27.88 -59.00 -23.23
N ARG D 45 -28.95 -58.79 -23.98
CA ARG D 45 -28.86 -57.98 -25.19
C ARG D 45 -28.43 -56.56 -24.81
N PRO D 46 -27.53 -55.94 -25.58
CA PRO D 46 -26.99 -54.63 -25.18
C PRO D 46 -28.01 -53.52 -25.06
N ALA D 47 -29.28 -53.81 -25.36
CA ALA D 47 -30.43 -52.93 -25.19
C ALA D 47 -30.41 -51.73 -26.14
N ALA D 48 -29.36 -51.57 -26.94
CA ALA D 48 -29.31 -50.52 -27.96
C ALA D 48 -29.17 -51.08 -29.36
N LEU D 49 -28.98 -52.39 -29.50
CA LEU D 49 -28.78 -53.06 -30.78
C LEU D 49 -29.84 -54.15 -30.89
N ASP D 50 -31.03 -53.81 -31.38
CA ASP D 50 -32.09 -54.81 -31.41
C ASP D 50 -31.96 -55.74 -32.63
N GLY D 51 -32.26 -55.23 -33.82
CA GLY D 51 -31.88 -55.92 -35.04
C GLY D 51 -31.58 -55.03 -36.23
N SER D 52 -31.84 -53.74 -36.10
CA SER D 52 -31.94 -52.87 -37.27
C SER D 52 -30.62 -52.17 -37.58
N VAL D 53 -29.53 -52.94 -37.61
CA VAL D 53 -28.22 -52.45 -38.03
C VAL D 53 -27.52 -53.60 -38.75
N VAL D 54 -26.81 -53.28 -39.83
CA VAL D 54 -26.04 -54.29 -40.53
C VAL D 54 -24.87 -54.73 -39.66
N GLY D 55 -24.61 -56.03 -39.62
CA GLY D 55 -23.57 -56.57 -38.76
C GLY D 55 -23.86 -56.44 -37.28
N ASP D 56 -25.09 -56.72 -36.87
CA ASP D 56 -25.54 -56.57 -35.49
C ASP D 56 -25.81 -57.96 -34.93
N VAL D 57 -24.79 -58.55 -34.31
CA VAL D 57 -24.95 -59.82 -33.60
C VAL D 57 -25.09 -59.60 -32.09
N GLY D 58 -25.39 -58.37 -31.68
CA GLY D 58 -25.55 -58.07 -30.27
C GLY D 58 -24.27 -58.19 -29.46
N PHE D 59 -23.15 -57.74 -30.01
CA PHE D 59 -21.86 -57.84 -29.34
C PHE D 59 -21.49 -56.47 -28.77
N ASP D 60 -21.79 -56.27 -27.49
CA ASP D 60 -21.35 -55.10 -26.75
C ASP D 60 -21.33 -55.43 -25.26
N PRO D 61 -20.43 -56.32 -24.82
CA PRO D 61 -20.42 -56.72 -23.41
C PRO D 61 -20.18 -55.57 -22.44
N VAL D 62 -19.34 -54.61 -22.80
CA VAL D 62 -18.97 -53.54 -21.89
C VAL D 62 -19.87 -52.33 -22.10
N GLY D 63 -20.90 -52.50 -22.93
CA GLY D 63 -21.93 -51.50 -23.08
C GLY D 63 -21.47 -50.14 -23.58
N PHE D 64 -20.66 -50.14 -24.64
CA PHE D 64 -20.23 -48.87 -25.22
C PHE D 64 -21.40 -48.11 -25.82
N THR D 65 -22.42 -48.82 -26.32
CA THR D 65 -23.59 -48.19 -26.89
C THR D 65 -24.54 -47.61 -25.85
N SER D 66 -24.31 -47.89 -24.57
CA SER D 66 -25.21 -47.40 -23.52
C SER D 66 -24.97 -45.93 -23.18
N TRP D 67 -23.82 -45.37 -23.57
CA TRP D 67 -23.51 -43.97 -23.28
C TRP D 67 -22.94 -43.23 -24.48
N LEU D 68 -22.91 -43.85 -25.65
CA LEU D 68 -22.46 -43.19 -26.86
C LEU D 68 -23.50 -43.39 -27.97
N PRO D 69 -23.63 -42.41 -28.86
CA PRO D 69 -24.59 -42.56 -29.97
C PRO D 69 -24.23 -43.77 -30.84
N LEU D 70 -25.27 -44.48 -31.27
CA LEU D 70 -25.03 -45.65 -32.12
C LEU D 70 -24.49 -45.25 -33.49
N SER D 71 -25.02 -44.16 -34.06
CA SER D 71 -24.54 -43.71 -35.36
C SER D 71 -23.07 -43.31 -35.29
N TYR D 72 -22.67 -42.64 -34.21
CA TYR D 72 -21.27 -42.24 -34.05
C TYR D 72 -20.35 -43.46 -34.03
N LEU D 73 -20.72 -44.47 -33.24
CA LEU D 73 -19.90 -45.67 -33.16
C LEU D 73 -19.87 -46.41 -34.49
N GLN D 74 -21.01 -46.47 -35.19
CA GLN D 74 -21.04 -47.12 -36.49
C GLN D 74 -20.13 -46.41 -37.49
N GLU D 75 -20.17 -45.08 -37.50
CA GLU D 75 -19.30 -44.32 -38.38
C GLU D 75 -17.83 -44.56 -38.05
N ALA D 76 -17.50 -44.58 -36.75
CA ALA D 76 -16.12 -44.84 -36.35
C ALA D 76 -15.67 -46.22 -36.80
N GLU D 77 -16.53 -47.23 -36.61
CA GLU D 77 -16.18 -48.59 -36.99
C GLU D 77 -15.97 -48.71 -38.49
N ILE D 78 -16.86 -48.09 -39.28
CA ILE D 78 -16.73 -48.20 -40.73
C ILE D 78 -15.48 -47.45 -41.22
N LYS D 79 -15.20 -46.29 -40.62
CA LYS D 79 -13.98 -45.57 -40.97
C LYS D 79 -12.74 -46.40 -40.66
N HIS D 80 -12.72 -47.03 -39.48
CA HIS D 80 -11.60 -47.91 -39.14
C HIS D 80 -11.49 -49.06 -40.12
N CYS D 81 -12.62 -49.66 -40.49
CA CYS D 81 -12.62 -50.77 -41.43
C CYS D 81 -11.98 -50.37 -42.75
N ARG D 82 -12.42 -49.26 -43.32
CA ARG D 82 -11.89 -48.82 -44.61
C ARG D 82 -10.41 -48.46 -44.50
N ILE D 83 -10.03 -47.71 -43.46
CA ILE D 83 -8.64 -47.30 -43.30
C ILE D 83 -7.74 -48.51 -43.17
N ALA D 84 -8.15 -49.49 -42.36
CA ALA D 84 -7.29 -50.64 -42.13
C ALA D 84 -7.27 -51.58 -43.33
N MET D 85 -8.35 -51.64 -44.10
CA MET D 85 -8.30 -52.42 -45.34
C MET D 85 -7.28 -51.84 -46.30
N LEU D 86 -7.34 -50.52 -46.51
CA LEU D 86 -6.35 -49.86 -47.36
C LEU D 86 -4.95 -50.05 -46.80
N ALA D 87 -4.81 -49.97 -45.47
CA ALA D 87 -3.49 -50.08 -44.86
C ALA D 87 -2.90 -51.47 -44.99
N THR D 88 -3.71 -52.51 -44.77
CA THR D 88 -3.22 -53.87 -44.92
C THR D 88 -2.82 -54.15 -46.37
N LEU D 89 -3.66 -53.75 -47.32
CA LEU D 89 -3.32 -53.95 -48.72
C LEU D 89 -2.04 -53.20 -49.08
N GLY D 90 -1.91 -51.97 -48.60
CA GLY D 90 -0.72 -51.18 -48.91
C GLY D 90 0.54 -51.75 -48.29
N TRP D 91 0.46 -52.16 -47.03
CA TRP D 91 1.62 -52.77 -46.37
C TRP D 91 2.08 -54.00 -47.14
N ILE D 92 1.15 -54.91 -47.44
CA ILE D 92 1.51 -56.14 -48.13
C ILE D 92 2.07 -55.84 -49.52
N VAL D 93 1.43 -54.93 -50.26
CA VAL D 93 1.86 -54.66 -51.63
C VAL D 93 3.21 -53.95 -51.64
N ALA D 94 3.38 -52.93 -50.80
CA ALA D 94 4.63 -52.19 -50.75
C ALA D 94 5.79 -53.04 -50.25
N ASP D 95 5.56 -54.17 -49.64
CA ASP D 95 6.69 -55.00 -49.28
C ASP D 95 7.03 -55.83 -50.48
N PHE D 96 6.21 -55.80 -51.51
CA PHE D 96 6.53 -56.51 -52.74
C PHE D 96 6.94 -55.56 -53.86
N VAL D 97 6.10 -54.59 -54.17
CA VAL D 97 6.31 -53.67 -55.29
C VAL D 97 6.68 -52.31 -54.73
N HIS D 98 7.70 -51.69 -55.31
CA HIS D 98 8.17 -50.38 -54.90
C HIS D 98 8.02 -49.39 -56.05
N LEU D 99 7.62 -48.16 -55.70
CA LEU D 99 7.61 -47.10 -56.70
C LEU D 99 9.04 -46.78 -57.12
N PRO D 100 9.23 -46.31 -58.36
CA PRO D 100 10.57 -45.95 -58.80
C PRO D 100 11.16 -44.87 -57.92
N GLY D 101 12.47 -44.99 -57.64
CA GLY D 101 13.14 -44.04 -56.78
C GLY D 101 13.84 -44.69 -55.60
N ALA D 102 14.88 -44.06 -55.10
CA ALA D 102 15.64 -44.62 -53.99
C ALA D 102 14.90 -44.49 -52.67
N VAL D 103 14.02 -43.48 -52.54
CA VAL D 103 13.30 -43.28 -51.29
C VAL D 103 12.30 -44.40 -51.05
N HIS D 104 11.77 -45.00 -52.11
CA HIS D 104 10.78 -46.06 -52.01
C HIS D 104 11.39 -47.44 -51.91
N GLU D 105 12.64 -47.55 -51.47
CA GLU D 105 13.36 -48.81 -51.40
C GLU D 105 13.56 -49.26 -49.95
N VAL D 106 12.53 -49.08 -49.12
CA VAL D 106 12.58 -49.49 -47.73
C VAL D 106 11.38 -50.38 -47.45
N SER D 107 11.50 -51.17 -46.38
CA SER D 107 10.38 -52.01 -45.96
C SER D 107 9.26 -51.15 -45.38
N SER D 108 8.05 -51.71 -45.39
CA SER D 108 6.90 -50.97 -44.87
C SER D 108 7.07 -50.65 -43.40
N LEU D 109 7.81 -51.47 -42.66
CA LEU D 109 8.05 -51.19 -41.24
C LEU D 109 8.88 -49.92 -41.08
N ALA D 110 9.89 -49.72 -41.92
CA ALA D 110 10.73 -48.53 -41.87
C ALA D 110 10.29 -47.45 -42.83
N ALA D 111 9.19 -47.65 -43.55
CA ALA D 111 8.74 -46.67 -44.54
C ALA D 111 8.17 -45.42 -43.92
N HIS D 112 7.70 -45.49 -42.67
CA HIS D 112 7.08 -44.31 -42.06
C HIS D 112 8.09 -43.19 -41.85
N ASP D 113 9.27 -43.51 -41.33
CA ASP D 113 10.26 -42.48 -41.07
C ASP D 113 10.86 -41.93 -42.36
N VAL D 114 10.89 -42.74 -43.42
CA VAL D 114 11.40 -42.26 -44.71
C VAL D 114 10.35 -41.40 -45.41
N ALA D 115 9.09 -41.86 -45.42
CA ALA D 115 8.05 -41.12 -46.11
C ALA D 115 7.76 -39.78 -45.43
N VAL D 116 7.83 -39.73 -44.10
CA VAL D 116 7.59 -38.47 -43.41
C VAL D 116 8.70 -37.47 -43.70
N LYS D 117 9.95 -37.94 -43.86
CA LYS D 117 11.05 -37.04 -44.16
C LYS D 117 10.96 -36.52 -45.59
N SER D 118 10.59 -37.38 -46.53
CA SER D 118 10.47 -36.97 -47.93
C SER D 118 9.24 -36.12 -48.19
N GLY D 119 8.33 -36.02 -47.23
CA GLY D 119 7.09 -35.29 -47.44
C GLY D 119 6.01 -36.08 -48.12
N ALA D 120 6.21 -37.38 -48.35
CA ALA D 120 5.19 -38.20 -48.97
C ALA D 120 3.95 -38.31 -48.10
N LEU D 121 4.15 -38.49 -46.80
CA LEU D 121 3.01 -38.58 -45.89
C LEU D 121 2.35 -37.24 -45.63
N ALA D 122 3.05 -36.13 -45.94
CA ALA D 122 2.44 -34.81 -45.78
C ALA D 122 1.28 -34.61 -46.74
N GLN D 123 1.42 -35.07 -47.99
CA GLN D 123 0.34 -34.95 -48.96
C GLN D 123 -0.87 -35.76 -48.52
N ILE D 124 -0.64 -37.00 -48.08
CA ILE D 124 -1.72 -37.83 -47.58
C ILE D 124 -2.38 -37.18 -46.37
N LEU D 125 -1.57 -36.57 -45.50
CA LEU D 125 -2.14 -35.87 -44.34
C LEU D 125 -3.01 -34.71 -44.77
N ILE D 126 -2.57 -33.93 -45.75
CA ILE D 126 -3.33 -32.77 -46.21
C ILE D 126 -4.68 -33.21 -46.77
N TRP D 127 -4.66 -34.17 -47.68
CA TRP D 127 -5.91 -34.57 -48.33
C TRP D 127 -6.81 -35.33 -47.37
N THR D 128 -6.24 -36.13 -46.47
CA THR D 128 -7.03 -36.80 -45.46
C THR D 128 -7.65 -35.79 -44.50
N SER D 129 -6.94 -34.70 -44.19
CA SER D 129 -7.51 -33.67 -43.34
C SER D 129 -8.66 -32.95 -44.03
N ILE D 130 -8.54 -32.70 -45.32
CA ILE D 130 -9.66 -32.12 -46.06
C ILE D 130 -10.87 -33.04 -46.02
N ALA D 131 -10.65 -34.33 -46.30
CA ALA D 131 -11.74 -35.29 -46.27
C ALA D 131 -12.34 -35.40 -44.87
N GLU D 132 -11.50 -35.28 -43.84
CA GLU D 132 -11.99 -35.42 -42.47
C GLU D 132 -12.71 -34.17 -41.98
N ALA D 133 -12.38 -33.00 -42.51
CA ALA D 133 -13.19 -31.82 -42.21
C ALA D 133 -14.57 -31.93 -42.86
N ILE D 134 -14.61 -32.36 -44.13
CA ILE D 134 -15.91 -32.63 -44.74
C ILE D 134 -16.65 -33.71 -43.94
N SER D 135 -15.90 -34.67 -43.39
CA SER D 135 -16.50 -35.69 -42.53
C SER D 135 -17.04 -35.09 -41.24
N VAL D 136 -16.34 -34.12 -40.67
CA VAL D 136 -16.85 -33.42 -39.48
C VAL D 136 -18.22 -32.86 -39.78
N ILE D 137 -18.34 -32.18 -40.92
CA ILE D 137 -19.63 -31.61 -41.32
C ILE D 137 -20.66 -32.74 -41.50
N ALA D 138 -20.27 -33.82 -42.17
CA ALA D 138 -21.21 -34.89 -42.48
C ALA D 138 -21.73 -35.58 -41.22
N ILE D 139 -20.82 -35.93 -40.30
CA ILE D 139 -21.21 -36.60 -39.07
C ILE D 139 -22.04 -35.68 -38.19
N SER D 140 -21.71 -34.39 -38.17
CA SER D 140 -22.55 -33.45 -37.42
C SER D 140 -23.96 -33.43 -37.98
N GLN D 141 -24.09 -33.34 -39.30
CA GLN D 141 -25.42 -33.32 -39.91
C GLN D 141 -26.17 -34.62 -39.65
N MET D 142 -25.48 -35.75 -39.73
CA MET D 142 -26.11 -37.04 -39.46
C MET D 142 -26.61 -37.13 -38.02
N LEU D 143 -25.80 -36.66 -37.07
CA LEU D 143 -26.21 -36.70 -35.68
C LEU D 143 -27.36 -35.75 -35.39
N GLU D 144 -27.44 -34.63 -36.10
CA GLU D 144 -28.49 -33.64 -35.87
C GLU D 144 -29.63 -33.78 -36.87
N GLY D 145 -29.97 -35.00 -37.27
CA GLY D 145 -31.06 -35.21 -38.18
C GLY D 145 -30.62 -35.74 -39.54
N SER D 146 -30.81 -34.93 -40.58
CA SER D 146 -30.40 -35.28 -41.93
C SER D 146 -31.05 -36.58 -42.40
N GLY D 147 -30.32 -37.68 -42.22
CA GLY D 147 -30.80 -38.97 -42.68
C GLY D 147 -29.69 -39.79 -43.30
N ARG D 148 -28.48 -39.23 -43.32
CA ARG D 148 -27.33 -39.94 -43.86
C ARG D 148 -26.98 -41.12 -42.97
N GLN D 149 -26.95 -42.31 -43.55
CA GLN D 149 -26.59 -43.49 -42.80
C GLN D 149 -25.11 -43.42 -42.40
N PRO D 150 -24.74 -44.00 -41.27
CA PRO D 150 -23.34 -43.94 -40.84
C PRO D 150 -22.43 -44.61 -41.88
N GLY D 151 -21.40 -43.87 -42.29
CA GLY D 151 -20.48 -44.34 -43.30
C GLY D 151 -20.96 -44.20 -44.73
N ASP D 152 -22.17 -43.66 -44.94
CA ASP D 152 -22.75 -43.53 -46.28
C ASP D 152 -22.32 -42.18 -46.85
N PHE D 153 -21.29 -42.20 -47.69
CA PHE D 153 -20.87 -41.01 -48.42
C PHE D 153 -21.44 -40.97 -49.83
N LYS D 154 -22.33 -41.89 -50.16
CA LYS D 154 -22.97 -42.02 -51.48
C LYS D 154 -21.95 -42.25 -52.58
N PHE D 155 -20.71 -42.59 -52.25
CA PHE D 155 -19.69 -42.85 -53.26
C PHE D 155 -19.96 -44.18 -53.92
N ASP D 156 -20.40 -44.15 -55.16
CA ASP D 156 -20.79 -45.36 -55.88
C ASP D 156 -20.73 -45.12 -57.38
N PRO D 157 -19.53 -45.01 -57.97
CA PRO D 157 -19.45 -44.80 -59.42
C PRO D 157 -20.08 -45.95 -60.20
N LEU D 158 -19.58 -47.16 -59.96
CA LEU D 158 -20.31 -48.35 -60.35
C LEU D 158 -21.48 -48.54 -59.39
N ASN D 159 -22.33 -49.51 -59.68
CA ASN D 159 -23.51 -49.70 -58.83
C ASN D 159 -23.22 -50.68 -57.70
N PHE D 160 -22.99 -51.95 -58.03
CA PHE D 160 -22.60 -52.97 -57.06
C PHE D 160 -23.66 -53.16 -55.98
N ALA D 161 -24.71 -52.34 -56.01
CA ALA D 161 -25.78 -52.38 -55.02
C ALA D 161 -26.99 -51.70 -55.65
N LYS D 162 -27.94 -52.51 -56.12
CA LYS D 162 -29.09 -51.98 -56.87
C LYS D 162 -30.33 -51.81 -56.01
N ASP D 163 -30.60 -52.74 -55.10
CA ASP D 163 -31.76 -52.67 -54.24
C ASP D 163 -31.33 -52.70 -52.77
N GLU D 164 -32.32 -52.76 -51.87
CA GLU D 164 -32.02 -52.79 -50.44
C GLU D 164 -31.28 -54.06 -50.05
N LYS D 165 -31.68 -55.21 -50.61
CA LYS D 165 -31.07 -56.48 -50.23
C LYS D 165 -29.60 -56.52 -50.61
N SER D 166 -29.27 -56.09 -51.83
CA SER D 166 -27.88 -56.07 -52.26
C SER D 166 -27.07 -55.11 -51.41
N LEU D 167 -27.64 -53.95 -51.08
CA LEU D 167 -26.94 -52.99 -50.24
C LEU D 167 -26.66 -53.55 -48.85
N LYS D 168 -27.64 -54.24 -48.26
CA LYS D 168 -27.43 -54.84 -46.95
C LYS D 168 -26.38 -55.93 -46.99
N LYS D 169 -26.42 -56.80 -48.01
CA LYS D 169 -25.43 -57.85 -48.12
C LYS D 169 -24.03 -57.27 -48.30
N MET D 170 -23.90 -56.23 -49.12
CA MET D 170 -22.59 -55.65 -49.35
C MET D 170 -22.11 -54.86 -48.14
N GLN D 171 -23.03 -54.26 -47.38
CA GLN D 171 -22.63 -53.62 -46.12
C GLN D 171 -22.11 -54.64 -45.14
N LEU D 172 -22.77 -55.80 -45.04
CA LEU D 172 -22.28 -56.85 -44.15
C LEU D 172 -20.91 -57.35 -44.61
N SER D 173 -20.74 -57.52 -45.92
CA SER D 173 -19.43 -57.93 -46.44
C SER D 173 -18.36 -56.91 -46.13
N GLU D 174 -18.68 -55.62 -46.30
CA GLU D 174 -17.72 -54.56 -46.00
C GLU D 174 -17.36 -54.56 -44.52
N LEU D 175 -18.34 -54.71 -43.64
CA LEU D 175 -18.06 -54.71 -42.22
C LEU D 175 -17.19 -55.90 -41.81
N LYS D 176 -17.52 -57.09 -42.31
CA LYS D 176 -16.75 -58.28 -41.95
C LYS D 176 -15.34 -58.19 -42.50
N ASN D 177 -15.19 -57.79 -43.76
CA ASN D 177 -13.86 -57.64 -44.35
C ASN D 177 -13.06 -56.57 -43.62
N GLY D 178 -13.71 -55.49 -43.22
CA GLY D 178 -13.00 -54.44 -42.50
C GLY D 178 -12.53 -54.88 -41.13
N ARG D 179 -13.37 -55.59 -40.39
CA ARG D 179 -12.94 -56.11 -39.09
C ARG D 179 -11.78 -57.09 -39.26
N LEU D 180 -11.88 -57.97 -40.25
CA LEU D 180 -10.81 -58.92 -40.52
C LEU D 180 -9.53 -58.19 -40.88
N ALA D 181 -9.63 -57.12 -41.68
CA ALA D 181 -8.44 -56.39 -42.07
C ALA D 181 -7.86 -55.58 -40.92
N MET D 182 -8.69 -55.08 -40.02
CA MET D 182 -8.18 -54.39 -38.84
C MET D 182 -7.36 -55.35 -37.99
N LEU D 183 -7.91 -56.53 -37.71
CA LEU D 183 -7.16 -57.54 -36.95
C LEU D 183 -5.91 -57.98 -37.70
N ALA D 184 -6.02 -58.10 -39.03
CA ALA D 184 -4.89 -58.55 -39.84
C ALA D 184 -3.76 -57.53 -39.84
N PHE D 185 -4.09 -56.24 -39.97
CA PHE D 185 -3.08 -55.21 -39.90
C PHE D 185 -2.45 -55.15 -38.52
N SER D 186 -3.26 -55.33 -37.47
CA SER D 186 -2.71 -55.39 -36.13
C SER D 186 -1.67 -56.50 -36.02
N GLY D 187 -2.03 -57.70 -36.47
CA GLY D 187 -1.08 -58.81 -36.42
C GLY D 187 0.14 -58.56 -37.27
N ILE D 188 -0.05 -58.00 -38.47
CA ILE D 188 1.07 -57.77 -39.38
C ILE D 188 2.06 -56.80 -38.74
N VAL D 189 1.57 -55.69 -38.20
CA VAL D 189 2.45 -54.70 -37.60
C VAL D 189 3.16 -55.27 -36.38
N THR D 190 2.41 -55.97 -35.52
CA THR D 190 3.03 -56.51 -34.30
C THR D 190 4.11 -57.53 -34.64
N GLN D 191 3.83 -58.43 -35.60
CA GLN D 191 4.82 -59.43 -35.98
C GLN D 191 6.03 -58.80 -36.66
N ALA D 192 5.79 -57.84 -37.56
CA ALA D 192 6.91 -57.20 -38.25
C ALA D 192 7.80 -56.43 -37.28
N ALA D 193 7.19 -55.76 -36.30
CA ALA D 193 7.98 -55.06 -35.29
C ALA D 193 8.73 -56.04 -34.41
N LEU D 194 8.08 -57.15 -34.01
CA LEU D 194 8.76 -58.16 -33.20
C LEU D 194 9.91 -58.78 -33.97
N THR D 195 9.64 -59.26 -35.18
CA THR D 195 10.64 -59.88 -36.04
C THR D 195 10.67 -59.13 -37.37
N GLY D 196 11.80 -58.51 -37.68
CA GLY D 196 11.91 -57.71 -38.89
C GLY D 196 11.96 -58.53 -40.16
N HIS D 197 10.92 -59.33 -40.40
CA HIS D 197 10.87 -60.23 -41.55
C HIS D 197 10.16 -59.57 -42.72
N ALA D 198 10.26 -60.21 -43.88
CA ALA D 198 9.57 -59.77 -45.09
C ALA D 198 8.12 -60.23 -45.02
N PHE D 199 7.40 -60.15 -46.14
CA PHE D 199 5.96 -60.39 -46.19
C PHE D 199 5.47 -61.54 -45.31
N PRO D 200 6.10 -62.72 -45.29
CA PRO D 200 5.72 -63.69 -44.26
C PRO D 200 6.26 -63.23 -42.92
N TYR D 201 5.37 -62.70 -42.07
CA TYR D 201 5.78 -62.09 -40.81
C TYR D 201 5.84 -63.10 -39.68
N MET D 202 5.78 -64.39 -39.99
CA MET D 202 5.95 -65.43 -39.00
C MET D 202 7.34 -65.34 -38.38
N GLU E 43 -33.11 -79.47 11.34
CA GLU E 43 -32.61 -78.26 11.98
C GLU E 43 -31.09 -78.29 12.12
N ARG E 44 -30.55 -79.50 12.27
CA ARG E 44 -29.11 -79.69 12.36
C ARG E 44 -28.53 -79.98 10.99
N SER E 45 -27.33 -79.45 10.74
CA SER E 45 -26.67 -79.69 9.46
C SER E 45 -26.34 -81.17 9.30
N LYS E 46 -26.56 -81.69 8.09
CA LYS E 46 -26.33 -83.10 7.84
C LYS E 46 -24.87 -83.47 8.04
N SER E 47 -23.95 -82.64 7.53
CA SER E 47 -22.53 -82.94 7.69
C SER E 47 -22.09 -82.82 9.14
N LEU E 48 -22.44 -81.72 9.80
CA LEU E 48 -22.02 -81.49 11.18
C LEU E 48 -23.23 -81.58 12.09
N PRO E 49 -23.49 -82.73 12.72
CA PRO E 49 -24.70 -82.86 13.55
C PRO E 49 -24.71 -81.95 14.77
N PHE E 50 -23.56 -81.47 15.21
CA PHE E 50 -23.48 -80.56 16.34
C PHE E 50 -23.71 -79.11 15.96
N LEU E 51 -24.07 -78.84 14.71
CA LEU E 51 -24.27 -77.50 14.20
C LEU E 51 -25.66 -77.37 13.60
N MET E 52 -26.30 -76.23 13.82
CA MET E 52 -27.60 -75.98 13.23
C MET E 52 -27.47 -75.78 11.72
N LYS E 53 -28.57 -76.04 11.03
CA LYS E 53 -28.57 -75.98 9.57
C LYS E 53 -28.28 -74.56 9.11
N PRO E 54 -27.29 -74.35 8.24
CA PRO E 54 -27.03 -73.00 7.73
C PRO E 54 -28.22 -72.48 6.95
N LYS E 55 -28.65 -71.27 7.30
CA LYS E 55 -29.95 -70.77 6.84
C LYS E 55 -30.02 -70.69 5.32
N ASN E 56 -28.95 -70.23 4.67
CA ASN E 56 -28.98 -69.99 3.23
C ASN E 56 -28.79 -71.26 2.41
N LEU E 57 -28.35 -72.35 3.00
CA LEU E 57 -28.10 -73.61 2.28
C LEU E 57 -29.21 -74.59 2.65
N ASP E 58 -30.29 -74.62 1.86
CA ASP E 58 -31.38 -75.53 2.19
C ASP E 58 -31.12 -76.93 1.65
N GLY E 59 -31.25 -77.11 0.33
CA GLY E 59 -30.81 -78.33 -0.31
C GLY E 59 -30.42 -78.17 -1.76
N SER E 60 -30.54 -76.95 -2.28
CA SER E 60 -30.65 -76.78 -3.73
C SER E 60 -29.34 -77.10 -4.45
N MET E 61 -28.23 -76.53 -3.98
CA MET E 61 -26.98 -76.62 -4.71
C MET E 61 -26.39 -78.03 -4.59
N ALA E 62 -25.80 -78.51 -5.69
CA ALA E 62 -25.19 -79.83 -5.68
C ALA E 62 -24.01 -79.88 -4.73
N GLY E 63 -23.90 -80.97 -3.98
CA GLY E 63 -22.89 -81.10 -2.98
C GLY E 63 -23.24 -80.49 -1.64
N ASP E 64 -24.48 -80.05 -1.45
CA ASP E 64 -24.90 -79.40 -0.21
C ASP E 64 -25.09 -80.46 0.86
N VAL E 65 -24.24 -80.41 1.90
CA VAL E 65 -24.39 -81.25 3.08
C VAL E 65 -24.46 -80.41 4.35
N GLY E 66 -24.59 -79.10 4.23
CA GLY E 66 -24.66 -78.23 5.38
C GLY E 66 -23.32 -77.87 6.00
N PHE E 67 -22.22 -78.14 5.31
CA PHE E 67 -20.89 -77.87 5.85
C PHE E 67 -20.56 -76.39 5.66
N ASP E 68 -21.11 -75.58 6.56
CA ASP E 68 -20.76 -74.15 6.65
C ASP E 68 -20.60 -73.79 8.12
N PRO E 69 -19.56 -74.30 8.77
CA PRO E 69 -19.40 -74.02 10.21
C PRO E 69 -19.24 -72.55 10.53
N LEU E 70 -18.59 -71.78 9.67
CA LEU E 70 -18.35 -70.37 9.89
C LEU E 70 -19.49 -69.49 9.40
N GLY E 71 -20.53 -70.07 8.83
CA GLY E 71 -21.66 -69.29 8.36
C GLY E 71 -21.31 -68.32 7.26
N LEU E 72 -20.38 -68.69 6.38
CA LEU E 72 -19.98 -67.79 5.30
C LEU E 72 -21.07 -67.62 4.26
N SER E 73 -22.03 -68.54 4.19
CA SER E 73 -23.12 -68.42 3.22
C SER E 73 -24.05 -67.27 3.54
N GLU E 74 -23.98 -66.72 4.75
CA GLU E 74 -24.84 -65.62 5.17
C GLU E 74 -24.22 -64.25 4.91
N ILE E 75 -23.04 -64.20 4.30
CA ILE E 75 -22.42 -62.93 3.96
C ILE E 75 -23.21 -62.25 2.86
N ASN E 76 -23.55 -60.98 3.06
CA ASN E 76 -24.30 -60.21 2.08
C ASN E 76 -23.69 -58.82 1.93
N ASP E 77 -22.36 -58.76 1.80
CA ASP E 77 -21.69 -57.47 1.73
C ASP E 77 -20.46 -57.59 0.83
N VAL E 78 -20.00 -56.43 0.37
CA VAL E 78 -18.84 -56.28 -0.52
C VAL E 78 -19.15 -57.11 -1.78
N GLY E 79 -20.40 -57.01 -2.24
CA GLY E 79 -20.79 -57.72 -3.44
C GLY E 79 -20.64 -59.22 -3.34
N VAL E 80 -20.55 -59.76 -2.12
CA VAL E 80 -20.36 -61.19 -1.90
C VAL E 80 -21.62 -61.74 -1.24
N ASP E 81 -22.20 -62.76 -1.86
CA ASP E 81 -23.35 -63.45 -1.30
C ASP E 81 -23.23 -64.93 -1.67
N LEU E 82 -24.31 -65.68 -1.47
CA LEU E 82 -24.29 -67.10 -1.80
C LEU E 82 -24.08 -67.31 -3.29
N TYR E 83 -24.65 -66.45 -4.12
CA TYR E 83 -24.45 -66.56 -5.56
C TYR E 83 -22.98 -66.39 -5.93
N TRP E 84 -22.35 -65.33 -5.40
CA TRP E 84 -20.95 -65.08 -5.71
C TRP E 84 -20.06 -66.18 -5.15
N LEU E 85 -20.35 -66.64 -3.93
CA LEU E 85 -19.56 -67.71 -3.34
C LEU E 85 -19.67 -68.99 -4.16
N ARG E 86 -20.89 -69.31 -4.62
CA ARG E 86 -21.06 -70.52 -5.43
C ARG E 86 -20.36 -70.38 -6.78
N GLU E 87 -20.42 -69.21 -7.40
CA GLU E 87 -19.72 -69.01 -8.66
C GLU E 87 -18.22 -69.15 -8.46
N ALA E 88 -17.69 -68.58 -7.37
CA ALA E 88 -16.27 -68.72 -7.07
C ALA E 88 -15.90 -70.18 -6.82
N GLU E 89 -16.75 -70.91 -6.10
CA GLU E 89 -16.49 -72.32 -5.84
C GLU E 89 -16.47 -73.12 -7.13
N LEU E 90 -17.42 -72.85 -8.04
CA LEU E 90 -17.46 -73.59 -9.29
C LEU E 90 -16.27 -73.25 -10.18
N LYS E 91 -15.88 -71.97 -10.23
CA LYS E 91 -14.70 -71.59 -11.00
C LYS E 91 -13.45 -72.24 -10.43
N HIS E 92 -13.34 -72.28 -9.10
CA HIS E 92 -12.22 -72.95 -8.46
C HIS E 92 -12.23 -74.45 -8.77
N CYS E 93 -13.41 -75.06 -8.74
CA CYS E 93 -13.52 -76.49 -9.06
C CYS E 93 -13.03 -76.77 -10.47
N ARG E 94 -13.50 -76.00 -11.43
CA ARG E 94 -13.10 -76.20 -12.83
C ARG E 94 -11.61 -75.94 -13.02
N LEU E 95 -11.10 -74.86 -12.43
CA LEU E 95 -9.68 -74.54 -12.56
C LEU E 95 -8.82 -75.63 -11.93
N GLY E 96 -9.19 -76.11 -10.76
CA GLY E 96 -8.43 -77.17 -10.11
C GLY E 96 -8.48 -78.47 -10.90
N MET E 97 -9.64 -78.80 -11.46
CA MET E 97 -9.74 -79.99 -12.30
C MET E 97 -8.81 -79.89 -13.49
N MET E 98 -8.85 -78.75 -14.19
CA MET E 98 -7.97 -78.57 -15.34
C MET E 98 -6.50 -78.64 -14.95
N ALA E 99 -6.14 -77.99 -13.84
CA ALA E 99 -4.73 -77.96 -13.43
C ALA E 99 -4.24 -79.33 -13.01
N ALA E 100 -5.04 -80.05 -12.22
CA ALA E 100 -4.64 -81.39 -11.80
C ALA E 100 -4.52 -82.33 -13.00
N ALA E 101 -5.47 -82.26 -13.92
CA ALA E 101 -5.40 -83.07 -15.12
C ALA E 101 -4.16 -82.74 -15.93
N GLY E 102 -3.83 -81.45 -16.04
CA GLY E 102 -2.65 -81.06 -16.79
C GLY E 102 -1.36 -81.56 -16.17
N ILE E 103 -1.24 -81.40 -14.85
CA ILE E 103 -0.04 -81.86 -14.16
C ILE E 103 0.12 -83.36 -14.33
N LEU E 104 -0.96 -84.12 -14.08
CA LEU E 104 -0.87 -85.57 -14.18
C LEU E 104 -0.57 -86.01 -15.60
N PHE E 105 -1.21 -85.37 -16.60
CA PHE E 105 -0.98 -85.71 -17.99
C PHE E 105 0.47 -85.47 -18.38
N VAL E 106 0.99 -84.29 -18.06
CA VAL E 106 2.36 -83.95 -18.45
C VAL E 106 3.36 -84.84 -17.73
N GLU E 107 3.09 -85.18 -16.48
CA GLU E 107 4.05 -85.97 -15.72
C GLU E 107 4.04 -87.43 -16.16
N ILE E 108 2.86 -87.96 -16.51
CA ILE E 108 2.76 -89.37 -16.87
C ILE E 108 3.14 -89.58 -18.33
N LEU E 109 2.40 -88.95 -19.24
CA LEU E 109 2.58 -89.18 -20.66
C LEU E 109 3.66 -88.30 -21.28
N GLY E 110 4.29 -87.43 -20.49
CA GLY E 110 5.35 -86.58 -21.00
C GLY E 110 4.80 -85.35 -21.68
N PRO E 111 5.68 -84.39 -21.97
CA PRO E 111 5.24 -83.16 -22.64
C PRO E 111 4.98 -83.40 -24.12
N ALA E 112 4.28 -82.42 -24.71
CA ALA E 112 4.04 -82.44 -26.15
C ALA E 112 5.35 -82.20 -26.89
N PRO E 113 5.44 -82.61 -28.16
CA PRO E 113 6.67 -82.38 -28.91
C PRO E 113 7.01 -80.91 -29.01
N GLY E 114 8.29 -80.60 -28.91
CA GLY E 114 8.76 -79.24 -28.94
C GLY E 114 8.64 -78.48 -27.64
N PHE E 115 8.20 -79.13 -26.56
CA PHE E 115 8.04 -78.48 -25.27
C PHE E 115 9.05 -79.01 -24.26
N PRO E 116 9.43 -78.21 -23.28
CA PRO E 116 10.46 -78.64 -22.33
C PRO E 116 9.97 -79.75 -21.41
N ALA E 117 10.93 -80.48 -20.87
CA ALA E 117 10.69 -81.55 -19.91
C ALA E 117 11.28 -81.16 -18.56
N GLY E 118 11.24 -82.09 -17.61
CA GLY E 118 11.81 -81.85 -16.29
C GLY E 118 11.01 -82.46 -15.16
N LYS E 119 9.73 -82.78 -15.42
CA LYS E 119 8.80 -83.43 -14.51
C LYS E 119 8.39 -82.54 -13.33
N SER E 120 8.97 -81.36 -13.19
CA SER E 120 8.58 -80.42 -12.13
C SER E 120 7.71 -79.34 -12.79
N GLN E 121 6.40 -79.46 -12.60
CA GLN E 121 5.47 -78.60 -13.32
C GLN E 121 5.53 -77.16 -12.82
N MET E 122 5.91 -76.95 -11.56
CA MET E 122 6.06 -75.60 -11.04
C MET E 122 7.33 -74.92 -11.52
N ASP E 123 8.30 -75.69 -12.03
CA ASP E 123 9.55 -75.13 -12.54
C ASP E 123 9.67 -75.20 -14.05
N VAL E 124 8.90 -76.07 -14.71
CA VAL E 124 8.92 -76.13 -16.17
C VAL E 124 8.22 -74.93 -16.77
N PHE E 125 7.38 -74.23 -16.00
CA PHE E 125 6.71 -73.04 -16.52
C PHE E 125 7.72 -71.98 -16.92
N TRP E 126 8.77 -71.79 -16.12
CA TRP E 126 9.78 -70.80 -16.45
C TRP E 126 10.61 -71.21 -17.64
N LYS E 127 10.71 -72.52 -17.90
CA LYS E 127 11.41 -72.97 -19.11
C LYS E 127 10.56 -72.73 -20.35
N VAL E 128 9.24 -72.88 -20.24
CA VAL E 128 8.36 -72.55 -21.35
C VAL E 128 8.37 -71.04 -21.60
N TYR E 129 8.29 -70.24 -20.54
CA TYR E 129 8.31 -68.79 -20.71
C TYR E 129 9.65 -68.31 -21.23
N ALA E 130 10.75 -69.01 -20.90
CA ALA E 130 12.06 -68.60 -21.39
C ALA E 130 12.21 -68.79 -22.89
N GLU E 131 11.43 -69.66 -23.50
CA GLU E 131 11.53 -69.94 -24.92
C GLU E 131 10.27 -69.60 -25.72
N LYS E 132 9.10 -69.62 -25.10
CA LYS E 132 7.85 -69.27 -25.77
C LYS E 132 7.07 -68.27 -24.90
N PRO E 133 7.60 -67.07 -24.70
CA PRO E 133 6.87 -66.08 -23.90
C PRO E 133 5.56 -65.65 -24.54
N SER E 134 5.49 -65.64 -25.87
CA SER E 134 4.28 -65.18 -26.55
C SER E 134 3.10 -66.10 -26.24
N LEU E 135 3.34 -67.40 -26.13
CA LEU E 135 2.27 -68.33 -25.78
C LEU E 135 1.70 -68.00 -24.41
N ILE E 136 2.58 -67.78 -23.42
CA ILE E 136 2.13 -67.44 -22.08
C ILE E 136 1.36 -66.12 -22.08
N GLY E 137 1.89 -65.12 -22.80
CA GLY E 137 1.21 -63.84 -22.83
C GLY E 137 -0.16 -63.89 -23.50
N ALA E 138 -0.25 -64.61 -24.61
CA ALA E 138 -1.54 -64.76 -25.28
C ALA E 138 -2.53 -65.52 -24.42
N SER E 139 -2.08 -66.58 -23.73
CA SER E 139 -2.96 -67.30 -22.83
C SER E 139 -3.43 -66.40 -21.69
N LEU E 140 -2.53 -65.59 -21.14
CA LEU E 140 -2.91 -64.68 -20.06
C LEU E 140 -3.93 -63.66 -20.55
N ALA E 141 -3.72 -63.10 -21.75
CA ALA E 141 -4.66 -62.11 -22.28
C ALA E 141 -6.03 -62.74 -22.53
N ALA E 142 -6.05 -63.95 -23.10
CA ALA E 142 -7.31 -64.65 -23.33
C ALA E 142 -8.03 -64.92 -22.02
N ILE E 143 -7.30 -65.40 -21.01
CA ILE E 143 -7.91 -65.69 -19.72
C ILE E 143 -8.43 -64.39 -19.08
N ALA E 144 -7.70 -63.29 -19.26
CA ALA E 144 -8.14 -62.01 -18.71
C ALA E 144 -9.46 -61.57 -19.34
N ILE E 145 -9.56 -61.68 -20.67
CA ILE E 145 -10.79 -61.28 -21.35
C ILE E 145 -11.94 -62.18 -20.92
N LEU E 146 -11.71 -63.49 -20.90
CA LEU E 146 -12.74 -64.43 -20.49
C LEU E 146 -13.16 -64.20 -19.04
N GLU E 147 -12.22 -63.78 -18.18
CA GLU E 147 -12.57 -63.54 -16.78
C GLU E 147 -13.35 -62.24 -16.61
N VAL E 148 -13.04 -61.22 -17.42
CA VAL E 148 -13.86 -60.02 -17.41
C VAL E 148 -15.28 -60.35 -17.83
N ILE E 149 -15.43 -61.16 -18.89
CA ILE E 149 -16.75 -61.59 -19.33
C ILE E 149 -17.43 -62.39 -18.23
N SER E 150 -16.68 -63.26 -17.55
CA SER E 150 -17.25 -64.08 -16.49
C SER E 150 -17.75 -63.23 -15.33
N GLY E 151 -16.98 -62.22 -14.93
CA GLY E 151 -17.43 -61.34 -13.87
C GLY E 151 -18.66 -60.54 -14.25
N VAL E 152 -18.68 -60.02 -15.48
CA VAL E 152 -19.85 -59.29 -15.94
C VAL E 152 -21.07 -60.20 -15.93
N ALA E 153 -20.92 -61.44 -16.42
CA ALA E 153 -22.02 -62.38 -16.44
C ALA E 153 -22.49 -62.73 -15.03
N THR E 154 -21.54 -62.92 -14.10
CA THR E 154 -21.90 -63.24 -12.73
C THR E 154 -22.73 -62.11 -12.11
N THR E 155 -22.26 -60.87 -12.26
CA THR E 155 -22.98 -59.75 -11.67
C THR E 155 -24.35 -59.57 -12.32
N GLN E 156 -24.43 -59.70 -13.65
CA GLN E 156 -25.71 -59.56 -14.32
C GLN E 156 -26.69 -60.63 -13.89
N GLY E 157 -26.26 -61.89 -13.89
CA GLY E 157 -27.14 -62.97 -13.47
C GLY E 157 -27.55 -62.87 -12.02
N ARG E 158 -26.68 -62.32 -11.17
CA ARG E 158 -27.07 -62.03 -9.80
C ARG E 158 -28.12 -60.94 -9.74
N GLN E 159 -28.02 -59.95 -10.63
CA GLN E 159 -28.95 -58.81 -10.57
C GLN E 159 -30.34 -59.20 -11.07
N ASN E 160 -30.45 -59.58 -12.33
CA ASN E 160 -31.73 -60.03 -12.91
C ASN E 160 -31.75 -61.55 -12.98
N GLY E 161 -32.16 -62.17 -11.87
CA GLY E 161 -31.97 -63.59 -11.72
C GLY E 161 -32.58 -64.42 -12.82
N ASP E 162 -31.72 -64.87 -13.74
CA ASP E 162 -32.09 -65.80 -14.80
C ASP E 162 -31.02 -66.84 -15.05
N ARG E 163 -29.81 -66.68 -14.50
CA ARG E 163 -28.69 -67.57 -14.74
C ARG E 163 -28.22 -68.16 -13.42
N ALA E 164 -28.16 -69.48 -13.35
CA ALA E 164 -27.66 -70.15 -12.16
C ALA E 164 -26.16 -69.87 -12.00
N PRO E 165 -25.66 -69.87 -10.77
CA PRO E 165 -24.22 -69.62 -10.57
C PRO E 165 -23.38 -70.68 -11.27
N GLY E 166 -22.33 -70.22 -11.95
CA GLY E 166 -21.46 -71.10 -12.69
C GLY E 166 -21.97 -71.52 -14.05
N ASP E 167 -23.14 -71.04 -14.47
CA ASP E 167 -23.72 -71.43 -15.74
C ASP E 167 -23.19 -70.53 -16.86
N TYR E 168 -22.64 -71.14 -17.90
CA TYR E 168 -22.16 -70.42 -19.07
C TYR E 168 -22.74 -70.97 -20.37
N ASN E 169 -23.79 -71.80 -20.30
CA ASN E 169 -24.43 -72.38 -21.48
C ASN E 169 -23.44 -73.16 -22.34
N PHE E 170 -22.44 -73.78 -21.71
CA PHE E 170 -21.40 -74.51 -22.42
C PHE E 170 -21.71 -76.00 -22.36
N ASP E 171 -22.56 -76.45 -23.28
CA ASP E 171 -22.86 -77.87 -23.46
C ASP E 171 -22.86 -78.19 -24.95
N PRO E 172 -21.70 -78.07 -25.60
CA PRO E 172 -21.66 -78.33 -27.06
C PRO E 172 -22.03 -79.75 -27.43
N LEU E 173 -21.69 -80.73 -26.60
CA LEU E 173 -21.97 -82.13 -26.91
C LEU E 173 -23.30 -82.61 -26.33
N GLY E 174 -24.04 -81.74 -25.66
CA GLY E 174 -25.35 -82.12 -25.15
C GLY E 174 -25.33 -83.23 -24.12
N PHE E 175 -24.36 -83.22 -23.22
CA PHE E 175 -24.26 -84.26 -22.19
C PHE E 175 -25.21 -84.02 -21.01
N GLY E 176 -25.81 -82.84 -20.92
CA GLY E 176 -26.66 -82.53 -19.79
C GLY E 176 -27.97 -81.87 -20.18
N LYS E 177 -28.52 -82.26 -21.33
CA LYS E 177 -29.76 -81.65 -21.81
C LYS E 177 -30.92 -81.97 -20.88
N ASP E 178 -31.22 -83.26 -20.71
CA ASP E 178 -32.38 -83.66 -19.94
C ASP E 178 -32.13 -83.51 -18.44
N PRO E 179 -33.18 -83.25 -17.65
CA PRO E 179 -33.03 -83.27 -16.19
C PRO E 179 -32.93 -84.70 -15.65
N ALA E 180 -32.75 -84.83 -14.34
CA ALA E 180 -32.60 -86.10 -13.63
C ALA E 180 -31.27 -86.76 -13.97
N LYS E 181 -30.56 -86.17 -14.93
CA LYS E 181 -29.15 -86.43 -15.16
C LYS E 181 -28.30 -85.19 -14.93
N PHE E 182 -28.91 -84.00 -15.08
CA PHE E 182 -28.20 -82.76 -14.82
C PHE E 182 -27.83 -82.63 -13.36
N LYS E 183 -28.73 -83.03 -12.45
CA LYS E 183 -28.41 -82.99 -11.02
C LYS E 183 -27.26 -83.93 -10.69
N ASP E 184 -27.27 -85.14 -11.25
CA ASP E 184 -26.18 -86.08 -11.01
C ASP E 184 -24.87 -85.55 -11.57
N LEU E 185 -24.91 -84.96 -12.76
CA LEU E 185 -23.70 -84.39 -13.34
C LEU E 185 -23.19 -83.21 -12.52
N GLN E 186 -24.10 -82.38 -11.99
CA GLN E 186 -23.69 -81.29 -11.13
C GLN E 186 -23.01 -81.80 -9.87
N LEU E 187 -23.58 -82.85 -9.26
CA LEU E 187 -22.97 -83.43 -8.06
C LEU E 187 -21.60 -84.01 -8.37
N LYS E 188 -21.48 -84.73 -9.49
CA LYS E 188 -20.19 -85.29 -9.88
C LYS E 188 -19.16 -84.18 -10.12
N GLU E 189 -19.56 -83.13 -10.82
CA GLU E 189 -18.65 -82.02 -11.10
C GLU E 189 -18.22 -81.35 -9.81
N VAL E 190 -19.14 -81.12 -8.88
CA VAL E 190 -18.80 -80.43 -7.64
C VAL E 190 -17.84 -81.27 -6.82
N LYS E 191 -18.11 -82.57 -6.68
CA LYS E 191 -17.24 -83.42 -5.87
C LYS E 191 -15.86 -83.54 -6.50
N ASN E 192 -15.81 -83.80 -7.82
CA ASN E 192 -14.53 -83.89 -8.51
C ASN E 192 -13.77 -82.58 -8.43
N GLY E 193 -14.48 -81.46 -8.54
CA GLY E 193 -13.82 -80.16 -8.49
C GLY E 193 -13.25 -79.84 -7.12
N ARG E 194 -13.97 -80.19 -6.06
CA ARG E 194 -13.41 -80.00 -4.73
C ARG E 194 -12.18 -80.88 -4.51
N LEU E 195 -12.26 -82.15 -4.91
CA LEU E 195 -11.11 -83.03 -4.77
C LEU E 195 -9.92 -82.50 -5.59
N ALA E 196 -10.19 -82.01 -6.80
CA ALA E 196 -9.12 -81.51 -7.64
C ALA E 196 -8.58 -80.17 -7.15
N MET E 197 -9.42 -79.36 -6.50
CA MET E 197 -8.95 -78.16 -5.83
C MET E 197 -7.92 -78.51 -4.78
N ILE E 198 -8.27 -79.45 -3.89
CA ILE E 198 -7.33 -79.86 -2.85
C ILE E 198 -6.07 -80.43 -3.49
N ALA E 199 -6.24 -81.27 -4.52
CA ALA E 199 -5.10 -81.90 -5.18
C ALA E 199 -4.18 -80.85 -5.80
N ALA E 200 -4.76 -79.88 -6.51
CA ALA E 200 -3.96 -78.88 -7.22
C ALA E 200 -3.23 -77.96 -6.24
N ALA E 201 -3.89 -77.60 -5.14
CA ALA E 201 -3.19 -76.84 -4.11
C ALA E 201 -2.02 -77.64 -3.56
N GLY E 202 -2.23 -78.94 -3.31
CA GLY E 202 -1.14 -79.77 -2.86
C GLY E 202 0.01 -79.86 -3.84
N MET E 203 -0.32 -80.01 -5.13
CA MET E 203 0.72 -80.08 -6.16
C MET E 203 1.49 -78.77 -6.24
N ILE E 204 0.79 -77.64 -6.15
CA ILE E 204 1.46 -76.35 -6.20
C ILE E 204 2.44 -76.22 -5.05
N LEU E 205 1.99 -76.55 -3.83
CA LEU E 205 2.86 -76.42 -2.67
C LEU E 205 4.03 -77.40 -2.75
N GLN E 206 3.79 -78.63 -3.19
CA GLN E 206 4.86 -79.62 -3.32
C GLN E 206 5.89 -79.18 -4.34
N GLY E 207 5.44 -78.66 -5.49
CA GLY E 207 6.37 -78.20 -6.50
C GLY E 207 7.17 -77.00 -6.05
N VAL E 208 6.54 -76.08 -5.31
CA VAL E 208 7.26 -74.91 -4.83
C VAL E 208 8.29 -75.30 -3.78
N SER E 209 7.93 -76.21 -2.87
CA SER E 209 8.83 -76.55 -1.77
C SER E 209 9.89 -77.56 -2.20
N THR E 210 9.46 -78.77 -2.59
CA THR E 210 10.39 -79.85 -2.88
C THR E 210 11.07 -79.71 -4.24
N HIS E 211 10.52 -78.89 -5.13
CA HIS E 211 11.07 -78.68 -6.48
C HIS E 211 11.18 -79.99 -7.26
N GLN E 212 10.21 -80.88 -7.05
CA GLN E 212 10.19 -82.19 -7.71
C GLN E 212 8.79 -82.47 -8.24
N GLY E 213 8.68 -83.56 -8.99
CA GLY E 213 7.40 -83.91 -9.57
C GLY E 213 6.42 -84.42 -8.53
N ALA E 214 5.15 -84.44 -8.93
CA ALA E 214 4.09 -84.88 -8.03
C ALA E 214 4.23 -86.36 -7.70
N LEU E 215 4.23 -87.22 -8.74
CA LEU E 215 4.46 -88.64 -8.51
C LEU E 215 5.88 -88.91 -8.04
N GLU E 216 6.82 -87.99 -8.32
CA GLU E 216 8.14 -88.10 -7.71
C GLU E 216 8.06 -87.97 -6.20
N ASN E 217 7.26 -87.02 -5.71
CA ASN E 217 6.99 -86.94 -4.28
C ASN E 217 6.22 -88.15 -3.79
N LEU E 218 5.37 -88.73 -4.65
CA LEU E 218 4.57 -89.87 -4.25
C LEU E 218 5.45 -91.06 -3.88
N SER E 219 6.51 -91.31 -4.65
CA SER E 219 7.40 -92.43 -4.38
C SER E 219 8.71 -91.95 -3.79
N GLY F 78 -23.70 27.34 -50.03
CA GLY F 78 -23.08 28.65 -49.94
C GLY F 78 -22.13 28.95 -51.08
N LEU F 79 -21.37 27.95 -51.50
CA LEU F 79 -20.43 28.12 -52.60
C LEU F 79 -21.14 28.30 -53.93
N GLU F 80 -22.42 27.92 -54.03
CA GLU F 80 -23.14 28.03 -55.29
C GLU F 80 -23.36 29.48 -55.71
N ASN F 81 -23.37 30.42 -54.76
CA ASN F 81 -23.66 31.82 -55.03
C ASN F 81 -22.42 32.70 -54.87
N GLN F 82 -21.24 32.14 -55.13
CA GLN F 82 -19.99 32.89 -55.02
C GLN F 82 -19.19 32.73 -56.30
N VAL F 83 -18.39 33.76 -56.61
CA VAL F 83 -17.53 33.72 -57.79
C VAL F 83 -16.40 32.73 -57.55
N GLY F 84 -16.02 32.00 -58.60
CA GLY F 84 -14.87 31.13 -58.49
C GLY F 84 -14.93 29.82 -59.25
N PHE F 85 -16.12 29.35 -59.62
CA PHE F 85 -16.27 28.09 -60.32
C PHE F 85 -16.69 28.34 -61.77
N ASP F 86 -16.20 27.48 -62.66
CA ASP F 86 -16.42 27.63 -64.09
C ASP F 86 -16.50 26.24 -64.73
N ILE F 87 -16.38 26.21 -66.06
CA ILE F 87 -16.54 24.96 -66.80
C ILE F 87 -15.41 23.97 -66.52
N GLU F 88 -14.25 24.45 -66.04
CA GLU F 88 -13.11 23.56 -65.86
C GLU F 88 -13.39 22.46 -64.83
N THR F 89 -14.26 22.72 -63.87
CA THR F 89 -14.60 21.73 -62.86
C THR F 89 -16.09 21.40 -62.92
N GLY F 90 -16.60 21.19 -64.11
CA GLY F 90 -18.03 20.95 -64.27
C GLY F 90 -18.78 22.26 -64.26
N GLY F 91 -19.77 22.35 -63.38
CA GLY F 91 -20.49 23.59 -63.18
C GLY F 91 -20.60 23.93 -61.71
N LYS F 92 -20.22 22.99 -60.87
CA LYS F 92 -20.24 23.02 -59.42
C LYS F 92 -18.96 23.65 -58.86
N PRO F 93 -19.03 24.25 -57.68
CA PRO F 93 -17.80 24.75 -57.04
C PRO F 93 -16.89 23.60 -56.65
N TRP F 94 -15.63 23.67 -57.09
CA TRP F 94 -14.68 22.62 -56.80
C TRP F 94 -14.23 22.72 -55.35
N ASP F 95 -14.56 21.71 -54.56
CA ASP F 95 -14.22 21.68 -53.13
C ASP F 95 -14.16 20.23 -52.68
N PRO F 96 -13.10 19.52 -53.03
CA PRO F 96 -13.02 18.10 -52.64
C PRO F 96 -13.03 17.87 -51.14
N PHE F 97 -12.44 18.77 -50.36
CA PHE F 97 -12.29 18.58 -48.93
C PHE F 97 -13.37 19.30 -48.11
N GLY F 98 -14.31 19.98 -48.77
CA GLY F 98 -15.37 20.65 -48.05
C GLY F 98 -14.90 21.72 -47.10
N PHE F 99 -13.76 22.36 -47.40
CA PHE F 99 -13.19 23.35 -46.49
C PHE F 99 -14.06 24.59 -46.34
N ALA F 100 -14.94 24.85 -47.30
CA ALA F 100 -15.82 26.01 -47.21
C ALA F 100 -16.91 25.82 -46.17
N GLY F 101 -17.27 24.58 -45.85
CA GLY F 101 -18.33 24.28 -44.91
C GLY F 101 -17.89 23.88 -43.52
N VAL F 102 -16.60 24.02 -43.18
CA VAL F 102 -16.13 23.66 -41.85
C VAL F 102 -16.33 24.78 -40.84
N SER F 103 -16.54 26.02 -41.29
CA SER F 103 -16.76 27.13 -40.37
C SER F 103 -18.04 26.95 -39.57
N GLU F 104 -19.11 26.51 -40.23
CA GLU F 104 -20.39 26.30 -39.56
C GLU F 104 -20.38 25.10 -38.62
N ARG F 105 -19.32 24.30 -38.64
CA ARG F 105 -19.24 23.09 -37.84
C ARG F 105 -18.93 23.44 -36.39
N ASN F 106 -18.57 22.43 -35.60
CA ASN F 106 -18.46 22.59 -34.15
C ASN F 106 -17.41 23.64 -33.79
N GLY F 107 -17.71 24.40 -32.75
CA GLY F 107 -16.90 25.50 -32.28
C GLY F 107 -17.53 26.85 -32.61
N LEU F 108 -17.34 27.81 -31.70
CA LEU F 108 -17.80 29.16 -31.95
C LEU F 108 -17.13 29.70 -33.21
N GLY F 109 -15.82 29.87 -33.16
CA GLY F 109 -15.02 29.96 -34.36
C GLY F 109 -13.60 29.51 -34.10
N ILE F 110 -13.18 28.47 -34.82
CA ILE F 110 -11.78 28.04 -34.84
C ILE F 110 -11.25 27.87 -36.24
N LEU F 111 -12.09 27.59 -37.22
CA LEU F 111 -11.78 27.45 -38.62
C LEU F 111 -12.32 28.64 -39.40
N PRO F 112 -11.62 29.08 -40.44
CA PRO F 112 -12.00 30.33 -41.11
C PRO F 112 -13.37 30.24 -41.78
N HIS F 113 -14.06 31.37 -41.79
CA HIS F 113 -15.29 31.50 -42.57
C HIS F 113 -14.96 31.52 -44.06
N ILE F 114 -15.98 31.33 -44.89
CA ILE F 114 -15.77 31.33 -46.33
C ILE F 114 -15.31 32.71 -46.80
N LYS F 115 -15.74 33.78 -46.12
CA LYS F 115 -15.29 35.12 -46.47
C LYS F 115 -13.78 35.27 -46.27
N TRP F 116 -13.27 34.75 -45.15
CA TRP F 116 -11.82 34.80 -44.92
C TRP F 116 -11.08 34.00 -45.98
N LEU F 117 -11.61 32.83 -46.35
CA LEU F 117 -10.97 32.02 -47.38
C LEU F 117 -10.94 32.73 -48.72
N GLN F 118 -12.03 33.43 -49.06
CA GLN F 118 -12.06 34.16 -50.33
C GLN F 118 -11.12 35.35 -50.32
N GLU F 119 -11.03 36.06 -49.19
CA GLU F 119 -10.07 37.16 -49.09
C GLU F 119 -8.64 36.63 -49.19
N SER F 120 -8.38 35.47 -48.59
CA SER F 120 -7.07 34.83 -48.74
C SER F 120 -6.83 34.46 -50.20
N GLU F 121 -7.88 33.99 -50.90
CA GLU F 121 -7.80 33.77 -52.34
C GLU F 121 -7.27 35.00 -53.05
N ILE F 122 -7.96 36.12 -52.87
CA ILE F 122 -7.63 37.32 -53.63
C ILE F 122 -6.23 37.80 -53.28
N LYS F 123 -5.89 37.81 -51.99
CA LYS F 123 -4.58 38.29 -51.56
C LYS F 123 -3.46 37.40 -52.10
N HIS F 124 -3.59 36.08 -51.92
CA HIS F 124 -2.57 35.16 -52.39
C HIS F 124 -2.41 35.22 -53.90
N GLY F 125 -3.52 35.32 -54.63
CA GLY F 125 -3.44 35.38 -56.07
C GLY F 125 -2.78 36.64 -56.58
N ARG F 126 -3.13 37.79 -55.99
CA ARG F 126 -2.49 39.03 -56.39
C ARG F 126 -1.00 39.01 -56.07
N THR F 127 -0.65 38.50 -54.88
CA THR F 127 0.76 38.40 -54.51
C THR F 127 1.51 37.47 -55.45
N ALA F 128 0.87 36.36 -55.84
CA ALA F 128 1.51 35.41 -56.74
C ALA F 128 1.71 35.99 -58.13
N MET F 129 0.73 36.74 -58.64
CA MET F 129 0.90 37.40 -59.93
C MET F 129 2.04 38.41 -59.89
N LEU F 130 2.08 39.22 -58.83
CA LEU F 130 3.17 40.18 -58.69
C LEU F 130 4.51 39.48 -58.59
N ALA F 131 4.58 38.37 -57.85
CA ALA F 131 5.83 37.64 -57.69
C ALA F 131 6.27 36.98 -58.98
N PHE F 132 5.32 36.47 -59.77
CA PHE F 132 5.69 35.92 -61.07
C PHE F 132 6.29 37.01 -61.95
N LEU F 133 5.66 38.19 -61.98
CA LEU F 133 6.26 39.28 -62.75
C LEU F 133 7.65 39.64 -62.20
N GLY F 134 7.80 39.63 -60.88
CA GLY F 134 9.06 40.00 -60.25
C GLY F 134 10.16 38.96 -60.30
N VAL F 135 9.84 37.73 -60.72
CA VAL F 135 10.89 36.75 -60.96
C VAL F 135 11.17 36.69 -62.46
N ILE F 136 10.19 37.03 -63.29
CA ILE F 136 10.39 36.98 -64.73
C ILE F 136 11.10 38.23 -65.22
N VAL F 137 10.59 39.41 -64.89
CA VAL F 137 11.15 40.65 -65.44
C VAL F 137 12.59 40.88 -65.02
N PRO F 138 12.95 40.89 -63.72
CA PRO F 138 14.35 41.12 -63.36
C PRO F 138 15.27 39.97 -63.75
N GLY F 139 14.89 38.75 -63.39
CA GLY F 139 15.79 37.62 -63.58
C GLY F 139 16.06 37.29 -65.04
N SER F 140 15.03 37.32 -65.87
CA SER F 140 15.17 36.94 -67.27
C SER F 140 15.46 38.13 -68.17
N LEU F 141 14.57 39.12 -68.18
CA LEU F 141 14.70 40.24 -69.10
C LEU F 141 15.89 41.13 -68.78
N GLY F 142 16.47 41.00 -67.58
CA GLY F 142 17.64 41.78 -67.22
C GLY F 142 17.36 43.21 -66.80
N ILE F 143 16.09 43.61 -66.74
CA ILE F 143 15.77 44.97 -66.31
C ILE F 143 15.99 45.10 -64.81
N TYR F 144 16.74 46.12 -64.41
CA TYR F 144 17.08 46.32 -63.01
C TYR F 144 16.92 47.79 -62.65
N VAL F 145 16.49 48.04 -61.41
CA VAL F 145 16.51 49.41 -60.89
C VAL F 145 17.96 49.85 -60.76
N PRO F 146 18.31 51.09 -61.14
CA PRO F 146 19.73 51.48 -61.24
C PRO F 146 20.63 51.11 -60.06
N THR F 147 20.31 51.60 -58.86
CA THR F 147 21.18 51.35 -57.70
C THR F 147 20.74 50.12 -56.92
N TYR F 148 20.55 49.01 -57.62
CA TYR F 148 20.17 47.76 -56.98
C TYR F 148 21.03 46.63 -57.49
N PRO F 149 21.26 45.60 -56.67
CA PRO F 149 22.14 44.50 -57.10
C PRO F 149 21.60 43.80 -58.33
N GLN F 150 22.52 43.39 -59.21
CA GLN F 150 22.16 42.70 -60.45
C GLN F 150 22.27 41.19 -60.23
N GLU F 151 21.29 40.67 -59.48
CA GLU F 151 21.25 39.26 -59.12
C GLU F 151 20.03 38.60 -59.76
N PRO F 152 20.20 37.85 -60.85
CA PRO F 152 19.07 37.13 -61.47
C PRO F 152 18.71 35.86 -60.72
N ASP F 153 18.39 36.01 -59.44
CA ASP F 153 18.08 34.87 -58.58
C ASP F 153 17.21 35.36 -57.44
N PHE F 154 15.97 34.86 -57.37
CA PHE F 154 15.05 35.31 -56.33
C PHE F 154 15.38 34.73 -54.96
N THR F 155 16.23 33.70 -54.89
CA THR F 155 16.63 33.15 -53.60
C THR F 155 17.72 33.96 -52.92
N LYS F 156 18.31 34.94 -53.61
CA LYS F 156 19.32 35.82 -53.03
C LYS F 156 19.02 37.30 -53.22
N ALA F 157 18.09 37.65 -54.11
CA ALA F 157 17.81 39.05 -54.40
C ALA F 157 17.27 39.77 -53.17
N PHE F 158 16.46 39.09 -52.37
CA PHE F 158 15.90 39.73 -51.18
C PHE F 158 16.99 40.20 -50.24
N SER F 159 17.93 39.31 -49.90
CA SER F 159 19.03 39.70 -49.02
C SER F 159 19.94 40.72 -49.67
N ALA F 160 20.21 40.55 -50.98
CA ALA F 160 21.10 41.47 -51.66
C ALA F 160 20.55 42.89 -51.64
N ALA F 161 19.25 43.06 -51.87
CA ALA F 161 18.64 44.38 -51.77
C ALA F 161 18.47 44.82 -50.32
N LEU F 162 18.33 43.85 -49.40
CA LEU F 162 18.23 44.19 -47.99
C LEU F 162 19.51 44.84 -47.49
N GLN F 163 20.66 44.45 -48.04
CA GLN F 163 21.90 45.11 -47.69
C GLN F 163 22.19 46.33 -48.57
N SER F 164 22.00 46.18 -49.88
CA SER F 164 22.42 47.23 -50.81
C SER F 164 21.59 48.50 -50.63
N ASN F 165 20.27 48.37 -50.59
CA ASN F 165 19.35 49.51 -50.43
C ASN F 165 18.42 49.20 -49.26
N PRO F 166 18.91 49.32 -48.03
CA PRO F 166 18.04 49.06 -46.88
C PRO F 166 16.85 49.99 -46.79
N LEU F 167 17.03 51.25 -47.20
CA LEU F 167 15.93 52.22 -47.11
C LEU F 167 14.78 51.84 -48.04
N GLY F 168 15.10 51.35 -49.24
CA GLY F 168 14.05 50.95 -50.16
C GLY F 168 13.22 49.80 -49.63
N MET F 169 13.90 48.78 -49.08
CA MET F 169 13.17 47.64 -48.51
C MET F 169 12.36 48.06 -47.29
N ALA F 170 12.91 48.95 -46.46
CA ALA F 170 12.15 49.45 -45.32
C ALA F 170 10.89 50.18 -45.76
N GLN F 171 11.00 51.02 -46.79
CA GLN F 171 9.83 51.74 -47.29
C GLN F 171 8.82 50.79 -47.92
N ILE F 172 9.29 49.75 -48.61
CA ILE F 172 8.38 48.75 -49.17
C ILE F 172 7.61 48.05 -48.06
N ALA F 173 8.32 47.65 -47.00
CA ALA F 173 7.66 46.99 -45.88
C ALA F 173 6.66 47.92 -45.20
N LEU F 174 7.01 49.19 -45.03
CA LEU F 174 6.09 50.14 -44.41
C LEU F 174 4.85 50.34 -45.27
N ALA F 175 5.02 50.45 -46.59
CA ALA F 175 3.88 50.61 -47.48
C ALA F 175 2.97 49.39 -47.44
N VAL F 176 3.57 48.19 -47.44
CA VAL F 176 2.78 46.96 -47.37
C VAL F 176 1.99 46.92 -46.07
N ALA F 177 2.65 47.25 -44.95
CA ALA F 177 1.98 47.23 -43.66
C ALA F 177 0.83 48.23 -43.62
N ILE F 178 1.05 49.43 -44.14
CA ILE F 178 -0.01 50.45 -44.14
C ILE F 178 -1.18 49.99 -45.00
N ILE F 179 -0.89 49.46 -46.19
CA ILE F 179 -1.94 49.03 -47.10
C ILE F 179 -2.77 47.92 -46.46
N GLU F 180 -2.12 46.97 -45.79
CA GLU F 180 -2.86 45.88 -45.19
C GLU F 180 -3.63 46.33 -43.96
N GLY F 181 -3.04 47.19 -43.13
CA GLY F 181 -3.74 47.68 -41.96
C GLY F 181 -4.98 48.47 -42.29
N HIS F 182 -4.91 49.27 -43.37
CA HIS F 182 -6.10 50.00 -43.79
C HIS F 182 -7.18 49.06 -44.29
N TYR F 183 -6.78 47.99 -44.97
CA TYR F 183 -7.71 47.00 -45.54
C TYR F 183 -7.76 45.74 -44.69
N TYR F 184 -7.79 45.92 -43.37
CA TYR F 184 -7.76 44.81 -42.44
C TYR F 184 -8.91 43.85 -42.70
N ALA F 185 -8.58 42.55 -42.74
CA ALA F 185 -9.56 41.47 -42.85
C ALA F 185 -9.39 40.59 -41.62
N GLY F 186 -10.04 40.95 -40.54
CA GLY F 186 -9.99 40.16 -39.32
C GLY F 186 -11.36 39.75 -38.87
N ASP F 187 -12.38 40.52 -39.25
CA ASP F 187 -13.76 40.13 -39.03
C ASP F 187 -14.24 39.14 -40.08
N PHE F 188 -13.41 38.86 -41.10
CA PHE F 188 -13.76 37.85 -42.09
C PHE F 188 -13.60 36.44 -41.54
N TRP F 189 -12.81 36.26 -40.48
CA TRP F 189 -12.57 34.93 -39.93
C TRP F 189 -13.87 34.32 -39.41
N THR F 190 -14.68 35.10 -38.71
CA THR F 190 -15.99 34.66 -38.23
C THR F 190 -17.11 35.04 -39.18
N GLY F 191 -16.80 35.66 -40.31
CA GLY F 191 -17.82 36.10 -41.24
C GLY F 191 -18.39 37.44 -40.83
N GLY F 192 -18.47 38.37 -41.77
CA GLY F 192 -18.96 39.71 -41.51
C GLY F 192 -17.94 40.77 -41.83
N GLY F 193 -18.37 42.02 -41.68
CA GLY F 193 -17.54 43.16 -42.01
C GLY F 193 -18.19 44.06 -43.03
N ASP F 194 -17.74 45.31 -43.11
CA ASP F 194 -18.29 46.24 -44.09
C ASP F 194 -17.77 45.99 -45.50
N ARG F 195 -16.51 45.56 -45.63
CA ARG F 195 -15.90 45.38 -46.93
C ARG F 195 -16.42 44.10 -47.60
N GLN F 196 -16.14 43.99 -48.90
CA GLN F 196 -16.37 42.77 -49.65
C GLN F 196 -15.04 42.04 -49.84
N VAL F 197 -15.10 40.89 -50.51
CA VAL F 197 -13.91 40.09 -50.72
C VAL F 197 -13.02 40.80 -51.74
N GLY F 198 -11.88 41.32 -51.28
CA GLY F 198 -10.96 42.01 -52.16
C GLY F 198 -11.53 43.26 -52.79
N ALA F 199 -12.39 43.99 -52.06
CA ALA F 199 -12.98 45.21 -52.59
C ALA F 199 -11.91 46.25 -52.88
N PHE F 200 -11.26 46.76 -51.82
CA PHE F 200 -10.06 47.58 -51.92
C PHE F 200 -10.26 48.87 -52.71
N GLY F 201 -11.48 49.17 -53.14
CA GLY F 201 -11.71 50.30 -54.02
C GLY F 201 -10.89 50.19 -55.29
N PHE F 202 -9.87 51.04 -55.43
CA PHE F 202 -8.78 50.90 -56.40
C PHE F 202 -9.28 50.56 -57.80
N ASP F 203 -9.97 51.52 -58.40
CA ASP F 203 -10.29 51.48 -59.82
C ASP F 203 -9.89 52.80 -60.47
N PRO F 204 -8.57 53.04 -60.62
CA PRO F 204 -8.13 54.30 -61.23
C PRO F 204 -8.57 54.46 -62.67
N LEU F 205 -8.20 53.51 -63.55
CA LEU F 205 -8.48 53.66 -64.97
C LEU F 205 -9.80 53.02 -65.37
N GLY F 206 -10.86 53.31 -64.61
CA GLY F 206 -12.24 53.02 -64.95
C GLY F 206 -12.53 51.74 -65.71
N PHE F 207 -11.86 50.63 -65.36
CA PHE F 207 -12.10 49.38 -66.07
C PHE F 207 -13.47 48.81 -65.75
N SER F 208 -13.98 49.07 -64.55
CA SER F 208 -15.32 48.67 -64.15
C SER F 208 -16.17 49.90 -63.86
N LYS F 209 -16.01 50.94 -64.68
CA LYS F 209 -16.74 52.18 -64.47
C LYS F 209 -18.25 51.96 -64.57
N GLY F 210 -18.72 51.57 -65.76
CA GLY F 210 -20.09 51.15 -65.92
C GLY F 210 -20.18 49.83 -66.65
N LYS F 211 -20.62 48.78 -65.96
CA LYS F 211 -20.68 47.45 -66.54
C LYS F 211 -21.88 46.71 -65.97
N SER F 212 -22.32 45.68 -66.69
CA SER F 212 -23.36 44.81 -66.18
C SER F 212 -22.81 43.98 -65.02
N GLU F 213 -23.73 43.54 -64.16
CA GLU F 213 -23.33 42.73 -63.00
C GLU F 213 -22.64 41.44 -63.45
N ALA F 214 -23.16 40.82 -64.51
CA ALA F 214 -22.52 39.62 -65.04
C ALA F 214 -21.12 39.91 -65.55
N ALA F 215 -20.92 41.08 -66.15
CA ALA F 215 -19.59 41.47 -66.61
C ALA F 215 -18.61 41.62 -65.45
N ILE F 216 -19.06 42.26 -64.37
CA ILE F 216 -18.19 42.43 -63.21
C ILE F 216 -17.88 41.06 -62.58
N LYS F 217 -18.87 40.17 -62.52
CA LYS F 217 -18.62 38.84 -62.00
C LYS F 217 -17.63 38.08 -62.88
N SER F 218 -17.75 38.22 -64.20
CA SER F 218 -16.81 37.57 -65.11
C SER F 218 -15.40 38.11 -64.93
N MET F 219 -15.26 39.43 -64.76
CA MET F 219 -13.93 40.00 -64.53
C MET F 219 -13.34 39.51 -63.21
N GLN F 220 -14.17 39.41 -62.17
CA GLN F 220 -13.70 38.87 -60.90
C GLN F 220 -13.27 37.41 -61.05
N LEU F 221 -14.03 36.62 -61.82
CA LEU F 221 -13.65 35.23 -62.05
C LEU F 221 -12.34 35.14 -62.81
N LYS F 222 -12.14 36.00 -63.81
CA LYS F 222 -10.87 36.03 -64.52
C LYS F 222 -9.72 36.35 -63.57
N GLU F 223 -9.92 37.33 -62.70
CA GLU F 223 -8.89 37.68 -61.73
C GLU F 223 -8.56 36.51 -60.81
N ILE F 224 -9.59 35.83 -60.32
CA ILE F 224 -9.37 34.71 -59.40
C ILE F 224 -8.64 33.57 -60.10
N LYS F 225 -9.03 33.26 -61.34
CA LYS F 225 -8.40 32.16 -62.06
C LYS F 225 -6.94 32.50 -62.40
N ASN F 226 -6.68 33.75 -62.79
CA ASN F 226 -5.30 34.15 -63.05
C ASN F 226 -4.47 34.12 -61.77
N GLY F 227 -5.08 34.48 -60.64
CA GLY F 227 -4.37 34.37 -59.37
C GLY F 227 -4.03 32.93 -59.03
N ARG F 228 -4.97 32.01 -59.27
CA ARG F 228 -4.69 30.59 -59.04
C ARG F 228 -3.57 30.11 -59.94
N LEU F 229 -3.59 30.53 -61.21
CA LEU F 229 -2.53 30.15 -62.14
C LEU F 229 -1.17 30.67 -61.67
N ALA F 230 -1.14 31.90 -61.17
CA ALA F 230 0.10 32.47 -60.66
C ALA F 230 0.57 31.73 -59.41
N MET F 231 -0.36 31.35 -58.54
CA MET F 231 -0.03 30.51 -57.40
C MET F 231 0.68 29.24 -57.86
N ILE F 232 0.09 28.59 -58.87
CA ILE F 232 0.66 27.34 -59.39
C ILE F 232 2.04 27.58 -59.97
N ALA F 233 2.21 28.68 -60.72
CA ALA F 233 3.51 28.97 -61.32
C ALA F 233 4.57 29.22 -60.25
N MET F 234 4.22 29.97 -59.20
CA MET F 234 5.20 30.25 -58.14
C MET F 234 5.53 28.98 -57.35
N ALA F 235 4.53 28.15 -57.10
CA ALA F 235 4.79 26.86 -56.45
C ALA F 235 5.70 26.01 -57.31
N ALA F 236 5.51 26.05 -58.63
CA ALA F 236 6.39 25.31 -59.54
C ALA F 236 7.82 25.85 -59.49
N PHE F 237 7.98 27.18 -59.44
CA PHE F 237 9.30 27.77 -59.27
C PHE F 237 9.97 27.23 -58.01
N ALA F 238 9.25 27.30 -56.88
CA ALA F 238 9.83 26.84 -55.62
C ALA F 238 10.16 25.35 -55.66
N SER F 239 9.29 24.54 -56.26
CA SER F 239 9.52 23.11 -56.33
C SER F 239 10.74 22.78 -57.18
N GLU F 240 10.87 23.44 -58.34
CA GLU F 240 12.03 23.17 -59.20
C GLU F 240 13.31 23.62 -58.54
N LYS F 241 13.27 24.74 -57.80
CA LYS F 241 14.46 25.15 -57.06
C LYS F 241 14.83 24.15 -55.97
N PHE F 242 13.83 23.59 -55.29
CA PHE F 242 14.10 22.63 -54.23
C PHE F 242 14.38 21.24 -54.79
N ILE F 243 13.43 20.66 -55.51
CA ILE F 243 13.57 19.34 -56.11
C ILE F 243 13.82 19.54 -57.60
N PRO F 244 15.05 19.35 -58.09
CA PRO F 244 15.32 19.56 -59.51
C PRO F 244 14.54 18.58 -60.37
N GLY F 245 14.13 19.05 -61.55
CA GLY F 245 13.34 18.23 -62.44
C GLY F 245 11.88 18.08 -62.06
N SER F 246 11.34 18.86 -61.15
CA SER F 246 9.95 18.67 -60.75
C SER F 246 9.02 19.23 -61.78
N VAL F 247 9.39 20.34 -62.41
CA VAL F 247 8.64 20.89 -63.53
C VAL F 247 9.49 20.72 -64.78
N PRO F 248 9.12 19.82 -65.70
CA PRO F 248 10.03 19.50 -66.81
C PRO F 248 10.27 20.67 -67.76
N LEU F 249 9.21 21.31 -68.23
CA LEU F 249 9.32 22.34 -69.25
C LEU F 249 9.79 23.68 -68.71
N LEU F 250 9.96 23.81 -67.39
CA LEU F 250 10.19 25.13 -66.79
C LEU F 250 11.47 25.77 -67.34
N HIS F 251 12.59 25.05 -67.30
CA HIS F 251 13.85 25.63 -67.75
C HIS F 251 13.89 25.79 -69.26
N SER F 252 13.01 25.11 -70.00
CA SER F 252 12.87 25.31 -71.44
C SER F 252 11.90 26.42 -71.78
N ALA F 253 11.17 26.94 -70.78
CA ALA F 253 10.24 28.04 -70.99
C ALA F 253 10.72 29.34 -70.37
N PHE F 254 11.69 29.30 -69.47
CA PHE F 254 12.37 30.48 -68.95
C PHE F 254 13.86 30.18 -69.10
N PRO F 255 14.40 30.34 -70.30
CA PRO F 255 15.77 29.84 -70.58
C PRO F 255 16.82 30.43 -69.65
N THR F 256 16.67 31.68 -69.24
CA THR F 256 17.57 32.28 -68.27
C THR F 256 17.00 32.12 -66.87
N LEU F 257 17.90 32.18 -65.88
CA LEU F 257 17.52 32.00 -64.49
C LEU F 257 16.53 33.07 -64.02
N SER G 35 -22.30 -78.96 50.86
CA SER G 35 -21.67 -79.70 49.77
C SER G 35 -21.44 -81.16 50.14
N LYS G 36 -20.91 -81.92 49.18
CA LYS G 36 -20.51 -83.30 49.42
C LYS G 36 -19.01 -83.47 49.56
N ALA G 37 -18.24 -82.43 49.25
CA ALA G 37 -16.81 -82.38 49.52
C ALA G 37 -16.47 -81.01 50.10
N VAL G 38 -15.45 -80.98 50.95
CA VAL G 38 -15.13 -79.78 51.74
C VAL G 38 -16.39 -79.36 52.49
N PRO G 39 -16.81 -80.11 53.50
CA PRO G 39 -18.13 -79.85 54.10
C PRO G 39 -18.24 -78.53 54.84
N PHE G 40 -17.14 -77.89 55.21
CA PHE G 40 -17.23 -76.63 55.93
C PHE G 40 -17.48 -75.44 55.00
N LEU G 41 -17.56 -75.67 53.70
CA LEU G 41 -18.04 -74.67 52.74
C LEU G 41 -19.32 -75.19 52.13
N GLU G 42 -20.37 -74.38 52.16
CA GLU G 42 -21.70 -74.83 51.74
C GLU G 42 -21.70 -75.22 50.27
N ALA G 43 -21.47 -74.27 49.39
CA ALA G 43 -21.49 -74.48 47.95
C ALA G 43 -21.00 -73.20 47.28
N PRO G 44 -20.47 -73.30 46.05
CA PRO G 44 -20.05 -72.08 45.34
C PRO G 44 -21.20 -71.10 45.16
N LYS G 45 -22.23 -71.53 44.43
CA LYS G 45 -23.46 -70.77 44.16
C LYS G 45 -24.20 -71.42 42.99
N ALA G 46 -23.45 -71.93 42.02
CA ALA G 46 -24.03 -72.47 40.79
C ALA G 46 -23.88 -73.97 40.66
N LEU G 47 -23.18 -74.63 41.59
CA LEU G 47 -23.01 -76.08 41.54
C LEU G 47 -24.21 -76.78 42.17
N ASP G 48 -25.38 -76.58 41.54
CA ASP G 48 -26.60 -77.18 42.05
C ASP G 48 -26.59 -78.70 41.88
N GLY G 49 -26.06 -79.18 40.76
CA GLY G 49 -26.06 -80.61 40.48
C GLY G 49 -26.56 -80.93 39.09
N SER G 50 -26.88 -79.89 38.32
CA SER G 50 -27.36 -80.08 36.95
C SER G 50 -26.26 -80.56 36.01
N LEU G 51 -25.00 -80.49 36.42
CA LEU G 51 -23.90 -81.00 35.60
C LEU G 51 -23.42 -82.34 36.12
N PRO G 52 -23.06 -83.26 35.22
CA PRO G 52 -22.58 -84.57 35.67
C PRO G 52 -21.26 -84.46 36.41
N ALA G 53 -20.95 -85.51 37.17
CA ALA G 53 -19.72 -85.59 37.97
C ALA G 53 -19.62 -84.46 38.98
N ASP G 54 -20.76 -83.98 39.47
CA ASP G 54 -20.79 -82.86 40.40
C ASP G 54 -20.76 -83.40 41.83
N VAL G 55 -19.75 -82.98 42.59
CA VAL G 55 -19.69 -83.25 44.02
C VAL G 55 -19.71 -81.97 44.85
N GLY G 56 -19.51 -80.81 44.24
CA GLY G 56 -19.51 -79.55 44.94
C GLY G 56 -18.15 -78.99 45.28
N PHE G 57 -17.08 -79.60 44.81
CA PHE G 57 -15.73 -79.17 45.14
C PHE G 57 -15.35 -77.97 44.30
N ASP G 58 -15.35 -76.79 44.93
CA ASP G 58 -14.91 -75.56 44.31
C ASP G 58 -14.59 -74.54 45.40
N PRO G 59 -13.49 -74.73 46.13
CA PRO G 59 -13.21 -73.84 47.28
C PRO G 59 -13.08 -72.38 46.91
N LEU G 60 -12.50 -72.07 45.75
CA LEU G 60 -12.24 -70.70 45.36
C LEU G 60 -13.45 -70.02 44.74
N GLY G 61 -14.56 -70.73 44.56
CA GLY G 61 -15.74 -70.12 43.95
C GLY G 61 -15.49 -69.65 42.53
N LEU G 62 -14.76 -70.42 41.73
CA LEU G 62 -14.43 -70.00 40.38
C LEU G 62 -15.62 -70.13 39.44
N SER G 63 -16.65 -70.88 39.82
CA SER G 63 -17.81 -71.09 38.97
C SER G 63 -18.84 -69.98 39.08
N ASP G 64 -18.43 -68.79 39.53
CA ASP G 64 -19.35 -67.66 39.69
C ASP G 64 -18.86 -66.40 38.98
N ILE G 65 -17.80 -66.48 38.18
CA ILE G 65 -17.32 -65.33 37.44
C ILE G 65 -18.37 -64.93 36.42
N GLY G 66 -18.72 -63.63 36.40
CA GLY G 66 -19.73 -63.15 35.48
C GLY G 66 -19.28 -62.99 34.05
N PHE G 67 -17.99 -63.16 33.78
CA PHE G 67 -17.48 -63.01 32.43
C PHE G 67 -17.91 -64.18 31.56
N ASP G 68 -18.55 -63.88 30.43
CA ASP G 68 -18.92 -64.89 29.46
C ASP G 68 -17.71 -65.16 28.58
N PHE G 69 -17.07 -66.32 28.78
CA PHE G 69 -15.81 -66.61 28.12
C PHE G 69 -15.97 -66.87 26.63
N THR G 70 -17.20 -66.99 26.12
CA THR G 70 -17.39 -67.05 24.68
C THR G 70 -16.91 -65.76 24.02
N TYR G 71 -16.89 -64.65 24.76
CA TYR G 71 -16.36 -63.40 24.25
C TYR G 71 -14.86 -63.45 24.05
N LEU G 72 -14.17 -64.45 24.61
CA LEU G 72 -12.78 -64.67 24.24
C LEU G 72 -12.66 -65.20 22.82
N MET G 73 -13.73 -65.80 22.29
CA MET G 73 -13.76 -66.27 20.92
C MET G 73 -14.37 -65.21 20.00
N VAL G 74 -15.62 -64.85 20.24
CA VAL G 74 -16.28 -63.77 19.52
C VAL G 74 -16.25 -62.54 20.41
N PRO G 75 -15.31 -61.62 20.20
CA PRO G 75 -15.12 -60.51 21.16
C PRO G 75 -16.35 -59.64 21.35
N THR G 76 -17.18 -59.50 20.34
CA THR G 76 -18.38 -58.69 20.43
C THR G 76 -19.61 -59.58 20.55
N LYS G 77 -20.72 -58.97 20.99
CA LYS G 77 -21.98 -59.68 21.06
C LYS G 77 -22.39 -60.23 19.70
N TRP G 78 -22.04 -59.51 18.63
CA TRP G 78 -22.24 -59.94 17.24
C TRP G 78 -23.71 -60.18 16.93
N ASP G 79 -24.32 -61.19 17.57
CA ASP G 79 -25.70 -61.55 17.33
C ASP G 79 -26.59 -60.94 18.41
N GLU G 80 -27.75 -60.45 17.98
CA GLU G 80 -28.71 -59.91 18.94
C GLU G 80 -29.37 -61.00 19.78
N SER G 81 -29.31 -62.24 19.33
CA SER G 81 -29.85 -63.37 20.08
C SER G 81 -28.84 -63.99 21.02
N ARG G 82 -27.64 -63.42 21.11
CA ARG G 82 -26.60 -63.96 21.99
C ARG G 82 -26.93 -63.62 23.44
N THR G 83 -27.75 -64.46 24.08
CA THR G 83 -28.11 -64.22 25.48
C THR G 83 -26.89 -64.31 26.38
N GLY G 84 -25.99 -65.25 26.11
CA GLY G 84 -24.79 -65.41 26.89
C GLY G 84 -24.60 -66.82 27.40
N LEU G 85 -23.37 -67.18 27.73
CA LEU G 85 -23.05 -68.50 28.25
C LEU G 85 -22.48 -68.36 29.65
N SER G 86 -22.99 -69.14 30.59
CA SER G 86 -22.50 -69.11 31.95
C SER G 86 -21.05 -69.59 32.00
N ALA G 87 -20.29 -69.01 32.92
CA ALA G 87 -18.90 -69.43 33.08
C ALA G 87 -18.79 -70.88 33.51
N LEU G 88 -19.80 -71.40 34.20
CA LEU G 88 -19.79 -72.80 34.63
C LEU G 88 -19.84 -73.74 33.43
N LYS G 89 -20.69 -73.45 32.45
CA LYS G 89 -20.78 -74.30 31.27
C LYS G 89 -19.49 -74.25 30.45
N TRP G 90 -18.91 -73.05 30.30
CA TRP G 90 -17.64 -72.94 29.62
C TRP G 90 -16.55 -73.72 30.35
N PHE G 91 -16.56 -73.66 31.68
CA PHE G 91 -15.58 -74.41 32.46
C PHE G 91 -15.79 -75.91 32.33
N ARG G 92 -17.05 -76.36 32.25
CA ARG G 92 -17.31 -77.78 32.04
C ARG G 92 -16.81 -78.24 30.67
N GLU G 93 -17.06 -77.44 29.63
CA GLU G 93 -16.53 -77.78 28.32
C GLU G 93 -15.01 -77.82 28.33
N ALA G 94 -14.38 -76.84 28.98
CA ALA G 94 -12.93 -76.81 29.07
C ALA G 94 -12.39 -78.01 29.84
N GLU G 95 -13.08 -78.41 30.91
CA GLU G 95 -12.64 -79.55 31.71
C GLU G 95 -12.76 -80.84 30.91
N ILE G 96 -13.85 -81.02 30.18
CA ILE G 96 -14.00 -82.22 29.36
C ILE G 96 -12.93 -82.27 28.28
N LYS G 97 -12.69 -81.12 27.61
CA LYS G 97 -11.67 -81.07 26.57
C LYS G 97 -10.29 -81.35 27.15
N HIS G 98 -9.98 -80.77 28.31
CA HIS G 98 -8.72 -81.01 28.98
C HIS G 98 -8.56 -82.48 29.33
N GLY G 99 -9.63 -83.11 29.82
CA GLY G 99 -9.55 -84.52 30.16
C GLY G 99 -9.28 -85.39 28.96
N ARG G 100 -9.98 -85.15 27.85
CA ARG G 100 -9.74 -85.92 26.65
C ARG G 100 -8.32 -85.72 26.14
N PHE G 101 -7.86 -84.47 26.11
CA PHE G 101 -6.49 -84.19 25.69
C PHE G 101 -5.48 -84.91 26.57
N ALA G 102 -5.69 -84.89 27.89
CA ALA G 102 -4.74 -85.51 28.82
C ALA G 102 -4.75 -87.02 28.70
N MET G 103 -5.93 -87.62 28.49
CA MET G 103 -6.00 -89.06 28.31
C MET G 103 -5.23 -89.50 27.06
N LEU G 104 -5.48 -88.83 25.94
CA LEU G 104 -4.73 -89.14 24.72
C LEU G 104 -3.24 -88.87 24.91
N ALA G 105 -2.91 -87.80 25.65
CA ALA G 105 -1.52 -87.44 25.85
C ALA G 105 -0.77 -88.47 26.68
N VAL G 106 -1.39 -88.96 27.76
CA VAL G 106 -0.71 -89.97 28.57
C VAL G 106 -0.60 -91.27 27.80
N LEU G 107 -1.61 -91.60 26.99
CA LEU G 107 -1.49 -92.77 26.13
C LEU G 107 -0.31 -92.66 25.19
N GLY G 108 -0.16 -91.50 24.54
CA GLY G 108 0.96 -91.31 23.62
C GLY G 108 2.31 -91.30 24.31
N TRP G 109 2.41 -90.61 25.45
CA TRP G 109 3.68 -90.54 26.16
C TRP G 109 4.10 -91.91 26.69
N VAL G 110 3.14 -92.69 27.19
CA VAL G 110 3.45 -94.04 27.62
C VAL G 110 3.84 -94.92 26.44
N ALA G 111 3.20 -94.71 25.29
CA ALA G 111 3.52 -95.50 24.10
C ALA G 111 4.97 -95.28 23.66
N VAL G 112 5.41 -94.02 23.62
CA VAL G 112 6.76 -93.73 23.15
C VAL G 112 7.83 -94.06 24.19
N ASP G 113 7.44 -94.37 25.42
CA ASP G 113 8.40 -94.86 26.41
C ASP G 113 8.72 -96.34 26.19
N MET G 114 7.73 -97.12 25.76
CA MET G 114 7.89 -98.54 25.53
C MET G 114 8.12 -98.88 24.06
N GLY G 115 8.60 -97.93 23.28
CA GLY G 115 8.84 -98.15 21.86
C GLY G 115 7.67 -97.65 21.02
N LEU G 116 7.13 -98.52 20.17
CA LEU G 116 5.91 -98.26 19.42
C LEU G 116 6.05 -96.98 18.57
N ARG G 117 6.94 -97.07 17.58
CA ARG G 117 7.15 -95.99 16.64
C ARG G 117 6.32 -96.20 15.38
N LEU G 118 5.98 -95.10 14.73
CA LEU G 118 5.14 -95.16 13.54
C LEU G 118 5.87 -95.91 12.42
N PRO G 119 5.16 -96.73 11.64
CA PRO G 119 5.82 -97.50 10.57
C PRO G 119 6.28 -96.62 9.43
N VAL G 120 7.25 -95.75 9.71
CA VAL G 120 7.79 -94.83 8.71
C VAL G 120 9.14 -94.36 9.22
N ALA G 121 9.96 -93.81 8.33
CA ALA G 121 11.27 -93.30 8.70
C ALA G 121 11.13 -92.09 9.62
N LYS G 122 12.28 -91.51 9.98
CA LYS G 122 12.42 -90.24 10.69
C LYS G 122 11.77 -90.24 12.07
N TYR G 123 11.23 -91.38 12.50
CA TYR G 123 10.75 -91.58 13.87
C TYR G 123 11.54 -92.74 14.45
N ALA G 124 12.75 -92.47 14.94
CA ALA G 124 13.63 -93.56 15.37
C ALA G 124 13.39 -93.96 16.83
N GLY G 125 13.84 -93.13 17.77
CA GLY G 125 13.70 -93.47 19.17
C GLY G 125 13.67 -92.32 20.16
N TYR G 126 13.60 -91.08 19.68
CA TYR G 126 14.05 -89.97 20.50
C TYR G 126 13.08 -89.60 21.61
N ASN G 127 12.80 -90.57 22.49
CA ASN G 127 11.99 -90.45 23.71
C ASN G 127 10.76 -89.57 23.53
N ALA G 128 10.32 -88.95 24.62
CA ALA G 128 9.23 -87.97 24.57
C ALA G 128 9.67 -86.59 25.05
N VAL G 129 10.72 -86.51 25.85
CA VAL G 129 11.23 -85.22 26.32
C VAL G 129 11.98 -84.50 25.21
N GLN G 130 12.36 -85.20 24.14
CA GLN G 130 13.09 -84.60 23.05
C GLN G 130 12.44 -84.80 21.68
N ALA G 131 11.48 -85.71 21.56
CA ALA G 131 10.81 -85.91 20.28
C ALA G 131 10.00 -84.70 19.87
N HIS G 132 9.41 -83.99 20.85
CA HIS G 132 8.60 -82.82 20.55
C HIS G 132 9.40 -81.78 19.77
N ASP G 133 10.59 -81.44 20.27
CA ASP G 133 11.40 -80.41 19.62
C ASP G 133 11.91 -80.88 18.25
N VAL G 134 12.38 -82.12 18.16
CA VAL G 134 12.94 -82.59 16.90
C VAL G 134 11.85 -82.69 15.83
N PHE G 135 10.61 -82.95 16.23
CA PHE G 135 9.54 -83.00 15.25
C PHE G 135 8.99 -81.62 14.94
N VAL G 136 9.04 -80.69 15.90
CA VAL G 136 8.74 -79.29 15.59
C VAL G 136 9.72 -78.79 14.54
N LYS G 137 10.98 -79.22 14.64
CA LYS G 137 11.96 -78.89 13.61
C LYS G 137 11.58 -79.50 12.26
N SER G 138 11.12 -80.74 12.27
CA SER G 138 10.85 -81.45 11.01
C SER G 138 9.41 -81.27 10.53
N GLY G 139 8.97 -80.01 10.53
CA GLY G 139 7.82 -79.57 9.77
C GLY G 139 6.50 -80.32 9.85
N ASP G 140 6.38 -81.30 10.76
CA ASP G 140 5.13 -82.04 10.88
C ASP G 140 4.33 -81.70 12.13
N MET G 141 4.98 -81.18 13.18
CA MET G 141 4.23 -80.63 14.29
C MET G 141 3.43 -79.41 13.85
N THR G 142 3.93 -78.66 12.85
CA THR G 142 3.14 -77.57 12.29
C THR G 142 1.89 -78.10 11.60
N VAL G 143 2.02 -79.21 10.87
CA VAL G 143 0.85 -79.82 10.24
C VAL G 143 -0.15 -80.29 11.30
N GLY G 144 0.36 -80.91 12.37
CA GLY G 144 -0.52 -81.29 13.46
C GLY G 144 -1.20 -80.11 14.10
N LEU G 145 -0.48 -79.00 14.25
CA LEU G 145 -1.07 -77.78 14.77
C LEU G 145 -2.19 -77.29 13.87
N LEU G 146 -1.97 -77.31 12.55
CA LEU G 146 -3.01 -76.85 11.63
C LEU G 146 -4.24 -77.73 11.70
N ALA G 147 -4.06 -79.06 11.72
CA ALA G 147 -5.20 -79.96 11.75
C ALA G 147 -5.98 -79.85 13.06
N ILE G 148 -5.25 -79.83 14.18
CA ILE G 148 -5.90 -79.69 15.47
C ILE G 148 -6.61 -78.35 15.57
N GLY G 149 -6.01 -77.30 15.02
CA GLY G 149 -6.67 -76.01 15.02
C GLY G 149 -7.92 -75.98 14.19
N PHE G 150 -7.92 -76.69 13.06
CA PHE G 150 -9.13 -76.80 12.24
C PHE G 150 -10.26 -77.46 13.03
N LEU G 151 -9.96 -78.59 13.66
CA LEU G 151 -10.98 -79.28 14.46
C LEU G 151 -11.42 -78.40 15.63
N GLU G 152 -10.48 -77.72 16.27
CA GLU G 152 -10.80 -76.85 17.39
C GLU G 152 -11.68 -75.70 16.97
N VAL G 153 -11.45 -75.14 15.77
CA VAL G 153 -12.27 -74.04 15.29
C VAL G 153 -13.69 -74.52 15.01
N VAL G 154 -13.84 -75.71 14.40
CA VAL G 154 -15.19 -76.22 14.16
C VAL G 154 -15.94 -76.43 15.48
N MET G 155 -15.29 -77.09 16.43
CA MET G 155 -15.97 -77.37 17.69
C MET G 155 -16.12 -76.13 18.57
N GLY G 156 -15.28 -75.11 18.36
CA GLY G 156 -15.50 -73.85 19.03
C GLY G 156 -16.65 -73.07 18.42
N ALA G 157 -16.88 -73.25 17.12
CA ALA G 157 -18.12 -72.74 16.54
C ALA G 157 -19.32 -73.42 17.18
N ALA G 158 -19.18 -74.71 17.49
CA ALA G 158 -20.22 -75.39 18.27
C ALA G 158 -20.41 -74.74 19.63
N ILE G 159 -19.31 -74.43 20.32
CA ILE G 159 -19.41 -73.75 21.62
C ILE G 159 -20.10 -72.39 21.49
N TYR G 160 -19.76 -71.65 20.44
CA TYR G 160 -20.38 -70.35 20.21
C TYR G 160 -21.87 -70.48 19.94
N GLU G 161 -22.27 -71.50 19.19
CA GLU G 161 -23.71 -71.72 18.99
C GLU G 161 -24.40 -72.07 20.30
N MET G 162 -23.72 -72.84 21.16
CA MET G 162 -24.25 -73.11 22.49
C MET G 162 -24.45 -71.82 23.28
N SER G 163 -23.50 -70.90 23.18
CA SER G 163 -23.67 -69.60 23.82
C SER G 163 -24.85 -68.84 23.20
N LYS G 164 -25.01 -68.94 21.89
CA LYS G 164 -26.16 -68.33 21.22
C LYS G 164 -27.47 -68.90 21.73
N GLY G 165 -27.46 -70.15 22.20
CA GLY G 165 -28.64 -70.71 22.80
C GLY G 165 -29.09 -72.03 22.21
N SER G 166 -28.18 -72.76 21.59
CA SER G 166 -28.49 -74.10 21.12
C SER G 166 -28.59 -75.06 22.30
N ASP G 167 -29.38 -76.11 22.12
CA ASP G 167 -29.61 -77.08 23.19
C ASP G 167 -28.39 -77.94 23.47
N ARG G 168 -27.36 -77.88 22.63
CA ARG G 168 -26.18 -78.71 22.82
C ARG G 168 -25.54 -78.44 24.18
N ALA G 169 -25.22 -79.51 24.90
CA ALA G 169 -24.57 -79.40 26.19
C ALA G 169 -23.05 -79.37 26.03
N ALA G 170 -22.37 -78.98 27.11
CA ALA G 170 -20.92 -78.85 27.07
C ALA G 170 -20.27 -80.20 26.82
N GLY G 171 -19.33 -80.25 25.89
CA GLY G 171 -18.62 -81.47 25.56
C GLY G 171 -19.40 -82.45 24.72
N GLU G 172 -20.60 -82.11 24.29
CA GLU G 172 -21.46 -83.02 23.52
C GLU G 172 -21.29 -82.71 22.04
N PHE G 173 -20.47 -83.51 21.37
CA PHE G 173 -20.28 -83.40 19.93
C PHE G 173 -21.05 -84.48 19.17
N SER G 174 -21.92 -85.23 19.86
CA SER G 174 -22.75 -86.27 19.25
C SER G 174 -21.89 -87.31 18.53
N PHE G 175 -20.74 -87.63 19.11
CA PHE G 175 -19.79 -88.58 18.51
C PHE G 175 -19.97 -89.92 19.20
N ASP G 176 -20.87 -90.74 18.66
CA ASP G 176 -21.09 -92.11 19.12
C ASP G 176 -21.16 -93.04 17.91
N PRO G 177 -20.02 -93.25 17.24
CA PRO G 177 -20.04 -94.10 16.04
C PRO G 177 -20.29 -95.57 16.35
N LEU G 178 -19.58 -96.11 17.35
CA LEU G 178 -19.75 -97.50 17.71
C LEU G 178 -21.06 -97.76 18.43
N GLY G 179 -21.68 -96.72 19.00
CA GLY G 179 -23.01 -96.85 19.56
C GLY G 179 -23.10 -97.28 21.00
N LEU G 180 -22.01 -97.22 21.76
CA LEU G 180 -22.09 -97.54 23.19
C LEU G 180 -22.48 -96.31 24.01
N GLY G 181 -23.50 -95.61 23.56
CA GLY G 181 -23.90 -94.37 24.19
C GLY G 181 -25.39 -94.28 24.44
N LYS G 182 -26.12 -95.31 24.04
CA LYS G 182 -27.55 -95.39 24.29
C LYS G 182 -27.76 -95.83 25.75
N ASP G 183 -29.00 -96.20 26.09
CA ASP G 183 -29.35 -96.55 27.46
C ASP G 183 -28.95 -95.42 28.41
N PRO G 184 -29.74 -94.32 28.45
CA PRO G 184 -29.34 -93.10 29.18
C PRO G 184 -28.59 -93.31 30.49
N SER G 185 -28.93 -94.36 31.24
CA SER G 185 -28.16 -94.67 32.45
C SER G 185 -26.69 -94.95 32.10
N LYS G 186 -26.47 -95.72 31.04
CA LYS G 186 -25.10 -95.97 30.59
C LYS G 186 -24.43 -94.68 30.14
N TYR G 187 -25.18 -93.79 29.48
CA TYR G 187 -24.61 -92.51 29.06
C TYR G 187 -24.18 -91.66 30.26
N ALA G 188 -25.00 -91.61 31.30
CA ALA G 188 -24.64 -90.84 32.48
C ALA G 188 -23.44 -91.44 33.20
N ARG G 189 -23.43 -92.77 33.33
CA ARG G 189 -22.28 -93.43 33.95
C ARG G 189 -21.01 -93.17 33.16
N TYR G 190 -21.08 -93.28 31.83
CA TYR G 190 -19.93 -93.01 30.99
C TYR G 190 -19.51 -91.55 31.05
N GLN G 191 -20.46 -90.64 31.19
CA GLN G 191 -20.14 -89.24 31.41
C GLN G 191 -19.26 -89.08 32.64
N VAL G 192 -19.82 -89.41 33.81
CA VAL G 192 -19.09 -89.26 35.07
C VAL G 192 -17.74 -89.99 34.97
N SER G 193 -17.72 -91.13 34.30
CA SER G 193 -16.48 -91.87 34.10
C SER G 193 -15.48 -91.04 33.31
N GLU G 194 -15.94 -90.40 32.23
CA GLU G 194 -15.04 -89.63 31.37
C GLU G 194 -14.47 -88.43 32.11
N ILE G 195 -15.31 -87.71 32.87
CA ILE G 195 -14.80 -86.55 33.59
C ILE G 195 -13.83 -86.97 34.70
N LYS G 196 -14.15 -88.03 35.45
CA LYS G 196 -13.23 -88.48 36.50
C LYS G 196 -11.92 -88.97 35.90
N ASN G 197 -12.00 -89.74 34.81
CA ASN G 197 -10.79 -90.22 34.13
C ASN G 197 -9.98 -89.06 33.59
N GLY G 198 -10.66 -88.01 33.13
CA GLY G 198 -9.95 -86.84 32.63
C GLY G 198 -9.21 -86.11 33.72
N ARG G 199 -9.83 -85.97 34.89
CA ARG G 199 -9.12 -85.36 36.03
C ARG G 199 -7.90 -86.19 36.41
N LEU G 200 -8.09 -87.52 36.51
CA LEU G 200 -6.96 -88.40 36.82
C LEU G 200 -5.86 -88.28 35.78
N ALA G 201 -6.24 -88.21 34.51
CA ALA G 201 -5.25 -88.13 33.43
C ALA G 201 -4.55 -86.79 33.40
N MET G 202 -5.25 -85.70 33.73
CA MET G 202 -4.60 -84.40 33.85
C MET G 202 -3.49 -84.47 34.90
N LEU G 203 -3.84 -84.96 36.09
CA LEU G 203 -2.86 -85.02 37.17
C LEU G 203 -1.72 -85.99 36.83
N ALA G 204 -2.06 -87.12 36.20
CA ALA G 204 -1.05 -88.10 35.83
C ALA G 204 -0.09 -87.54 34.78
N PHE G 205 -0.61 -86.80 33.80
CA PHE G 205 0.26 -86.18 32.81
C PHE G 205 1.14 -85.11 33.44
N GLY G 206 0.58 -84.34 34.36
CA GLY G 206 1.41 -83.39 35.09
C GLY G 206 2.56 -84.06 35.80
N GLY G 207 2.28 -85.17 36.47
CA GLY G 207 3.34 -85.92 37.13
C GLY G 207 4.35 -86.48 36.15
N ILE G 208 3.87 -87.08 35.05
CA ILE G 208 4.74 -87.73 34.09
C ILE G 208 5.69 -86.72 33.46
N ALA G 209 5.15 -85.57 33.04
CA ALA G 209 5.99 -84.53 32.46
C ALA G 209 6.91 -83.91 33.49
N THR G 210 6.46 -83.78 34.74
CA THR G 210 7.32 -83.24 35.77
C THR G 210 8.41 -84.24 36.17
N GLN G 211 8.04 -85.52 36.33
CA GLN G 211 9.00 -86.55 36.71
C GLN G 211 9.90 -86.98 35.56
N ALA G 212 9.56 -86.61 34.32
CA ALA G 212 10.20 -87.15 33.13
C ALA G 212 10.12 -88.68 33.10
N VAL G 213 9.01 -89.21 33.64
CA VAL G 213 8.70 -90.63 33.71
C VAL G 213 9.64 -91.35 34.67
N LEU G 214 9.06 -92.09 35.62
CA LEU G 214 9.81 -92.97 36.50
C LEU G 214 9.39 -94.43 36.39
N THR G 215 8.13 -94.70 36.06
CA THR G 215 7.65 -96.09 36.00
C THR G 215 8.16 -96.83 34.77
N ASN G 216 8.50 -96.12 33.69
CA ASN G 216 8.92 -96.77 32.46
C ASN G 216 10.24 -96.24 31.92
N SER G 217 10.83 -95.23 32.54
CA SER G 217 12.10 -94.65 32.08
C SER G 217 12.72 -93.90 33.24
N GLY G 218 13.79 -93.16 32.96
CA GLY G 218 14.51 -92.45 34.00
C GLY G 218 14.49 -90.94 33.84
N PHE G 219 14.79 -90.23 34.91
CA PHE G 219 14.84 -88.77 34.91
C PHE G 219 15.95 -88.27 34.00
N LYS H 36 -13.04 84.14 -33.88
CA LYS H 36 -13.64 84.30 -32.56
C LYS H 36 -12.57 84.63 -31.51
N SER H 37 -11.35 84.18 -31.76
CA SER H 37 -10.26 84.39 -30.82
C SER H 37 -9.79 85.85 -30.86
N LYS H 38 -9.35 86.34 -29.69
CA LYS H 38 -8.84 87.70 -29.61
C LYS H 38 -7.40 87.80 -30.07
N ALA H 39 -6.58 86.80 -29.74
CA ALA H 39 -5.18 86.82 -30.14
C ALA H 39 -5.01 86.38 -31.59
N VAL H 40 -5.66 85.31 -32.00
CA VAL H 40 -5.55 84.82 -33.38
C VAL H 40 -6.88 85.04 -34.08
N PRO H 41 -7.02 86.12 -34.86
CA PRO H 41 -8.31 86.37 -35.52
C PRO H 41 -8.71 85.28 -36.50
N PHE H 42 -7.75 84.63 -37.15
CA PHE H 42 -8.08 83.58 -38.11
C PHE H 42 -8.68 82.37 -37.41
N LEU H 43 -7.93 81.76 -36.48
CA LEU H 43 -8.38 80.55 -35.82
C LEU H 43 -9.50 80.87 -34.83
N PRO H 44 -10.40 79.92 -34.59
CA PRO H 44 -11.49 80.15 -33.64
C PRO H 44 -10.99 80.23 -32.21
N ARG H 45 -11.81 80.83 -31.36
CA ARG H 45 -11.47 80.98 -29.96
C ARG H 45 -11.37 79.60 -29.30
N PRO H 46 -10.38 79.37 -28.45
CA PRO H 46 -10.29 78.08 -27.74
C PRO H 46 -11.52 77.84 -26.89
N ALA H 47 -11.95 76.57 -26.83
CA ALA H 47 -13.18 76.23 -26.14
C ALA H 47 -13.07 76.42 -24.63
N ALA H 48 -11.89 76.17 -24.06
CA ALA H 48 -11.71 76.24 -22.62
C ALA H 48 -11.34 77.63 -22.12
N LEU H 49 -11.08 78.57 -23.01
CA LEU H 49 -10.67 79.93 -22.64
C LEU H 49 -11.83 80.88 -22.90
N ASP H 50 -12.56 81.23 -21.84
CA ASP H 50 -13.62 82.23 -21.91
C ASP H 50 -13.27 83.50 -21.15
N GLY H 51 -12.91 83.39 -19.87
CA GLY H 51 -12.51 84.54 -19.09
C GLY H 51 -11.68 84.15 -17.89
N SER H 52 -10.51 84.78 -17.75
CA SER H 52 -9.65 84.57 -16.60
C SER H 52 -8.74 85.78 -16.48
N VAL H 53 -8.58 86.28 -15.26
CA VAL H 53 -7.83 87.51 -15.00
C VAL H 53 -6.35 87.28 -15.22
N VAL H 54 -5.98 86.05 -15.61
CA VAL H 54 -4.58 85.72 -15.90
C VAL H 54 -4.13 86.22 -17.26
N GLY H 55 -4.97 86.93 -17.99
CA GLY H 55 -4.59 87.42 -19.30
C GLY H 55 -5.11 86.58 -20.44
N ASP H 56 -6.37 86.17 -20.34
CA ASP H 56 -7.00 85.33 -21.37
C ASP H 56 -7.28 86.18 -22.60
N VAL H 57 -6.41 86.06 -23.61
CA VAL H 57 -6.65 86.67 -24.90
C VAL H 57 -6.94 85.62 -25.97
N GLY H 58 -7.26 84.40 -25.54
CA GLY H 58 -7.61 83.33 -26.46
C GLY H 58 -6.49 82.87 -27.37
N PHE H 59 -5.28 82.73 -26.84
CA PHE H 59 -4.14 82.27 -27.62
C PHE H 59 -3.85 80.81 -27.26
N ASP H 60 -4.40 79.90 -28.07
CA ASP H 60 -4.13 78.47 -27.93
C ASP H 60 -4.36 77.80 -29.27
N PRO H 61 -3.51 78.07 -30.25
CA PRO H 61 -3.72 77.47 -31.59
C PRO H 61 -3.69 75.96 -31.60
N VAL H 62 -2.86 75.34 -30.75
CA VAL H 62 -2.75 73.88 -30.73
C VAL H 62 -3.76 73.24 -29.78
N GLY H 63 -4.59 74.03 -29.11
CA GLY H 63 -5.62 73.48 -28.24
C GLY H 63 -5.09 72.67 -27.07
N PHE H 64 -4.03 73.17 -26.43
CA PHE H 64 -3.51 72.47 -25.25
C PHE H 64 -4.48 72.51 -24.09
N THR H 65 -5.32 73.55 -24.01
CA THR H 65 -6.30 73.64 -22.95
C THR H 65 -7.34 72.53 -23.03
N SER H 66 -7.53 71.94 -24.21
CA SER H 66 -8.41 70.78 -24.31
C SER H 66 -7.75 69.54 -23.72
N TRP H 67 -6.43 69.42 -23.88
CA TRP H 67 -5.68 68.28 -23.36
C TRP H 67 -5.74 68.23 -21.85
N LEU H 68 -5.16 69.23 -21.20
CA LEU H 68 -5.00 69.32 -19.77
C LEU H 68 -6.10 70.19 -19.17
N PRO H 69 -6.36 70.05 -17.87
CA PRO H 69 -7.18 71.06 -17.20
C PRO H 69 -6.51 72.41 -17.29
N LEU H 70 -7.33 73.46 -17.48
CA LEU H 70 -6.78 74.81 -17.61
C LEU H 70 -6.03 75.22 -16.36
N SER H 71 -6.48 74.75 -15.19
CA SER H 71 -5.86 75.14 -13.93
C SER H 71 -4.41 74.65 -13.83
N TYR H 72 -4.17 73.39 -14.24
CA TYR H 72 -2.81 72.86 -14.20
C TYR H 72 -1.89 73.62 -15.13
N LEU H 73 -2.35 73.93 -16.33
CA LEU H 73 -1.54 74.70 -17.28
C LEU H 73 -1.27 76.09 -16.74
N GLN H 74 -2.26 76.71 -16.09
CA GLN H 74 -2.05 78.03 -15.49
C GLN H 74 -1.00 77.97 -14.40
N GLU H 75 -1.05 76.94 -13.55
CA GLU H 75 -0.04 76.79 -12.50
C GLU H 75 1.35 76.62 -13.11
N ALA H 76 1.45 75.79 -14.15
CA ALA H 76 2.75 75.61 -14.81
C ALA H 76 3.25 76.91 -15.43
N GLU H 77 2.36 77.66 -16.06
CA GLU H 77 2.75 78.93 -16.67
C GLU H 77 3.23 79.92 -15.61
N ILE H 78 2.54 80.00 -14.48
CA ILE H 78 2.94 80.95 -13.44
C ILE H 78 4.27 80.53 -12.83
N LYS H 79 4.47 79.22 -12.64
CA LYS H 79 5.75 78.74 -12.13
C LYS H 79 6.88 79.10 -13.07
N HIS H 80 6.67 78.88 -14.38
CA HIS H 80 7.68 79.25 -15.36
C HIS H 80 7.92 80.74 -15.37
N CYS H 81 6.85 81.54 -15.25
CA CYS H 81 6.99 82.98 -15.20
C CYS H 81 7.91 83.40 -14.06
N ARG H 82 7.62 82.93 -12.85
CA ARG H 82 8.38 83.35 -11.68
C ARG H 82 9.83 82.88 -11.77
N ILE H 83 10.03 81.63 -12.18
CA ILE H 83 11.39 81.10 -12.31
C ILE H 83 12.18 81.91 -13.33
N ALA H 84 11.56 82.22 -14.47
CA ALA H 84 12.26 82.95 -15.52
C ALA H 84 12.59 84.37 -15.10
N MET H 85 11.68 85.04 -14.40
CA MET H 85 11.97 86.40 -13.92
C MET H 85 13.13 86.39 -12.95
N LEU H 86 13.09 85.49 -11.96
CA LEU H 86 14.18 85.40 -11.01
C LEU H 86 15.49 85.08 -11.72
N ALA H 87 15.45 84.17 -12.69
CA ALA H 87 16.66 83.75 -13.39
C ALA H 87 17.24 84.87 -14.25
N THR H 88 16.39 85.62 -14.95
CA THR H 88 16.87 86.72 -15.77
C THR H 88 17.52 87.79 -14.90
N LEU H 89 16.84 88.18 -13.82
CA LEU H 89 17.43 89.17 -12.92
C LEU H 89 18.74 88.67 -12.34
N GLY H 90 18.78 87.40 -11.93
CA GLY H 90 20.00 86.86 -11.34
C GLY H 90 21.15 86.78 -12.32
N TRP H 91 20.88 86.33 -13.55
CA TRP H 91 21.92 86.27 -14.57
C TRP H 91 22.49 87.66 -14.82
N ILE H 92 21.61 88.64 -15.05
CA ILE H 92 22.07 89.99 -15.36
C ILE H 92 22.87 90.57 -14.20
N VAL H 93 22.36 90.43 -12.97
CA VAL H 93 23.03 91.02 -11.83
C VAL H 93 24.36 90.33 -11.55
N ALA H 94 24.36 88.99 -11.54
CA ALA H 94 25.56 88.22 -11.24
C ALA H 94 26.64 88.41 -12.30
N ASP H 95 26.33 88.98 -13.43
CA ASP H 95 27.41 89.22 -14.35
C ASP H 95 27.99 90.58 -14.07
N PHE H 96 27.23 91.43 -13.42
CA PHE H 96 27.71 92.78 -13.19
C PHE H 96 28.39 92.95 -11.83
N VAL H 97 27.65 92.71 -10.75
CA VAL H 97 28.17 92.86 -9.39
C VAL H 97 27.80 91.59 -8.61
N HIS H 98 28.71 90.63 -8.59
CA HIS H 98 28.55 89.41 -7.80
C HIS H 98 29.96 88.89 -7.50
N LEU H 99 30.49 89.28 -6.34
CA LEU H 99 31.76 88.73 -5.88
C LEU H 99 31.98 89.00 -4.39
N PRO H 100 31.13 88.46 -3.49
CA PRO H 100 31.41 88.54 -2.05
C PRO H 100 32.31 87.40 -1.59
N GLY H 101 33.37 87.14 -2.36
CA GLY H 101 34.26 86.02 -2.08
C GLY H 101 35.12 85.72 -3.30
N ALA H 102 35.69 84.52 -3.29
CA ALA H 102 36.60 84.08 -4.34
C ALA H 102 35.91 83.18 -5.37
N VAL H 103 35.15 82.19 -4.92
CA VAL H 103 34.47 81.27 -5.84
C VAL H 103 33.37 81.94 -6.64
N HIS H 104 32.97 83.16 -6.26
CA HIS H 104 31.95 83.91 -6.98
C HIS H 104 32.53 84.86 -8.00
N GLU H 105 33.67 84.53 -8.59
CA GLU H 105 34.32 85.37 -9.60
C GLU H 105 34.08 84.83 -11.00
N VAL H 106 32.87 84.34 -11.26
CA VAL H 106 32.52 83.70 -12.52
C VAL H 106 31.56 84.59 -13.31
N SER H 107 31.22 84.18 -14.52
CA SER H 107 30.48 85.01 -15.47
C SER H 107 29.08 84.48 -15.77
N SER H 108 28.45 83.82 -14.81
CA SER H 108 27.09 83.29 -14.90
C SER H 108 26.90 82.32 -16.07
N LEU H 109 27.98 81.95 -16.74
CA LEU H 109 27.96 80.89 -17.75
C LEU H 109 28.77 79.68 -17.31
N ALA H 110 29.92 79.91 -16.67
CA ALA H 110 30.65 78.89 -15.94
C ALA H 110 30.22 78.84 -14.48
N ALA H 111 29.25 79.67 -14.08
CA ALA H 111 28.83 79.71 -12.69
C ALA H 111 28.17 78.40 -12.25
N HIS H 112 27.45 77.74 -13.15
CA HIS H 112 26.71 76.55 -12.76
C HIS H 112 27.64 75.47 -12.24
N ASP H 113 28.66 75.11 -13.01
CA ASP H 113 29.58 74.05 -12.59
C ASP H 113 30.38 74.48 -11.37
N VAL H 114 30.87 75.72 -11.36
CA VAL H 114 31.68 76.19 -10.25
C VAL H 114 30.89 76.14 -8.94
N ALA H 115 29.63 76.57 -8.98
CA ALA H 115 28.84 76.65 -7.77
C ALA H 115 28.08 75.37 -7.44
N VAL H 116 28.04 74.38 -8.34
CA VAL H 116 27.64 73.05 -7.91
C VAL H 116 28.83 72.35 -7.27
N LYS H 117 30.05 72.67 -7.70
CA LYS H 117 31.23 72.18 -7.00
C LYS H 117 31.34 72.81 -5.61
N SER H 118 31.03 74.10 -5.50
CA SER H 118 31.10 74.78 -4.21
C SER H 118 30.08 74.22 -3.22
N GLY H 119 28.85 73.98 -3.69
CA GLY H 119 27.80 73.43 -2.85
C GLY H 119 26.61 74.33 -2.64
N ALA H 120 26.58 75.52 -3.24
CA ALA H 120 25.43 76.40 -3.09
C ALA H 120 24.22 75.86 -3.84
N LEU H 121 24.43 75.42 -5.07
CA LEU H 121 23.33 74.89 -5.88
C LEU H 121 22.69 73.68 -5.20
N ALA H 122 23.47 72.90 -4.45
CA ALA H 122 22.89 71.78 -3.72
C ALA H 122 21.88 72.25 -2.68
N GLN H 123 22.23 73.30 -1.92
CA GLN H 123 21.29 73.82 -0.92
C GLN H 123 20.06 74.42 -1.58
N ILE H 124 20.26 75.20 -2.66
CA ILE H 124 19.10 75.77 -3.34
C ILE H 124 18.20 74.67 -3.89
N LEU H 125 18.81 73.59 -4.39
CA LEU H 125 18.03 72.47 -4.90
C LEU H 125 17.28 71.76 -3.78
N ILE H 126 17.90 71.63 -2.61
CA ILE H 126 17.22 71.00 -1.47
C ILE H 126 15.98 71.79 -1.10
N TRP H 127 16.13 73.11 -0.95
CA TRP H 127 14.98 73.91 -0.54
C TRP H 127 13.94 73.99 -1.66
N THR H 128 14.38 74.04 -2.91
CA THR H 128 13.46 74.02 -4.04
C THR H 128 12.69 72.70 -4.09
N SER H 129 13.36 71.59 -3.80
CA SER H 129 12.69 70.29 -3.77
C SER H 129 11.67 70.23 -2.65
N ILE H 130 11.99 70.79 -1.49
CA ILE H 130 11.01 70.83 -0.40
C ILE H 130 9.79 71.65 -0.83
N ALA H 131 10.02 72.82 -1.42
CA ALA H 131 8.92 73.67 -1.85
C ALA H 131 8.08 72.99 -2.91
N GLU H 132 8.71 72.30 -3.86
CA GLU H 132 7.98 71.64 -4.94
C GLU H 132 7.22 70.43 -4.43
N ALA H 133 7.80 69.67 -3.49
CA ALA H 133 7.09 68.55 -2.89
C ALA H 133 5.85 69.02 -2.15
N ILE H 134 5.95 70.17 -1.47
CA ILE H 134 4.75 70.78 -0.90
C ILE H 134 3.80 71.20 -2.00
N SER H 135 4.35 71.65 -3.14
CA SER H 135 3.53 72.14 -4.24
C SER H 135 2.73 71.03 -4.92
N VAL H 136 3.16 69.78 -4.79
CA VAL H 136 2.38 68.69 -5.34
C VAL H 136 1.03 68.66 -4.67
N ILE H 137 1.02 68.73 -3.35
CA ILE H 137 -0.22 68.71 -2.58
C ILE H 137 -1.06 69.93 -2.90
N ALA H 138 -0.41 71.10 -3.07
CA ALA H 138 -1.13 72.29 -3.46
C ALA H 138 -1.80 72.11 -4.83
N ILE H 139 -1.06 71.55 -5.78
CA ILE H 139 -1.65 71.26 -7.09
C ILE H 139 -2.69 70.15 -6.98
N SER H 140 -2.47 69.18 -6.09
CA SER H 140 -3.45 68.11 -5.91
C SER H 140 -4.65 68.52 -5.06
N GLN H 141 -4.52 69.55 -4.23
CA GLN H 141 -5.69 70.03 -3.49
C GLN H 141 -6.62 70.81 -4.39
N MET H 142 -6.08 71.62 -5.30
CA MET H 142 -6.82 72.03 -6.48
C MET H 142 -6.86 70.86 -7.45
N LEU H 143 -7.58 71.02 -8.56
CA LEU H 143 -7.85 69.94 -9.51
C LEU H 143 -8.67 68.85 -8.85
N GLU H 144 -9.03 69.06 -7.58
CA GLU H 144 -9.77 68.10 -6.77
C GLU H 144 -10.90 68.75 -6.00
N GLY H 145 -10.83 70.05 -5.74
CA GLY H 145 -11.82 70.77 -4.96
C GLY H 145 -11.20 72.03 -4.41
N SER H 146 -11.39 72.29 -3.12
CA SER H 146 -10.80 73.42 -2.41
C SER H 146 -11.15 74.71 -3.15
N GLY H 147 -10.31 75.73 -3.02
CA GLY H 147 -10.55 76.98 -3.71
C GLY H 147 -9.29 77.66 -4.19
N ARG H 148 -8.16 76.96 -4.14
CA ARG H 148 -6.88 77.57 -4.46
C ARG H 148 -6.81 77.90 -5.95
N GLN H 149 -6.62 79.18 -6.25
CA GLN H 149 -6.41 79.58 -7.63
C GLN H 149 -5.02 79.15 -8.09
N PRO H 150 -4.84 78.90 -9.38
CA PRO H 150 -3.52 78.50 -9.88
C PRO H 150 -2.46 79.54 -9.58
N GLY H 151 -1.31 79.07 -9.09
CA GLY H 151 -0.21 79.95 -8.76
C GLY H 151 -0.36 80.70 -7.46
N ASP H 152 -1.44 80.47 -6.71
CA ASP H 152 -1.69 81.19 -5.47
C ASP H 152 -1.03 80.45 -4.32
N PHE H 153 -0.18 81.16 -3.57
CA PHE H 153 0.46 80.61 -2.38
C PHE H 153 0.21 81.47 -1.15
N LYS H 154 -0.67 82.47 -1.25
CA LYS H 154 -1.00 83.37 -0.15
C LYS H 154 0.25 84.07 0.38
N PHE H 155 1.17 84.39 -0.52
CA PHE H 155 2.41 85.08 -0.17
C PHE H 155 2.29 86.53 -0.59
N ASP H 156 1.70 87.34 0.29
CA ASP H 156 1.67 88.79 0.12
C ASP H 156 2.01 89.45 1.45
N PRO H 157 3.24 89.25 1.94
CA PRO H 157 3.59 89.82 3.26
C PRO H 157 3.52 91.34 3.31
N LEU H 158 3.87 92.02 2.22
CA LEU H 158 3.84 93.47 2.18
C LEU H 158 2.52 94.04 1.70
N ASN H 159 1.57 93.16 1.30
CA ASN H 159 0.23 93.58 0.89
C ASN H 159 0.28 94.59 -0.25
N PHE H 160 1.01 94.24 -1.31
CA PHE H 160 1.06 95.10 -2.49
C PHE H 160 -0.27 95.12 -3.22
N ALA H 161 -1.04 94.04 -3.15
CA ALA H 161 -2.37 93.97 -3.72
C ALA H 161 -3.40 94.09 -2.61
N LYS H 162 -4.40 94.94 -2.81
CA LYS H 162 -5.39 95.24 -1.78
C LYS H 162 -6.76 94.65 -2.10
N ASP H 163 -7.33 94.96 -3.26
CA ASP H 163 -8.65 94.50 -3.64
C ASP H 163 -8.56 93.58 -4.85
N GLU H 164 -9.72 93.16 -5.35
CA GLU H 164 -9.76 92.27 -6.50
C GLU H 164 -9.22 92.95 -7.75
N LYS H 165 -9.57 94.22 -7.97
CA LYS H 165 -9.14 94.93 -9.17
C LYS H 165 -7.62 95.02 -9.22
N SER H 166 -7.00 95.38 -8.10
CA SER H 166 -5.53 95.39 -8.04
C SER H 166 -4.98 93.98 -8.22
N LEU H 167 -5.64 92.98 -7.63
CA LEU H 167 -5.17 91.61 -7.76
C LEU H 167 -5.19 91.15 -9.22
N LYS H 168 -6.30 91.43 -9.91
CA LYS H 168 -6.39 91.03 -11.32
C LYS H 168 -5.40 91.80 -12.19
N LYS H 169 -5.29 93.10 -11.96
CA LYS H 169 -4.36 93.92 -12.75
C LYS H 169 -2.93 93.43 -12.56
N MET H 170 -2.54 93.13 -11.33
CA MET H 170 -1.17 92.72 -11.07
C MET H 170 -0.94 91.26 -11.42
N GLN H 171 -1.98 90.42 -11.46
CA GLN H 171 -1.83 89.08 -12.01
C GLN H 171 -1.52 89.15 -13.50
N LEU H 172 -2.28 89.99 -14.23
CA LEU H 172 -1.98 90.18 -15.64
C LEU H 172 -0.58 90.74 -15.84
N SER H 173 -0.20 91.71 -15.02
CA SER H 173 1.13 92.29 -15.12
C SER H 173 2.22 91.26 -14.84
N GLU H 174 2.03 90.44 -13.80
CA GLU H 174 3.00 89.41 -13.45
C GLU H 174 3.16 88.40 -14.57
N LEU H 175 2.05 87.98 -15.17
CA LEU H 175 2.14 86.98 -16.23
C LEU H 175 2.77 87.55 -17.49
N LYS H 176 2.46 88.80 -17.83
CA LYS H 176 3.11 89.42 -18.98
C LYS H 176 4.61 89.57 -18.75
N ASN H 177 4.99 90.05 -17.55
CA ASN H 177 6.41 90.16 -17.23
C ASN H 177 7.09 88.80 -17.24
N GLY H 178 6.39 87.77 -16.77
CA GLY H 178 6.98 86.44 -16.75
C GLY H 178 7.18 85.85 -18.13
N ARG H 179 6.23 86.07 -19.04
CA ARG H 179 6.42 85.63 -20.42
C ARG H 179 7.59 86.37 -21.08
N LEU H 180 7.64 87.70 -20.87
CA LEU H 180 8.76 88.46 -21.39
C LEU H 180 10.08 87.96 -20.81
N ALA H 181 10.08 87.60 -19.53
CA ALA H 181 11.30 87.12 -18.89
C ALA H 181 11.68 85.74 -19.39
N MET H 182 10.69 84.88 -19.68
CA MET H 182 10.99 83.59 -20.30
C MET H 182 11.72 83.79 -21.62
N LEU H 183 11.15 84.61 -22.50
CA LEU H 183 11.78 84.85 -23.80
C LEU H 183 13.15 85.51 -23.64
N ALA H 184 13.25 86.45 -22.69
CA ALA H 184 14.50 87.16 -22.48
C ALA H 184 15.59 86.25 -21.97
N PHE H 185 15.27 85.37 -21.02
CA PHE H 185 16.27 84.43 -20.52
C PHE H 185 16.68 83.44 -21.59
N SER H 186 15.71 82.98 -22.39
CA SER H 186 16.05 82.12 -23.53
C SER H 186 17.07 82.81 -24.43
N GLY H 187 16.81 84.07 -24.78
CA GLY H 187 17.75 84.82 -25.57
C GLY H 187 19.09 84.99 -24.90
N ILE H 188 19.08 85.26 -23.59
CA ILE H 188 20.32 85.49 -22.86
C ILE H 188 21.21 84.25 -22.90
N VAL H 189 20.62 83.07 -22.63
CA VAL H 189 21.44 81.86 -22.59
C VAL H 189 21.89 81.49 -23.99
N THR H 190 21.01 81.62 -24.99
CA THR H 190 21.41 81.25 -26.34
C THR H 190 22.51 82.17 -26.86
N GLN H 191 22.44 83.47 -26.56
CA GLN H 191 23.47 84.38 -27.01
C GLN H 191 24.76 84.19 -26.23
N ALA H 192 24.69 84.06 -24.90
CA ALA H 192 25.87 83.88 -24.08
C ALA H 192 26.52 82.51 -24.27
N ALA H 193 25.84 81.59 -24.94
CA ALA H 193 26.48 80.35 -25.37
C ALA H 193 26.95 80.41 -26.82
N LEU H 194 26.31 81.23 -27.65
CA LEU H 194 26.78 81.44 -29.01
C LEU H 194 28.03 82.34 -29.06
N THR H 195 28.36 83.01 -27.97
CA THR H 195 29.54 83.85 -27.91
C THR H 195 29.92 84.03 -26.44
N GLY H 196 30.97 84.81 -26.20
CA GLY H 196 31.34 85.17 -24.84
C GLY H 196 31.42 86.67 -24.69
N HIS H 197 30.56 87.24 -23.85
CA HIS H 197 30.45 88.69 -23.77
C HIS H 197 29.77 89.06 -22.46
N ALA H 198 29.33 90.32 -22.37
CA ALA H 198 28.67 90.91 -21.23
C ALA H 198 27.25 91.27 -21.63
N PHE H 199 26.58 92.05 -20.77
CA PHE H 199 25.15 92.36 -20.82
C PHE H 199 24.55 92.46 -22.24
N PRO H 200 25.20 93.10 -23.20
CA PRO H 200 24.65 93.04 -24.58
C PRO H 200 24.49 91.62 -25.10
N TYR H 201 25.44 90.73 -24.80
CA TYR H 201 25.40 89.34 -25.24
C TYR H 201 25.24 89.20 -26.75
N LEU I 39 -14.08 -41.70 59.33
CA LEU I 39 -15.05 -42.63 59.90
C LEU I 39 -16.43 -42.00 59.98
N ASP I 40 -16.80 -41.30 58.92
CA ASP I 40 -18.05 -40.54 58.83
C ASP I 40 -18.54 -40.63 57.38
N GLY I 41 -19.44 -39.73 57.01
CA GLY I 41 -19.78 -39.54 55.61
C GLY I 41 -18.73 -38.73 54.89
N MET I 42 -17.55 -38.60 55.49
CA MET I 42 -16.45 -37.84 54.92
C MET I 42 -15.93 -38.52 53.66
N ILE I 43 -15.32 -37.71 52.81
CA ILE I 43 -14.71 -38.21 51.58
C ILE I 43 -13.39 -38.89 51.92
N GLY I 44 -13.11 -39.99 51.23
CA GLY I 44 -11.85 -40.70 51.44
C GLY I 44 -12.02 -42.17 51.76
N SER I 45 -13.27 -42.65 51.72
CA SER I 45 -13.56 -44.04 51.99
C SER I 45 -13.52 -44.84 50.69
N SER I 46 -12.58 -45.77 50.59
CA SER I 46 -12.36 -46.56 49.39
C SER I 46 -12.72 -48.02 49.63
N ALA I 47 -12.67 -48.80 48.55
CA ALA I 47 -13.11 -50.19 48.62
C ALA I 47 -12.32 -51.07 49.58
N PRO I 48 -10.98 -51.08 49.58
CA PRO I 48 -10.26 -52.08 50.39
C PRO I 48 -10.62 -52.03 51.87
N PHE I 49 -10.77 -50.82 52.42
CA PHE I 49 -11.12 -50.66 53.83
C PHE I 49 -11.98 -49.41 53.95
N LYS I 50 -13.30 -49.61 53.91
CA LYS I 50 -14.23 -48.48 54.01
C LYS I 50 -14.25 -47.96 55.44
N ASN I 51 -14.15 -46.64 55.58
CA ASN I 51 -14.13 -45.98 56.87
C ASN I 51 -13.06 -46.59 57.78
N PHE I 52 -11.82 -46.51 57.31
CA PHE I 52 -10.69 -47.19 57.94
C PHE I 52 -10.29 -46.43 59.21
N ASP I 53 -10.88 -46.83 60.33
CA ASP I 53 -10.50 -46.35 61.66
C ASP I 53 -10.42 -47.54 62.61
N PRO I 54 -9.45 -48.43 62.40
CA PRO I 54 -9.35 -49.61 63.28
C PRO I 54 -9.11 -49.26 64.75
N LEU I 55 -8.39 -48.18 65.03
CA LEU I 55 -8.09 -47.78 66.40
C LEU I 55 -9.10 -46.81 66.96
N GLY I 56 -10.15 -46.47 66.20
CA GLY I 56 -11.22 -45.64 66.73
C GLY I 56 -10.80 -44.23 67.09
N PHE I 57 -9.92 -43.62 66.30
CA PHE I 57 -9.53 -42.24 66.56
C PHE I 57 -10.68 -41.28 66.30
N ALA I 58 -11.55 -41.60 65.35
CA ALA I 58 -12.63 -40.71 64.96
C ALA I 58 -13.97 -41.02 65.64
N ALA I 59 -14.10 -42.20 66.23
CA ALA I 59 -15.37 -42.57 66.86
C ALA I 59 -15.72 -41.67 68.05
N LYS I 60 -14.71 -41.05 68.69
CA LYS I 60 -14.94 -40.20 69.84
C LYS I 60 -14.71 -38.72 69.56
N ALA I 61 -14.00 -38.39 68.48
CA ALA I 61 -13.69 -36.99 68.20
C ALA I 61 -14.92 -36.25 67.69
N ASP I 62 -14.95 -34.95 67.97
CA ASP I 62 -16.03 -34.09 67.48
C ASP I 62 -15.72 -33.65 66.05
N GLN I 63 -16.53 -32.75 65.51
CA GLN I 63 -16.34 -32.32 64.13
C GLN I 63 -15.07 -31.49 63.97
N LYS I 64 -14.74 -30.66 64.96
CA LYS I 64 -13.54 -29.84 64.86
C LYS I 64 -12.27 -30.68 64.83
N THR I 65 -12.19 -31.69 65.71
CA THR I 65 -11.02 -32.56 65.71
C THR I 65 -10.92 -33.36 64.40
N LEU I 66 -12.06 -33.75 63.84
CA LEU I 66 -12.03 -34.48 62.58
C LEU I 66 -11.61 -33.58 61.43
N ASN I 67 -12.03 -32.30 61.45
CA ASN I 67 -11.55 -31.36 60.46
C ASN I 67 -10.04 -31.17 60.58
N LYS I 68 -9.54 -31.10 61.82
CA LYS I 68 -8.09 -31.01 62.02
C LYS I 68 -7.39 -32.24 61.47
N TYR I 69 -7.95 -33.43 61.72
CA TYR I 69 -7.36 -34.65 61.21
C TYR I 69 -7.32 -34.67 59.70
N ARG I 70 -8.41 -34.23 59.06
CA ARG I 70 -8.44 -34.20 57.60
C ARG I 70 -7.43 -33.20 57.05
N GLU I 71 -7.30 -32.03 57.71
CA GLU I 71 -6.30 -31.06 57.29
C GLU I 71 -4.91 -31.65 57.37
N SER I 72 -4.60 -32.31 58.50
CA SER I 72 -3.28 -32.91 58.66
C SER I 72 -3.03 -33.99 57.62
N GLU I 73 -4.04 -34.83 57.37
CA GLU I 73 -3.86 -35.90 56.39
C GLU I 73 -3.62 -35.34 54.99
N LEU I 74 -4.39 -34.34 54.59
CA LEU I 74 -4.22 -33.78 53.26
C LEU I 74 -2.89 -33.07 53.11
N LYS I 75 -2.48 -32.31 54.13
CA LYS I 75 -1.18 -31.64 54.07
C LYS I 75 -0.06 -32.66 53.99
N HIS I 76 -0.12 -33.71 54.82
CA HIS I 76 0.90 -34.75 54.78
C HIS I 76 0.93 -35.43 53.42
N GLY I 77 -0.24 -35.72 52.86
CA GLY I 77 -0.29 -36.39 51.57
C GLY I 77 0.31 -35.54 50.46
N ARG I 78 -0.03 -34.25 50.42
CA ARG I 78 0.50 -33.37 49.39
C ARG I 78 2.02 -33.21 49.54
N VAL I 79 2.48 -32.98 50.76
CA VAL I 79 3.92 -32.84 51.00
C VAL I 79 4.64 -34.13 50.63
N ALA I 80 4.02 -35.28 50.89
CA ALA I 80 4.67 -36.55 50.60
C ALA I 80 4.70 -36.83 49.10
N MET I 81 3.65 -36.47 48.37
CA MET I 81 3.69 -36.59 46.92
C MET I 81 4.81 -35.75 46.34
N LEU I 82 4.91 -34.49 46.79
CA LEU I 82 6.01 -33.64 46.34
C LEU I 82 7.36 -34.26 46.72
N ALA I 83 7.46 -34.80 47.93
CA ALA I 83 8.73 -35.35 48.39
C ALA I 83 9.15 -36.58 47.60
N VAL I 84 8.20 -37.46 47.28
CA VAL I 84 8.53 -38.65 46.50
C VAL I 84 8.96 -38.27 45.09
N LEU I 85 8.20 -37.38 44.45
CA LEU I 85 8.57 -36.95 43.11
C LEU I 85 9.94 -36.29 43.11
N GLY I 86 10.20 -35.43 44.10
CA GLY I 86 11.50 -34.79 44.19
C GLY I 86 12.62 -35.79 44.45
N TRP I 87 12.37 -36.77 45.32
CA TRP I 87 13.36 -37.79 45.60
C TRP I 87 13.81 -38.47 44.31
N ILE I 88 12.84 -38.97 43.54
CA ILE I 88 13.20 -39.71 42.33
C ILE I 88 13.87 -38.78 41.32
N VAL I 89 13.25 -37.63 41.04
CA VAL I 89 13.76 -36.74 39.98
C VAL I 89 15.15 -36.25 40.32
N GLN I 90 15.35 -35.82 41.58
CA GLN I 90 16.67 -35.44 42.04
C GLN I 90 17.67 -36.58 41.84
N GLU I 91 17.23 -37.82 42.10
CA GLU I 91 18.15 -38.94 41.93
C GLU I 91 18.62 -39.05 40.50
N PHE I 92 17.72 -38.95 39.52
CA PHE I 92 18.15 -39.09 38.14
C PHE I 92 18.21 -37.77 37.37
N TRP I 93 18.03 -36.62 38.03
CA TRP I 93 18.20 -35.34 37.35
C TRP I 93 18.36 -34.23 38.39
N HIS I 94 19.53 -33.59 38.41
CA HIS I 94 19.77 -32.43 39.26
C HIS I 94 20.46 -31.34 38.45
N PRO I 95 19.75 -30.72 37.51
CA PRO I 95 20.37 -29.69 36.66
C PRO I 95 20.86 -28.47 37.42
N LEU I 96 20.19 -28.10 38.51
CA LEU I 96 20.52 -26.86 39.21
C LEU I 96 21.83 -27.01 39.97
N TYR I 97 22.34 -25.87 40.42
CA TYR I 97 23.59 -25.78 41.19
C TYR I 97 24.79 -26.31 40.41
N ASP I 98 24.73 -26.15 39.08
CA ASP I 98 25.82 -26.56 38.18
C ASP I 98 26.25 -27.99 38.45
N GLY I 99 25.28 -28.90 38.31
CA GLY I 99 25.51 -30.26 38.76
C GLY I 99 25.74 -30.27 40.26
N LYS I 100 26.78 -30.98 40.69
CA LYS I 100 27.13 -31.10 42.11
C LYS I 100 25.89 -31.55 42.87
N LEU I 101 25.80 -31.22 44.15
CA LEU I 101 24.61 -31.48 44.95
C LEU I 101 24.19 -32.95 44.84
N SER I 102 25.06 -33.80 45.41
CA SER I 102 25.06 -35.25 45.17
C SER I 102 23.66 -35.82 45.04
N SER I 103 23.47 -36.67 44.04
CA SER I 103 22.14 -37.14 43.65
C SER I 103 21.44 -37.89 44.78
N ASN I 104 22.16 -38.39 45.76
CA ASN I 104 21.54 -39.07 46.88
C ASN I 104 20.85 -38.04 47.77
N PRO I 105 19.54 -38.12 47.98
CA PRO I 105 18.89 -37.25 48.96
C PRO I 105 19.38 -37.57 50.36
N LEU I 106 19.08 -36.67 51.29
CA LEU I 106 19.58 -36.70 52.67
C LEU I 106 21.08 -36.41 52.70
N LYS I 107 21.68 -36.28 51.51
CA LYS I 107 23.04 -35.77 51.36
C LYS I 107 23.07 -34.40 50.71
N ALA I 108 22.22 -34.19 49.69
CA ALA I 108 22.01 -32.84 49.17
C ALA I 108 21.28 -31.95 50.16
N LEU I 109 20.63 -32.54 51.17
CA LEU I 109 19.99 -31.75 52.22
C LEU I 109 21.01 -30.91 52.97
N THR I 110 22.24 -31.40 53.09
CA THR I 110 23.31 -30.69 53.77
C THR I 110 24.27 -30.00 52.80
N GLU I 111 23.89 -29.88 51.53
CA GLU I 111 24.73 -29.24 50.52
C GLU I 111 24.11 -28.00 49.90
N VAL I 112 22.81 -27.78 50.07
CA VAL I 112 22.19 -26.56 49.55
C VAL I 112 22.79 -25.36 50.27
N PRO I 113 23.02 -24.22 49.58
CA PRO I 113 23.76 -23.10 50.18
C PRO I 113 23.28 -22.60 51.54
N LEU I 114 22.14 -23.11 52.02
CA LEU I 114 21.60 -22.79 53.35
C LEU I 114 21.03 -21.38 53.37
N ILE I 115 21.28 -20.62 52.30
CA ILE I 115 20.53 -19.39 52.05
C ILE I 115 19.41 -19.64 51.06
N GLY I 116 19.50 -20.71 50.26
CA GLY I 116 18.34 -21.18 49.52
C GLY I 116 17.38 -21.96 50.39
N TRP I 117 17.88 -22.60 51.45
CA TRP I 117 16.99 -23.23 52.42
C TRP I 117 16.11 -22.20 53.09
N ALA I 118 16.69 -21.05 53.45
CA ALA I 118 15.92 -20.01 54.12
C ALA I 118 14.80 -19.49 53.24
N GLN I 119 15.06 -19.33 51.94
CA GLN I 119 14.03 -18.81 51.05
C GLN I 119 12.89 -19.82 50.86
N ILE I 120 13.22 -21.11 50.75
CA ILE I 120 12.19 -22.13 50.68
C ILE I 120 11.36 -22.14 51.95
N PHE I 121 12.03 -22.03 53.10
CA PHE I 121 11.33 -21.99 54.38
C PHE I 121 10.39 -20.80 54.46
N VAL I 122 10.86 -19.63 54.03
CA VAL I 122 10.03 -18.42 54.08
C VAL I 122 8.86 -18.53 53.12
N ALA I 123 9.08 -19.12 51.95
CA ALA I 123 7.98 -19.29 50.99
C ALA I 123 6.92 -20.24 51.54
N ILE I 124 7.34 -21.36 52.14
CA ILE I 124 6.39 -22.27 52.75
C ILE I 124 5.63 -21.57 53.87
N ASN I 125 6.34 -20.75 54.64
CA ASN I 125 5.71 -20.03 55.74
C ASN I 125 4.67 -19.04 55.24
N VAL I 126 4.98 -18.30 54.18
CA VAL I 126 4.02 -17.35 53.63
C VAL I 126 2.81 -18.09 53.06
N ILE I 127 3.05 -19.24 52.41
CA ILE I 127 1.96 -20.04 51.87
C ILE I 127 1.05 -20.49 52.99
N GLU I 128 1.61 -20.94 54.11
CA GLU I 128 0.78 -21.42 55.21
C GLU I 128 0.11 -20.27 55.97
N TYR I 129 0.72 -19.08 55.97
CA TYR I 129 0.03 -17.90 56.47
C TYR I 129 -1.20 -17.60 55.62
N LEU I 130 -1.06 -17.70 54.30
CA LEU I 130 -2.20 -17.51 53.42
C LEU I 130 -3.25 -18.58 53.65
N GLN I 131 -2.83 -19.82 53.88
CA GLN I 131 -3.77 -20.90 54.18
C GLN I 131 -4.51 -20.62 55.48
N ASN I 132 -3.80 -20.12 56.49
CA ASN I 132 -4.45 -19.75 57.75
C ASN I 132 -5.49 -18.66 57.51
N LYS I 133 -5.16 -17.67 56.68
CA LYS I 133 -6.14 -16.63 56.35
C LYS I 133 -7.34 -17.22 55.62
N ILE I 134 -7.10 -18.20 54.75
CA ILE I 134 -8.19 -18.88 54.05
C ILE I 134 -9.10 -19.59 55.03
N LYS I 135 -8.51 -20.20 56.07
CA LYS I 135 -9.28 -21.03 57.00
C LYS I 135 -10.40 -20.26 57.71
N GLU I 136 -10.32 -18.93 57.78
CA GLU I 136 -11.37 -18.15 58.40
C GLU I 136 -12.41 -17.63 57.42
N LEU I 137 -12.27 -17.94 56.13
CA LEU I 137 -13.28 -17.56 55.16
C LEU I 137 -14.56 -18.37 55.42
N PRO I 138 -15.73 -17.75 55.26
CA PRO I 138 -16.98 -18.47 55.55
C PRO I 138 -17.16 -19.68 54.65
N GLY I 139 -17.71 -20.74 55.23
CA GLY I 139 -17.92 -21.97 54.49
C GLY I 139 -16.67 -22.78 54.23
N TYR I 140 -15.60 -22.54 54.99
CA TYR I 140 -14.35 -23.23 54.76
C TYR I 140 -14.47 -24.72 55.03
N ARG I 141 -13.85 -25.52 54.17
CA ARG I 141 -13.76 -26.96 54.31
C ARG I 141 -12.33 -27.36 54.65
N PRO I 142 -12.12 -28.45 55.40
CA PRO I 142 -10.81 -28.72 56.02
C PRO I 142 -9.61 -28.58 55.09
N GLY I 143 -9.55 -29.36 54.03
CA GLY I 143 -8.42 -29.31 53.11
C GLY I 143 -8.60 -28.43 51.90
N ASP I 144 -9.73 -27.74 51.79
CA ASP I 144 -10.08 -26.99 50.59
C ASP I 144 -9.48 -25.60 50.69
N TYR I 145 -8.34 -25.39 50.02
CA TYR I 145 -7.73 -24.07 49.93
C TYR I 145 -8.03 -23.37 48.61
N LEU I 146 -8.64 -24.08 47.66
CA LEU I 146 -9.12 -23.48 46.43
C LEU I 146 -10.49 -22.85 46.58
N GLY I 147 -11.18 -23.10 47.69
CA GLY I 147 -12.53 -22.59 47.89
C GLY I 147 -13.55 -23.22 46.98
N THR I 148 -13.46 -24.54 46.74
CA THR I 148 -14.39 -25.21 45.86
C THR I 148 -15.81 -25.23 46.43
N TRP I 149 -15.97 -24.97 47.72
CA TRP I 149 -17.31 -24.87 48.30
C TRP I 149 -18.11 -23.74 47.69
N GLU I 150 -17.45 -22.75 47.10
CA GLU I 150 -18.16 -21.65 46.45
C GLU I 150 -18.95 -22.16 45.24
N TRP I 151 -18.35 -23.05 44.46
CA TRP I 151 -19.01 -23.60 43.27
C TRP I 151 -19.68 -24.94 43.54
N VAL I 152 -19.11 -25.77 44.40
CA VAL I 152 -19.58 -27.15 44.59
C VAL I 152 -20.55 -27.12 45.78
N GLU I 153 -21.82 -26.93 45.47
CA GLU I 153 -22.92 -27.25 46.37
C GLU I 153 -23.64 -28.45 45.79
N GLN I 154 -24.00 -29.41 46.66
CA GLN I 154 -24.53 -30.70 46.23
C GLN I 154 -23.51 -31.43 45.35
N SER I 155 -22.41 -31.81 46.00
CA SER I 155 -21.31 -32.49 45.33
C SER I 155 -21.80 -33.73 44.60
N ASP I 156 -21.10 -34.06 43.51
CA ASP I 156 -21.42 -35.21 42.68
C ASP I 156 -20.65 -36.43 43.18
N GLU I 157 -20.73 -37.53 42.43
CA GLU I 157 -19.88 -38.68 42.72
C GLU I 157 -18.51 -38.55 42.07
N GLY I 158 -18.41 -37.81 40.97
CA GLY I 158 -17.11 -37.55 40.37
C GLY I 158 -16.23 -36.69 41.24
N TRP I 159 -16.80 -35.66 41.86
CA TRP I 159 -16.02 -34.80 42.74
C TRP I 159 -15.53 -35.56 43.97
N ASP I 160 -16.42 -36.36 44.58
CA ASP I 160 -16.02 -37.17 45.72
C ASP I 160 -14.97 -38.20 45.31
N SER I 161 -15.14 -38.80 44.13
CA SER I 161 -14.16 -39.78 43.66
C SER I 161 -12.81 -39.14 43.42
N TYR I 162 -12.78 -37.93 42.87
CA TYR I 162 -11.50 -37.27 42.64
C TYR I 162 -10.83 -36.87 43.95
N GLN I 163 -11.62 -36.39 44.92
CA GLN I 163 -11.06 -36.10 46.24
C GLN I 163 -10.49 -37.36 46.88
N THR I 164 -11.20 -38.48 46.76
CA THR I 164 -10.70 -39.74 47.28
C THR I 164 -9.43 -40.18 46.55
N LYS I 165 -9.36 -39.93 45.25
CA LYS I 165 -8.16 -40.24 44.48
C LYS I 165 -6.97 -39.44 45.01
N GLU I 166 -7.17 -38.15 45.24
CA GLU I 166 -6.10 -37.33 45.81
C GLU I 166 -5.69 -37.85 47.18
N LEU I 167 -6.66 -38.19 48.03
CA LEU I 167 -6.34 -38.68 49.36
C LEU I 167 -5.57 -39.99 49.31
N ASN I 168 -5.99 -40.92 48.46
CA ASN I 168 -5.34 -42.21 48.38
C ASN I 168 -3.93 -42.09 47.80
N ASN I 169 -3.76 -41.25 46.79
CA ASN I 169 -2.42 -41.00 46.26
C ASN I 169 -1.54 -40.37 47.32
N GLY I 170 -2.09 -39.45 48.11
CA GLY I 170 -1.32 -38.86 49.20
C GLY I 170 -0.92 -39.88 50.25
N ARG I 171 -1.82 -40.81 50.59
CA ARG I 171 -1.49 -41.85 51.57
C ARG I 171 -0.39 -42.76 51.04
N LEU I 172 -0.50 -43.17 49.78
CA LEU I 172 0.52 -44.01 49.17
C LEU I 172 1.86 -43.29 49.13
N ALA I 173 1.83 -41.98 48.84
CA ALA I 173 3.06 -41.21 48.83
C ALA I 173 3.64 -41.03 50.23
N MET I 174 2.79 -40.92 51.25
CA MET I 174 3.30 -40.87 52.63
C MET I 174 4.04 -42.15 52.98
N VAL I 175 3.42 -43.30 52.68
CA VAL I 175 4.09 -44.57 52.94
C VAL I 175 5.38 -44.66 52.14
N ALA I 176 5.34 -44.24 50.87
CA ALA I 176 6.51 -44.35 50.01
C ALA I 176 7.65 -43.47 50.49
N ILE I 177 7.36 -42.24 50.93
CA ILE I 177 8.42 -41.35 51.37
C ILE I 177 8.99 -41.81 52.70
N ALA I 178 8.15 -42.34 53.58
CA ALA I 178 8.66 -42.93 54.82
C ALA I 178 9.62 -44.08 54.50
N GLY I 179 9.22 -44.95 53.58
CA GLY I 179 10.10 -46.04 53.18
C GLY I 179 11.38 -45.54 52.53
N LEU I 180 11.28 -44.51 51.69
CA LEU I 180 12.46 -43.96 51.05
C LEU I 180 13.46 -43.45 52.07
N ILE I 181 12.99 -42.64 53.03
CA ILE I 181 13.89 -42.07 54.02
C ILE I 181 14.50 -43.18 54.88
N VAL I 182 13.69 -44.15 55.30
CA VAL I 182 14.22 -45.22 56.15
C VAL I 182 15.25 -46.05 55.40
N GLN I 183 14.96 -46.40 54.14
CA GLN I 183 15.90 -47.20 53.36
C GLN I 183 17.20 -46.45 53.13
N ASP I 184 17.11 -45.15 52.79
CA ASP I 184 18.33 -44.38 52.58
C ASP I 184 19.12 -44.22 53.87
N LEU I 185 18.45 -44.19 55.02
CA LEU I 185 19.15 -44.09 56.29
C LEU I 185 19.87 -45.39 56.62
N ILE I 186 19.19 -46.53 56.49
CA ILE I 186 19.79 -47.79 56.93
C ILE I 186 20.81 -48.30 55.92
N THR I 187 20.55 -48.15 54.63
CA THR I 187 21.45 -48.69 53.61
C THR I 187 22.49 -47.67 53.14
N GLY I 188 22.09 -46.41 52.97
CA GLY I 188 22.98 -45.39 52.47
C GLY I 188 22.86 -45.13 50.99
N GLN I 189 22.12 -45.96 50.26
CA GLN I 189 21.89 -45.77 48.83
C GLN I 189 20.51 -45.16 48.59
N ALA I 190 20.40 -44.48 47.45
CA ALA I 190 19.13 -43.86 47.08
C ALA I 190 18.21 -44.89 46.43
N ALA I 191 17.03 -44.44 46.01
CA ALA I 191 16.00 -45.34 45.49
C ALA I 191 16.45 -46.09 44.24
N LEU I 192 16.71 -45.35 43.15
CA LEU I 192 17.11 -45.98 41.91
C LEU I 192 18.51 -46.55 41.96
N GLU I 193 19.31 -46.16 42.97
CA GLU I 193 20.62 -46.77 43.14
C GLU I 193 20.53 -48.11 43.84
N GLN I 194 19.73 -48.18 44.91
CA GLN I 194 19.53 -49.44 45.60
C GLN I 194 18.82 -50.45 44.72
N ILE I 195 17.83 -50.00 43.96
CA ILE I 195 17.12 -50.89 43.05
C ILE I 195 18.05 -51.41 41.97
N THR I 196 18.88 -50.52 41.40
CA THR I 196 19.76 -50.92 40.30
C THR I 196 20.76 -51.98 40.76
N ALA I 197 21.39 -51.76 41.91
CA ALA I 197 22.34 -52.75 42.43
C ALA I 197 21.66 -54.06 42.77
N GLY I 198 20.49 -53.99 43.40
CA GLY I 198 19.77 -55.18 43.81
C GLY I 198 19.75 -55.38 45.31
N ASN I 199 19.88 -54.29 46.06
CA ASN I 199 19.88 -54.34 47.52
C ASN I 199 18.44 -54.40 48.05
N THR I 200 17.75 -55.48 47.68
CA THR I 200 16.37 -55.67 48.09
C THR I 200 16.21 -56.98 48.86
N LYS J 6 -31.34 -47.56 -9.79
CA LYS J 6 -31.90 -46.97 -8.58
C LYS J 6 -31.06 -47.35 -7.36
N SER J 7 -29.76 -47.08 -7.44
CA SER J 7 -28.86 -47.42 -6.36
C SER J 7 -29.15 -46.55 -5.13
N THR J 8 -28.75 -47.06 -3.97
CA THR J 8 -28.99 -46.38 -2.70
C THR J 8 -27.89 -45.39 -2.34
N ILE J 9 -26.87 -45.23 -3.18
CA ILE J 9 -25.75 -44.35 -2.87
C ILE J 9 -25.62 -43.24 -3.90
N VAL J 10 -26.09 -43.50 -5.12
CA VAL J 10 -25.91 -42.56 -6.22
C VAL J 10 -27.25 -42.28 -6.91
N ASP J 11 -27.32 -41.14 -7.57
CA ASP J 11 -28.44 -40.76 -8.43
C ASP J 11 -27.96 -40.81 -9.87
N PHE J 12 -28.74 -41.45 -10.74
CA PHE J 12 -28.32 -41.69 -12.11
C PHE J 12 -28.81 -40.57 -13.03
N ASN J 13 -27.91 -40.09 -13.88
CA ASN J 13 -28.19 -39.02 -14.82
C ASN J 13 -28.84 -37.80 -14.17
N PRO J 14 -28.17 -37.18 -13.18
CA PRO J 14 -28.78 -36.01 -12.54
C PRO J 14 -28.75 -34.76 -13.40
N VAL J 15 -27.63 -34.51 -14.09
CA VAL J 15 -27.45 -33.32 -14.90
C VAL J 15 -27.12 -33.74 -16.32
N GLU J 16 -27.80 -33.14 -17.29
CA GLU J 16 -27.56 -33.44 -18.70
C GLU J 16 -26.28 -32.79 -19.18
N THR J 17 -25.50 -33.54 -19.95
CA THR J 17 -24.26 -33.04 -20.53
C THR J 17 -24.63 -32.19 -21.74
N SER J 18 -24.62 -30.87 -21.57
CA SER J 18 -25.01 -29.94 -22.63
C SER J 18 -24.10 -28.72 -22.61
N PHE J 19 -23.92 -28.12 -23.78
CA PHE J 19 -23.15 -26.89 -23.93
C PHE J 19 -24.00 -25.63 -23.80
N GLU J 20 -25.30 -25.79 -23.53
CA GLU J 20 -26.19 -24.63 -23.48
C GLU J 20 -25.79 -23.66 -22.38
N LYS J 21 -25.48 -24.19 -21.19
CA LYS J 21 -25.11 -23.33 -20.08
C LYS J 21 -23.71 -22.77 -20.20
N TRP J 22 -22.88 -23.32 -21.09
CA TRP J 22 -21.57 -22.73 -21.35
C TRP J 22 -21.70 -21.37 -22.03
N ALA J 23 -22.77 -21.16 -22.78
CA ALA J 23 -23.01 -19.93 -23.51
C ALA J 23 -23.81 -18.91 -22.69
N LYS J 24 -24.11 -19.22 -21.43
CA LYS J 24 -24.85 -18.33 -20.54
C LYS J 24 -23.98 -18.09 -19.30
N PRO J 25 -23.02 -17.17 -19.37
CA PRO J 25 -22.17 -16.91 -18.21
C PRO J 25 -22.98 -16.44 -17.01
N GLY J 26 -22.57 -16.88 -15.83
CA GLY J 26 -23.27 -16.52 -14.61
C GLY J 26 -24.56 -17.26 -14.38
N GLN J 27 -24.79 -18.37 -15.07
CA GLN J 27 -26.04 -19.12 -14.91
C GLN J 27 -26.16 -19.70 -13.51
N PHE J 28 -25.04 -19.94 -12.83
CA PHE J 28 -25.07 -20.56 -11.52
C PHE J 28 -25.68 -19.63 -10.48
N SER J 29 -25.43 -18.33 -10.59
CA SER J 29 -25.87 -17.36 -9.59
C SER J 29 -27.25 -16.83 -9.94
N ARG J 30 -28.09 -16.67 -8.91
CA ARG J 30 -29.40 -16.07 -9.12
C ARG J 30 -29.30 -14.60 -9.51
N THR J 31 -28.29 -13.90 -9.00
CA THR J 31 -28.14 -12.47 -9.28
C THR J 31 -27.43 -12.22 -10.60
N LEU J 32 -26.43 -13.04 -10.93
CA LEU J 32 -25.65 -12.84 -12.14
C LEU J 32 -26.31 -13.41 -13.39
N ALA J 33 -27.37 -14.22 -13.23
CA ALA J 33 -27.98 -14.86 -14.39
C ALA J 33 -28.68 -13.87 -15.30
N LYS J 34 -29.12 -12.73 -14.75
CA LYS J 34 -29.86 -11.76 -15.55
C LYS J 34 -28.98 -11.08 -16.60
N GLY J 35 -27.65 -11.15 -16.46
CA GLY J 35 -26.76 -10.55 -17.41
C GLY J 35 -26.06 -9.33 -16.87
N PRO J 36 -24.93 -8.97 -17.47
CA PRO J 36 -24.17 -7.82 -16.97
C PRO J 36 -24.83 -6.50 -17.31
N LYS J 37 -24.82 -5.60 -16.34
CA LYS J 37 -25.18 -4.20 -16.56
C LYS J 37 -24.03 -3.25 -16.31
N THR J 38 -23.11 -3.60 -15.40
CA THR J 38 -21.90 -2.85 -15.15
C THR J 38 -20.72 -3.82 -15.16
N THR J 39 -19.51 -3.27 -15.19
CA THR J 39 -18.32 -4.11 -15.17
C THR J 39 -18.15 -4.87 -13.85
N THR J 40 -18.88 -4.49 -12.81
CA THR J 40 -18.84 -5.24 -11.56
C THR J 40 -19.36 -6.66 -11.76
N TRP J 41 -20.25 -6.88 -12.72
CA TRP J 41 -20.78 -8.21 -12.99
C TRP J 41 -19.66 -9.16 -13.40
N ILE J 42 -18.71 -8.68 -14.20
CA ILE J 42 -17.61 -9.51 -14.67
C ILE J 42 -16.79 -10.02 -13.50
N TRP J 43 -16.44 -9.12 -12.57
CA TRP J 43 -15.65 -9.52 -11.41
C TRP J 43 -16.46 -10.40 -10.47
N ASN J 44 -17.75 -10.12 -10.31
CA ASN J 44 -18.59 -10.96 -9.48
C ASN J 44 -18.73 -12.37 -10.06
N LEU J 45 -18.61 -12.49 -11.38
CA LEU J 45 -18.73 -13.80 -12.02
C LEU J 45 -17.62 -14.74 -11.56
N HIS J 46 -16.39 -14.24 -11.47
CA HIS J 46 -15.28 -15.09 -11.06
C HIS J 46 -15.18 -15.23 -9.54
N ALA J 47 -15.68 -14.24 -8.80
CA ALA J 47 -15.62 -14.31 -7.35
C ALA J 47 -16.63 -15.28 -6.75
N ASP J 48 -17.66 -15.64 -7.51
CA ASP J 48 -18.70 -16.55 -7.05
C ASP J 48 -18.71 -17.88 -7.79
N ALA J 49 -17.68 -18.14 -8.61
CA ALA J 49 -17.69 -19.33 -9.45
C ALA J 49 -17.69 -20.60 -8.62
N HIS J 50 -16.83 -20.66 -7.60
CA HIS J 50 -16.69 -21.84 -6.77
C HIS J 50 -17.41 -21.72 -5.44
N ASP J 51 -18.18 -20.66 -5.24
CA ASP J 51 -18.98 -20.51 -4.02
C ASP J 51 -20.29 -21.29 -4.20
N PHE J 52 -20.16 -22.62 -4.15
CA PHE J 52 -21.29 -23.49 -4.40
C PHE J 52 -22.38 -23.37 -3.35
N ASP J 53 -22.06 -22.80 -2.18
CA ASP J 53 -23.06 -22.64 -1.13
C ASP J 53 -24.18 -21.70 -1.56
N ILE J 54 -23.84 -20.62 -2.26
CA ILE J 54 -24.85 -19.66 -2.70
C ILE J 54 -25.47 -20.00 -4.04
N GLN J 55 -24.95 -21.02 -4.73
CA GLN J 55 -25.52 -21.44 -6.00
C GLN J 55 -26.66 -22.43 -5.85
N THR J 56 -26.64 -23.24 -4.79
CA THR J 56 -27.71 -24.19 -4.50
C THR J 56 -28.05 -24.12 -3.02
N ASN J 57 -29.30 -24.48 -2.71
CA ASN J 57 -29.77 -24.52 -1.33
C ASN J 57 -29.72 -25.94 -0.74
N SER J 58 -29.16 -26.89 -1.47
CA SER J 58 -29.11 -28.29 -1.05
C SER J 58 -27.67 -28.69 -0.78
N LEU J 59 -27.43 -29.28 0.40
CA LEU J 59 -26.09 -29.76 0.73
C LEU J 59 -25.65 -30.86 -0.23
N GLN J 60 -26.60 -31.65 -0.74
CA GLN J 60 -26.27 -32.72 -1.68
C GLN J 60 -25.64 -32.17 -2.95
N GLU J 61 -26.24 -31.12 -3.52
CA GLU J 61 -25.71 -30.54 -4.74
C GLU J 61 -24.33 -29.92 -4.52
N VAL J 62 -24.15 -29.24 -3.39
CA VAL J 62 -22.84 -28.66 -3.07
C VAL J 62 -21.80 -29.78 -2.95
N SER J 63 -22.16 -30.87 -2.28
CA SER J 63 -21.23 -31.98 -2.12
C SER J 63 -20.85 -32.59 -3.47
N ARG J 64 -21.83 -32.76 -4.36
CA ARG J 64 -21.54 -33.32 -5.68
C ARG J 64 -20.64 -32.39 -6.49
N LYS J 65 -20.90 -31.09 -6.44
CA LYS J 65 -20.05 -30.13 -7.12
C LYS J 65 -18.63 -30.17 -6.57
N ILE J 66 -18.50 -30.27 -5.25
CA ILE J 66 -17.18 -30.34 -4.62
C ILE J 66 -16.44 -31.60 -5.06
N PHE J 67 -17.15 -32.72 -5.13
CA PHE J 67 -16.55 -33.99 -5.53
C PHE J 67 -16.01 -33.91 -6.97
N SER J 68 -16.83 -33.37 -7.88
CA SER J 68 -16.37 -33.24 -9.26
C SER J 68 -15.24 -32.21 -9.38
N ALA J 69 -15.27 -31.15 -8.58
CA ALA J 69 -14.18 -30.19 -8.59
C ALA J 69 -12.88 -30.81 -8.10
N HIS J 70 -12.97 -31.69 -7.10
CA HIS J 70 -11.80 -32.43 -6.65
C HIS J 70 -11.25 -33.29 -7.79
N PHE J 71 -12.14 -33.94 -8.54
CA PHE J 71 -11.67 -34.74 -9.66
C PHE J 71 -10.97 -33.87 -10.71
N GLY J 72 -11.54 -32.71 -11.02
CA GLY J 72 -10.89 -31.80 -11.95
C GLY J 72 -9.53 -31.34 -11.46
N GLN J 73 -9.42 -31.05 -10.17
CA GLN J 73 -8.14 -30.63 -9.60
C GLN J 73 -7.11 -31.74 -9.68
N LEU J 74 -7.51 -32.97 -9.39
CA LEU J 74 -6.59 -34.09 -9.48
C LEU J 74 -6.17 -34.35 -10.92
N ALA J 75 -7.09 -34.14 -11.88
CA ALA J 75 -6.72 -34.24 -13.28
C ALA J 75 -5.69 -33.18 -13.66
N VAL J 76 -5.86 -31.96 -13.15
CA VAL J 76 -4.89 -30.90 -13.39
C VAL J 76 -3.52 -31.26 -12.81
N ILE J 77 -3.53 -31.80 -11.59
CA ILE J 77 -2.28 -32.21 -10.95
C ILE J 77 -1.60 -33.32 -11.74
N PHE J 78 -2.38 -34.28 -12.22
CA PHE J 78 -1.82 -35.37 -13.02
C PHE J 78 -1.25 -34.85 -14.33
N LEU J 79 -1.92 -33.89 -14.96
CA LEU J 79 -1.38 -33.28 -16.17
C LEU J 79 -0.08 -32.55 -15.89
N TRP J 80 0.01 -31.85 -14.76
CA TRP J 80 1.25 -31.17 -14.37
C TRP J 80 2.38 -32.17 -14.16
N LEU J 81 2.10 -33.28 -13.47
CA LEU J 81 3.12 -34.30 -13.26
C LEU J 81 3.54 -34.94 -14.57
N SER J 82 2.59 -35.18 -15.46
CA SER J 82 2.91 -35.74 -16.77
C SER J 82 3.80 -34.78 -17.55
N GLY J 83 3.52 -33.48 -17.47
CA GLY J 83 4.38 -32.50 -18.11
C GLY J 83 5.79 -32.51 -17.54
N MET J 84 5.90 -32.63 -16.22
CA MET J 84 7.22 -32.68 -15.60
C MET J 84 8.01 -33.89 -16.08
N HIS J 85 7.36 -35.05 -16.12
CA HIS J 85 8.04 -36.27 -16.56
C HIS J 85 8.38 -36.19 -18.05
N PHE J 86 7.50 -35.60 -18.85
CA PHE J 86 7.78 -35.44 -20.28
C PHE J 86 8.98 -34.53 -20.51
N HIS J 87 9.06 -33.43 -19.75
CA HIS J 87 10.22 -32.55 -19.86
C HIS J 87 11.50 -33.24 -19.42
N GLY J 88 11.42 -34.05 -18.37
CA GLY J 88 12.58 -34.84 -17.97
C GLY J 88 13.00 -35.82 -19.05
N ALA J 89 12.01 -36.38 -19.77
CA ALA J 89 12.32 -37.37 -20.79
C ALA J 89 12.92 -36.74 -22.05
N TYR J 90 12.41 -35.57 -22.44
CA TYR J 90 12.72 -35.00 -23.74
C TYR J 90 13.62 -33.78 -23.70
N PHE J 91 13.45 -32.89 -22.73
CA PHE J 91 14.17 -31.62 -22.71
C PHE J 91 15.05 -31.51 -21.47
N SER J 92 15.73 -32.60 -21.11
CA SER J 92 16.52 -32.62 -19.90
C SER J 92 17.84 -33.34 -20.15
N ASN J 93 18.76 -33.14 -19.22
CA ASN J 93 20.06 -33.82 -19.21
C ASN J 93 20.11 -34.86 -18.09
N TYR J 94 19.00 -35.56 -17.87
CA TYR J 94 18.91 -36.50 -16.76
C TYR J 94 19.90 -37.64 -16.93
N SER J 95 20.06 -38.14 -18.16
CA SER J 95 21.02 -39.21 -18.38
C SER J 95 22.44 -38.77 -18.08
N ALA J 96 22.80 -37.55 -18.48
CA ALA J 96 24.13 -37.03 -18.16
C ALA J 96 24.28 -36.77 -16.67
N TRP J 97 23.22 -36.30 -16.02
CA TRP J 97 23.27 -36.05 -14.58
C TRP J 97 23.42 -37.34 -13.78
N LEU J 98 22.87 -38.45 -14.30
CA LEU J 98 22.99 -39.73 -13.60
C LEU J 98 24.44 -40.16 -13.49
N THR J 99 25.22 -39.98 -14.55
CA THR J 99 26.62 -40.38 -14.56
C THR J 99 27.53 -39.41 -13.82
N ASN J 100 27.05 -38.21 -13.50
CA ASN J 100 27.85 -37.21 -12.79
C ASN J 100 26.94 -36.34 -11.95
N PRO J 101 26.36 -36.91 -10.88
CA PRO J 101 25.43 -36.12 -10.06
C PRO J 101 26.08 -34.95 -9.35
N THR J 102 27.37 -35.05 -9.00
CA THR J 102 28.03 -34.03 -8.20
C THR J 102 28.63 -32.91 -9.03
N SER J 103 28.68 -33.04 -10.36
CA SER J 103 29.27 -32.01 -11.21
C SER J 103 28.36 -31.51 -12.32
N THR J 104 27.17 -32.08 -12.48
CA THR J 104 26.22 -31.64 -13.50
C THR J 104 25.00 -31.03 -12.80
N LYS J 105 24.61 -29.85 -13.24
CA LYS J 105 23.46 -29.19 -12.65
C LYS J 105 22.17 -29.66 -13.34
N PRO J 106 21.14 -30.04 -12.59
CA PRO J 106 19.92 -30.56 -13.22
C PRO J 106 19.21 -29.48 -14.03
N SER J 107 18.92 -29.79 -15.28
CA SER J 107 18.18 -28.90 -16.17
C SER J 107 17.15 -29.73 -16.94
N ALA J 108 15.91 -29.22 -16.99
CA ALA J 108 14.84 -29.93 -17.67
C ALA J 108 13.94 -28.99 -18.46
N GLN J 109 14.43 -27.82 -18.85
CA GLN J 109 13.65 -26.90 -19.66
C GLN J 109 14.60 -26.11 -20.55
N ILE J 110 14.49 -26.31 -21.86
CA ILE J 110 15.28 -25.55 -22.82
C ILE J 110 14.44 -24.41 -23.35
N VAL J 111 15.10 -23.33 -23.75
CA VAL J 111 14.43 -22.09 -24.13
C VAL J 111 14.66 -21.88 -25.62
N TRP J 112 13.58 -21.55 -26.33
CA TRP J 112 13.66 -21.32 -27.76
C TRP J 112 14.51 -20.09 -28.07
N PRO J 113 15.22 -20.09 -29.20
CA PRO J 113 16.05 -18.93 -29.58
C PRO J 113 15.26 -17.81 -30.27
N ILE J 114 14.59 -17.00 -29.47
CA ILE J 114 13.84 -15.85 -29.97
C ILE J 114 14.26 -14.63 -29.18
N VAL J 115 14.11 -13.45 -29.81
CA VAL J 115 14.39 -12.13 -29.23
C VAL J 115 15.61 -12.12 -28.32
N GLY J 116 16.59 -12.97 -28.61
CA GLY J 116 17.80 -13.03 -27.82
C GLY J 116 17.67 -13.73 -26.48
N GLN J 117 16.56 -14.42 -26.25
CA GLN J 117 16.32 -15.07 -24.96
C GLN J 117 17.10 -16.37 -24.80
N GLU J 118 17.82 -16.81 -25.84
CA GLU J 118 18.57 -18.06 -25.75
C GLU J 118 19.73 -17.98 -24.77
N VAL J 119 20.07 -16.78 -24.28
CA VAL J 119 21.07 -16.66 -23.23
C VAL J 119 20.62 -17.37 -21.96
N LEU J 120 19.30 -17.57 -21.79
CA LEU J 120 18.80 -18.27 -20.62
C LEU J 120 19.21 -19.72 -20.58
N ASN J 121 19.58 -20.31 -21.73
CA ASN J 121 20.08 -21.68 -21.78
C ASN J 121 21.47 -21.71 -21.17
N ALA J 122 21.56 -22.12 -19.91
CA ALA J 122 22.79 -22.02 -19.14
C ALA J 122 23.72 -23.20 -19.41
N ASP J 123 24.95 -23.10 -18.91
CA ASP J 123 25.91 -24.20 -19.05
C ASP J 123 25.74 -25.14 -17.88
N VAL J 124 24.64 -25.88 -17.87
CA VAL J 124 24.31 -26.81 -16.78
C VAL J 124 25.20 -28.05 -16.78
N GLY J 125 26.00 -28.25 -17.82
CA GLY J 125 26.89 -29.39 -17.89
C GLY J 125 26.26 -30.57 -18.61
N GLY J 126 27.11 -31.55 -18.88
CA GLY J 126 26.67 -32.74 -19.60
C GLY J 126 26.28 -32.48 -21.04
N ASN J 127 27.02 -31.61 -21.72
CA ASN J 127 26.71 -31.27 -23.11
C ASN J 127 25.24 -30.89 -23.23
N PHE J 128 24.79 -29.97 -22.38
CA PHE J 128 23.40 -29.55 -22.39
C PHE J 128 23.32 -28.05 -22.12
N GLN J 129 22.29 -27.43 -22.70
CA GLN J 129 21.98 -26.03 -22.47
C GLN J 129 20.53 -25.92 -22.07
N GLY J 130 20.25 -25.20 -20.98
CA GLY J 130 18.89 -25.05 -20.52
C GLY J 130 18.86 -24.33 -19.19
N ILE J 131 17.67 -24.29 -18.61
CA ILE J 131 17.44 -23.64 -17.34
C ILE J 131 17.67 -24.63 -16.22
N GLN J 132 18.50 -24.24 -15.26
CA GLN J 132 18.76 -25.11 -14.11
C GLN J 132 17.48 -25.32 -13.30
N ILE J 133 17.25 -26.56 -12.90
CA ILE J 133 16.01 -26.95 -12.24
C ILE J 133 16.27 -27.07 -10.75
N THR J 134 15.43 -26.41 -9.95
CA THR J 134 15.56 -26.41 -8.50
C THR J 134 14.41 -27.14 -7.81
N SER J 135 13.64 -27.94 -8.55
CA SER J 135 12.54 -28.71 -7.98
C SER J 135 12.97 -30.09 -7.52
N GLY J 136 14.22 -30.48 -7.77
CA GLY J 136 14.72 -31.75 -7.28
C GLY J 136 14.12 -32.97 -7.92
N PHE J 137 13.60 -32.85 -9.14
CA PHE J 137 13.01 -34.01 -9.80
C PHE J 137 14.07 -35.05 -10.14
N PHE J 138 15.27 -34.61 -10.51
CA PHE J 138 16.33 -35.55 -10.86
C PHE J 138 16.67 -36.46 -9.69
N GLN J 139 16.80 -35.87 -8.49
CA GLN J 139 17.09 -36.66 -7.30
C GLN J 139 15.95 -37.59 -6.96
N LEU J 140 14.71 -37.12 -7.10
CA LEU J 140 13.55 -37.97 -6.85
C LEU J 140 13.50 -39.13 -7.83
N TRP J 141 13.75 -38.87 -9.11
CA TRP J 141 13.74 -39.93 -10.11
C TRP J 141 14.85 -40.93 -9.85
N ARG J 142 16.02 -40.45 -9.44
CA ARG J 142 17.11 -41.36 -9.09
C ARG J 142 16.74 -42.22 -7.89
N ALA J 143 16.09 -41.63 -6.89
CA ALA J 143 15.64 -42.40 -5.74
C ALA J 143 14.56 -43.41 -6.13
N GLU J 144 13.80 -43.13 -7.17
CA GLU J 144 12.81 -44.07 -7.67
C GLU J 144 13.43 -45.21 -8.48
N GLY J 145 14.72 -45.14 -8.76
CA GLY J 145 15.37 -46.13 -9.60
C GLY J 145 15.26 -45.88 -11.09
N ILE J 146 14.73 -44.73 -11.49
CA ILE J 146 14.59 -44.40 -12.90
C ILE J 146 15.99 -44.08 -13.44
N THR J 147 16.49 -44.94 -14.34
CA THR J 147 17.82 -44.79 -14.90
C THR J 147 17.81 -44.47 -16.39
N SER J 148 16.65 -44.30 -17.00
CA SER J 148 16.56 -44.01 -18.42
C SER J 148 15.46 -43.00 -18.66
N GLU J 149 15.60 -42.24 -19.76
CA GLU J 149 14.58 -41.28 -20.15
C GLU J 149 13.36 -41.95 -20.75
N VAL J 150 13.48 -43.20 -21.18
CA VAL J 150 12.30 -43.94 -21.66
C VAL J 150 11.31 -44.14 -20.53
N GLU J 151 11.81 -44.45 -19.33
CA GLU J 151 10.94 -44.61 -18.17
C GLU J 151 10.23 -43.30 -17.84
N LEU J 152 10.94 -42.17 -17.98
CA LEU J 152 10.30 -40.87 -17.79
C LEU J 152 9.20 -40.64 -18.81
N TYR J 153 9.44 -41.02 -20.07
CA TYR J 153 8.41 -40.88 -21.10
C TYR J 153 7.19 -41.73 -20.77
N TRP J 154 7.41 -42.97 -20.30
CA TRP J 154 6.28 -43.83 -19.99
C TRP J 154 5.53 -43.33 -18.77
N THR J 155 6.24 -42.77 -17.79
CA THR J 155 5.57 -42.15 -16.66
C THR J 155 4.74 -40.95 -17.08
N ALA J 156 5.25 -40.17 -18.04
CA ALA J 156 4.48 -39.05 -18.57
C ALA J 156 3.22 -39.53 -19.29
N VAL J 157 3.34 -40.60 -20.06
CA VAL J 157 2.17 -41.16 -20.75
C VAL J 157 1.15 -41.66 -19.74
N GLY J 158 1.62 -42.35 -18.70
CA GLY J 158 0.72 -42.79 -17.65
C GLY J 158 0.07 -41.62 -16.93
N GLY J 159 0.80 -40.53 -16.74
CA GLY J 159 0.22 -39.34 -16.13
C GLY J 159 -0.86 -38.72 -17.00
N LEU J 160 -0.65 -38.68 -18.32
CA LEU J 160 -1.68 -38.19 -19.22
C LEU J 160 -2.92 -39.07 -19.16
N VAL J 161 -2.73 -40.39 -19.16
CA VAL J 161 -3.86 -41.30 -19.09
C VAL J 161 -4.60 -41.12 -17.77
N ALA J 162 -3.87 -40.96 -16.67
CA ALA J 162 -4.49 -40.75 -15.37
C ALA J 162 -5.26 -39.43 -15.33
N SER J 163 -4.70 -38.39 -15.93
CA SER J 163 -5.40 -37.10 -15.97
C SER J 163 -6.71 -37.21 -16.74
N PHE J 164 -6.69 -37.90 -17.89
CA PHE J 164 -7.94 -38.12 -18.62
C PHE J 164 -8.91 -38.94 -17.78
N LEU J 165 -8.39 -39.94 -17.04
CA LEU J 165 -9.26 -40.76 -16.20
C LEU J 165 -9.93 -39.93 -15.12
N MET J 166 -9.19 -39.00 -14.51
CA MET J 166 -9.79 -38.17 -13.47
C MET J 166 -10.80 -37.19 -14.05
N LEU J 167 -10.52 -36.65 -15.23
CA LEU J 167 -11.52 -35.81 -15.90
C LEU J 167 -12.80 -36.61 -16.17
N PHE J 168 -12.65 -37.83 -16.68
CA PHE J 168 -13.82 -38.66 -16.94
C PHE J 168 -14.55 -39.00 -15.66
N ALA J 169 -13.81 -39.22 -14.57
CA ALA J 169 -14.45 -39.52 -13.29
C ALA J 169 -15.27 -38.34 -12.78
N GLY J 170 -14.73 -37.12 -12.91
CA GLY J 170 -15.49 -35.95 -12.51
C GLY J 170 -16.74 -35.78 -13.33
N TRP J 171 -16.63 -35.93 -14.66
CA TRP J 171 -17.81 -35.84 -15.50
C TRP J 171 -18.82 -36.92 -15.13
N PHE J 172 -18.35 -38.14 -14.92
CA PHE J 172 -19.24 -39.26 -14.60
C PHE J 172 -19.97 -39.02 -13.30
N HIS J 173 -19.27 -38.55 -12.28
CA HIS J 173 -19.87 -38.38 -10.96
C HIS J 173 -20.58 -37.06 -10.79
N TYR J 174 -20.58 -36.18 -11.79
CA TYR J 174 -21.54 -35.09 -11.76
C TYR J 174 -22.73 -35.31 -12.69
N HIS J 175 -22.55 -35.99 -13.82
CA HIS J 175 -23.59 -36.03 -14.84
C HIS J 175 -24.23 -37.40 -15.03
N LYS J 176 -23.54 -38.48 -14.70
CA LYS J 176 -24.02 -39.83 -14.94
C LYS J 176 -24.40 -40.58 -13.67
N ALA J 177 -23.58 -40.49 -12.63
CA ALA J 177 -23.88 -41.15 -11.35
C ALA J 177 -23.31 -40.28 -10.23
N ALA J 178 -24.15 -39.40 -9.69
CA ALA J 178 -23.73 -38.50 -8.62
C ALA J 178 -24.07 -39.10 -7.27
N PRO J 179 -23.12 -39.20 -6.35
CA PRO J 179 -23.40 -39.80 -5.04
C PRO J 179 -24.38 -38.96 -4.24
N LYS J 180 -25.09 -39.62 -3.35
CA LYS J 180 -26.08 -38.97 -2.50
C LYS J 180 -25.42 -38.39 -1.25
N LEU J 181 -26.20 -37.61 -0.50
CA LEU J 181 -25.68 -36.96 0.70
C LEU J 181 -25.24 -37.97 1.74
N GLU J 182 -26.01 -39.06 1.90
CA GLU J 182 -25.67 -40.08 2.89
C GLU J 182 -24.32 -40.72 2.57
N TRP J 183 -24.01 -40.89 1.29
CA TRP J 183 -22.70 -41.40 0.89
C TRP J 183 -21.59 -40.45 1.32
N PHE J 184 -21.80 -39.15 1.12
CA PHE J 184 -20.78 -38.17 1.50
C PHE J 184 -20.63 -38.08 3.00
N GLN J 185 -21.70 -38.31 3.76
CA GLN J 185 -21.68 -38.14 5.20
C GLN J 185 -21.19 -39.37 5.95
N ASN J 186 -20.76 -40.41 5.24
CA ASN J 186 -20.16 -41.59 5.86
C ASN J 186 -18.71 -41.27 6.22
N VAL J 187 -18.56 -40.40 7.23
CA VAL J 187 -17.23 -39.97 7.63
C VAL J 187 -16.46 -41.12 8.28
N GLU J 188 -17.16 -42.05 8.93
CA GLU J 188 -16.47 -43.22 9.48
C GLU J 188 -15.90 -44.08 8.38
N SER J 189 -16.70 -44.40 7.37
CA SER J 189 -16.22 -45.18 6.23
C SER J 189 -15.13 -44.43 5.48
N MET J 190 -15.30 -43.12 5.29
CA MET J 190 -14.31 -42.34 4.58
C MET J 190 -12.98 -42.34 5.32
N LEU J 191 -13.02 -42.16 6.64
CA LEU J 191 -11.80 -42.18 7.43
C LEU J 191 -11.15 -43.55 7.39
N ASN J 192 -11.96 -44.61 7.53
CA ASN J 192 -11.41 -45.96 7.46
C ASN J 192 -10.68 -46.18 6.15
N HIS J 193 -11.30 -45.77 5.04
CA HIS J 193 -10.70 -46.00 3.74
C HIS J 193 -9.47 -45.12 3.53
N HIS J 194 -9.56 -43.84 3.83
CA HIS J 194 -8.43 -42.95 3.63
C HIS J 194 -7.25 -43.34 4.52
N LEU J 195 -7.51 -43.94 5.68
CA LEU J 195 -6.42 -44.34 6.56
C LEU J 195 -5.83 -45.68 6.15
N ALA J 196 -6.68 -46.67 5.87
CA ALA J 196 -6.15 -47.97 5.48
C ALA J 196 -5.77 -47.97 4.01
N GLY J 197 -6.76 -47.90 3.12
CA GLY J 197 -6.51 -47.98 1.70
C GLY J 197 -5.53 -46.91 1.23
N LEU J 198 -5.96 -45.65 1.19
CA LEU J 198 -5.11 -44.61 0.63
C LEU J 198 -3.75 -44.58 1.31
N LEU J 199 -3.70 -44.20 2.58
CA LEU J 199 -2.41 -44.00 3.23
C LEU J 199 -1.66 -45.31 3.41
N GLY J 200 -2.25 -46.29 4.11
CA GLY J 200 -1.52 -47.50 4.42
C GLY J 200 -1.15 -48.30 3.19
N LEU J 201 -2.11 -48.51 2.27
CA LEU J 201 -1.78 -49.29 1.09
C LEU J 201 -0.87 -48.53 0.13
N GLY J 202 -0.91 -47.20 0.13
CA GLY J 202 0.08 -46.46 -0.64
C GLY J 202 1.47 -46.62 -0.06
N SER J 203 1.58 -46.56 1.26
CA SER J 203 2.88 -46.81 1.90
C SER J 203 3.35 -48.22 1.63
N LEU J 204 2.44 -49.19 1.66
CA LEU J 204 2.81 -50.58 1.41
C LEU J 204 3.26 -50.78 -0.04
N SER J 205 2.53 -50.21 -0.99
CA SER J 205 2.91 -50.32 -2.39
C SER J 205 4.23 -49.62 -2.65
N TRP J 206 4.46 -48.47 -2.04
CA TRP J 206 5.73 -47.78 -2.23
C TRP J 206 6.87 -48.53 -1.57
N ALA J 207 6.62 -49.16 -0.44
CA ALA J 207 7.64 -50.00 0.18
C ALA J 207 7.99 -51.18 -0.72
N GLY J 208 6.97 -51.78 -1.34
CA GLY J 208 7.24 -52.86 -2.28
C GLY J 208 8.06 -52.38 -3.46
N HIS J 209 7.71 -51.23 -4.03
CA HIS J 209 8.48 -50.69 -5.14
C HIS J 209 9.91 -50.41 -4.72
N GLN J 210 10.10 -49.77 -3.57
CA GLN J 210 11.44 -49.47 -3.10
C GLN J 210 12.26 -50.74 -2.96
N ILE J 211 11.70 -51.72 -2.26
CA ILE J 211 12.41 -52.97 -1.97
C ILE J 211 12.79 -53.69 -3.25
N HIS J 212 11.89 -53.71 -4.23
CA HIS J 212 12.14 -54.54 -5.42
C HIS J 212 12.78 -53.80 -6.58
N ILE J 213 12.75 -52.46 -6.59
CA ILE J 213 13.24 -51.68 -7.72
C ILE J 213 14.25 -50.66 -7.23
N ALA J 214 13.86 -49.84 -6.24
CA ALA J 214 14.71 -48.72 -5.85
C ALA J 214 15.91 -49.19 -5.04
N LEU J 215 15.70 -50.16 -4.15
CA LEU J 215 16.82 -50.67 -3.36
C LEU J 215 17.92 -51.29 -4.21
N PRO J 216 17.64 -52.18 -5.17
CA PRO J 216 18.76 -52.75 -5.94
C PRO J 216 19.37 -51.78 -6.93
N ILE J 217 18.53 -51.01 -7.63
CA ILE J 217 19.04 -50.10 -8.67
C ILE J 217 19.91 -49.02 -8.04
N ASN J 218 19.46 -48.44 -6.93
CA ASN J 218 20.26 -47.40 -6.28
C ASN J 218 21.52 -47.96 -5.64
N LYS J 219 21.46 -49.18 -5.11
CA LYS J 219 22.67 -49.79 -4.58
C LYS J 219 23.69 -50.02 -5.69
N LEU J 220 23.23 -50.47 -6.86
CA LEU J 220 24.13 -50.63 -8.00
C LEU J 220 24.69 -49.28 -8.45
N LEU J 221 23.84 -48.24 -8.46
CA LEU J 221 24.29 -46.92 -8.85
C LEU J 221 25.37 -46.40 -7.90
N ASP J 222 25.17 -46.59 -6.60
CA ASP J 222 26.17 -46.14 -5.63
C ASP J 222 27.44 -46.95 -5.71
N LEU J 223 27.34 -48.22 -6.13
CA LEU J 223 28.52 -49.05 -6.30
C LEU J 223 29.37 -48.64 -7.50
N GLY J 224 28.87 -47.73 -8.34
CA GLY J 224 29.59 -47.28 -9.51
C GLY J 224 29.15 -47.90 -10.82
N VAL J 225 28.15 -48.78 -10.80
CA VAL J 225 27.66 -49.39 -12.02
C VAL J 225 26.94 -48.35 -12.85
N SER J 226 27.32 -48.24 -14.12
CA SER J 226 26.71 -47.25 -15.00
C SER J 226 25.26 -47.63 -15.29
N PRO J 227 24.40 -46.65 -15.54
CA PRO J 227 22.97 -46.96 -15.75
C PRO J 227 22.70 -47.85 -16.94
N GLU J 228 23.60 -47.91 -17.92
CA GLU J 228 23.34 -48.72 -19.12
C GLU J 228 23.48 -50.21 -18.83
N GLU J 229 24.42 -50.60 -17.97
CA GLU J 229 24.61 -52.00 -17.63
C GLU J 229 23.81 -52.43 -16.40
N ILE J 230 23.06 -51.52 -15.80
CA ILE J 230 22.14 -51.91 -14.73
C ILE J 230 20.96 -52.66 -15.33
N PRO J 231 20.54 -53.78 -14.76
CA PRO J 231 19.42 -54.53 -15.34
C PRO J 231 18.13 -53.72 -15.32
N LEU J 232 17.26 -54.03 -16.27
CA LEU J 232 15.96 -53.37 -16.31
C LEU J 232 15.17 -53.72 -15.04
N PRO J 233 14.33 -52.81 -14.56
CA PRO J 233 13.70 -53.02 -13.24
C PRO J 233 12.87 -54.29 -13.14
N TYR J 234 12.22 -54.72 -14.23
CA TYR J 234 11.42 -55.93 -14.17
C TYR J 234 12.28 -57.18 -13.96
N GLU J 235 13.54 -57.13 -14.38
CA GLU J 235 14.42 -58.26 -14.20
C GLU J 235 14.76 -58.51 -12.73
N PHE J 236 14.63 -57.49 -11.88
CA PHE J 236 14.85 -57.68 -10.45
C PHE J 236 13.72 -58.45 -9.80
N ILE J 237 12.57 -58.57 -10.46
CA ILE J 237 11.44 -59.33 -9.94
C ILE J 237 11.42 -60.75 -10.51
N LEU J 238 11.61 -60.88 -11.82
CA LEU J 238 11.60 -62.21 -12.43
C LEU J 238 12.81 -63.03 -12.01
N ASN J 239 13.92 -62.38 -11.65
CA ASN J 239 15.14 -63.07 -11.26
C ASN J 239 15.44 -62.74 -9.81
N ARG J 240 15.28 -63.72 -8.92
CA ARG J 240 15.56 -63.57 -7.51
C ARG J 240 17.08 -63.61 -7.22
N ASP J 241 17.91 -63.64 -8.25
CA ASP J 241 19.35 -63.68 -8.07
C ASP J 241 20.04 -62.36 -8.32
N LEU J 242 19.40 -61.45 -9.06
CA LEU J 242 19.95 -60.11 -9.26
C LEU J 242 19.82 -59.24 -8.03
N ILE J 243 18.87 -59.54 -7.15
CA ILE J 243 18.62 -58.75 -5.96
C ILE J 243 19.20 -59.47 -4.74
N ALA J 244 19.31 -60.79 -4.82
CA ALA J 244 19.90 -61.57 -3.73
C ALA J 244 21.41 -61.43 -3.66
N GLN J 245 22.05 -60.86 -4.69
CA GLN J 245 23.48 -60.59 -4.59
C GLN J 245 23.75 -59.30 -3.84
N LEU J 246 22.92 -58.27 -4.08
CA LEU J 246 23.07 -57.02 -3.35
C LEU J 246 22.57 -57.15 -1.92
N TYR J 247 21.43 -57.83 -1.73
CA TYR J 247 20.84 -58.06 -0.41
C TYR J 247 20.66 -59.57 -0.26
N PRO J 248 21.62 -60.26 0.37
CA PRO J 248 21.59 -61.73 0.46
C PRO J 248 20.59 -62.26 1.48
N SER J 249 19.38 -61.70 1.46
CA SER J 249 18.28 -62.17 2.28
C SER J 249 17.06 -62.55 1.46
N PHE J 250 17.01 -62.21 0.17
CA PHE J 250 15.92 -62.64 -0.70
C PHE J 250 16.01 -64.12 -1.03
N ASN J 251 17.16 -64.75 -0.78
CA ASN J 251 17.30 -66.18 -1.05
C ASN J 251 16.37 -67.01 -0.17
N LYS J 252 15.93 -66.47 0.96
CA LYS J 252 14.98 -67.16 1.83
C LYS J 252 13.53 -66.91 1.43
N GLY J 253 13.29 -66.04 0.46
CA GLY J 253 11.92 -65.79 0.01
C GLY J 253 11.08 -65.12 1.08
N LEU J 254 9.78 -65.37 1.02
CA LEU J 254 8.83 -64.82 1.98
C LEU J 254 8.61 -65.72 3.18
N THR J 255 9.33 -66.84 3.27
CA THR J 255 9.21 -67.71 4.44
C THR J 255 9.54 -67.00 5.75
N PRO J 256 10.62 -66.21 5.87
CA PRO J 256 10.83 -65.48 7.13
C PRO J 256 9.69 -64.56 7.50
N PHE J 257 8.99 -63.97 6.52
CA PHE J 257 7.87 -63.10 6.82
C PHE J 257 6.72 -63.87 7.46
N PHE J 258 6.34 -64.99 6.85
CA PHE J 258 5.19 -65.76 7.33
C PHE J 258 5.52 -66.62 8.54
N THR J 259 6.80 -66.84 8.82
CA THR J 259 7.22 -67.58 10.00
C THR J 259 7.63 -66.66 11.14
N LEU J 260 7.32 -65.37 11.04
CA LEU J 260 7.61 -64.35 12.04
C LEU J 260 9.11 -64.19 12.30
N ASN J 261 9.96 -64.73 11.44
CA ASN J 261 11.41 -64.56 11.55
C ASN J 261 11.84 -63.32 10.80
N TRP J 262 11.28 -62.17 11.21
CA TRP J 262 11.52 -60.91 10.52
C TRP J 262 12.94 -60.41 10.68
N GLY J 263 13.74 -61.00 11.57
CA GLY J 263 15.13 -60.62 11.70
C GLY J 263 15.96 -60.94 10.47
N GLU J 264 15.53 -61.91 9.66
CA GLU J 264 16.27 -62.26 8.46
C GLU J 264 16.30 -61.12 7.46
N TYR J 265 15.26 -60.27 7.45
CA TYR J 265 15.14 -59.19 6.50
C TYR J 265 15.91 -57.94 6.93
N SER J 266 16.82 -58.06 7.89
CA SER J 266 17.62 -56.92 8.31
C SER J 266 18.59 -56.44 7.23
N ASP J 267 18.77 -57.23 6.16
CA ASP J 267 19.65 -56.81 5.08
C ASP J 267 19.13 -55.56 4.38
N PHE J 268 17.82 -55.53 4.08
CA PHE J 268 17.23 -54.42 3.35
C PHE J 268 16.19 -53.66 4.16
N LEU J 269 15.86 -54.09 5.37
CA LEU J 269 15.02 -53.32 6.28
C LEU J 269 15.88 -52.97 7.49
N THR J 270 16.63 -51.88 7.36
CA THR J 270 17.56 -51.47 8.40
C THR J 270 16.98 -50.34 9.24
N PHE J 271 17.68 -50.02 10.32
CA PHE J 271 17.39 -48.84 11.13
C PHE J 271 18.74 -48.24 11.47
N LYS J 272 19.23 -47.36 10.59
CA LYS J 272 20.58 -46.82 10.68
C LYS J 272 20.63 -45.36 11.10
N GLY J 273 19.73 -44.53 10.57
CA GLY J 273 19.83 -43.12 10.81
C GLY J 273 20.95 -42.51 9.99
N GLY J 274 21.18 -41.21 10.23
CA GLY J 274 22.23 -40.54 9.51
C GLY J 274 21.95 -40.45 8.02
N LEU J 275 23.01 -40.42 7.23
CA LEU J 275 22.92 -40.27 5.79
C LEU J 275 23.85 -41.27 5.11
N ASN J 276 23.51 -41.60 3.87
CA ASN J 276 24.38 -42.43 3.05
C ASN J 276 25.65 -41.68 2.73
N PRO J 277 26.82 -42.20 3.08
CA PRO J 277 28.06 -41.45 2.81
C PRO J 277 28.35 -41.27 1.33
N VAL J 278 27.77 -42.10 0.46
CA VAL J 278 28.04 -41.98 -0.97
C VAL J 278 27.18 -40.88 -1.59
N THR J 279 25.89 -40.86 -1.28
CA THR J 279 24.95 -39.94 -1.91
C THR J 279 24.57 -38.76 -1.02
N GLY J 280 24.77 -38.86 0.29
CA GLY J 280 24.38 -37.81 1.19
C GLY J 280 22.92 -37.81 1.59
N GLY J 281 22.12 -38.73 1.06
CA GLY J 281 20.73 -38.85 1.41
C GLY J 281 20.49 -39.95 2.44
N LEU J 282 19.23 -40.08 2.82
CA LEU J 282 18.84 -41.12 3.77
C LEU J 282 19.06 -42.49 3.15
N TRP J 283 19.41 -43.46 4.00
CA TRP J 283 19.55 -44.84 3.56
C TRP J 283 18.22 -45.33 3.02
N LEU J 284 18.21 -45.79 1.77
CA LEU J 284 16.96 -46.24 1.17
C LEU J 284 16.43 -47.50 1.83
N THR J 285 17.29 -48.32 2.44
CA THR J 285 16.80 -49.41 3.27
C THR J 285 16.00 -48.87 4.45
N ASP J 286 16.51 -47.81 5.10
CA ASP J 286 15.77 -47.15 6.16
C ASP J 286 14.45 -46.61 5.64
N THR J 287 14.45 -46.03 4.44
CA THR J 287 13.22 -45.49 3.86
C THR J 287 12.20 -46.59 3.59
N ALA J 288 12.65 -47.73 3.06
CA ALA J 288 11.73 -48.84 2.81
C ALA J 288 11.16 -49.39 4.11
N HIS J 289 12.01 -49.56 5.13
CA HIS J 289 11.52 -50.00 6.43
C HIS J 289 10.53 -49.00 7.02
N HIS J 290 10.81 -47.71 6.85
CA HIS J 290 9.92 -46.67 7.32
C HIS J 290 8.56 -46.78 6.66
N HIS J 291 8.54 -46.93 5.33
CA HIS J 291 7.28 -47.00 4.63
C HIS J 291 6.50 -48.25 4.99
N LEU J 292 7.22 -49.37 5.21
CA LEU J 292 6.56 -50.58 5.66
C LEU J 292 5.89 -50.38 7.01
N ALA J 293 6.62 -49.79 7.97
CA ALA J 293 6.05 -49.57 9.29
C ALA J 293 4.87 -48.61 9.22
N ILE J 294 5.00 -47.56 8.40
CA ILE J 294 3.91 -46.60 8.22
C ILE J 294 2.68 -47.29 7.62
N ALA J 295 2.91 -48.18 6.66
CA ALA J 295 1.80 -48.91 6.05
C ALA J 295 1.07 -49.76 7.07
N VAL J 296 1.83 -50.50 7.88
CA VAL J 296 1.19 -51.34 8.89
C VAL J 296 0.43 -50.49 9.89
N LEU J 297 1.04 -49.40 10.34
CA LEU J 297 0.39 -48.53 11.33
C LEU J 297 -0.89 -47.92 10.78
N PHE J 298 -0.88 -47.47 9.52
CA PHE J 298 -2.04 -46.83 8.95
C PHE J 298 -3.14 -47.85 8.63
N ILE J 299 -2.76 -49.04 8.19
CA ILE J 299 -3.77 -50.09 7.98
C ILE J 299 -4.44 -50.44 9.29
N VAL J 300 -3.66 -50.57 10.36
CA VAL J 300 -4.25 -50.83 11.67
C VAL J 300 -5.16 -49.68 12.08
N ALA J 301 -4.70 -48.45 11.88
CA ALA J 301 -5.51 -47.28 12.26
C ALA J 301 -6.79 -47.17 11.45
N GLY J 302 -6.85 -47.80 10.28
CA GLY J 302 -8.05 -47.73 9.48
C GLY J 302 -9.19 -48.60 9.98
N HIS J 303 -8.91 -49.53 10.87
CA HIS J 303 -9.95 -50.37 11.48
C HIS J 303 -10.41 -49.80 12.82
N MET J 304 -10.82 -48.54 12.84
CA MET J 304 -11.18 -47.87 14.08
C MET J 304 -12.66 -47.48 14.15
N TYR J 305 -13.22 -46.99 13.07
CA TYR J 305 -14.56 -46.40 13.09
C TYR J 305 -15.58 -47.39 12.55
N LYS J 306 -16.76 -47.40 13.19
CA LYS J 306 -17.81 -48.32 12.81
C LYS J 306 -18.46 -47.86 11.51
N THR J 307 -18.46 -48.73 10.50
CA THR J 307 -18.98 -48.38 9.19
C THR J 307 -20.22 -49.20 8.81
N ASN J 308 -20.11 -50.52 8.77
CA ASN J 308 -21.22 -51.35 8.30
C ASN J 308 -21.45 -52.60 9.12
N TRP J 309 -20.61 -52.89 10.11
CA TRP J 309 -20.77 -54.05 10.98
C TRP J 309 -20.88 -53.57 12.42
N PHE J 310 -21.18 -54.50 13.32
CA PHE J 310 -21.15 -54.21 14.75
C PHE J 310 -19.70 -54.32 15.23
N LEU J 311 -18.91 -53.33 14.82
CA LEU J 311 -17.48 -53.31 15.09
C LEU J 311 -16.95 -51.92 14.77
N GLY J 312 -16.11 -51.40 15.66
CA GLY J 312 -15.53 -50.09 15.47
C GLY J 312 -16.17 -49.04 16.36
N HIS J 313 -15.73 -47.81 16.15
CA HIS J 313 -16.16 -46.67 16.94
C HIS J 313 -17.16 -45.82 16.17
N SER J 314 -18.02 -45.12 16.92
CA SER J 314 -18.84 -44.06 16.39
C SER J 314 -18.23 -42.74 16.86
N ILE J 315 -17.89 -41.88 15.91
CA ILE J 315 -17.26 -40.60 16.26
C ILE J 315 -18.20 -39.74 17.08
N LYS J 316 -19.52 -39.90 16.88
CA LYS J 316 -20.49 -39.17 17.68
C LYS J 316 -20.41 -39.57 19.15
N THR J 317 -20.29 -40.87 19.42
CA THR J 317 -20.23 -41.33 20.81
C THR J 317 -18.91 -40.95 21.47
N ILE J 318 -17.81 -40.93 20.70
CA ILE J 318 -16.52 -40.54 21.26
C ILE J 318 -16.55 -39.07 21.67
N LEU J 319 -17.02 -38.20 20.77
CA LEU J 319 -17.02 -36.77 21.04
C LEU J 319 -17.96 -36.42 22.19
N GLU J 320 -19.15 -37.01 22.21
CA GLU J 320 -20.14 -36.66 23.23
C GLU J 320 -19.73 -37.09 24.62
N ALA J 321 -18.81 -38.05 24.74
CA ALA J 321 -18.34 -38.50 26.04
C ALA J 321 -17.20 -37.65 26.60
N HIS J 322 -16.66 -36.73 25.82
CA HIS J 322 -15.53 -35.92 26.24
C HIS J 322 -16.02 -34.55 26.73
N LYS J 323 -16.71 -34.59 27.86
CA LYS J 323 -17.12 -33.38 28.57
C LYS J 323 -16.14 -33.12 29.71
N GLY J 324 -16.40 -32.06 30.47
CA GLY J 324 -15.56 -31.73 31.59
C GLY J 324 -16.13 -30.63 32.45
N PRO J 325 -15.59 -30.48 33.67
CA PRO J 325 -16.06 -29.39 34.53
C PRO J 325 -15.86 -28.01 33.95
N PHE J 326 -14.77 -27.82 33.20
CA PHE J 326 -14.45 -26.50 32.64
C PHE J 326 -15.07 -26.27 31.26
N THR J 327 -15.61 -27.30 30.62
CA THR J 327 -16.02 -27.18 29.22
C THR J 327 -17.49 -27.50 28.99
N GLY J 328 -18.30 -27.58 30.03
CA GLY J 328 -19.74 -27.72 29.85
C GLY J 328 -20.10 -28.99 29.10
N GLU J 329 -20.81 -28.82 27.99
CA GLU J 329 -21.24 -29.96 27.17
C GLU J 329 -20.09 -30.60 26.40
N GLY J 330 -18.92 -29.98 26.38
CA GLY J 330 -17.79 -30.58 25.69
C GLY J 330 -17.98 -30.60 24.19
N HIS J 331 -17.67 -31.76 23.58
CA HIS J 331 -17.67 -31.91 22.14
C HIS J 331 -19.02 -32.31 21.59
N LYS J 332 -20.10 -32.13 22.35
CA LYS J 332 -21.43 -32.47 21.85
C LYS J 332 -21.81 -31.50 20.74
N GLY J 333 -22.24 -32.05 19.60
CA GLY J 333 -22.60 -31.24 18.45
C GLY J 333 -21.49 -31.04 17.45
N LEU J 334 -20.25 -31.35 17.80
CA LEU J 334 -19.15 -31.19 16.86
C LEU J 334 -19.26 -32.16 15.69
N TYR J 335 -19.80 -33.36 15.94
CA TYR J 335 -20.00 -34.31 14.84
C TYR J 335 -21.02 -33.77 13.84
N GLU J 336 -22.10 -33.15 14.34
CA GLU J 336 -23.07 -32.53 13.44
C GLU J 336 -22.47 -31.35 12.69
N VAL J 337 -21.56 -30.61 13.34
CA VAL J 337 -20.92 -29.48 12.69
C VAL J 337 -20.05 -29.95 11.52
N LEU J 338 -19.26 -31.00 11.74
CA LEU J 338 -18.29 -31.45 10.76
C LEU J 338 -18.88 -32.39 9.72
N THR J 339 -20.14 -32.81 9.86
CA THR J 339 -20.82 -33.62 8.87
C THR J 339 -21.88 -32.85 8.10
N THR J 340 -22.10 -31.58 8.43
CA THR J 340 -23.08 -30.75 7.73
C THR J 340 -22.48 -29.46 7.20
N SER J 341 -21.20 -29.20 7.41
CA SER J 341 -20.54 -27.98 6.96
C SER J 341 -19.25 -28.35 6.24
N TRP J 342 -19.19 -28.06 4.95
CA TRP J 342 -17.95 -28.25 4.21
C TRP J 342 -16.88 -27.26 4.64
N HIS J 343 -17.29 -26.08 5.10
CA HIS J 343 -16.32 -25.04 5.45
C HIS J 343 -15.53 -25.41 6.69
N ALA J 344 -16.18 -26.05 7.67
CA ALA J 344 -15.46 -26.48 8.87
C ALA J 344 -14.41 -27.55 8.52
N GLN J 345 -14.80 -28.52 7.70
CA GLN J 345 -13.84 -29.52 7.25
C GLN J 345 -12.71 -28.89 6.48
N LEU J 346 -13.02 -27.92 5.62
CA LEU J 346 -11.96 -27.22 4.88
C LEU J 346 -11.03 -26.47 5.82
N ALA J 347 -11.59 -25.83 6.85
CA ALA J 347 -10.76 -25.12 7.82
C ALA J 347 -9.77 -26.06 8.49
N ILE J 348 -10.28 -27.16 9.04
CA ILE J 348 -9.41 -28.10 9.75
C ILE J 348 -8.37 -28.68 8.80
N ASN J 349 -8.82 -29.14 7.64
CA ASN J 349 -7.93 -29.81 6.69
C ASN J 349 -6.87 -28.85 6.17
N LEU J 350 -7.25 -27.61 5.85
CA LEU J 350 -6.30 -26.65 5.32
C LEU J 350 -5.28 -26.23 6.38
N ALA J 351 -5.73 -26.01 7.63
CA ALA J 351 -4.79 -25.65 8.68
C ALA J 351 -3.78 -26.76 8.91
N LEU J 352 -4.28 -27.99 9.10
CA LEU J 352 -3.36 -29.10 9.35
C LEU J 352 -2.52 -29.41 8.12
N PHE J 353 -3.03 -29.12 6.93
CA PHE J 353 -2.31 -29.38 5.70
C PHE J 353 -1.16 -28.40 5.52
N GLY J 354 -1.39 -27.11 5.83
CA GLY J 354 -0.31 -26.15 5.81
C GLY J 354 0.73 -26.44 6.87
N SER J 355 0.29 -26.81 8.07
CA SER J 355 1.24 -27.18 9.12
C SER J 355 2.06 -28.40 8.69
N LEU J 356 1.41 -29.37 8.05
CA LEU J 356 2.12 -30.53 7.55
C LEU J 356 3.13 -30.15 6.47
N SER J 357 2.77 -29.19 5.61
CA SER J 357 3.69 -28.74 4.58
C SER J 357 4.92 -28.10 5.20
N ILE J 358 4.74 -27.29 6.24
CA ILE J 358 5.88 -26.68 6.91
C ILE J 358 6.75 -27.73 7.60
N ILE J 359 6.10 -28.72 8.23
CA ILE J 359 6.85 -29.81 8.86
C ILE J 359 7.64 -30.59 7.81
N VAL J 360 7.04 -30.82 6.65
CA VAL J 360 7.72 -31.49 5.55
C VAL J 360 8.93 -30.67 5.12
N ALA J 361 8.75 -29.35 4.98
CA ALA J 361 9.85 -28.49 4.60
C ALA J 361 11.01 -28.61 5.59
N HIS J 362 10.71 -28.63 6.89
CA HIS J 362 11.75 -28.76 7.89
C HIS J 362 12.48 -30.09 7.77
N HIS J 363 11.71 -31.18 7.77
CA HIS J 363 12.31 -32.51 7.74
C HIS J 363 13.05 -32.80 6.44
N MET J 364 12.74 -32.06 5.36
CA MET J 364 13.43 -32.26 4.10
C MET J 364 14.91 -31.93 4.21
N TYR J 365 15.25 -30.67 4.47
CA TYR J 365 16.65 -30.30 4.59
C TYR J 365 17.27 -30.91 5.82
N ALA J 366 16.49 -31.09 6.90
CA ALA J 366 17.06 -31.65 8.11
C ALA J 366 17.61 -33.04 7.87
N MET J 367 16.86 -33.88 7.15
CA MET J 367 17.27 -35.24 6.83
C MET J 367 17.03 -35.43 5.34
N PRO J 368 18.01 -35.10 4.51
CA PRO J 368 17.82 -35.19 3.06
C PRO J 368 17.45 -36.59 2.63
N PRO J 369 16.27 -36.78 2.05
CA PRO J 369 15.78 -38.13 1.72
C PRO J 369 16.11 -38.61 0.32
N TYR J 370 16.79 -37.81 -0.50
CA TYR J 370 17.07 -38.19 -1.86
C TYR J 370 18.58 -38.21 -2.11
N PRO J 371 19.06 -39.08 -2.99
CA PRO J 371 20.49 -39.10 -3.29
C PRO J 371 20.92 -37.83 -4.01
N TYR J 372 22.05 -37.27 -3.56
CA TYR J 372 22.66 -36.09 -4.18
C TYR J 372 21.72 -34.89 -4.21
N ILE J 373 20.85 -34.79 -3.20
CA ILE J 373 20.01 -33.61 -3.06
C ILE J 373 20.51 -32.66 -1.98
N ALA J 374 21.25 -33.15 -0.99
CA ALA J 374 21.79 -32.28 0.04
C ALA J 374 22.88 -31.37 -0.51
N ILE J 375 23.66 -31.85 -1.49
CA ILE J 375 24.71 -31.04 -2.08
C ILE J 375 24.20 -30.16 -3.21
N ASP J 376 22.94 -30.31 -3.61
CA ASP J 376 22.33 -29.39 -4.56
C ASP J 376 21.62 -28.30 -3.75
N TYR J 377 22.41 -27.30 -3.36
CA TYR J 377 21.88 -26.22 -2.52
C TYR J 377 20.69 -25.49 -3.15
N PRO J 378 20.67 -25.17 -4.45
CA PRO J 378 19.45 -24.55 -5.00
C PRO J 378 18.22 -25.38 -4.79
N THR J 379 18.31 -26.69 -4.96
CA THR J 379 17.15 -27.55 -4.76
C THR J 379 16.68 -27.52 -3.31
N GLN J 380 17.60 -27.61 -2.35
CA GLN J 380 17.21 -27.59 -0.95
C GLN J 380 16.55 -26.26 -0.58
N LEU J 381 17.17 -25.14 -0.97
CA LEU J 381 16.61 -23.85 -0.65
C LEU J 381 15.24 -23.67 -1.27
N SER J 382 15.10 -24.04 -2.56
CA SER J 382 13.82 -23.87 -3.24
C SER J 382 12.75 -24.74 -2.61
N LEU J 383 13.08 -25.99 -2.30
CA LEU J 383 12.09 -26.90 -1.71
C LEU J 383 11.62 -26.37 -0.37
N PHE J 384 12.55 -25.97 0.50
CA PHE J 384 12.16 -25.44 1.80
C PHE J 384 11.27 -24.21 1.65
N THR J 385 11.72 -23.23 0.87
CA THR J 385 10.97 -21.98 0.75
C THR J 385 9.58 -22.23 0.15
N HIS J 386 9.51 -23.05 -0.89
CA HIS J 386 8.23 -23.33 -1.54
C HIS J 386 7.27 -24.00 -0.57
N HIS J 387 7.76 -25.01 0.17
CA HIS J 387 6.85 -25.74 1.05
C HIS J 387 6.41 -24.88 2.22
N VAL J 388 7.29 -24.02 2.74
CA VAL J 388 6.89 -23.13 3.81
C VAL J 388 5.86 -22.10 3.32
N TRP J 389 6.05 -21.60 2.09
CA TRP J 389 5.07 -20.67 1.53
C TRP J 389 3.72 -21.34 1.36
N ILE J 390 3.71 -22.57 0.82
CA ILE J 390 2.46 -23.29 0.64
C ILE J 390 1.80 -23.53 1.99
N GLY J 391 2.60 -23.87 3.01
CA GLY J 391 2.04 -24.09 4.34
C GLY J 391 1.40 -22.85 4.92
N GLY J 392 2.08 -21.70 4.80
CA GLY J 392 1.50 -20.47 5.30
C GLY J 392 0.22 -20.09 4.59
N PHE J 393 0.21 -20.23 3.27
CA PHE J 393 -1.01 -19.93 2.52
C PHE J 393 -2.16 -20.84 2.93
N CYS J 394 -1.87 -22.14 3.09
CA CYS J 394 -2.91 -23.09 3.46
C CYS J 394 -3.43 -22.82 4.87
N ILE J 395 -2.55 -22.40 5.78
CA ILE J 395 -2.99 -22.08 7.14
C ILE J 395 -3.91 -20.86 7.12
N VAL J 396 -3.54 -19.83 6.36
CA VAL J 396 -4.42 -18.66 6.25
C VAL J 396 -5.76 -19.06 5.64
N GLY J 397 -5.74 -19.98 4.68
CA GLY J 397 -6.98 -20.45 4.10
C GLY J 397 -7.84 -21.22 5.09
N GLY J 398 -7.21 -22.03 5.94
CA GLY J 398 -7.96 -22.72 6.97
C GLY J 398 -8.63 -21.75 7.93
N ALA J 399 -7.91 -20.69 8.32
CA ALA J 399 -8.52 -19.66 9.16
C ALA J 399 -9.68 -18.99 8.44
N ALA J 400 -9.50 -18.69 7.16
CA ALA J 400 -10.55 -18.05 6.37
C ALA J 400 -11.81 -18.90 6.34
N HIS J 401 -11.64 -20.20 6.12
CA HIS J 401 -12.82 -21.06 6.02
C HIS J 401 -13.43 -21.37 7.37
N GLY J 402 -12.65 -21.32 8.45
CA GLY J 402 -13.26 -21.33 9.77
C GLY J 402 -14.16 -20.13 9.99
N ALA J 403 -13.68 -18.95 9.58
CA ALA J 403 -14.52 -17.75 9.67
C ALA J 403 -15.76 -17.87 8.79
N ILE J 404 -15.60 -18.45 7.59
CA ILE J 404 -16.74 -18.63 6.70
C ILE J 404 -17.77 -19.56 7.33
N PHE J 405 -17.31 -20.66 7.95
CA PHE J 405 -18.23 -21.54 8.64
C PHE J 405 -18.96 -20.81 9.76
N PHE J 406 -18.24 -20.01 10.54
CA PHE J 406 -18.87 -19.28 11.63
C PHE J 406 -19.95 -18.34 11.11
N VAL J 407 -19.67 -17.66 10.00
CA VAL J 407 -20.64 -16.71 9.45
C VAL J 407 -21.86 -17.44 8.89
N ARG J 408 -21.63 -18.49 8.10
CA ARG J 408 -22.67 -19.11 7.29
C ARG J 408 -23.29 -20.34 7.94
N ASP J 409 -22.47 -21.35 8.23
CA ASP J 409 -22.96 -22.67 8.60
C ASP J 409 -23.09 -22.87 10.11
N TYR J 410 -22.81 -21.85 10.91
CA TYR J 410 -22.90 -21.99 12.35
C TYR J 410 -24.34 -21.81 12.82
N ASN J 411 -24.85 -22.80 13.54
CA ASN J 411 -26.18 -22.76 14.11
C ASN J 411 -26.06 -22.63 15.62
N ALA J 412 -26.60 -21.53 16.16
CA ALA J 412 -26.50 -21.29 17.60
C ALA J 412 -27.28 -22.32 18.39
N ALA J 413 -28.46 -22.70 17.90
CA ALA J 413 -29.30 -23.65 18.63
C ALA J 413 -28.62 -25.02 18.75
N ASN J 414 -28.00 -25.48 17.67
CA ASN J 414 -27.36 -26.80 17.68
C ASN J 414 -26.07 -26.83 18.48
N ASN J 415 -25.57 -25.69 18.92
CA ASN J 415 -24.29 -25.64 19.64
C ASN J 415 -24.47 -24.97 20.99
N TYR J 416 -25.47 -25.39 21.74
CA TYR J 416 -25.75 -24.80 23.05
C TYR J 416 -24.77 -25.33 24.09
N ASN J 417 -23.95 -24.44 24.64
CA ASN J 417 -23.03 -24.75 25.74
C ASN J 417 -21.98 -25.78 25.37
N ASN J 418 -21.68 -25.96 24.08
CA ASN J 418 -20.61 -26.84 23.66
C ASN J 418 -19.30 -26.05 23.58
N LEU J 419 -18.27 -26.65 23.02
CA LEU J 419 -16.96 -25.98 22.96
C LEU J 419 -17.02 -24.72 22.13
N ILE J 420 -17.68 -24.77 20.97
CA ILE J 420 -17.75 -23.60 20.11
C ILE J 420 -18.46 -22.46 20.81
N ASP J 421 -19.58 -22.77 21.47
CA ASP J 421 -20.33 -21.74 22.19
C ASP J 421 -19.47 -21.12 23.29
N ARG J 422 -18.81 -21.96 24.09
CA ARG J 422 -18.02 -21.45 25.20
C ARG J 422 -16.83 -20.64 24.74
N VAL J 423 -16.27 -20.96 23.56
CA VAL J 423 -15.17 -20.15 23.03
C VAL J 423 -15.67 -18.77 22.64
N ILE J 424 -16.82 -18.68 21.99
CA ILE J 424 -17.39 -17.39 21.63
C ILE J 424 -17.75 -16.59 22.86
N ARG J 425 -18.19 -17.27 23.92
CA ARG J 425 -18.65 -16.57 25.12
C ARG J 425 -17.53 -15.85 25.85
N HIS J 426 -16.28 -16.27 25.68
CA HIS J 426 -15.15 -15.59 26.31
C HIS J 426 -14.10 -15.18 25.27
N ARG J 427 -14.55 -14.84 24.07
CA ARG J 427 -13.63 -14.43 23.00
C ARG J 427 -12.82 -13.20 23.42
N ASP J 428 -13.40 -12.34 24.23
CA ASP J 428 -12.69 -11.16 24.69
C ASP J 428 -11.42 -11.55 25.42
N ALA J 429 -11.55 -12.45 26.39
CA ALA J 429 -10.39 -12.86 27.18
C ALA J 429 -9.31 -13.44 26.28
N ILE J 430 -9.69 -14.32 25.36
CA ILE J 430 -8.72 -14.93 24.45
C ILE J 430 -8.00 -13.86 23.65
N ILE J 431 -8.76 -12.94 23.05
CA ILE J 431 -8.16 -11.96 22.15
C ILE J 431 -7.32 -10.96 22.94
N SER J 432 -7.76 -10.57 24.12
CA SER J 432 -6.99 -9.62 24.93
C SER J 432 -5.67 -10.23 25.39
N HIS J 433 -5.70 -11.49 25.83
CA HIS J 433 -4.46 -12.11 26.27
C HIS J 433 -3.53 -12.39 25.10
N LEU J 434 -4.10 -12.75 23.94
CA LEU J 434 -3.28 -12.93 22.75
C LEU J 434 -2.66 -11.60 22.31
N ASN J 435 -3.41 -10.51 22.46
CA ASN J 435 -2.88 -9.17 22.20
C ASN J 435 -1.71 -8.87 23.12
N TRP J 436 -1.86 -9.15 24.42
CA TRP J 436 -0.78 -8.91 25.36
C TRP J 436 0.44 -9.74 25.01
N VAL J 437 0.23 -11.01 24.66
CA VAL J 437 1.35 -11.88 24.30
C VAL J 437 2.05 -11.37 23.06
N CYS J 438 1.27 -10.92 22.06
CA CYS J 438 1.87 -10.40 20.84
C CYS J 438 2.70 -9.15 21.14
N ILE J 439 2.17 -8.24 21.98
CA ILE J 439 2.93 -7.05 22.32
C ILE J 439 4.20 -7.42 23.08
N PHE J 440 4.10 -8.35 24.03
CA PHE J 440 5.27 -8.78 24.79
C PHE J 440 6.33 -9.37 23.87
N LEU J 441 5.93 -10.29 23.00
CA LEU J 441 6.88 -10.96 22.12
C LEU J 441 7.50 -9.98 21.13
N GLY J 442 6.69 -9.09 20.55
CA GLY J 442 7.23 -8.13 19.60
C GLY J 442 8.16 -7.13 20.26
N CYS J 443 7.69 -6.49 21.34
CA CYS J 443 8.55 -5.65 22.15
C CYS J 443 9.89 -6.33 22.39
N HIS J 444 9.86 -7.53 22.96
CA HIS J 444 11.11 -8.19 23.32
C HIS J 444 11.95 -8.53 22.10
N SER J 445 11.46 -9.40 21.23
CA SER J 445 12.31 -9.80 20.12
C SER J 445 12.82 -8.60 19.33
N PHE J 446 11.91 -7.79 18.80
CA PHE J 446 12.33 -6.74 17.90
C PHE J 446 13.10 -5.65 18.64
N GLY J 447 12.76 -5.36 19.91
CA GLY J 447 13.44 -4.30 20.62
C GLY J 447 14.80 -4.72 21.09
N LEU J 448 15.01 -6.03 21.15
CA LEU J 448 16.34 -6.53 21.45
C LEU J 448 17.11 -6.32 20.18
N TYR J 449 16.49 -6.59 19.02
CA TYR J 449 17.17 -6.31 17.76
C TYR J 449 17.55 -4.83 17.66
N VAL J 450 16.62 -3.94 17.99
CA VAL J 450 16.86 -2.50 17.88
C VAL J 450 17.86 -2.03 18.92
N HIS J 451 17.83 -2.63 20.11
CA HIS J 451 18.84 -2.32 21.13
C HIS J 451 20.22 -2.71 20.66
N ASN J 452 20.35 -3.88 20.04
CA ASN J 452 21.63 -4.26 19.47
C ASN J 452 22.07 -3.25 18.41
N ASP J 453 21.13 -2.84 17.56
CA ASP J 453 21.46 -1.90 16.49
C ASP J 453 21.93 -0.56 17.04
N THR J 454 21.23 -0.03 18.05
CA THR J 454 21.59 1.26 18.59
C THR J 454 22.83 1.20 19.47
N MET J 455 23.10 0.06 20.13
CA MET J 455 24.35 -0.08 20.86
C MET J 455 25.53 -0.15 19.89
N ARG J 456 25.36 -0.86 18.78
CA ARG J 456 26.43 -0.90 17.78
C ARG J 456 26.64 0.47 17.15
N ALA J 457 25.56 1.20 16.89
CA ALA J 457 25.68 2.52 16.29
C ALA J 457 26.32 3.52 17.25
N LEU J 458 26.19 3.30 18.55
CA LEU J 458 26.76 4.19 19.55
C LEU J 458 28.15 3.76 19.98
N GLY J 459 28.73 2.75 19.35
CA GLY J 459 30.07 2.32 19.69
C GLY J 459 30.18 1.59 21.02
N ARG J 460 29.08 0.99 21.48
CA ARG J 460 29.07 0.22 22.72
C ARG J 460 28.84 -1.24 22.35
N SER J 461 29.93 -1.94 22.01
CA SER J 461 29.84 -3.31 21.54
C SER J 461 29.60 -4.31 22.68
N GLN J 462 29.91 -3.93 23.91
CA GLN J 462 29.74 -4.82 25.06
C GLN J 462 28.34 -4.75 25.64
N ASP J 463 27.48 -3.88 25.12
CA ASP J 463 26.12 -3.74 25.62
C ASP J 463 25.10 -4.43 24.72
N LEU J 464 25.54 -5.17 23.71
CA LEU J 464 24.64 -5.85 22.80
C LEU J 464 24.09 -7.12 23.42
N PHE J 465 23.08 -7.68 22.76
CA PHE J 465 22.59 -9.02 23.10
C PHE J 465 23.27 -10.06 22.21
N SER J 466 24.58 -10.17 22.36
CA SER J 466 25.42 -11.01 21.53
C SER J 466 26.07 -12.10 22.38
N ASP J 467 26.85 -12.95 21.71
CA ASP J 467 27.54 -14.03 22.42
C ASP J 467 28.71 -13.49 23.24
N ASN J 468 29.44 -12.50 22.69
CA ASN J 468 30.53 -11.84 23.40
C ASN J 468 30.05 -10.68 24.25
N ALA J 469 28.77 -10.69 24.61
CA ALA J 469 28.11 -9.62 25.35
C ALA J 469 27.02 -10.27 26.19
N ILE J 470 26.02 -9.49 26.59
CA ILE J 470 24.84 -10.07 27.24
C ILE J 470 24.34 -11.19 26.35
N ALA J 471 24.39 -12.43 26.85
CA ALA J 471 24.17 -13.61 26.05
C ALA J 471 22.84 -14.27 26.43
N LEU J 472 22.05 -14.62 25.43
CA LEU J 472 20.78 -15.31 25.62
C LEU J 472 20.92 -16.67 24.96
N LYS J 473 21.46 -17.63 25.70
CA LYS J 473 21.71 -18.95 25.15
C LYS J 473 20.42 -19.75 25.10
N PRO J 474 20.04 -20.29 23.96
CA PRO J 474 18.87 -21.18 23.91
C PRO J 474 19.15 -22.52 24.55
N ILE J 475 19.17 -22.55 25.88
CA ILE J 475 19.59 -23.75 26.59
C ILE J 475 18.62 -24.90 26.37
N PHE J 476 17.32 -24.60 26.28
CA PHE J 476 16.33 -25.66 26.09
C PHE J 476 16.53 -26.39 24.77
N ALA J 477 16.81 -25.65 23.70
CA ALA J 477 17.02 -26.28 22.40
C ALA J 477 18.34 -27.04 22.35
N GLN J 478 19.37 -26.51 23.01
CA GLN J 478 20.65 -27.21 23.07
C GLN J 478 20.54 -28.50 23.86
N PHE J 479 19.72 -28.49 24.91
CA PHE J 479 19.47 -29.72 25.66
C PHE J 479 18.84 -30.78 24.77
N ILE J 480 17.86 -30.39 23.96
CA ILE J 480 17.22 -31.32 23.04
C ILE J 480 18.22 -31.82 22.00
N GLN J 481 19.06 -30.92 21.49
CA GLN J 481 20.09 -31.33 20.54
C GLN J 481 21.02 -32.37 21.15
N ASN J 482 21.42 -32.16 22.41
CA ASN J 482 22.27 -33.14 23.08
C ASN J 482 21.54 -34.46 23.27
N LEU J 483 20.24 -34.41 23.57
CA LEU J 483 19.50 -35.64 23.79
C LEU J 483 19.41 -36.48 22.52
N HIS J 484 19.30 -35.83 21.36
CA HIS J 484 19.17 -36.57 20.11
C HIS J 484 20.50 -37.18 19.68
N THR J 485 21.60 -36.44 19.84
CA THR J 485 22.90 -36.98 19.45
C THR J 485 23.34 -38.12 20.37
N LEU J 486 22.76 -38.22 21.57
CA LEU J 486 23.02 -39.34 22.46
C LEU J 486 21.99 -40.45 22.33
N ALA J 487 20.93 -40.25 21.54
CA ALA J 487 19.88 -41.26 21.42
C ALA J 487 20.38 -42.60 20.89
N PRO J 488 21.18 -42.67 19.82
CA PRO J 488 21.63 -43.99 19.35
C PRO J 488 22.48 -44.70 20.38
N GLY J 489 21.96 -45.84 20.87
CA GLY J 489 22.63 -46.65 21.85
C GLY J 489 22.18 -46.42 23.28
N SER J 490 21.50 -45.31 23.55
CA SER J 490 21.01 -45.02 24.90
C SER J 490 19.49 -45.04 24.98
N THR J 491 18.81 -44.22 24.18
CA THR J 491 17.35 -44.26 24.09
C THR J 491 16.85 -44.91 22.81
N ALA J 492 17.61 -44.85 21.73
CA ALA J 492 17.31 -45.64 20.55
C ALA J 492 18.40 -46.69 20.39
N PRO J 493 18.41 -47.73 21.22
CA PRO J 493 19.57 -48.64 21.23
C PRO J 493 19.81 -49.38 19.93
N ASN J 494 18.79 -49.51 19.08
CA ASN J 494 18.93 -50.19 17.80
C ASN J 494 19.29 -49.23 16.67
N ALA J 495 19.51 -47.96 16.98
CA ALA J 495 20.00 -47.00 16.00
C ALA J 495 21.52 -47.03 15.94
N LEU J 496 22.06 -46.82 14.74
CA LEU J 496 23.50 -46.71 14.55
C LEU J 496 23.96 -45.26 14.48
N THR J 497 23.09 -44.33 14.13
CA THR J 497 23.45 -42.93 13.99
C THR J 497 22.23 -42.08 14.32
N THR J 498 22.48 -40.84 14.71
CA THR J 498 21.39 -39.91 14.99
C THR J 498 20.49 -39.74 13.77
N VAL J 499 19.26 -39.31 14.02
CA VAL J 499 18.29 -39.12 12.95
C VAL J 499 18.80 -38.08 11.95
N SER J 500 19.32 -36.97 12.46
CA SER J 500 19.87 -35.92 11.63
C SER J 500 21.16 -35.42 12.25
N TYR J 501 22.15 -35.14 11.39
CA TYR J 501 23.39 -34.55 11.86
C TYR J 501 23.23 -33.11 12.30
N ALA J 502 22.07 -32.50 12.03
CA ALA J 502 21.81 -31.16 12.53
C ALA J 502 21.85 -31.10 14.05
N PHE J 503 21.41 -32.17 14.72
CA PHE J 503 21.45 -32.21 16.18
C PHE J 503 22.86 -32.40 16.71
N GLY J 504 23.80 -32.82 15.87
CA GLY J 504 25.16 -33.06 16.31
C GLY J 504 25.76 -34.27 15.64
N GLY J 505 27.08 -34.41 15.72
CA GLY J 505 27.76 -35.52 15.07
C GLY J 505 28.89 -35.06 14.17
N ASP J 506 29.09 -35.77 13.07
CA ASP J 506 30.17 -35.47 12.14
C ASP J 506 29.67 -34.63 10.97
N VAL J 507 30.61 -34.01 10.28
CA VAL J 507 30.30 -33.25 9.06
C VAL J 507 30.22 -34.25 7.91
N ILE J 508 29.07 -34.29 7.25
CA ILE J 508 28.85 -35.21 6.13
C ILE J 508 29.03 -34.43 4.84
N SER J 509 30.04 -34.81 4.06
CA SER J 509 30.36 -34.15 2.81
C SER J 509 30.34 -35.16 1.67
N VAL J 510 29.79 -34.76 0.54
CA VAL J 510 29.75 -35.56 -0.67
C VAL J 510 30.43 -34.77 -1.77
N GLY J 511 31.55 -35.29 -2.27
CA GLY J 511 32.29 -34.58 -3.29
C GLY J 511 32.78 -33.21 -2.86
N SER J 512 33.34 -33.13 -1.64
CA SER J 512 33.86 -31.91 -1.03
C SER J 512 32.80 -30.86 -0.75
N LYS J 513 31.53 -31.20 -0.87
CA LYS J 513 30.42 -30.29 -0.57
C LYS J 513 29.68 -30.81 0.64
N ILE J 514 29.39 -29.92 1.59
CA ILE J 514 28.75 -30.32 2.84
C ILE J 514 27.30 -30.70 2.58
N ALA J 515 26.92 -31.90 3.01
CA ALA J 515 25.54 -32.35 2.94
C ALA J 515 24.76 -31.95 4.19
N MET J 516 25.27 -32.32 5.37
CA MET J 516 24.66 -31.93 6.63
C MET J 516 25.77 -31.76 7.65
N MET J 517 25.48 -30.95 8.68
CA MET J 517 26.46 -30.64 9.71
C MET J 517 25.72 -30.12 10.93
N PRO J 518 26.24 -30.38 12.15
CA PRO J 518 25.60 -29.84 13.35
C PRO J 518 25.30 -28.34 13.25
N ILE J 519 24.03 -28.00 13.43
CA ILE J 519 23.58 -26.61 13.36
C ILE J 519 23.67 -26.04 14.77
N SER J 520 24.72 -25.25 15.03
CA SER J 520 24.90 -24.65 16.34
C SER J 520 23.85 -23.57 16.59
N LEU J 521 23.34 -23.54 17.82
CA LEU J 521 22.34 -22.56 18.23
C LEU J 521 22.97 -21.63 19.27
N GLY J 522 22.99 -20.34 18.96
CA GLY J 522 23.53 -19.35 19.87
C GLY J 522 22.54 -18.24 20.15
N THR J 523 23.04 -17.07 20.58
CA THR J 523 22.14 -15.96 20.86
C THR J 523 21.47 -15.44 19.60
N ALA J 524 22.10 -15.62 18.44
CA ALA J 524 21.50 -15.18 17.19
C ALA J 524 20.27 -16.01 16.86
N ASP J 525 20.31 -17.31 17.14
CA ASP J 525 19.16 -18.17 16.89
C ASP J 525 18.05 -17.94 17.90
N PHE J 526 18.40 -17.57 19.14
CA PHE J 526 17.40 -17.21 20.14
C PHE J 526 16.52 -16.06 19.64
N LEU J 527 17.16 -14.98 19.18
CA LEU J 527 16.42 -13.80 18.75
C LEU J 527 15.54 -14.11 17.56
N VAL J 528 16.06 -14.83 16.56
CA VAL J 528 15.27 -15.09 15.37
C VAL J 528 14.16 -16.08 15.66
N HIS J 529 14.37 -17.03 16.57
CA HIS J 529 13.30 -17.94 16.94
C HIS J 529 12.18 -17.20 17.67
N HIS J 530 12.54 -16.25 18.53
CA HIS J 530 11.49 -15.46 19.18
C HIS J 530 10.80 -14.53 18.22
N ILE J 531 11.52 -14.06 17.18
CA ILE J 531 10.88 -13.31 16.10
C ILE J 531 9.85 -14.19 15.39
N HIS J 532 10.22 -15.44 15.12
CA HIS J 532 9.27 -16.38 14.51
C HIS J 532 8.04 -16.56 15.38
N ALA J 533 8.25 -16.77 16.68
CA ALA J 533 7.14 -16.95 17.61
C ALA J 533 6.24 -15.71 17.62
N PHE J 534 6.83 -14.52 17.63
CA PHE J 534 6.06 -13.29 17.68
C PHE J 534 5.23 -13.11 16.40
N THR J 535 5.84 -13.33 15.24
CA THR J 535 5.11 -13.17 13.99
C THR J 535 3.98 -14.19 13.89
N ILE J 536 4.25 -15.44 14.28
CA ILE J 536 3.21 -16.46 14.26
C ILE J 536 2.07 -16.08 15.19
N HIS J 537 2.41 -15.54 16.37
CA HIS J 537 1.38 -15.15 17.32
C HIS J 537 0.52 -14.01 16.79
N VAL J 538 1.14 -13.05 16.10
CA VAL J 538 0.34 -11.94 15.55
C VAL J 538 -0.56 -12.43 14.43
N THR J 539 -0.06 -13.32 13.58
CA THR J 539 -0.91 -13.88 12.54
C THR J 539 -2.08 -14.64 13.14
N VAL J 540 -1.81 -15.43 14.19
CA VAL J 540 -2.87 -16.14 14.89
C VAL J 540 -3.85 -15.15 15.51
N LEU J 541 -3.35 -14.03 16.02
CA LEU J 541 -4.22 -13.03 16.61
C LEU J 541 -5.19 -12.48 15.58
N ILE J 542 -4.68 -12.09 14.42
CA ILE J 542 -5.55 -11.53 13.39
C ILE J 542 -6.58 -12.55 12.94
N LEU J 543 -6.14 -13.78 12.68
CA LEU J 543 -7.05 -14.79 12.16
C LEU J 543 -8.09 -15.22 13.20
N LEU J 544 -7.66 -15.36 14.46
CA LEU J 544 -8.59 -15.76 15.52
C LEU J 544 -9.57 -14.64 15.85
N LYS J 545 -9.12 -13.39 15.79
CA LYS J 545 -10.04 -12.27 15.95
C LYS J 545 -11.06 -12.25 14.81
N GLY J 546 -10.63 -12.60 13.61
CA GLY J 546 -11.57 -12.69 12.50
C GLY J 546 -12.58 -13.80 12.69
N VAL J 547 -12.14 -14.96 13.16
CA VAL J 547 -13.05 -16.09 13.32
C VAL J 547 -14.03 -15.85 14.46
N LEU J 548 -13.53 -15.37 15.60
CA LEU J 548 -14.38 -15.25 16.78
C LEU J 548 -15.36 -14.09 16.65
N TYR J 549 -14.93 -12.98 16.07
CA TYR J 549 -15.78 -11.81 15.91
C TYR J 549 -16.42 -11.76 14.52
N SER J 550 -16.60 -12.92 13.89
CA SER J 550 -17.21 -12.98 12.57
C SER J 550 -18.73 -12.83 12.62
N ARG J 551 -19.36 -13.18 13.73
CA ARG J 551 -20.82 -13.15 13.84
C ARG J 551 -21.35 -11.88 14.49
N ASN J 552 -20.69 -11.39 15.54
CA ASN J 552 -21.14 -10.20 16.24
C ASN J 552 -19.97 -9.61 17.00
N SER J 553 -20.20 -8.41 17.54
CA SER J 553 -19.20 -7.70 18.33
C SER J 553 -19.92 -6.61 19.12
N ARG J 554 -19.14 -5.83 19.87
CA ARG J 554 -19.72 -4.67 20.54
C ARG J 554 -19.98 -3.55 19.54
N LEU J 555 -19.19 -3.47 18.47
CA LEU J 555 -19.43 -2.50 17.41
C LEU J 555 -20.69 -2.85 16.63
N ILE J 556 -20.69 -4.00 15.98
CA ILE J 556 -21.79 -4.42 15.13
C ILE J 556 -22.40 -5.68 15.74
N PRO J 557 -23.50 -5.56 16.48
CA PRO J 557 -24.10 -6.74 17.12
C PRO J 557 -24.71 -7.73 16.13
N ASP J 558 -24.87 -7.35 14.87
CA ASP J 558 -25.45 -8.22 13.84
C ASP J 558 -24.51 -8.32 12.65
N LYS J 559 -23.23 -8.55 12.93
CA LYS J 559 -22.25 -8.68 11.86
C LYS J 559 -22.47 -9.93 11.01
N ALA J 560 -23.12 -10.96 11.57
CA ALA J 560 -23.40 -12.16 10.79
C ALA J 560 -24.42 -11.91 9.69
N ASN J 561 -25.31 -10.94 9.90
CA ASN J 561 -26.30 -10.60 8.88
C ASN J 561 -25.68 -9.85 7.70
N LEU J 562 -24.47 -9.34 7.84
CA LEU J 562 -23.78 -8.69 6.74
C LEU J 562 -22.95 -9.66 5.90
N GLY J 563 -22.86 -10.92 6.32
CA GLY J 563 -22.13 -11.92 5.56
C GLY J 563 -20.68 -12.02 5.94
N PHE J 564 -20.00 -12.98 5.31
CA PHE J 564 -18.57 -13.15 5.53
C PHE J 564 -17.76 -12.07 4.82
N ARG J 565 -18.17 -11.68 3.62
CA ARG J 565 -17.42 -10.77 2.78
C ARG J 565 -18.23 -9.50 2.59
N PHE J 566 -17.87 -8.44 3.32
CA PHE J 566 -18.45 -7.13 3.13
C PHE J 566 -17.40 -6.09 3.49
N PRO J 567 -17.43 -4.90 2.88
CA PRO J 567 -16.35 -3.94 3.12
C PRO J 567 -16.39 -3.33 4.50
N CYS J 568 -17.58 -3.03 5.02
CA CYS J 568 -17.72 -2.24 6.24
C CYS J 568 -19.17 -2.29 6.68
N ASP J 569 -19.47 -1.52 7.72
CA ASP J 569 -20.85 -1.16 8.05
C ASP J 569 -21.13 0.32 7.85
N GLY J 570 -20.10 1.14 7.63
CA GLY J 570 -20.28 2.55 7.38
C GLY J 570 -19.25 3.40 8.08
N PRO J 571 -19.24 4.70 7.78
CA PRO J 571 -18.31 5.61 8.46
C PRO J 571 -18.67 5.90 9.90
N GLY J 572 -19.83 5.43 10.37
CA GLY J 572 -20.25 5.69 11.72
C GLY J 572 -19.48 4.85 12.73
N ARG J 573 -19.83 5.07 14.00
CA ARG J 573 -19.12 4.48 15.13
C ARG J 573 -17.65 4.87 15.12
N GLY J 574 -17.36 6.06 14.58
CA GLY J 574 -16.00 6.48 14.34
C GLY J 574 -15.37 5.91 13.11
N GLY J 575 -16.05 5.00 12.41
CA GLY J 575 -15.48 4.31 11.27
C GLY J 575 -15.46 2.80 11.47
N THR J 576 -16.13 2.07 10.60
CA THR J 576 -16.25 0.62 10.71
C THR J 576 -15.66 -0.08 9.50
N CYS J 577 -14.50 0.37 9.05
CA CYS J 577 -13.79 -0.31 7.98
C CYS J 577 -13.48 -1.74 8.39
N GLN J 578 -13.29 -2.60 7.39
CA GLN J 578 -12.61 -3.88 7.56
C GLN J 578 -13.07 -4.66 8.78
N VAL J 579 -14.31 -4.59 9.15
CA VAL J 579 -14.73 -5.32 10.30
C VAL J 579 -15.12 -6.72 9.94
N SER J 580 -15.04 -7.09 8.67
CA SER J 580 -15.50 -8.38 8.28
C SER J 580 -14.65 -9.38 8.84
N ALA J 581 -14.73 -10.55 8.27
CA ALA J 581 -13.93 -11.58 8.73
C ALA J 581 -13.07 -11.84 7.58
N TRP J 582 -13.40 -11.30 6.45
CA TRP J 582 -12.61 -11.44 5.29
C TRP J 582 -11.52 -10.48 5.35
N ASP J 583 -11.80 -9.33 5.95
CA ASP J 583 -10.81 -8.29 6.03
C ASP J 583 -9.79 -8.69 7.08
N HIS J 584 -9.99 -9.86 7.66
CA HIS J 584 -9.07 -10.33 8.66
C HIS J 584 -8.26 -11.38 8.02
N VAL J 585 -8.76 -11.97 6.98
CA VAL J 585 -8.00 -12.93 6.26
C VAL J 585 -7.15 -12.15 5.33
N PHE J 586 -7.48 -10.91 5.05
CA PHE J 586 -6.62 -10.06 4.24
C PHE J 586 -5.41 -9.57 5.02
N LEU J 587 -5.65 -9.03 6.21
CA LEU J 587 -4.55 -8.61 7.08
C LEU J 587 -3.70 -9.81 7.53
N GLY J 588 -4.34 -10.94 7.79
CA GLY J 588 -3.60 -12.13 8.16
C GLY J 588 -2.73 -12.66 7.02
N LEU J 589 -3.18 -12.49 5.78
CA LEU J 589 -2.34 -12.81 4.63
C LEU J 589 -1.10 -11.92 4.62
N PHE J 590 -1.27 -10.62 4.89
CA PHE J 590 -0.10 -9.75 4.99
C PHE J 590 0.87 -10.23 6.07
N TRP J 591 0.34 -10.56 7.24
CA TRP J 591 1.22 -10.95 8.34
C TRP J 591 1.83 -12.33 8.13
N MET J 592 1.12 -13.23 7.47
CA MET J 592 1.71 -14.50 7.06
C MET J 592 2.86 -14.28 6.09
N TYR J 593 2.69 -13.36 5.15
CA TYR J 593 3.80 -13.02 4.26
C TYR J 593 5.01 -12.56 5.07
N ASN J 594 4.77 -11.67 6.04
CA ASN J 594 5.87 -11.18 6.87
C ASN J 594 6.57 -12.34 7.60
N SER J 595 5.77 -13.19 8.26
CA SER J 595 6.33 -14.27 9.05
C SER J 595 7.12 -15.25 8.19
N ILE J 596 6.54 -15.67 7.06
CA ILE J 596 7.20 -16.64 6.20
C ILE J 596 8.45 -16.04 5.56
N SER J 597 8.40 -14.75 5.21
CA SER J 597 9.59 -14.10 4.68
C SER J 597 10.71 -14.11 5.70
N ILE J 598 10.41 -13.82 6.96
CA ILE J 598 11.44 -13.87 7.99
C ILE J 598 11.95 -15.29 8.18
N VAL J 599 11.05 -16.27 8.12
CA VAL J 599 11.46 -17.67 8.31
C VAL J 599 12.42 -18.10 7.21
N ILE J 600 12.08 -17.78 5.95
CA ILE J 600 12.93 -18.21 4.85
C ILE J 600 14.23 -17.42 4.83
N PHE J 601 14.21 -16.16 5.25
CA PHE J 601 15.46 -15.40 5.37
C PHE J 601 16.37 -16.03 6.42
N HIS J 602 15.80 -16.39 7.57
CA HIS J 602 16.57 -17.06 8.61
C HIS J 602 17.17 -18.35 8.08
N PHE J 603 16.36 -19.16 7.39
CA PHE J 603 16.87 -20.42 6.85
C PHE J 603 18.00 -20.18 5.87
N SER J 604 17.79 -19.29 4.90
CA SER J 604 18.80 -19.04 3.88
C SER J 604 20.12 -18.59 4.51
N TRP J 605 20.06 -17.55 5.35
CA TRP J 605 21.28 -17.02 5.92
C TRP J 605 21.96 -18.03 6.83
N LYS J 606 21.19 -18.69 7.71
CA LYS J 606 21.80 -19.64 8.64
C LYS J 606 22.45 -20.80 7.90
N MET J 607 21.77 -21.35 6.89
CA MET J 607 22.35 -22.47 6.14
C MET J 607 23.60 -22.02 5.41
N GLN J 608 23.53 -20.91 4.68
CA GLN J 608 24.68 -20.45 3.92
C GLN J 608 25.86 -20.10 4.82
N SER J 609 25.59 -19.64 6.04
CA SER J 609 26.65 -19.16 6.91
C SER J 609 27.21 -20.21 7.85
N ASP J 610 26.41 -21.22 8.22
CA ASP J 610 26.82 -22.14 9.26
C ASP J 610 26.52 -23.60 8.95
N VAL J 611 26.07 -23.95 7.74
CA VAL J 611 25.94 -25.35 7.37
C VAL J 611 26.62 -25.62 6.03
N TRP J 612 26.17 -24.91 4.99
CA TRP J 612 26.63 -25.20 3.64
C TRP J 612 28.04 -24.67 3.43
N GLY J 613 28.72 -25.25 2.46
CA GLY J 613 30.07 -24.85 2.12
C GLY J 613 30.85 -26.03 1.57
N THR J 614 32.17 -25.93 1.67
CA THR J 614 33.07 -26.96 1.20
C THR J 614 33.97 -27.42 2.34
N VAL J 615 34.45 -28.66 2.23
CA VAL J 615 35.33 -29.25 3.23
C VAL J 615 36.68 -29.53 2.58
N SER J 616 37.75 -28.99 3.17
CA SER J 616 39.09 -29.22 2.67
C SER J 616 39.50 -30.67 2.89
N PRO J 617 40.48 -31.17 2.13
CA PRO J 617 40.91 -32.56 2.32
C PRO J 617 41.39 -32.87 3.72
N THR J 618 41.92 -31.88 4.44
CA THR J 618 42.38 -32.09 5.81
C THR J 618 41.25 -31.93 6.83
N GLY J 619 40.05 -31.59 6.39
CA GLY J 619 38.91 -31.47 7.29
C GLY J 619 38.53 -30.07 7.71
N ALA J 620 39.06 -29.04 7.06
CA ALA J 620 38.70 -27.67 7.39
C ALA J 620 37.43 -27.27 6.66
N VAL J 621 36.48 -26.72 7.39
CA VAL J 621 35.17 -26.36 6.86
C VAL J 621 35.15 -24.87 6.54
N SER J 622 34.86 -24.54 5.29
CA SER J 622 34.69 -23.16 4.85
C SER J 622 33.28 -23.01 4.28
N HIS J 623 32.54 -22.05 4.80
CA HIS J 623 31.13 -21.90 4.44
C HIS J 623 30.97 -20.90 3.29
N ILE J 624 29.73 -20.78 2.81
CA ILE J 624 29.43 -19.92 1.68
C ILE J 624 29.70 -18.46 2.03
N THR J 625 29.24 -18.02 3.20
CA THR J 625 29.45 -16.64 3.64
C THR J 625 30.57 -16.50 4.65
N GLY J 626 30.77 -17.48 5.53
CA GLY J 626 31.90 -17.44 6.43
C GLY J 626 31.54 -17.23 7.90
N GLY J 627 30.37 -17.70 8.30
CA GLY J 627 30.00 -17.61 9.70
C GLY J 627 29.60 -16.23 10.18
N ASN J 628 29.17 -15.35 9.28
CA ASN J 628 28.76 -14.00 9.67
C ASN J 628 27.40 -13.98 10.34
N PHE J 629 26.65 -15.09 10.33
CA PHE J 629 25.34 -15.12 10.94
C PHE J 629 25.42 -14.91 12.45
N ALA J 630 26.43 -15.49 13.09
CA ALA J 630 26.49 -15.48 14.55
C ALA J 630 26.61 -14.06 15.10
N GLN J 631 27.37 -13.20 14.43
CA GLN J 631 27.66 -11.88 14.96
C GLN J 631 26.96 -10.74 14.24
N SER J 632 26.46 -10.95 13.03
CA SER J 632 25.86 -9.88 12.24
C SER J 632 24.38 -10.07 11.96
N SER J 633 23.77 -11.16 12.41
CA SER J 633 22.34 -11.34 12.26
C SER J 633 21.58 -10.87 13.49
N ILE J 634 22.26 -10.20 14.43
CA ILE J 634 21.64 -9.73 15.66
C ILE J 634 21.21 -8.27 15.58
N THR J 635 21.49 -7.59 14.48
CA THR J 635 21.07 -6.21 14.27
C THR J 635 20.35 -6.09 12.95
N ILE J 636 19.43 -5.14 12.87
CA ILE J 636 18.69 -4.92 11.62
C ILE J 636 19.62 -4.41 10.54
N ASN J 637 20.61 -3.58 10.91
CA ASN J 637 21.62 -3.17 9.95
C ASN J 637 22.42 -4.35 9.43
N GLY J 638 22.66 -5.33 10.30
CA GLY J 638 23.33 -6.55 9.86
C GLY J 638 22.53 -7.30 8.82
N TRP J 639 21.23 -7.46 9.07
CA TRP J 639 20.37 -8.12 8.09
C TRP J 639 20.33 -7.34 6.78
N LEU J 640 20.27 -6.01 6.87
CA LEU J 640 20.21 -5.18 5.67
C LEU J 640 21.50 -5.29 4.86
N ARG J 641 22.66 -5.31 5.52
CA ARG J 641 23.94 -5.21 4.83
C ARG J 641 24.53 -6.58 4.51
N ASP J 642 24.80 -7.39 5.54
CA ASP J 642 25.50 -8.64 5.35
C ASP J 642 24.63 -9.74 4.75
N PHE J 643 23.30 -9.57 4.71
CA PHE J 643 22.44 -10.53 4.05
C PHE J 643 21.78 -9.96 2.81
N LEU J 644 20.97 -8.91 2.95
CA LEU J 644 20.22 -8.41 1.80
C LEU J 644 21.16 -7.79 0.78
N TRP J 645 21.91 -6.77 1.20
CA TRP J 645 22.82 -6.09 0.28
C TRP J 645 23.90 -7.04 -0.24
N SER J 646 24.44 -7.87 0.65
CA SER J 646 25.57 -8.73 0.24
C SER J 646 25.14 -9.82 -0.72
N GLN J 647 24.05 -10.53 -0.42
CA GLN J 647 23.62 -11.63 -1.25
C GLN J 647 22.73 -11.19 -2.42
N ALA J 648 22.37 -9.91 -2.48
CA ALA J 648 21.70 -9.38 -3.65
C ALA J 648 22.67 -9.01 -4.76
N ALA J 649 23.98 -9.19 -4.53
CA ALA J 649 24.97 -8.86 -5.54
C ALA J 649 24.80 -9.73 -6.78
N GLN J 650 24.48 -11.01 -6.59
CA GLN J 650 24.35 -11.91 -7.72
C GLN J 650 23.13 -11.57 -8.57
N VAL J 651 22.06 -11.09 -7.96
CA VAL J 651 20.86 -10.75 -8.70
C VAL J 651 21.09 -9.51 -9.57
N VAL J 652 21.71 -8.48 -8.99
CA VAL J 652 21.89 -7.22 -9.72
C VAL J 652 22.98 -7.33 -10.76
N GLN J 653 23.92 -8.26 -10.62
CA GLN J 653 25.00 -8.45 -11.57
C GLN J 653 24.72 -9.62 -12.52
N SER J 654 23.46 -10.01 -12.66
CA SER J 654 23.08 -11.14 -13.51
C SER J 654 22.83 -10.75 -14.95
N TYR J 655 22.82 -9.46 -15.26
CA TYR J 655 22.54 -9.03 -16.64
C TYR J 655 23.64 -9.47 -17.58
N GLY J 656 23.25 -9.96 -18.75
CA GLY J 656 24.18 -10.49 -19.71
C GLY J 656 24.57 -11.93 -19.49
N SER J 657 24.24 -12.51 -18.34
CA SER J 657 24.54 -13.90 -18.03
C SER J 657 23.29 -14.75 -18.20
N SER J 658 23.44 -16.04 -17.92
CA SER J 658 22.31 -16.96 -18.02
C SER J 658 21.31 -16.80 -16.88
N LEU J 659 21.64 -16.03 -15.85
CA LEU J 659 20.74 -15.74 -14.76
C LEU J 659 20.03 -14.41 -14.92
N SER J 660 20.11 -13.80 -16.10
CA SER J 660 19.51 -12.48 -16.31
C SER J 660 18.00 -12.51 -16.12
N ALA J 661 17.36 -13.66 -16.40
CA ALA J 661 15.93 -13.78 -16.15
C ALA J 661 15.61 -13.55 -14.69
N TYR J 662 16.51 -13.95 -13.79
CA TYR J 662 16.28 -13.73 -12.37
C TYR J 662 16.33 -12.24 -12.04
N GLY J 663 17.24 -11.49 -12.66
CA GLY J 663 17.25 -10.05 -12.46
C GLY J 663 16.00 -9.38 -13.02
N LEU J 664 15.55 -9.83 -14.20
CA LEU J 664 14.34 -9.28 -14.78
C LEU J 664 13.13 -9.55 -13.88
N ILE J 665 13.03 -10.77 -13.35
CA ILE J 665 11.92 -11.09 -12.46
C ILE J 665 12.05 -10.36 -11.14
N PHE J 666 13.27 -10.13 -10.67
CA PHE J 666 13.52 -9.28 -9.50
C PHE J 666 12.90 -7.90 -9.71
N LEU J 667 13.24 -7.27 -10.83
CA LEU J 667 12.71 -5.94 -11.12
C LEU J 667 11.20 -5.96 -11.29
N GLY J 668 10.68 -6.96 -12.01
CA GLY J 668 9.24 -7.02 -12.24
C GLY J 668 8.46 -7.27 -10.97
N ALA J 669 9.01 -8.07 -10.07
CA ALA J 669 8.36 -8.31 -8.79
C ALA J 669 8.39 -7.08 -7.91
N HIS J 670 9.49 -6.31 -7.97
CA HIS J 670 9.50 -5.01 -7.30
C HIS J 670 8.39 -4.12 -7.87
N PHE J 671 8.25 -4.11 -9.19
CA PHE J 671 7.23 -3.30 -9.84
C PHE J 671 5.83 -3.72 -9.40
N ILE J 672 5.58 -5.03 -9.34
CA ILE J 672 4.25 -5.52 -8.96
C ILE J 672 3.96 -5.21 -7.49
N TRP J 673 4.97 -5.38 -6.63
CA TRP J 673 4.77 -5.07 -5.21
C TRP J 673 4.46 -3.60 -5.01
N ALA J 674 5.16 -2.71 -5.73
CA ALA J 674 4.84 -1.29 -5.64
C ALA J 674 3.48 -0.98 -6.27
N PHE J 675 3.12 -1.71 -7.32
CA PHE J 675 1.81 -1.55 -7.96
C PHE J 675 0.69 -1.87 -6.98
N SER J 676 0.90 -2.86 -6.12
CA SER J 676 -0.12 -3.24 -5.15
C SER J 676 -0.51 -2.07 -4.25
N LEU J 677 0.45 -1.22 -3.92
CA LEU J 677 0.20 -0.13 -2.98
C LEU J 677 -0.79 0.89 -3.52
N MET J 678 -0.97 0.98 -4.84
CA MET J 678 -2.02 1.81 -5.38
C MET J 678 -3.39 1.33 -4.92
N PHE J 679 -3.63 0.02 -4.96
CA PHE J 679 -4.90 -0.52 -4.51
C PHE J 679 -5.00 -0.54 -2.98
N LEU J 680 -3.88 -0.76 -2.30
CA LEU J 680 -3.93 -0.88 -0.85
C LEU J 680 -4.10 0.47 -0.17
N PHE J 681 -3.55 1.54 -0.74
CA PHE J 681 -3.57 2.83 -0.08
C PHE J 681 -4.75 3.71 -0.49
N SER J 682 -5.30 3.50 -1.69
CA SER J 682 -6.32 4.38 -2.23
C SER J 682 -7.72 3.86 -1.91
N GLY J 683 -8.73 4.54 -2.43
CA GLY J 683 -10.11 4.19 -2.19
C GLY J 683 -10.93 4.24 -3.45
N ARG J 684 -12.21 3.89 -3.46
CA ARG J 684 -12.98 3.85 -4.71
C ARG J 684 -13.50 5.16 -5.17
N GLY J 685 -13.92 6.01 -4.28
CA GLY J 685 -14.53 7.25 -4.67
C GLY J 685 -13.67 7.93 -5.66
N TYR J 686 -12.38 7.87 -5.45
CA TYR J 686 -11.52 8.60 -6.36
C TYR J 686 -11.49 7.95 -7.73
N TRP J 687 -11.37 6.62 -7.77
CA TRP J 687 -11.30 5.93 -9.05
C TRP J 687 -12.63 5.98 -9.78
N GLN J 688 -13.75 5.90 -9.05
CA GLN J 688 -15.05 6.04 -9.69
C GLN J 688 -15.22 7.43 -10.30
N GLU J 689 -14.77 8.47 -9.59
CA GLU J 689 -14.93 9.81 -10.11
C GLU J 689 -13.98 10.10 -11.27
N LEU J 690 -12.82 9.42 -11.30
CA LEU J 690 -11.94 9.54 -12.46
C LEU J 690 -12.52 8.80 -13.67
N ILE J 691 -13.09 7.62 -13.42
CA ILE J 691 -13.79 6.89 -14.47
C ILE J 691 -14.96 7.71 -14.99
N GLU J 692 -15.54 8.57 -14.15
CA GLU J 692 -16.60 9.45 -14.62
C GLU J 692 -16.11 10.37 -15.75
N SER J 693 -14.94 10.99 -15.57
CA SER J 693 -14.42 11.87 -16.61
C SER J 693 -13.97 11.07 -17.84
N ILE J 694 -13.39 9.89 -17.62
CA ILE J 694 -13.01 9.05 -18.76
C ILE J 694 -14.26 8.66 -19.56
N VAL J 695 -15.35 8.33 -18.87
CA VAL J 695 -16.61 8.01 -19.52
C VAL J 695 -17.17 9.22 -20.23
N TRP J 696 -16.97 10.42 -19.66
CA TRP J 696 -17.38 11.62 -20.37
C TRP J 696 -16.66 11.74 -21.71
N ALA J 697 -15.35 11.49 -21.70
CA ALA J 697 -14.60 11.54 -22.96
C ALA J 697 -15.11 10.50 -23.96
N HIS J 698 -15.37 9.29 -23.47
CA HIS J 698 -15.87 8.24 -24.35
C HIS J 698 -17.23 8.60 -24.94
N ASN J 699 -18.12 9.16 -24.12
CA ASN J 699 -19.43 9.59 -24.60
C ASN J 699 -19.29 10.72 -25.60
N LYS J 700 -18.34 11.63 -25.36
CA LYS J 700 -18.06 12.70 -26.32
C LYS J 700 -17.62 12.12 -27.66
N LEU J 701 -16.90 11.00 -27.64
CA LEU J 701 -16.51 10.33 -28.88
C LEU J 701 -17.42 9.16 -29.24
N LYS J 702 -18.59 9.04 -28.59
CA LYS J 702 -19.60 8.04 -28.92
C LYS J 702 -19.06 6.61 -28.80
N VAL J 703 -18.17 6.38 -27.84
CA VAL J 703 -17.53 5.07 -27.71
C VAL J 703 -17.67 4.56 -26.29
N ALA J 704 -18.65 5.08 -25.57
CA ALA J 704 -18.91 4.59 -24.22
C ALA J 704 -19.50 3.18 -24.29
N PRO J 705 -18.92 2.21 -23.58
CA PRO J 705 -19.46 0.84 -23.65
C PRO J 705 -20.84 0.75 -23.00
N SER J 706 -21.64 -0.19 -23.50
CA SER J 706 -22.95 -0.43 -22.91
C SER J 706 -22.81 -0.98 -21.49
N ILE J 707 -21.85 -1.87 -21.27
CA ILE J 707 -21.55 -2.33 -19.92
C ILE J 707 -20.85 -1.19 -19.19
N GLN J 708 -21.56 -0.57 -18.26
CA GLN J 708 -21.06 0.64 -17.62
C GLN J 708 -19.79 0.33 -16.82
N PRO J 709 -18.68 1.01 -17.08
CA PRO J 709 -17.44 0.74 -16.34
C PRO J 709 -17.52 1.30 -14.93
N ARG J 710 -17.29 0.44 -13.94
CA ARG J 710 -17.30 0.82 -12.54
C ARG J 710 -15.97 0.44 -11.91
N ALA J 711 -15.53 1.27 -10.96
CA ALA J 711 -14.32 0.96 -10.22
C ALA J 711 -14.51 -0.31 -9.41
N LEU J 712 -13.39 -1.02 -9.18
CA LEU J 712 -13.45 -2.27 -8.45
C LEU J 712 -14.05 -2.04 -7.06
N SER J 713 -14.90 -2.96 -6.62
CA SER J 713 -15.51 -2.85 -5.31
C SER J 713 -14.44 -2.80 -4.23
N ILE J 714 -14.85 -2.30 -3.04
CA ILE J 714 -13.91 -2.12 -1.95
C ILE J 714 -13.23 -3.43 -1.60
N THR J 715 -14.02 -4.50 -1.45
CA THR J 715 -13.45 -5.80 -1.16
C THR J 715 -12.56 -6.29 -2.28
N GLN J 716 -12.97 -6.08 -3.54
CA GLN J 716 -12.11 -6.49 -4.64
C GLN J 716 -10.87 -5.62 -4.73
N GLY J 717 -10.96 -4.34 -4.40
CA GLY J 717 -9.77 -3.52 -4.34
C GLY J 717 -8.77 -4.05 -3.33
N ARG J 718 -9.26 -4.43 -2.14
CA ARG J 718 -8.39 -5.03 -1.13
C ARG J 718 -7.81 -6.35 -1.62
N ALA J 719 -8.62 -7.17 -2.28
CA ALA J 719 -8.15 -8.46 -2.77
C ALA J 719 -7.06 -8.29 -3.83
N VAL J 720 -7.27 -7.35 -4.75
CA VAL J 720 -6.26 -7.08 -5.78
C VAL J 720 -4.98 -6.57 -5.12
N GLY J 721 -5.12 -5.67 -4.14
CA GLY J 721 -3.94 -5.15 -3.46
C GLY J 721 -3.15 -6.24 -2.78
N VAL J 722 -3.83 -7.11 -2.03
CA VAL J 722 -3.11 -8.15 -1.30
C VAL J 722 -2.53 -9.18 -2.26
N ALA J 723 -3.24 -9.51 -3.34
CA ALA J 723 -2.71 -10.47 -4.29
C ALA J 723 -1.46 -9.93 -4.98
N HIS J 724 -1.50 -8.67 -5.39
CA HIS J 724 -0.32 -8.06 -6.00
C HIS J 724 0.83 -7.94 -5.00
N TYR J 725 0.52 -7.58 -3.76
CA TYR J 725 1.55 -7.47 -2.74
C TYR J 725 2.25 -8.81 -2.51
N LEU J 726 1.46 -9.87 -2.35
CA LEU J 726 2.02 -11.19 -2.15
C LEU J 726 2.83 -11.63 -3.35
N LEU J 727 2.29 -11.42 -4.56
CA LEU J 727 3.00 -11.83 -5.76
C LEU J 727 4.33 -11.10 -5.88
N GLY J 728 4.32 -9.79 -5.68
CA GLY J 728 5.54 -9.01 -5.81
C GLY J 728 6.59 -9.39 -4.79
N GLY J 729 6.19 -9.49 -3.51
CA GLY J 729 7.14 -9.83 -2.47
C GLY J 729 7.71 -11.23 -2.64
N ILE J 730 6.83 -12.20 -2.89
CA ILE J 730 7.26 -13.58 -3.03
C ILE J 730 8.11 -13.75 -4.28
N GLY J 731 7.77 -13.04 -5.37
CA GLY J 731 8.60 -13.10 -6.57
C GLY J 731 9.95 -12.46 -6.39
N THR J 732 10.01 -11.35 -5.65
CA THR J 732 11.29 -10.72 -5.36
C THR J 732 12.19 -11.67 -4.56
N THR J 733 11.63 -12.27 -3.51
CA THR J 733 12.40 -13.23 -2.72
C THR J 733 12.77 -14.45 -3.56
N TRP J 734 11.87 -14.87 -4.45
CA TRP J 734 12.11 -16.01 -5.33
C TRP J 734 13.31 -15.76 -6.23
N ALA J 735 13.30 -14.63 -6.94
CA ALA J 735 14.41 -14.31 -7.82
C ALA J 735 15.70 -14.13 -7.03
N PHE J 736 15.64 -13.43 -5.90
CA PHE J 736 16.82 -13.22 -5.08
C PHE J 736 17.42 -14.54 -4.63
N PHE J 737 16.60 -15.40 -4.03
CA PHE J 737 17.09 -16.69 -3.55
C PHE J 737 17.65 -17.53 -4.68
N LEU J 738 16.93 -17.62 -5.80
CA LEU J 738 17.36 -18.51 -6.87
C LEU J 738 18.66 -18.04 -7.49
N ALA J 739 18.75 -16.75 -7.82
CA ALA J 739 19.99 -16.24 -8.40
C ALA J 739 21.16 -16.39 -7.45
N ARG J 740 20.96 -16.05 -6.17
CA ARG J 740 22.05 -16.14 -5.20
C ARG J 740 22.53 -17.58 -5.03
N ILE J 741 21.60 -18.52 -4.88
CA ILE J 741 21.98 -19.89 -4.57
C ILE J 741 22.39 -20.67 -5.80
N ILE J 742 22.06 -20.18 -7.01
CA ILE J 742 22.58 -20.82 -8.21
C ILE J 742 23.97 -20.29 -8.56
N SER J 743 24.20 -18.99 -8.35
CA SER J 743 25.53 -18.45 -8.61
C SER J 743 26.58 -19.04 -7.68
N VAL J 744 26.25 -19.19 -6.40
CA VAL J 744 27.23 -19.70 -5.43
C VAL J 744 26.73 -21.00 -4.81
N VAL K 2 -12.04 18.37 30.65
CA VAL K 2 -12.52 18.07 29.35
C VAL K 2 -13.53 19.13 29.03
N TYR K 3 -13.11 20.38 29.09
CA TYR K 3 -14.03 21.46 28.86
C TYR K 3 -13.30 22.74 28.64
N LYS K 4 -12.06 22.69 28.22
CA LYS K 4 -11.38 23.92 27.89
C LYS K 4 -10.10 23.79 27.11
N PHE K 5 -9.91 22.77 26.29
CA PHE K 5 -8.72 22.75 25.47
C PHE K 5 -9.04 23.35 24.10
N PRO K 6 -9.99 22.79 23.33
CA PRO K 6 -10.30 23.50 22.07
C PRO K 6 -11.22 24.68 22.38
N LYS K 7 -10.60 25.74 22.92
CA LYS K 7 -11.34 26.95 23.26
C LYS K 7 -12.04 27.54 22.05
N PHE K 8 -11.50 27.32 20.85
CA PHE K 8 -12.05 27.87 19.63
C PHE K 8 -13.20 27.04 19.07
N SER K 9 -13.47 25.87 19.62
CA SER K 9 -14.50 24.98 19.08
C SER K 9 -15.24 24.32 20.25
N LYS K 10 -16.52 24.67 20.40
CA LYS K 10 -17.32 24.02 21.44
C LYS K 10 -17.73 22.61 21.04
N ALA K 11 -17.86 22.35 19.73
CA ALA K 11 -18.23 21.01 19.28
C ALA K 11 -17.17 20.00 19.64
N LEU K 12 -15.89 20.38 19.54
CA LEU K 12 -14.81 19.47 19.93
C LEU K 12 -14.70 19.37 21.44
N ALA K 13 -14.90 20.48 22.15
CA ALA K 13 -14.75 20.48 23.60
C ALA K 13 -15.77 19.58 24.29
N GLU K 14 -16.86 19.24 23.61
CA GLU K 14 -17.86 18.33 24.16
C GLU K 14 -17.61 16.88 23.78
N ASP K 15 -16.56 16.60 23.02
CA ASP K 15 -16.22 15.24 22.65
C ASP K 15 -15.68 14.50 23.88
N PRO K 16 -16.28 13.37 24.27
CA PRO K 16 -15.80 12.64 25.45
C PRO K 16 -14.59 11.77 25.18
N SER K 17 -14.10 11.71 23.94
CA SER K 17 -13.04 10.80 23.54
C SER K 17 -11.72 11.56 23.36
N THR K 18 -10.67 10.78 23.07
CA THR K 18 -9.37 11.35 22.76
C THR K 18 -9.34 12.07 21.42
N ARG K 19 -10.38 11.90 20.60
CA ARG K 19 -10.46 12.60 19.32
C ARG K 19 -10.47 14.11 19.51
N ARG K 20 -10.98 14.59 20.65
CA ARG K 20 -10.99 16.02 20.92
C ARG K 20 -9.58 16.59 20.97
N ILE K 21 -8.66 15.89 21.64
CA ILE K 21 -7.28 16.34 21.73
C ILE K 21 -6.62 16.33 20.35
N TRP K 22 -6.83 15.25 19.59
CA TRP K 22 -6.22 15.15 18.27
C TRP K 22 -6.74 16.23 17.34
N TYR K 23 -8.05 16.45 17.33
CA TYR K 23 -8.63 17.46 16.46
C TYR K 23 -8.38 18.88 16.96
N GLY K 24 -8.12 19.05 18.26
CA GLY K 24 -7.77 20.36 18.76
C GLY K 24 -6.45 20.87 18.20
N ILE K 25 -5.49 19.96 18.01
CA ILE K 25 -4.21 20.35 17.41
C ILE K 25 -4.40 20.71 15.94
N ALA K 26 -5.12 19.87 15.21
CA ALA K 26 -5.18 19.95 13.76
C ALA K 26 -6.14 21.02 13.25
N THR K 27 -6.91 21.66 14.13
CA THR K 27 -7.83 22.71 13.73
C THR K 27 -7.49 24.05 14.39
N ALA K 28 -6.33 24.15 15.04
CA ALA K 28 -5.99 25.36 15.78
C ALA K 28 -5.75 26.55 14.85
N HIS K 29 -5.23 26.32 13.65
CA HIS K 29 -4.89 27.39 12.72
C HIS K 29 -5.97 27.63 11.67
N ASP K 30 -7.02 26.82 11.64
CA ASP K 30 -8.15 27.06 10.75
C ASP K 30 -9.07 28.07 11.43
N PHE K 31 -8.66 29.33 11.39
CA PHE K 31 -9.36 30.37 12.13
C PHE K 31 -10.77 30.59 11.61
N GLU K 32 -10.99 30.38 10.31
CA GLU K 32 -12.31 30.63 9.73
C GLU K 32 -13.37 29.68 10.28
N SER K 33 -12.97 28.54 10.81
CA SER K 33 -13.91 27.55 11.34
C SER K 33 -14.11 27.66 12.84
N HIS K 34 -13.50 28.64 13.48
CA HIS K 34 -13.57 28.74 14.94
C HIS K 34 -14.91 29.33 15.38
N ASP K 35 -15.27 29.03 16.62
CA ASP K 35 -16.53 29.51 17.18
C ASP K 35 -16.46 31.02 17.43
N ALA K 36 -17.60 31.68 17.26
CA ALA K 36 -17.72 33.13 17.46
C ALA K 36 -16.68 33.88 16.64
N MET K 37 -16.78 33.74 15.33
CA MET K 37 -15.74 34.16 14.41
C MET K 37 -16.27 35.27 13.52
N THR K 38 -15.50 36.34 13.38
CA THR K 38 -15.79 37.42 12.44
C THR K 38 -14.60 37.63 11.52
N GLU K 39 -14.82 38.40 10.46
CA GLU K 39 -13.74 38.63 9.49
C GLU K 39 -12.65 39.54 10.06
N SER K 40 -13.05 40.57 10.82
CA SER K 40 -12.07 41.48 11.40
C SER K 40 -11.12 40.74 12.34
N LYS K 41 -11.67 39.90 13.22
CA LYS K 41 -10.84 39.10 14.11
C LYS K 41 -9.96 38.16 13.32
N LEU K 42 -10.47 37.63 12.20
CA LEU K 42 -9.69 36.72 11.37
C LEU K 42 -8.45 37.42 10.82
N TYR K 43 -8.64 38.58 10.20
CA TYR K 43 -7.50 39.28 9.62
C TYR K 43 -6.53 39.76 10.69
N GLN K 44 -7.04 40.23 11.84
CA GLN K 44 -6.17 40.68 12.91
C GLN K 44 -5.33 39.53 13.48
N LYS K 45 -5.95 38.37 13.70
CA LYS K 45 -5.22 37.22 14.20
C LYS K 45 -4.19 36.74 13.18
N ILE K 46 -4.54 36.74 11.90
CA ILE K 46 -3.58 36.36 10.87
C ILE K 46 -2.40 37.33 10.85
N PHE K 47 -2.68 38.62 11.02
CA PHE K 47 -1.63 39.64 11.06
C PHE K 47 -0.67 39.39 12.21
N ALA K 48 -1.21 39.16 13.41
CA ALA K 48 -0.36 38.90 14.56
C ALA K 48 0.43 37.61 14.39
N SER K 49 -0.20 36.58 13.81
CA SER K 49 0.51 35.32 13.56
C SER K 49 1.63 35.53 12.56
N HIS K 50 1.42 36.38 11.56
CA HIS K 50 2.50 36.71 10.63
C HIS K 50 3.67 37.34 11.36
N PHE K 51 3.37 38.27 12.28
CA PHE K 51 4.45 38.91 13.04
C PHE K 51 5.22 37.89 13.86
N GLY K 52 4.51 37.01 14.57
CA GLY K 52 5.18 35.96 15.33
C GLY K 52 6.01 35.05 14.45
N HIS K 53 5.51 34.75 13.25
CA HIS K 53 6.24 33.88 12.32
C HIS K 53 7.53 34.53 11.85
N ILE K 54 7.48 35.81 11.48
CA ILE K 54 8.70 36.49 11.06
C ILE K 54 9.69 36.56 12.22
N ALA K 55 9.18 36.76 13.44
CA ALA K 55 10.04 36.72 14.61
C ALA K 55 10.73 35.36 14.76
N ILE K 56 9.97 34.29 14.52
CA ILE K 56 10.55 32.94 14.60
C ILE K 56 11.65 32.77 13.55
N ILE K 57 11.40 33.23 12.34
CA ILE K 57 12.40 33.11 11.27
C ILE K 57 13.68 33.86 11.66
N PHE K 58 13.53 35.08 12.15
CA PHE K 58 14.70 35.87 12.52
C PHE K 58 15.44 35.25 13.71
N LEU K 59 14.71 34.68 14.66
CA LEU K 59 15.36 33.99 15.78
C LEU K 59 16.13 32.77 15.30
N TRP K 60 15.58 32.03 14.33
CA TRP K 60 16.28 30.89 13.77
C TRP K 60 17.58 31.31 13.08
N THR K 61 17.52 32.38 12.29
CA THR K 61 18.73 32.88 11.65
C THR K 61 19.75 33.36 12.67
N ALA K 62 19.28 34.04 13.73
CA ALA K 62 20.18 34.49 14.78
C ALA K 62 20.84 33.32 15.49
N GLY K 63 20.08 32.24 15.70
CA GLY K 63 20.66 31.06 16.31
C GLY K 63 21.73 30.42 15.45
N ASN K 64 21.49 30.35 14.13
CA ASN K 64 22.51 29.84 13.23
C ASN K 64 23.77 30.69 13.31
N LEU K 65 23.60 32.02 13.27
CA LEU K 65 24.74 32.92 13.35
C LEU K 65 25.51 32.73 14.65
N PHE K 66 24.79 32.67 15.77
CA PHE K 66 25.45 32.54 17.07
C PHE K 66 26.20 31.22 17.19
N HIS K 67 25.60 30.13 16.70
CA HIS K 67 26.26 28.84 16.84
C HIS K 67 27.45 28.71 15.91
N VAL K 68 27.42 29.35 14.75
CA VAL K 68 28.61 29.39 13.91
C VAL K 68 29.69 30.23 14.58
N ALA K 69 29.30 31.35 15.21
CA ALA K 69 30.28 32.21 15.86
C ALA K 69 30.91 31.57 17.08
N TRP K 70 30.15 30.74 17.81
CA TRP K 70 30.59 30.22 19.09
C TRP K 70 31.30 28.87 18.96
N GLN K 71 30.69 27.92 18.24
CA GLN K 71 31.21 26.57 18.15
C GLN K 71 31.72 26.22 16.76
N GLY K 72 31.62 27.12 15.80
CA GLY K 72 32.10 26.85 14.46
C GLY K 72 33.58 27.14 14.30
N ASN K 73 34.05 26.99 13.07
CA ASN K 73 35.42 27.30 12.70
C ASN K 73 35.43 28.28 11.54
N PHE K 74 34.61 29.32 11.65
CA PHE K 74 34.48 30.28 10.55
C PHE K 74 35.81 30.97 10.27
N GLU K 75 36.49 31.44 11.32
CA GLU K 75 37.74 32.16 11.13
C GLU K 75 38.82 31.28 10.49
N ALA K 76 38.91 30.02 10.93
CA ALA K 76 39.86 29.10 10.31
C ALA K 76 39.45 28.79 8.87
N TRP K 77 38.16 28.69 8.61
CA TRP K 77 37.69 28.40 7.26
C TRP K 77 37.98 29.55 6.31
N ILE K 78 38.11 30.78 6.83
CA ILE K 78 38.40 31.92 5.97
C ILE K 78 39.77 31.75 5.31
N LEU K 79 40.77 31.31 6.08
CA LEU K 79 42.13 31.21 5.59
C LEU K 79 42.35 30.03 4.68
N ASN K 80 41.46 29.04 4.68
CA ASN K 80 41.60 27.84 3.85
C ASN K 80 40.22 27.28 3.55
N PRO K 81 39.47 27.92 2.66
CA PRO K 81 38.09 27.50 2.41
C PRO K 81 37.97 26.18 1.66
N LEU K 82 39.01 25.75 0.95
CA LEU K 82 38.91 24.55 0.13
C LEU K 82 39.35 23.29 0.87
N LYS K 83 39.95 23.41 2.04
CA LYS K 83 40.39 22.25 2.82
C LYS K 83 39.69 22.14 4.16
N VAL K 84 39.39 23.26 4.80
CA VAL K 84 38.71 23.24 6.10
C VAL K 84 37.22 23.00 5.87
N ARG K 85 36.67 22.05 6.63
CA ARG K 85 35.25 21.74 6.53
C ARG K 85 34.47 22.58 7.53
N PRO K 86 33.47 23.35 7.10
CA PRO K 86 32.72 24.19 8.04
C PRO K 86 32.01 23.36 9.10
N ILE K 87 31.92 23.93 10.30
CA ILE K 87 31.29 23.29 11.45
C ILE K 87 30.00 24.03 11.77
N ALA K 88 28.91 23.27 11.92
CA ALA K 88 27.62 23.88 12.22
C ALA K 88 27.51 24.25 13.69
N HIS K 89 27.60 23.26 14.57
CA HIS K 89 27.51 23.48 16.00
C HIS K 89 28.12 22.29 16.72
N ALA K 90 28.43 22.49 18.00
CA ALA K 90 29.02 21.44 18.80
C ALA K 90 27.95 20.44 19.23
N ILE K 91 28.42 19.28 19.69
CA ILE K 91 27.54 18.19 20.12
C ILE K 91 27.82 17.89 21.59
N TRP K 92 26.76 17.78 22.38
CA TRP K 92 26.84 17.27 23.75
C TRP K 92 25.70 16.28 23.91
N ASP K 93 26.00 14.99 23.77
CA ASP K 93 25.02 13.93 23.89
C ASP K 93 25.53 12.92 24.90
N PRO K 94 24.85 12.72 26.03
CA PRO K 94 25.35 11.79 27.05
C PRO K 94 25.43 10.34 26.59
N HIS K 95 24.72 9.98 25.52
CA HIS K 95 24.69 8.59 25.07
C HIS K 95 25.91 8.20 24.26
N PHE K 96 26.78 9.15 23.94
CA PHE K 96 27.97 8.84 23.15
C PHE K 96 28.90 7.91 23.91
N GLY K 97 29.47 6.95 23.20
CA GLY K 97 30.61 6.22 23.70
C GLY K 97 31.89 6.98 23.42
N GLN K 98 33.01 6.41 23.85
CA GLN K 98 34.29 7.02 23.55
C GLN K 98 34.56 7.03 22.05
N ALA K 99 34.15 5.96 21.36
CA ALA K 99 34.36 5.90 19.92
C ALA K 99 33.57 6.98 19.18
N ALA K 100 32.32 7.20 19.58
CA ALA K 100 31.51 8.23 18.94
C ALA K 100 32.09 9.62 19.21
N TYR K 101 32.55 9.86 20.43
CA TYR K 101 33.18 11.14 20.75
C TYR K 101 34.42 11.35 19.88
N LYS K 102 35.24 10.31 19.74
CA LYS K 102 36.46 10.43 18.95
C LYS K 102 36.14 10.67 17.47
N ALA K 103 35.14 9.98 16.94
CA ALA K 103 34.82 10.11 15.52
C ALA K 103 34.20 11.47 15.21
N PHE K 104 33.30 11.95 16.07
CA PHE K 104 32.70 13.25 15.84
C PHE K 104 33.57 14.40 16.31
N LEU K 105 34.70 14.12 16.95
CA LEU K 105 35.56 15.17 17.48
C LEU K 105 36.12 16.02 16.36
N LYS K 106 35.89 17.33 16.44
CA LYS K 106 36.42 18.30 15.49
C LYS K 106 36.98 19.46 16.30
N THR K 107 38.30 19.65 16.21
CA THR K 107 39.03 20.64 17.01
C THR K 107 38.92 20.35 18.50
N SER K 108 38.02 21.04 19.19
CA SER K 108 37.96 20.98 20.65
C SER K 108 36.80 20.16 21.19
N SER K 109 35.76 19.92 20.40
CA SER K 109 34.58 19.22 20.88
C SER K 109 33.93 18.51 19.71
N PRO K 110 33.17 17.44 19.95
CA PRO K 110 32.39 16.84 18.86
C PRO K 110 31.45 17.87 18.25
N ALA K 111 31.36 17.86 16.93
CA ALA K 111 30.62 18.90 16.23
C ALA K 111 30.09 18.33 14.91
N ASN K 112 29.11 19.03 14.36
CA ASN K 112 28.48 18.64 13.10
C ASN K 112 28.98 19.55 11.99
N LEU K 113 29.37 18.93 10.87
CA LEU K 113 29.70 19.72 9.68
C LEU K 113 28.47 20.48 9.20
N ALA K 114 28.68 21.69 8.70
CA ALA K 114 27.60 22.54 8.25
C ALA K 114 27.33 22.31 6.77
N LEU K 115 26.14 21.81 6.46
CA LEU K 115 25.74 21.56 5.08
C LEU K 115 24.78 22.62 4.55
N SER K 116 24.53 23.68 5.31
CA SER K 116 23.65 24.74 4.88
C SER K 116 24.33 25.77 3.99
N GLY K 117 25.64 25.70 3.84
CA GLY K 117 26.34 26.67 3.02
C GLY K 117 26.35 28.07 3.58
N VAL K 118 26.09 28.23 4.89
CA VAL K 118 26.05 29.55 5.48
C VAL K 118 27.44 30.16 5.54
N TYR K 119 28.48 29.34 5.68
CA TYR K 119 29.85 29.85 5.72
C TYR K 119 30.17 30.60 4.43
N GLU K 120 29.90 29.99 3.29
CA GLU K 120 30.19 30.62 2.01
C GLU K 120 29.32 31.85 1.79
N TRP K 121 28.04 31.78 2.17
CA TRP K 121 27.15 32.91 2.00
C TRP K 121 27.61 34.10 2.84
N TRP K 122 27.94 33.86 4.10
CA TRP K 122 28.36 34.96 4.97
C TRP K 122 29.74 35.48 4.58
N TYR K 123 30.63 34.60 4.12
CA TYR K 123 31.93 35.03 3.64
C TYR K 123 31.80 35.90 2.40
N THR K 124 30.87 35.56 1.50
CA THR K 124 30.69 36.33 0.28
C THR K 124 30.20 37.74 0.58
N ILE K 125 29.29 37.88 1.54
CA ILE K 125 28.67 39.18 1.83
C ILE K 125 29.57 39.99 2.75
N GLY K 126 30.77 39.48 3.03
CA GLY K 126 31.77 40.27 3.74
C GLY K 126 31.80 40.09 5.23
N MET K 127 31.89 38.84 5.69
CA MET K 127 32.10 38.54 7.11
C MET K 127 33.41 37.78 7.26
N ARG K 128 34.27 38.28 8.14
CA ARG K 128 35.59 37.70 8.33
C ARG K 128 35.92 37.36 9.78
N THR K 129 35.01 37.61 10.72
CA THR K 129 35.33 37.45 12.13
C THR K 129 34.15 36.79 12.84
N ASN K 130 34.46 36.03 13.89
CA ASN K 130 33.42 35.49 14.77
C ASN K 130 32.74 36.57 15.58
N ASN K 131 33.23 37.81 15.55
CA ASN K 131 32.53 38.93 16.13
C ASN K 131 31.57 39.60 15.16
N ASP K 132 31.78 39.42 13.84
CA ASP K 132 30.80 39.88 12.87
C ASP K 132 29.54 39.03 12.93
N LEU K 133 29.69 37.72 13.11
CA LEU K 133 28.53 36.84 13.25
C LEU K 133 27.76 37.15 14.53
N TYR K 134 28.48 37.43 15.62
CA TYR K 134 27.82 37.74 16.89
C TYR K 134 27.01 39.02 16.78
N GLN K 135 27.54 40.03 16.07
CA GLN K 135 26.78 41.24 15.84
C GLN K 135 25.50 40.94 15.06
N GLY K 136 25.59 40.08 14.05
CA GLY K 136 24.39 39.72 13.30
C GLY K 136 23.37 39.00 14.16
N SER K 137 23.82 38.10 15.02
CA SER K 137 22.89 37.41 15.93
C SER K 137 22.23 38.39 16.88
N PHE K 138 23.00 39.32 17.44
CA PHE K 138 22.43 40.34 18.33
C PHE K 138 21.39 41.18 17.61
N PHE K 139 21.71 41.64 16.40
CA PHE K 139 20.79 42.47 15.64
C PHE K 139 19.53 41.70 15.27
N LEU K 140 19.67 40.41 14.93
CA LEU K 140 18.50 39.64 14.55
C LEU K 140 17.61 39.34 15.75
N ILE K 141 18.18 39.14 16.93
CA ILE K 141 17.36 38.99 18.12
C ILE K 141 16.63 40.30 18.43
N LEU K 142 17.30 41.44 18.21
CA LEU K 142 16.62 42.72 18.36
C LEU K 142 15.46 42.85 17.38
N LEU K 143 15.66 42.43 16.14
CA LEU K 143 14.58 42.48 15.15
C LEU K 143 13.43 41.56 15.53
N SER K 144 13.75 40.39 16.06
CA SER K 144 12.71 39.47 16.54
C SER K 144 11.90 40.11 17.66
N SER K 145 12.59 40.81 18.57
CA SER K 145 11.88 41.52 19.63
C SER K 145 10.98 42.61 19.05
N LEU K 146 11.47 43.34 18.04
CA LEU K 146 10.64 44.33 17.35
C LEU K 146 9.38 43.69 16.79
N LEU K 147 9.52 42.56 16.11
CA LEU K 147 8.37 41.93 15.45
C LEU K 147 7.39 41.38 16.48
N LEU K 148 7.90 40.82 17.58
CA LEU K 148 7.00 40.35 18.64
C LEU K 148 6.24 41.51 19.27
N PHE K 149 6.93 42.64 19.49
CA PHE K 149 6.24 43.81 20.03
C PHE K 149 5.17 44.31 19.06
N ALA K 150 5.48 44.33 17.77
CA ALA K 150 4.49 44.76 16.79
C ALA K 150 3.28 43.83 16.76
N GLY K 151 3.54 42.51 16.83
CA GLY K 151 2.45 41.56 16.85
C GLY K 151 1.55 41.74 18.06
N TRP K 152 2.15 41.98 19.23
CA TRP K 152 1.33 42.28 20.40
C TRP K 152 0.58 43.59 20.23
N LEU K 153 1.24 44.60 19.68
CA LEU K 153 0.65 45.93 19.58
C LEU K 153 -0.58 45.93 18.68
N HIS K 154 -0.51 45.21 17.56
CA HIS K 154 -1.60 45.24 16.60
C HIS K 154 -2.76 44.32 16.98
N LEU K 155 -2.74 43.79 18.19
CA LEU K 155 -3.93 43.18 18.79
C LEU K 155 -4.54 44.07 19.85
N GLN K 156 -3.92 45.21 20.15
CA GLN K 156 -4.46 46.13 21.12
C GLN K 156 -5.67 46.87 20.54
N PRO K 157 -6.58 47.36 21.38
CA PRO K 157 -7.84 47.90 20.85
C PRO K 157 -7.68 49.03 19.85
N SER K 158 -6.86 50.05 20.16
CA SER K 158 -6.75 51.20 19.28
C SER K 158 -5.80 50.98 18.11
N PHE K 159 -5.15 49.83 18.04
CA PHE K 159 -4.16 49.57 16.98
C PHE K 159 -4.51 48.36 16.13
N ARG K 160 -5.74 47.86 16.23
CA ARG K 160 -6.17 46.73 15.42
C ARG K 160 -6.70 47.23 14.09
N PRO K 161 -6.09 46.86 12.96
CA PRO K 161 -6.56 47.37 11.67
C PRO K 161 -7.93 46.82 11.29
N SER K 162 -8.65 47.58 10.48
CA SER K 162 -9.98 47.19 10.04
C SER K 162 -9.90 46.40 8.75
N LEU K 163 -11.06 45.93 8.28
CA LEU K 163 -11.10 45.14 7.05
C LEU K 163 -10.72 45.98 5.84
N ASP K 164 -11.09 47.26 5.83
CA ASP K 164 -10.76 48.12 4.70
C ASP K 164 -9.24 48.25 4.54
N TRP K 165 -8.52 48.42 5.66
CA TRP K 165 -7.07 48.49 5.59
C TRP K 165 -6.48 47.18 5.10
N PHE K 166 -7.02 46.05 5.58
CA PHE K 166 -6.50 44.75 5.17
C PHE K 166 -6.78 44.47 3.70
N LYS K 167 -7.92 44.95 3.19
CA LYS K 167 -8.31 44.70 1.81
C LYS K 167 -7.94 45.85 0.87
N ALA K 168 -7.15 46.80 1.36
CA ALA K 168 -6.65 47.90 0.52
C ALA K 168 -5.56 47.33 -0.38
N ASN K 169 -5.98 46.86 -1.56
CA ASN K 169 -5.03 46.19 -2.45
C ASN K 169 -4.01 47.15 -3.03
N GLU K 170 -4.45 48.32 -3.51
CA GLU K 170 -3.56 49.21 -4.21
C GLU K 170 -2.44 49.73 -3.31
N TYR K 171 -2.78 50.13 -2.09
CA TYR K 171 -1.78 50.62 -1.16
C TYR K 171 -0.76 49.53 -0.84
N ARG K 172 -1.24 48.32 -0.55
CA ARG K 172 -0.34 47.24 -0.18
C ARG K 172 0.56 46.86 -1.34
N LEU K 173 0.03 46.83 -2.56
CA LEU K 173 0.85 46.52 -3.72
C LEU K 173 1.91 47.59 -3.96
N ASN K 174 1.50 48.87 -3.97
CA ASN K 174 2.47 49.94 -4.14
C ASN K 174 3.61 49.80 -3.14
N HIS K 175 3.25 49.65 -1.86
CA HIS K 175 4.27 49.61 -0.83
C HIS K 175 5.11 48.34 -0.91
N HIS K 176 4.46 47.17 -1.00
CA HIS K 176 5.20 45.93 -1.11
C HIS K 176 6.19 46.00 -2.26
N LEU K 177 5.71 46.22 -3.49
CA LEU K 177 6.61 46.28 -4.63
C LEU K 177 7.70 47.31 -4.39
N SER K 178 7.35 48.61 -4.36
CA SER K 178 8.38 49.64 -4.30
C SER K 178 9.20 49.50 -3.04
N GLY K 179 8.60 49.77 -1.87
CA GLY K 179 9.33 49.68 -0.63
C GLY K 179 10.01 48.34 -0.45
N LEU K 180 9.26 47.26 -0.23
CA LEU K 180 9.89 45.99 0.10
C LEU K 180 10.90 45.62 -0.96
N PHE K 181 10.45 45.31 -2.19
CA PHE K 181 11.38 44.75 -3.16
C PHE K 181 12.45 45.77 -3.56
N GLY K 182 12.03 46.93 -4.09
CA GLY K 182 13.00 47.87 -4.62
C GLY K 182 13.91 48.46 -3.56
N VAL K 183 13.35 48.90 -2.43
CA VAL K 183 14.18 49.52 -1.41
C VAL K 183 15.05 48.49 -0.71
N SER K 184 14.57 47.25 -0.51
CA SER K 184 15.44 46.23 0.06
C SER K 184 16.56 45.89 -0.91
N SER K 185 16.28 45.87 -2.21
CA SER K 185 17.35 45.67 -3.19
C SER K 185 18.32 46.84 -3.20
N LEU K 186 17.81 48.06 -3.03
CA LEU K 186 18.67 49.23 -2.98
C LEU K 186 19.58 49.19 -1.76
N ALA K 187 19.02 48.85 -0.61
CA ALA K 187 19.82 48.71 0.61
C ALA K 187 20.81 47.56 0.48
N TRP K 188 20.41 46.47 -0.18
CA TRP K 188 21.32 45.35 -0.37
C TRP K 188 22.45 45.73 -1.32
N THR K 189 22.15 46.54 -2.35
CA THR K 189 23.22 47.04 -3.20
C THR K 189 24.16 47.95 -2.42
N GLY K 190 23.59 48.79 -1.54
CA GLY K 190 24.42 49.63 -0.68
C GLY K 190 25.36 48.80 0.17
N HIS K 191 24.83 47.76 0.82
CA HIS K 191 25.69 46.89 1.62
C HIS K 191 26.69 46.17 0.74
N LEU K 192 26.23 45.54 -0.34
CA LEU K 192 27.11 44.84 -1.26
C LEU K 192 28.31 45.70 -1.60
N VAL K 193 28.06 46.88 -2.18
CA VAL K 193 29.15 47.77 -2.54
C VAL K 193 29.97 48.06 -1.29
N HIS K 194 29.38 48.81 -0.34
CA HIS K 194 30.13 49.41 0.76
C HIS K 194 30.97 48.40 1.52
N VAL K 195 30.36 47.30 1.95
CA VAL K 195 31.03 46.33 2.78
C VAL K 195 31.63 45.24 1.91
N ALA K 196 30.78 44.54 1.15
CA ALA K 196 31.22 43.31 0.50
C ALA K 196 32.32 43.57 -0.53
N ILE K 197 32.19 44.64 -1.33
CA ILE K 197 33.14 44.82 -2.42
C ILE K 197 34.55 45.06 -1.86
N PRO K 198 34.76 45.99 -0.92
CA PRO K 198 36.11 46.14 -0.37
C PRO K 198 36.58 44.95 0.44
N GLU K 199 35.67 44.26 1.14
CA GLU K 199 36.08 43.11 1.94
C GLU K 199 36.60 41.98 1.07
N SER K 200 36.05 41.82 -0.14
CA SER K 200 36.62 40.88 -1.10
C SER K 200 37.96 41.36 -1.64
N ARG K 201 38.29 42.63 -1.44
CA ARG K 201 39.55 43.20 -1.88
C ARG K 201 40.48 43.52 -0.72
N GLY K 202 40.19 42.97 0.46
CA GLY K 202 41.07 43.10 1.60
C GLY K 202 40.85 44.32 2.46
N ILE K 203 40.00 45.24 2.05
CA ILE K 203 39.72 46.45 2.82
C ILE K 203 38.54 46.17 3.74
N HIS K 204 38.72 46.38 5.03
CA HIS K 204 37.68 46.12 6.02
C HIS K 204 36.79 47.35 6.14
N VAL K 205 35.49 47.18 5.91
CA VAL K 205 34.51 48.24 6.05
C VAL K 205 33.51 47.76 7.09
N GLY K 206 33.70 48.18 8.34
CA GLY K 206 32.83 47.82 9.43
C GLY K 206 31.93 48.96 9.86
N TRP K 207 31.26 48.76 11.00
CA TRP K 207 30.38 49.81 11.54
C TRP K 207 31.14 50.96 12.16
N ASP K 208 32.45 51.07 11.95
CA ASP K 208 33.21 52.24 12.39
C ASP K 208 33.70 53.08 11.23
N ASN K 209 34.47 52.49 10.32
CA ASN K 209 35.01 53.22 9.17
C ASN K 209 34.17 52.96 7.91
N PHE K 210 32.88 53.29 7.98
CA PHE K 210 32.04 53.23 6.79
C PHE K 210 31.56 54.59 6.33
N LEU K 211 31.56 55.59 7.22
CA LEU K 211 31.28 56.96 6.84
C LEU K 211 32.52 57.67 6.30
N THR K 212 33.68 57.02 6.32
CA THR K 212 34.91 57.63 5.85
C THR K 212 35.66 56.81 4.82
N VAL K 213 35.21 55.60 4.51
CA VAL K 213 35.84 54.76 3.49
C VAL K 213 34.97 54.82 2.25
N LEU K 214 35.49 55.42 1.19
CA LEU K 214 34.72 55.60 -0.04
C LEU K 214 34.57 54.26 -0.76
N PRO K 215 33.35 53.83 -1.06
CA PRO K 215 33.20 52.60 -1.86
C PRO K 215 33.82 52.70 -3.24
N HIS K 216 33.87 53.90 -3.82
CA HIS K 216 34.55 54.13 -5.08
C HIS K 216 35.49 55.33 -4.91
N PRO K 217 36.65 55.32 -5.57
CA PRO K 217 37.59 56.44 -5.40
C PRO K 217 36.99 57.78 -5.80
N GLU K 218 36.14 57.82 -6.82
CA GLU K 218 35.53 59.08 -7.23
C GLU K 218 34.42 59.51 -6.30
N GLY K 219 33.73 58.56 -5.66
CA GLY K 219 32.86 58.87 -4.55
C GLY K 219 31.61 59.67 -4.86
N LEU K 220 30.65 59.04 -5.54
CA LEU K 220 29.31 59.59 -5.78
C LEU K 220 29.34 60.73 -6.78
N THR K 221 30.53 61.18 -7.18
CA THR K 221 30.62 62.19 -8.23
C THR K 221 30.12 61.68 -9.57
N PRO K 222 30.53 60.49 -10.05
CA PRO K 222 29.99 60.01 -11.33
C PRO K 222 28.49 59.82 -11.34
N PHE K 223 27.90 59.40 -10.21
CA PHE K 223 26.47 59.16 -10.19
C PHE K 223 25.68 60.43 -10.46
N PHE K 224 25.99 61.50 -9.72
CA PHE K 224 25.29 62.76 -9.94
C PHE K 224 25.70 63.40 -11.27
N SER K 225 26.97 63.25 -11.65
CA SER K 225 27.44 63.80 -12.92
C SER K 225 26.94 63.03 -14.13
N GLY K 226 26.38 61.84 -13.93
CA GLY K 226 25.93 61.02 -15.03
C GLY K 226 26.99 60.16 -15.68
N ASN K 227 28.25 60.28 -15.25
CA ASN K 227 29.34 59.48 -15.79
C ASN K 227 29.35 58.09 -15.13
N TRP K 228 28.23 57.38 -15.32
CA TRP K 228 28.03 56.12 -14.62
C TRP K 228 29.00 55.04 -15.09
N LYS K 229 29.66 55.24 -16.23
CA LYS K 229 30.68 54.28 -16.66
C LYS K 229 31.86 54.21 -15.71
N ALA K 230 32.09 55.27 -14.93
CA ALA K 230 33.24 55.29 -14.04
C ALA K 230 33.15 54.20 -12.98
N TYR K 231 31.94 53.81 -12.60
CA TYR K 231 31.77 52.74 -11.62
C TYR K 231 32.09 51.37 -12.19
N ALA K 232 32.22 51.26 -13.51
CA ALA K 232 32.54 49.99 -14.16
C ALA K 232 34.00 49.90 -14.59
N GLN K 233 34.74 51.01 -14.56
CA GLN K 233 36.13 50.99 -14.99
C GLN K 233 36.99 50.23 -13.98
N ASN K 234 38.00 49.53 -14.51
CA ASN K 234 38.96 48.78 -13.71
C ASN K 234 38.28 47.74 -12.84
N PRO K 235 37.71 46.68 -13.42
CA PRO K 235 37.11 45.62 -12.61
C PRO K 235 38.18 44.71 -12.03
N ASP K 236 37.74 43.73 -11.25
CA ASP K 236 38.65 42.76 -10.68
C ASP K 236 39.30 41.94 -11.80
N THR K 237 40.61 41.76 -11.71
CA THR K 237 41.35 41.04 -12.74
C THR K 237 41.09 39.55 -12.64
N ALA K 238 41.71 38.79 -13.55
CA ALA K 238 41.57 37.34 -13.55
C ALA K 238 42.52 36.65 -12.58
N SER K 239 43.37 37.41 -11.90
CA SER K 239 44.28 36.87 -10.90
C SER K 239 43.95 37.38 -9.50
N HIS K 240 42.70 37.78 -9.27
CA HIS K 240 42.31 38.34 -7.98
C HIS K 240 42.07 37.22 -6.98
N ILE K 241 42.69 37.34 -5.81
CA ILE K 241 42.48 36.41 -4.72
C ILE K 241 41.38 36.98 -3.82
N PHE K 242 40.30 36.23 -3.65
CA PHE K 242 39.15 36.72 -2.89
C PHE K 242 39.54 37.01 -1.45
N GLY K 243 39.06 38.13 -0.93
CA GLY K 243 39.39 38.54 0.42
C GLY K 243 40.75 39.21 0.56
N SER K 244 41.48 39.40 -0.54
CA SER K 244 42.79 40.01 -0.51
C SER K 244 42.89 41.04 -1.63
N GLY K 245 43.78 42.01 -1.44
CA GLY K 245 43.95 43.09 -2.40
C GLY K 245 44.80 42.74 -3.61
N GLU K 246 45.30 41.51 -3.69
CA GLU K 246 46.16 41.13 -4.80
C GLU K 246 45.32 40.92 -6.05
N GLY K 247 45.61 41.71 -7.10
CA GLY K 247 44.90 41.58 -8.34
C GLY K 247 43.49 42.12 -8.32
N SER K 248 43.16 42.96 -7.36
CA SER K 248 41.81 43.49 -7.22
C SER K 248 41.61 44.68 -8.16
N GLY K 249 40.41 45.25 -8.12
CA GLY K 249 40.10 46.43 -8.90
C GLY K 249 39.41 47.50 -8.07
N THR K 250 38.87 48.52 -8.72
CA THR K 250 38.15 49.59 -8.04
C THR K 250 36.69 49.70 -8.47
N ALA K 251 36.26 48.94 -9.48
CA ALA K 251 34.89 49.03 -9.95
C ALA K 251 33.91 48.46 -8.92
N ILE K 252 32.69 48.96 -8.97
CA ILE K 252 31.63 48.50 -8.07
C ILE K 252 30.42 47.96 -8.80
N LEU K 253 30.16 48.38 -10.05
CA LEU K 253 29.04 47.89 -10.83
C LEU K 253 29.55 47.57 -12.24
N THR K 254 29.55 46.29 -12.60
CA THR K 254 30.12 45.88 -13.87
C THR K 254 29.24 44.80 -14.51
N PHE K 255 29.43 44.63 -15.82
CA PHE K 255 29.03 43.41 -16.51
C PHE K 255 30.29 42.59 -16.75
N LEU K 256 30.32 41.42 -16.20
CA LEU K 256 31.41 40.52 -16.56
C LEU K 256 30.91 39.17 -17.03
N GLY K 257 29.80 38.68 -16.46
CA GLY K 257 29.28 37.38 -16.84
C GLY K 257 30.16 36.25 -16.34
N GLY K 258 29.64 35.04 -16.34
CA GLY K 258 30.47 33.93 -15.91
C GLY K 258 30.79 34.00 -14.43
N PHE K 259 31.94 33.44 -14.06
CA PHE K 259 32.28 33.25 -12.67
C PHE K 259 33.65 33.87 -12.37
N HIS K 260 33.88 34.10 -11.08
CA HIS K 260 35.19 34.50 -10.61
C HIS K 260 36.20 33.39 -10.93
N PRO K 261 37.37 33.71 -11.47
CA PRO K 261 38.33 32.65 -11.81
C PRO K 261 38.82 31.86 -10.61
N GLN K 262 38.79 32.44 -9.41
CA GLN K 262 39.29 31.78 -8.21
C GLN K 262 38.19 31.10 -7.40
N THR K 263 37.14 31.82 -7.06
CA THR K 263 36.05 31.26 -6.26
C THR K 263 35.05 30.47 -7.08
N LYS K 264 35.11 30.55 -8.41
CA LYS K 264 34.17 29.88 -9.29
C LYS K 264 32.73 30.24 -8.94
N SER K 265 32.50 31.54 -8.73
CA SER K 265 31.19 32.06 -8.38
C SER K 265 31.00 33.41 -9.05
N LEU K 266 29.76 33.91 -9.02
CA LEU K 266 29.44 35.16 -9.69
C LEU K 266 30.24 36.31 -9.09
N TRP K 267 30.56 37.29 -9.95
CA TRP K 267 31.29 38.47 -9.51
C TRP K 267 30.43 39.27 -8.54
N LEU K 268 31.06 39.75 -7.46
CA LEU K 268 30.34 40.59 -6.51
C LEU K 268 29.88 41.88 -7.17
N THR K 269 30.68 42.44 -8.08
CA THR K 269 30.26 43.63 -8.81
C THR K 269 29.10 43.32 -9.75
N ASP K 270 29.04 42.10 -10.26
CA ASP K 270 27.88 41.69 -11.07
C ASP K 270 26.60 41.69 -10.24
N MET K 271 26.67 41.15 -9.02
CA MET K 271 25.47 41.02 -8.19
C MET K 271 25.03 42.38 -7.65
N ALA K 272 25.97 43.26 -7.34
CA ALA K 272 25.59 44.61 -6.92
C ALA K 272 24.88 45.35 -8.04
N HIS K 273 25.39 45.26 -9.26
CA HIS K 273 24.71 45.87 -10.41
C HIS K 273 23.35 45.24 -10.63
N HIS K 274 23.24 43.93 -10.46
CA HIS K 274 21.97 43.23 -10.60
C HIS K 274 20.95 43.77 -9.61
N HIS K 275 21.35 43.89 -8.35
CA HIS K 275 20.41 44.36 -7.34
C HIS K 275 20.07 45.83 -7.50
N LEU K 276 21.01 46.63 -7.99
CA LEU K 276 20.69 48.03 -8.29
C LEU K 276 19.65 48.14 -9.41
N ALA K 277 19.83 47.35 -10.47
CA ALA K 277 18.86 47.36 -11.55
C ALA K 277 17.50 46.87 -11.08
N ILE K 278 17.48 45.81 -10.28
CA ILE K 278 16.22 45.28 -9.74
C ILE K 278 15.56 46.31 -8.84
N ALA K 279 16.36 47.02 -8.04
CA ALA K 279 15.82 48.05 -7.16
C ALA K 279 15.17 49.17 -7.95
N VAL K 280 15.84 49.65 -8.98
CA VAL K 280 15.28 50.72 -9.80
C VAL K 280 13.98 50.25 -10.46
N LEU K 281 14.01 49.04 -11.02
CA LEU K 281 12.82 48.53 -11.72
C LEU K 281 11.64 48.37 -10.76
N PHE K 282 11.88 47.84 -9.56
CA PHE K 282 10.78 47.61 -8.65
C PHE K 282 10.26 48.89 -8.02
N ILE K 283 11.16 49.85 -7.75
CA ILE K 283 10.72 51.15 -7.26
C ILE K 283 9.85 51.84 -8.31
N VAL K 284 10.25 51.75 -9.58
CA VAL K 284 9.43 52.31 -10.65
C VAL K 284 8.08 51.60 -10.71
N ALA K 285 8.08 50.27 -10.66
CA ALA K 285 6.85 49.51 -10.79
C ALA K 285 5.95 49.65 -9.58
N GLY K 286 6.46 50.16 -8.46
CA GLY K 286 5.64 50.34 -7.28
C GLY K 286 4.75 51.55 -7.28
N HIS K 287 4.79 52.35 -8.35
CA HIS K 287 3.94 53.53 -8.48
C HIS K 287 2.75 53.28 -9.39
N MET K 288 2.47 52.02 -9.71
CA MET K 288 1.46 51.72 -10.73
C MET K 288 0.05 51.99 -10.21
N TYR K 289 -0.25 51.57 -8.99
CA TYR K 289 -1.63 51.56 -8.52
C TYR K 289 -1.99 52.85 -7.80
N ARG K 290 -3.29 53.16 -7.80
CA ARG K 290 -3.77 54.45 -7.36
C ARG K 290 -3.82 54.53 -5.84
N THR K 291 -3.48 55.71 -5.33
CA THR K 291 -3.53 56.01 -3.90
C THR K 291 -4.09 57.42 -3.77
N ASN K 292 -3.87 58.04 -2.61
CA ASN K 292 -4.54 59.27 -2.23
C ASN K 292 -4.20 60.48 -3.11
N TRP K 293 -3.41 60.30 -4.17
CA TRP K 293 -2.95 61.42 -4.98
C TRP K 293 -3.40 61.34 -6.43
N LEU K 294 -4.59 60.77 -6.66
CA LEU K 294 -5.37 60.92 -7.89
C LEU K 294 -4.76 60.26 -9.12
N ILE K 295 -3.55 59.72 -9.04
CA ILE K 295 -2.92 59.09 -10.19
C ILE K 295 -2.59 57.64 -9.83
N GLY K 296 -2.63 56.79 -10.85
CA GLY K 296 -2.38 55.37 -10.67
C GLY K 296 -3.49 54.56 -11.30
N HIS K 297 -3.59 53.30 -10.87
CA HIS K 297 -4.54 52.37 -11.43
C HIS K 297 -5.50 51.85 -10.37
N GLN K 298 -6.74 51.63 -10.77
CA GLN K 298 -7.72 50.92 -9.96
C GLN K 298 -7.87 49.54 -10.59
N MET K 299 -7.38 48.51 -9.88
CA MET K 299 -7.29 47.18 -10.46
C MET K 299 -8.65 46.57 -10.76
N LYS K 300 -9.70 47.02 -10.08
CA LYS K 300 -11.04 46.60 -10.44
C LYS K 300 -11.35 46.97 -11.88
N LEU K 301 -11.02 48.20 -12.27
CA LEU K 301 -11.25 48.64 -13.64
C LEU K 301 -10.41 47.86 -14.63
N ILE K 302 -9.15 47.59 -14.28
CA ILE K 302 -8.27 46.84 -15.17
C ILE K 302 -8.83 45.44 -15.40
N LEU K 303 -9.25 44.78 -14.32
CA LEU K 303 -9.80 43.43 -14.45
C LEU K 303 -11.10 43.44 -15.24
N GLU K 304 -11.98 44.42 -14.98
CA GLU K 304 -13.27 44.44 -15.66
C GLU K 304 -13.14 44.76 -17.13
N ALA K 305 -12.16 45.59 -17.51
CA ALA K 305 -12.03 46.00 -18.90
C ALA K 305 -11.37 44.95 -19.78
N HIS K 306 -10.89 43.85 -19.20
CA HIS K 306 -10.13 42.85 -19.95
C HIS K 306 -11.05 41.70 -20.34
N ARG K 307 -11.87 41.97 -21.37
CA ARG K 307 -12.70 40.95 -22.00
C ARG K 307 -12.40 40.96 -23.48
N PRO K 308 -11.92 39.86 -24.05
CA PRO K 308 -11.64 39.82 -25.49
C PRO K 308 -12.87 40.18 -26.30
N PRO K 309 -12.73 41.03 -27.32
CA PRO K 309 -13.92 41.52 -28.01
C PRO K 309 -14.67 40.45 -28.78
N GLY K 310 -13.96 39.56 -29.48
CA GLY K 310 -14.64 38.46 -30.15
C GLY K 310 -15.40 37.58 -29.19
N GLY K 311 -14.79 37.30 -28.04
CA GLY K 311 -15.45 36.58 -26.96
C GLY K 311 -15.05 35.12 -26.94
N ARG K 312 -14.06 34.81 -26.11
CA ARG K 312 -13.65 33.43 -25.88
C ARG K 312 -13.36 33.14 -24.43
N LEU K 313 -13.23 34.16 -23.58
CA LEU K 313 -13.08 33.99 -22.14
C LEU K 313 -14.36 34.35 -21.41
N GLY K 314 -15.50 34.35 -22.10
CA GLY K 314 -16.76 34.70 -21.47
C GLY K 314 -16.87 36.20 -21.33
N ILE K 315 -17.13 36.65 -20.10
CA ILE K 315 -17.20 38.08 -19.81
C ILE K 315 -15.88 38.64 -19.31
N GLY K 316 -14.82 37.84 -19.28
CA GLY K 316 -13.51 38.33 -18.88
C GLY K 316 -13.23 38.14 -17.40
N HIS K 317 -12.63 39.15 -16.78
CA HIS K 317 -12.19 39.11 -15.39
C HIS K 317 -13.02 40.05 -14.51
N ILE K 318 -14.30 40.23 -14.82
CA ILE K 318 -15.09 41.27 -14.16
C ILE K 318 -15.24 40.98 -12.67
N GLY K 319 -15.56 39.73 -12.32
CA GLY K 319 -15.82 39.36 -10.95
C GLY K 319 -14.61 38.91 -10.17
N LEU K 320 -13.41 39.00 -10.75
CA LEU K 320 -12.21 38.48 -10.10
C LEU K 320 -11.74 39.37 -8.95
N TYR K 321 -11.96 40.68 -9.03
CA TYR K 321 -11.46 41.57 -7.98
C TYR K 321 -12.12 41.26 -6.64
N GLU K 322 -13.45 41.22 -6.62
CA GLU K 322 -14.17 40.89 -5.39
C GLU K 322 -13.93 39.45 -4.96
N THR K 323 -13.70 38.56 -5.93
CA THR K 323 -13.43 37.16 -5.61
C THR K 323 -12.12 37.02 -4.86
N ILE K 324 -11.05 37.63 -5.38
CA ILE K 324 -9.75 37.51 -4.74
C ILE K 324 -9.72 38.30 -3.44
N THR K 325 -10.27 39.51 -3.43
CA THR K 325 -10.19 40.37 -2.25
C THR K 325 -10.87 39.73 -1.05
N ASN K 326 -12.04 39.12 -1.26
CA ASN K 326 -12.83 38.57 -0.17
C ASN K 326 -12.42 37.15 0.23
N SER K 327 -11.46 36.55 -0.47
CA SER K 327 -11.02 35.20 -0.18
C SER K 327 -9.54 35.21 0.21
N LEU K 328 -9.23 34.67 1.37
CA LEU K 328 -7.84 34.52 1.81
C LEU K 328 -7.20 33.25 1.29
N HIS K 329 -7.99 32.31 0.79
CA HIS K 329 -7.43 31.08 0.22
C HIS K 329 -7.00 31.24 -1.22
N PHE K 330 -7.69 32.08 -1.99
CA PHE K 330 -7.23 32.42 -3.34
C PHE K 330 -5.86 33.10 -3.29
N GLN K 331 -5.73 34.11 -2.43
CA GLN K 331 -4.46 34.81 -2.29
C GLN K 331 -3.37 33.88 -1.76
N LEU K 332 -3.72 33.02 -0.80
CA LEU K 332 -2.74 32.09 -0.27
C LEU K 332 -2.28 31.11 -1.34
N GLY K 333 -3.20 30.61 -2.16
CA GLY K 333 -2.82 29.72 -3.24
C GLY K 333 -1.93 30.40 -4.26
N LEU K 334 -2.25 31.65 -4.63
CA LEU K 334 -1.42 32.39 -5.56
C LEU K 334 -0.01 32.59 -4.98
N ALA K 335 0.06 32.99 -3.72
CA ALA K 335 1.36 33.22 -3.08
C ALA K 335 2.16 31.93 -3.00
N LEU K 336 1.50 30.83 -2.66
CA LEU K 336 2.21 29.55 -2.55
C LEU K 336 2.71 29.08 -3.91
N ALA K 337 1.90 29.25 -4.97
CA ALA K 337 2.36 28.87 -6.30
C ALA K 337 3.57 29.71 -6.72
N ALA K 338 3.50 31.02 -6.49
CA ALA K 338 4.62 31.88 -6.83
C ALA K 338 5.87 31.52 -6.04
N LEU K 339 5.71 31.23 -4.75
CA LEU K 339 6.85 30.86 -3.92
C LEU K 339 7.43 29.52 -4.36
N GLY K 340 6.57 28.56 -4.75
CA GLY K 340 7.08 27.30 -5.24
C GLY K 340 7.88 27.45 -6.51
N VAL K 341 7.38 28.25 -7.45
CA VAL K 341 8.14 28.51 -8.67
C VAL K 341 9.45 29.22 -8.34
N ALA K 342 9.39 30.17 -7.40
CA ALA K 342 10.59 30.94 -7.04
C ALA K 342 11.66 30.05 -6.41
N THR K 343 11.27 29.15 -5.52
CA THR K 343 12.26 28.28 -4.89
C THR K 343 12.74 27.17 -5.83
N SER K 344 11.89 26.72 -6.76
CA SER K 344 12.39 25.89 -7.85
C SER K 344 13.45 26.64 -8.64
N LEU K 345 13.22 27.93 -8.90
CA LEU K 345 14.21 28.75 -9.58
C LEU K 345 15.50 28.85 -8.78
N THR K 346 15.39 29.05 -7.47
CA THR K 346 16.57 29.10 -6.62
C THR K 346 17.37 27.81 -6.72
N ALA K 347 16.67 26.67 -6.62
CA ALA K 347 17.37 25.39 -6.72
C ALA K 347 18.04 25.23 -8.07
N GLN K 348 17.35 25.58 -9.15
CA GLN K 348 17.89 25.36 -10.49
C GLN K 348 18.99 26.35 -10.85
N HIS K 349 19.08 27.49 -10.18
CA HIS K 349 20.08 28.48 -10.54
C HIS K 349 21.26 28.53 -9.59
N MET K 350 21.10 28.13 -8.33
CA MET K 350 22.21 28.17 -7.40
C MET K 350 23.20 27.03 -7.59
N TYR K 351 22.88 26.05 -8.43
CA TYR K 351 23.85 25.03 -8.81
C TYR K 351 24.48 25.32 -10.16
N ALA K 352 23.71 25.84 -11.12
CA ALA K 352 24.27 26.20 -12.41
C ALA K 352 25.08 27.48 -12.33
N LEU K 353 24.62 28.44 -11.52
CA LEU K 353 25.27 29.74 -11.35
C LEU K 353 25.52 29.93 -9.86
N PRO K 354 26.55 29.28 -9.31
CA PRO K 354 26.84 29.43 -7.89
C PRO K 354 27.16 30.86 -7.53
N PRO K 355 26.43 31.45 -6.59
CA PRO K 355 26.62 32.87 -6.26
C PRO K 355 27.58 33.14 -5.11
N TYR K 356 28.02 32.11 -4.38
CA TYR K 356 28.82 32.30 -3.19
C TYR K 356 30.22 31.72 -3.40
N ALA K 357 31.20 32.38 -2.79
CA ALA K 357 32.59 31.99 -2.97
C ALA K 357 32.84 30.59 -2.43
N PHE K 358 33.52 29.76 -3.23
CA PHE K 358 33.95 28.42 -2.84
C PHE K 358 32.78 27.49 -2.54
N LEU K 359 31.56 27.86 -2.95
CA LEU K 359 30.43 26.97 -2.78
C LEU K 359 30.36 25.89 -3.86
N ALA K 360 30.99 26.12 -5.00
CA ALA K 360 30.98 25.12 -6.07
C ALA K 360 31.74 23.86 -5.67
N SER K 361 32.80 24.01 -4.88
CA SER K 361 33.62 22.88 -4.44
C SER K 361 33.10 22.21 -3.18
N ASN K 362 31.99 22.71 -2.61
CA ASN K 362 31.37 22.12 -1.43
C ASN K 362 30.24 21.21 -1.90
N PHE K 363 30.64 20.03 -2.38
CA PHE K 363 29.67 19.10 -2.98
C PHE K 363 28.55 18.69 -2.03
N PRO K 364 28.83 18.27 -0.78
CA PRO K 364 27.71 17.91 0.10
C PRO K 364 26.72 19.03 0.33
N THR K 365 27.20 20.27 0.49
CA THR K 365 26.28 21.38 0.68
C THR K 365 25.54 21.71 -0.61
N GLN K 366 26.17 21.55 -1.77
CA GLN K 366 25.47 21.72 -3.03
C GLN K 366 24.29 20.75 -3.14
N ALA K 367 24.55 19.47 -2.89
CA ALA K 367 23.49 18.48 -2.96
C ALA K 367 22.40 18.75 -1.94
N ALA K 368 22.79 19.09 -0.70
CA ALA K 368 21.81 19.35 0.34
C ALA K 368 20.94 20.56 -0.01
N LEU K 369 21.55 21.63 -0.52
CA LEU K 369 20.79 22.83 -0.87
C LEU K 369 19.82 22.55 -1.99
N TYR K 370 20.27 21.85 -3.04
CA TYR K 370 19.36 21.57 -4.16
C TYR K 370 18.21 20.70 -3.71
N THR K 371 18.50 19.64 -2.95
CA THR K 371 17.45 18.75 -2.48
C THR K 371 16.47 19.48 -1.57
N HIS K 372 16.98 20.28 -0.64
CA HIS K 372 16.13 21.03 0.28
C HIS K 372 15.19 21.96 -0.47
N HIS K 373 15.74 22.72 -1.42
CA HIS K 373 14.90 23.68 -2.13
C HIS K 373 13.91 23.02 -3.05
N GLN K 374 14.27 21.89 -3.67
CA GLN K 374 13.30 21.20 -4.52
C GLN K 374 12.17 20.59 -3.70
N TYR K 375 12.49 20.03 -2.54
CA TYR K 375 11.43 19.51 -1.68
C TYR K 375 10.52 20.62 -1.18
N ILE K 376 11.09 21.76 -0.79
CA ILE K 376 10.28 22.90 -0.39
C ILE K 376 9.40 23.36 -1.55
N ALA K 377 9.94 23.32 -2.78
CA ALA K 377 9.18 23.72 -3.95
C ALA K 377 7.97 22.82 -4.16
N GLY K 378 8.18 21.50 -4.07
CA GLY K 378 7.06 20.59 -4.20
C GLY K 378 6.01 20.81 -3.13
N PHE K 379 6.45 21.01 -1.89
CA PHE K 379 5.51 21.29 -0.81
C PHE K 379 4.70 22.54 -1.10
N LEU K 380 5.35 23.61 -1.54
CA LEU K 380 4.66 24.86 -1.80
C LEU K 380 3.66 24.72 -2.94
N MET K 381 4.03 23.98 -3.98
CA MET K 381 3.11 23.79 -5.10
C MET K 381 1.87 23.01 -4.67
N VAL K 382 2.07 21.94 -3.91
CA VAL K 382 0.94 21.16 -3.43
C VAL K 382 0.06 22.01 -2.51
N GLY K 383 0.68 22.86 -1.70
CA GLY K 383 -0.09 23.75 -0.85
C GLY K 383 -0.90 24.76 -1.64
N ALA K 384 -0.31 25.29 -2.71
CA ALA K 384 -1.04 26.22 -3.56
C ALA K 384 -2.28 25.57 -4.14
N PHE K 385 -2.13 24.34 -4.64
CA PHE K 385 -3.29 23.67 -5.23
C PHE K 385 -4.32 23.29 -4.17
N ALA K 386 -3.85 22.88 -2.98
CA ALA K 386 -4.77 22.57 -1.90
C ALA K 386 -5.58 23.79 -1.49
N HIS K 387 -4.94 24.95 -1.43
CA HIS K 387 -5.67 26.15 -1.04
C HIS K 387 -6.57 26.65 -2.16
N GLY K 388 -6.22 26.38 -3.42
CA GLY K 388 -7.18 26.61 -4.49
C GLY K 388 -8.43 25.77 -4.34
N ALA K 389 -8.25 24.49 -3.98
CA ALA K 389 -9.39 23.63 -3.72
C ALA K 389 -10.21 24.14 -2.54
N ILE K 390 -9.54 24.60 -1.48
CA ILE K 390 -10.25 25.15 -0.33
C ILE K 390 -11.05 26.39 -0.73
N PHE K 391 -10.46 27.24 -1.57
CA PHE K 391 -11.19 28.40 -2.07
C PHE K 391 -12.43 27.97 -2.84
N PHE K 392 -12.31 26.94 -3.68
CA PHE K 392 -13.48 26.44 -4.40
C PHE K 392 -14.55 25.97 -3.43
N VAL K 393 -14.15 25.26 -2.37
CA VAL K 393 -15.13 24.69 -1.45
C VAL K 393 -15.85 25.78 -0.67
N ARG K 394 -15.10 26.71 -0.07
CA ARG K 394 -15.65 27.57 0.97
C ARG K 394 -15.67 29.06 0.64
N ASP K 395 -14.97 29.51 -0.40
CA ASP K 395 -14.93 30.94 -0.71
C ASP K 395 -15.51 31.28 -2.08
N TYR K 396 -15.62 30.34 -3.00
CA TYR K 396 -16.07 30.63 -4.35
C TYR K 396 -17.58 30.90 -4.36
N ASP K 397 -17.97 31.98 -5.00
CA ASP K 397 -19.38 32.34 -5.16
C ASP K 397 -19.73 32.42 -6.64
N PRO K 398 -20.53 31.50 -7.17
CA PRO K 398 -20.85 31.54 -8.60
C PRO K 398 -21.57 32.81 -9.02
N ALA K 399 -22.34 33.43 -8.13
CA ALA K 399 -23.08 34.63 -8.49
C ALA K 399 -22.15 35.80 -8.81
N VAL K 400 -21.06 35.95 -8.04
CA VAL K 400 -20.13 37.04 -8.27
C VAL K 400 -19.41 36.85 -9.60
N ASN K 401 -19.08 35.61 -9.94
CA ASN K 401 -18.34 35.29 -11.15
C ASN K 401 -19.25 35.07 -12.36
N THR K 402 -20.50 35.51 -12.29
CA THR K 402 -21.46 35.33 -13.38
C THR K 402 -22.21 36.63 -13.58
N ARG K 403 -22.36 37.05 -14.85
CA ARG K 403 -23.11 38.26 -15.19
C ARG K 403 -24.13 37.89 -16.27
N ASN K 404 -25.40 37.85 -15.88
CA ASN K 404 -26.52 37.59 -16.80
C ASN K 404 -26.34 36.26 -17.52
N GLY K 405 -26.08 35.20 -16.75
CA GLY K 405 -25.94 33.87 -17.32
C GLY K 405 -24.55 33.56 -17.79
N GLU K 406 -23.89 34.50 -18.45
CA GLU K 406 -22.53 34.30 -18.91
C GLU K 406 -21.58 34.27 -17.71
N LYS K 407 -20.55 33.43 -17.81
CA LYS K 407 -19.61 33.20 -16.72
C LYS K 407 -18.27 33.84 -17.03
N ASN K 408 -17.59 34.28 -15.97
CA ASN K 408 -16.32 34.98 -16.12
C ASN K 408 -15.19 33.97 -16.36
N VAL K 409 -13.96 34.46 -16.33
CA VAL K 409 -12.82 33.63 -16.71
C VAL K 409 -12.62 32.49 -15.70
N LEU K 410 -12.95 32.72 -14.43
CA LEU K 410 -12.75 31.69 -13.41
C LEU K 410 -13.91 30.70 -13.39
N ALA K 411 -15.15 31.20 -13.50
CA ALA K 411 -16.30 30.32 -13.49
C ALA K 411 -16.33 29.39 -14.71
N ARG K 412 -15.72 29.81 -15.82
CA ARG K 412 -15.66 28.96 -17.00
C ARG K 412 -14.71 27.79 -16.83
N MET K 413 -13.82 27.82 -15.84
CA MET K 413 -12.94 26.69 -15.58
C MET K 413 -13.71 25.50 -15.05
N LEU K 414 -14.90 25.72 -14.49
CA LEU K 414 -15.75 24.64 -13.99
C LEU K 414 -16.70 24.13 -15.06
N GLU K 415 -16.74 24.77 -16.23
CA GLU K 415 -17.59 24.29 -17.32
C GLU K 415 -16.88 23.24 -18.17
N HIS K 416 -15.64 23.52 -18.58
CA HIS K 416 -14.82 22.52 -19.26
C HIS K 416 -13.88 21.80 -18.30
N LYS K 417 -14.30 21.64 -17.04
CA LYS K 417 -13.50 20.89 -16.07
C LYS K 417 -13.28 19.46 -16.53
N GLU K 418 -14.30 18.85 -17.14
CA GLU K 418 -14.13 17.49 -17.65
C GLU K 418 -13.10 17.46 -18.77
N ALA K 419 -13.11 18.47 -19.65
CA ALA K 419 -12.10 18.53 -20.69
C ALA K 419 -10.71 18.66 -20.11
N ILE K 420 -10.55 19.54 -19.11
CA ILE K 420 -9.24 19.74 -18.49
C ILE K 420 -8.75 18.44 -17.84
N ILE K 421 -9.62 17.79 -17.08
CA ILE K 421 -9.22 16.57 -16.37
C ILE K 421 -8.93 15.46 -17.37
N SER K 422 -9.75 15.33 -18.41
CA SER K 422 -9.54 14.28 -19.41
C SER K 422 -8.22 14.47 -20.13
N HIS K 423 -7.87 15.72 -20.47
CA HIS K 423 -6.63 15.93 -21.18
C HIS K 423 -5.42 15.81 -20.28
N LEU K 424 -5.53 16.20 -19.00
CA LEU K 424 -4.47 15.92 -18.05
C LEU K 424 -4.26 14.42 -17.91
N SER K 425 -5.35 13.66 -17.84
CA SER K 425 -5.26 12.21 -17.77
C SER K 425 -4.61 11.64 -19.03
N TRP K 426 -4.97 12.16 -20.19
CA TRP K 426 -4.37 11.68 -21.43
C TRP K 426 -2.88 11.96 -21.46
N VAL K 427 -2.45 13.16 -21.07
CA VAL K 427 -1.03 13.48 -21.07
C VAL K 427 -0.29 12.59 -20.09
N SER K 428 -0.86 12.40 -18.90
CA SER K 428 -0.21 11.55 -17.89
C SER K 428 -0.07 10.12 -18.40
N LEU K 429 -1.13 9.58 -18.98
CA LEU K 429 -1.07 8.21 -19.51
C LEU K 429 -0.09 8.10 -20.65
N PHE K 430 -0.08 9.08 -21.55
CA PHE K 430 0.85 9.11 -22.68
C PHE K 430 2.29 9.06 -22.19
N LEU K 431 2.64 10.01 -21.31
CA LEU K 431 4.01 10.10 -20.82
C LEU K 431 4.39 8.86 -20.03
N GLY K 432 3.51 8.38 -19.14
CA GLY K 432 3.83 7.22 -18.35
C GLY K 432 4.03 5.97 -19.19
N PHE K 433 3.05 5.69 -20.06
CA PHE K 433 3.16 4.54 -20.96
C PHE K 433 4.47 4.56 -21.70
N HIS K 434 4.82 5.69 -22.31
CA HIS K 434 5.94 5.65 -23.25
C HIS K 434 7.29 5.79 -22.55
N THR K 435 7.37 6.58 -21.48
CA THR K 435 8.60 6.63 -20.70
C THR K 435 8.90 5.28 -20.09
N LEU K 436 7.89 4.64 -19.48
CA LEU K 436 8.10 3.30 -18.93
C LEU K 436 8.40 2.30 -20.02
N GLY K 437 7.77 2.44 -21.19
CA GLY K 437 8.05 1.51 -22.28
C GLY K 437 9.48 1.60 -22.76
N ILE K 438 9.98 2.82 -22.95
CA ILE K 438 11.37 2.98 -23.39
C ILE K 438 12.34 2.51 -22.30
N TYR K 439 12.05 2.83 -21.04
CA TYR K 439 12.93 2.40 -19.96
C TYR K 439 12.98 0.88 -19.85
N VAL K 440 11.82 0.22 -19.94
CA VAL K 440 11.79 -1.24 -19.84
C VAL K 440 12.38 -1.87 -21.08
N HIS K 441 12.22 -1.25 -22.26
CA HIS K 441 12.88 -1.74 -23.46
C HIS K 441 14.39 -1.72 -23.29
N ASN K 442 14.91 -0.61 -22.76
CA ASN K 442 16.35 -0.54 -22.49
C ASN K 442 16.77 -1.58 -21.44
N ASP K 443 15.96 -1.74 -20.39
CA ASP K 443 16.24 -2.76 -19.38
C ASP K 443 16.39 -4.13 -20.00
N VAL K 444 15.38 -4.56 -20.77
CA VAL K 444 15.38 -5.90 -21.33
C VAL K 444 16.50 -6.06 -22.34
N VAL K 445 16.71 -5.05 -23.19
CA VAL K 445 17.71 -5.15 -24.25
C VAL K 445 19.12 -5.20 -23.66
N VAL K 446 19.41 -4.37 -22.66
CA VAL K 446 20.72 -4.40 -22.03
C VAL K 446 20.90 -5.71 -21.26
N ALA K 447 19.86 -6.16 -20.57
CA ALA K 447 19.96 -7.40 -19.80
C ALA K 447 20.30 -8.58 -20.70
N PHE K 448 19.71 -8.63 -21.88
CA PHE K 448 20.01 -9.71 -22.83
C PHE K 448 21.38 -9.55 -23.49
N GLY K 449 22.19 -8.60 -23.03
CA GLY K 449 23.56 -8.48 -23.49
C GLY K 449 23.76 -7.80 -24.81
N GLN K 450 22.77 -7.06 -25.29
CA GLN K 450 22.84 -6.40 -26.60
C GLN K 450 22.50 -4.92 -26.45
N PRO K 451 23.35 -4.15 -25.77
CA PRO K 451 23.01 -2.74 -25.50
C PRO K 451 22.85 -1.89 -26.75
N GLU K 452 23.35 -2.35 -27.90
CA GLU K 452 23.24 -1.56 -29.13
C GLU K 452 21.80 -1.40 -29.61
N LYS K 453 20.89 -2.27 -29.17
CA LYS K 453 19.49 -2.19 -29.57
C LYS K 453 18.68 -1.25 -28.67
N GLN K 454 19.36 -0.48 -27.83
CA GLN K 454 18.66 0.47 -26.97
C GLN K 454 18.02 1.59 -27.79
N ILE K 455 16.93 2.12 -27.28
CA ILE K 455 16.29 3.30 -27.86
C ILE K 455 16.82 4.52 -27.09
N LEU K 456 17.71 5.27 -27.73
CA LEU K 456 18.35 6.43 -27.11
C LEU K 456 18.04 7.65 -27.98
N VAL K 457 17.23 8.56 -27.45
CA VAL K 457 16.81 9.74 -28.18
C VAL K 457 17.67 10.91 -27.72
N GLU K 458 18.38 11.52 -28.66
CA GLU K 458 19.21 12.66 -28.34
C GLU K 458 18.33 13.88 -28.04
N PRO K 459 18.48 14.51 -26.89
CA PRO K 459 17.65 15.68 -26.59
C PRO K 459 18.03 16.89 -27.42
N LEU K 460 17.68 16.86 -28.71
CA LEU K 460 18.09 17.92 -29.62
C LEU K 460 17.45 19.25 -29.27
N PHE K 461 16.20 19.24 -28.81
CA PHE K 461 15.52 20.49 -28.47
C PHE K 461 16.23 21.20 -27.33
N ALA K 462 16.64 20.45 -26.30
CA ALA K 462 17.34 21.07 -25.17
C ALA K 462 18.77 21.43 -25.53
N GLU K 463 19.43 20.58 -26.32
CA GLU K 463 20.77 20.91 -26.79
C GLU K 463 20.74 22.12 -27.71
N TRP K 464 19.64 22.31 -28.44
CA TRP K 464 19.47 23.51 -29.25
C TRP K 464 19.47 24.75 -28.38
N ILE K 465 18.82 24.69 -27.22
CA ILE K 465 18.80 25.81 -26.29
C ILE K 465 20.20 26.08 -25.74
N GLN K 466 20.93 25.02 -25.40
CA GLN K 466 22.30 25.19 -24.90
C GLN K 466 23.18 25.87 -25.93
N ALA K 467 23.06 25.48 -27.20
CA ALA K 467 23.83 26.12 -28.25
C ALA K 467 23.41 27.57 -28.42
N ALA K 468 22.12 27.86 -28.24
CA ALA K 468 21.65 29.24 -28.38
C ALA K 468 22.28 30.15 -27.34
N SER K 469 22.62 29.62 -26.17
CA SER K 469 23.25 30.42 -25.12
C SER K 469 24.77 30.43 -25.23
N GLY K 470 25.34 29.76 -26.23
CA GLY K 470 26.77 29.85 -26.49
C GLY K 470 27.54 28.56 -26.35
N LYS K 471 26.91 27.42 -26.04
CA LYS K 471 27.66 26.18 -25.86
C LYS K 471 28.04 25.60 -27.21
N THR K 472 29.32 25.59 -27.51
CA THR K 472 29.83 25.01 -28.75
C THR K 472 30.27 23.57 -28.50
N LEU K 473 29.28 22.71 -28.26
CA LEU K 473 29.54 21.32 -27.94
C LEU K 473 28.73 20.39 -28.85
N TYR K 474 27.59 20.89 -29.34
CA TYR K 474 26.70 20.10 -30.17
C TYR K 474 26.78 20.48 -31.64
N ASN K 475 27.71 21.37 -32.01
CA ASN K 475 27.92 21.76 -33.40
C ASN K 475 26.64 22.26 -34.06
N PHE K 476 25.98 23.20 -33.39
CA PHE K 476 24.76 23.80 -33.92
C PHE K 476 24.99 25.15 -34.58
N ASP K 477 25.96 25.94 -34.09
CA ASP K 477 26.31 27.21 -34.70
C ASP K 477 25.08 28.12 -34.82
N LEU K 478 24.34 28.24 -33.73
CA LEU K 478 22.99 28.78 -33.84
C LEU K 478 22.87 30.27 -33.58
N LEU K 479 23.05 30.71 -32.33
CA LEU K 479 22.92 32.14 -32.03
C LEU K 479 24.14 32.71 -31.36
N LEU K 480 24.54 32.13 -30.23
CA LEU K 480 25.73 32.55 -29.52
C LEU K 480 26.89 31.58 -29.73
N ALA K 481 26.62 30.39 -30.27
CA ALA K 481 27.68 29.53 -30.79
C ALA K 481 28.25 30.08 -32.08
N SER K 482 27.61 31.09 -32.68
CA SER K 482 28.11 31.76 -33.87
C SER K 482 28.63 33.13 -33.50
N SER K 483 29.79 33.48 -34.06
CA SER K 483 30.38 34.80 -33.82
C SER K 483 29.84 35.87 -34.77
N ASN K 484 29.06 35.48 -35.78
CA ASN K 484 28.53 36.42 -36.76
C ASN K 484 27.05 36.73 -36.55
N SER K 485 26.36 35.98 -35.70
CA SER K 485 24.95 36.23 -35.46
C SER K 485 24.76 37.57 -34.74
N PRO K 486 23.65 38.27 -35.01
CA PRO K 486 23.43 39.56 -34.33
C PRO K 486 23.35 39.44 -32.83
N ALA K 487 22.96 38.28 -32.30
CA ALA K 487 22.92 38.10 -30.85
C ALA K 487 24.31 38.15 -30.24
N SER K 488 25.33 37.67 -30.98
CA SER K 488 26.69 37.68 -30.45
C SER K 488 27.37 39.03 -30.64
N VAL K 489 27.22 39.65 -31.81
CA VAL K 489 27.87 40.94 -32.04
C VAL K 489 27.32 41.99 -31.07
N ALA K 490 26.07 41.84 -30.65
CA ALA K 490 25.44 42.84 -29.79
C ALA K 490 26.10 42.91 -28.41
N SER K 491 26.43 41.76 -27.82
CA SER K 491 27.01 41.71 -26.49
C SER K 491 28.46 41.27 -26.50
N SER K 492 29.13 41.34 -27.65
CA SER K 492 30.52 40.91 -27.74
C SER K 492 31.43 41.76 -26.85
N GLN K 493 30.98 42.94 -26.44
CA GLN K 493 31.78 43.85 -25.63
C GLN K 493 31.26 44.01 -24.21
N LEU K 494 30.18 43.32 -23.83
CA LEU K 494 29.56 43.52 -22.53
C LEU K 494 29.69 42.31 -21.61
N TRP K 495 29.15 41.16 -22.00
CA TRP K 495 29.17 40.01 -21.10
C TRP K 495 29.39 38.66 -21.78
N LEU K 496 29.57 38.61 -23.11
CA LEU K 496 29.86 37.33 -23.73
C LEU K 496 31.19 36.74 -23.31
N PRO K 497 32.31 37.48 -23.30
CA PRO K 497 33.59 36.84 -22.94
C PRO K 497 33.54 36.14 -21.59
N GLY K 498 32.87 36.74 -20.60
CA GLY K 498 32.69 36.04 -19.33
C GLY K 498 31.72 34.89 -19.44
N TRP K 499 30.60 35.09 -20.15
CA TRP K 499 29.59 34.05 -20.23
C TRP K 499 30.08 32.86 -21.05
N LEU K 500 30.72 33.11 -22.20
CA LEU K 500 31.20 32.03 -23.04
C LEU K 500 32.29 31.23 -22.33
N SER K 501 33.17 31.91 -21.60
CA SER K 501 34.24 31.22 -20.88
C SER K 501 33.70 30.31 -19.79
N ALA K 502 32.49 30.59 -19.27
CA ALA K 502 31.90 29.77 -18.22
C ALA K 502 31.02 28.66 -18.79
N ILE K 503 30.21 28.97 -19.81
CA ILE K 503 29.34 27.94 -20.39
C ILE K 503 30.15 26.86 -21.09
N ASN K 504 31.27 27.24 -21.72
CA ASN K 504 32.13 26.29 -22.40
C ASN K 504 33.29 25.86 -21.50
N ASP K 505 32.92 25.22 -20.39
CA ASP K 505 33.89 24.72 -19.42
C ASP K 505 33.35 23.42 -18.84
N GLY K 506 34.17 22.38 -18.85
CA GLY K 506 33.73 21.08 -18.40
C GLY K 506 33.63 20.91 -16.90
N LYS K 507 34.23 21.82 -16.13
CA LYS K 507 34.23 21.72 -14.67
C LYS K 507 33.05 22.42 -14.02
N ASN K 508 32.28 23.19 -14.78
CA ASN K 508 31.13 23.88 -14.24
C ASN K 508 29.90 22.98 -14.22
N SER K 509 28.86 23.44 -13.52
CA SER K 509 27.52 22.90 -13.66
C SER K 509 26.65 23.79 -14.55
N LEU K 510 27.20 24.87 -15.09
CA LEU K 510 26.48 25.75 -15.99
C LEU K 510 26.18 25.02 -17.29
N PHE K 511 24.91 24.68 -17.49
CA PHE K 511 24.45 23.99 -18.71
C PHE K 511 25.20 22.67 -18.90
N LEU K 512 24.94 21.76 -17.97
CA LEU K 512 25.62 20.47 -18.00
C LEU K 512 25.34 19.76 -19.32
N PRO K 513 26.35 19.11 -19.91
CA PRO K 513 26.11 18.36 -21.14
C PRO K 513 25.08 17.27 -20.91
N ILE K 514 24.22 17.06 -21.90
CA ILE K 514 23.08 16.17 -21.76
C ILE K 514 23.10 15.13 -22.86
N GLY K 515 22.47 13.99 -22.58
CA GLY K 515 22.37 12.91 -23.53
C GLY K 515 21.02 12.22 -23.45
N PRO K 516 20.92 11.01 -23.99
CA PRO K 516 19.64 10.29 -23.96
C PRO K 516 19.12 10.03 -22.55
N GLY K 517 20.00 9.79 -21.59
CA GLY K 517 19.54 9.62 -20.22
C GLY K 517 18.85 10.87 -19.69
N ASP K 518 19.39 12.04 -20.01
CA ASP K 518 18.75 13.30 -19.64
C ASP K 518 17.38 13.42 -20.30
N PHE K 519 17.28 13.02 -21.57
CA PHE K 519 16.00 13.02 -22.26
C PHE K 519 14.97 12.17 -21.52
N LEU K 520 15.33 10.91 -21.23
CA LEU K 520 14.37 10.01 -20.58
C LEU K 520 13.99 10.50 -19.20
N VAL K 521 14.96 10.99 -18.42
CA VAL K 521 14.64 11.41 -17.07
C VAL K 521 13.82 12.71 -17.09
N HIS K 522 14.03 13.57 -18.09
CA HIS K 522 13.21 14.75 -18.22
C HIS K 522 11.77 14.38 -18.57
N HIS K 523 11.59 13.35 -19.39
CA HIS K 523 10.25 12.89 -19.67
C HIS K 523 9.60 12.27 -18.44
N ALA K 524 10.38 11.58 -17.62
CA ALA K 524 9.86 11.07 -16.34
C ALA K 524 9.43 12.22 -15.43
N ILE K 525 10.24 13.28 -15.40
CA ILE K 525 9.90 14.47 -14.60
C ILE K 525 8.62 15.10 -15.11
N ALA K 526 8.48 15.20 -16.44
CA ALA K 526 7.26 15.76 -17.02
C ALA K 526 6.05 14.92 -16.66
N LEU K 527 6.20 13.59 -16.69
CA LEU K 527 5.11 12.71 -16.28
C LEU K 527 4.74 12.94 -14.83
N GLY K 528 5.73 13.06 -13.94
CA GLY K 528 5.44 13.31 -12.55
C GLY K 528 4.72 14.63 -12.32
N LEU K 529 5.20 15.69 -12.99
CA LEU K 529 4.54 16.99 -12.88
C LEU K 529 3.12 16.92 -13.39
N HIS K 530 2.90 16.28 -14.53
CA HIS K 530 1.55 16.20 -15.10
C HIS K 530 0.62 15.40 -14.22
N THR K 531 1.09 14.31 -13.63
CA THR K 531 0.21 13.49 -12.79
C THR K 531 -0.12 14.20 -11.48
N THR K 532 0.88 14.85 -10.86
CA THR K 532 0.58 15.63 -9.65
C THR K 532 -0.39 16.75 -9.96
N THR K 533 -0.19 17.44 -11.09
CA THR K 533 -1.13 18.48 -11.50
C THR K 533 -2.51 17.90 -11.77
N LEU K 534 -2.58 16.71 -12.37
CA LEU K 534 -3.87 16.09 -12.63
C LEU K 534 -4.61 15.82 -11.32
N ILE K 535 -3.93 15.24 -10.35
CA ILE K 535 -4.58 14.95 -9.07
C ILE K 535 -5.07 16.24 -8.41
N LEU K 536 -4.18 17.25 -8.36
CA LEU K 536 -4.52 18.48 -7.66
C LEU K 536 -5.63 19.26 -8.37
N VAL K 537 -5.56 19.36 -9.70
CA VAL K 537 -6.57 20.08 -10.46
C VAL K 537 -7.90 19.34 -10.39
N LYS K 538 -7.88 18.01 -10.47
CA LYS K 538 -9.11 17.25 -10.33
C LYS K 538 -9.75 17.47 -8.97
N GLY K 539 -8.93 17.47 -7.91
CA GLY K 539 -9.48 17.72 -6.58
C GLY K 539 -10.02 19.13 -6.43
N ALA K 540 -9.34 20.11 -7.05
CA ALA K 540 -9.79 21.49 -6.95
C ALA K 540 -11.10 21.71 -7.70
N LEU K 541 -11.18 21.24 -8.95
CA LEU K 541 -12.37 21.47 -9.76
C LEU K 541 -13.54 20.63 -9.26
N ASP K 542 -13.29 19.37 -8.90
CA ASP K 542 -14.32 18.49 -8.37
C ASP K 542 -14.60 18.72 -6.90
N ALA K 543 -14.02 19.77 -6.31
CA ALA K 543 -14.22 20.04 -4.90
C ALA K 543 -15.67 20.39 -4.59
N ARG K 544 -16.33 21.15 -5.46
CA ARG K 544 -17.69 21.59 -5.22
C ARG K 544 -18.73 20.54 -5.55
N GLY K 545 -18.35 19.44 -6.18
CA GLY K 545 -19.29 18.37 -6.48
C GLY K 545 -18.90 17.61 -7.72
N SER K 546 -19.49 16.43 -7.85
CA SER K 546 -19.28 15.57 -9.00
C SER K 546 -20.55 14.76 -9.24
N LYS K 547 -20.46 13.72 -10.08
CA LYS K 547 -21.61 12.85 -10.27
C LYS K 547 -21.83 11.95 -9.07
N LEU K 548 -20.75 11.48 -8.45
CA LEU K 548 -20.86 10.62 -7.28
C LEU K 548 -21.30 11.41 -6.05
N MET K 549 -21.10 12.72 -6.03
CA MET K 549 -21.45 13.55 -4.88
C MET K 549 -21.74 14.96 -5.36
N PRO K 550 -22.93 15.21 -5.91
CA PRO K 550 -23.24 16.54 -6.45
C PRO K 550 -23.48 17.61 -5.41
N ASP K 551 -23.26 17.30 -4.13
CA ASP K 551 -23.36 18.29 -3.06
C ASP K 551 -22.11 18.27 -2.18
N LYS K 552 -20.95 18.02 -2.78
CA LYS K 552 -19.71 17.90 -2.01
C LYS K 552 -19.36 19.19 -1.31
N LYS K 553 -19.81 20.33 -1.84
CA LYS K 553 -19.50 21.61 -1.20
C LYS K 553 -20.20 21.74 0.14
N ASP K 554 -21.33 21.04 0.34
CA ASP K 554 -22.04 21.09 1.60
C ASP K 554 -21.35 20.31 2.71
N PHE K 555 -20.36 19.49 2.37
CA PHE K 555 -19.65 18.68 3.35
C PHE K 555 -18.29 19.26 3.71
N GLY K 556 -17.86 20.34 3.06
CA GLY K 556 -16.61 20.99 3.38
C GLY K 556 -15.44 20.45 2.58
N TYR K 557 -14.28 21.05 2.85
CA TYR K 557 -13.06 20.66 2.14
C TYR K 557 -12.59 19.28 2.56
N SER K 558 -12.62 18.98 3.86
CA SER K 558 -12.09 17.73 4.40
C SER K 558 -13.20 17.01 5.16
N PHE K 559 -13.62 15.87 4.63
CA PHE K 559 -14.54 14.96 5.29
C PHE K 559 -14.10 13.54 4.93
N PRO K 560 -14.42 12.56 5.78
CA PRO K 560 -13.93 11.19 5.50
C PRO K 560 -14.42 10.63 4.19
N CYS K 561 -15.72 10.62 3.97
CA CYS K 561 -16.32 9.94 2.82
C CYS K 561 -17.78 10.39 2.73
N ASP K 562 -18.54 9.70 1.87
CA ASP K 562 -19.99 9.79 1.85
C ASP K 562 -20.66 8.46 2.14
N GLY K 563 -20.00 7.46 2.64
CA GLY K 563 -20.75 6.26 2.97
C GLY K 563 -20.48 4.97 2.27
N PRO K 564 -21.31 3.99 2.49
CA PRO K 564 -20.97 2.71 1.92
C PRO K 564 -21.84 2.29 0.80
N GLY K 565 -22.78 3.09 0.38
CA GLY K 565 -23.71 2.65 -0.63
C GLY K 565 -23.45 3.22 -1.97
N ARG K 566 -24.45 3.32 -2.80
CA ARG K 566 -24.28 3.93 -4.09
C ARG K 566 -23.01 3.53 -4.73
N GLY K 567 -22.45 2.40 -4.39
CA GLY K 567 -21.15 2.03 -4.90
C GLY K 567 -20.10 1.97 -3.82
N GLY K 568 -19.71 3.11 -3.29
CA GLY K 568 -18.73 3.18 -2.25
C GLY K 568 -18.50 4.64 -2.19
N THR K 569 -17.54 5.07 -1.42
CA THR K 569 -17.23 6.46 -1.43
C THR K 569 -15.94 6.77 -0.68
N CYS K 570 -14.86 6.09 -0.98
CA CYS K 570 -13.61 6.30 -0.28
C CYS K 570 -12.83 7.43 -0.93
N ASP K 571 -12.21 8.27 -0.10
CA ASP K 571 -11.30 9.31 -0.56
C ASP K 571 -11.97 10.24 -1.59
N ILE K 572 -13.22 10.61 -1.33
CA ILE K 572 -13.98 11.41 -2.28
C ILE K 572 -13.84 12.92 -2.05
N SER K 573 -13.32 13.33 -0.90
CA SER K 573 -13.22 14.75 -0.60
C SER K 573 -12.05 15.38 -1.34
N ALA K 574 -12.04 16.72 -1.36
CA ALA K 574 -10.92 17.44 -1.98
C ALA K 574 -9.65 17.31 -1.16
N TRP K 575 -9.77 17.18 0.16
CA TRP K 575 -8.60 16.94 1.00
C TRP K 575 -7.92 15.64 0.62
N ASP K 576 -8.71 14.62 0.26
CA ASP K 576 -8.14 13.35 -0.16
C ASP K 576 -7.36 13.49 -1.46
N ALA K 577 -7.75 14.42 -2.33
CA ALA K 577 -6.97 14.68 -3.54
C ALA K 577 -5.59 15.23 -3.20
N PHE K 578 -5.53 16.19 -2.27
CA PHE K 578 -4.24 16.64 -1.74
C PHE K 578 -3.48 15.46 -1.17
N TYR K 579 -4.16 14.61 -0.41
CA TYR K 579 -3.48 13.51 0.27
C TYR K 579 -2.87 12.55 -0.74
N LEU K 580 -3.59 12.28 -1.83
CA LEU K 580 -3.07 11.40 -2.88
C LEU K 580 -1.96 12.08 -3.68
N ALA K 581 -2.09 13.39 -3.91
CA ALA K 581 -1.09 14.12 -4.69
C ALA K 581 0.19 14.35 -3.92
N MET K 582 0.16 14.23 -2.60
CA MET K 582 1.40 14.34 -1.83
C MET K 582 2.36 13.22 -2.19
N PHE K 583 1.83 12.00 -2.36
CA PHE K 583 2.67 10.89 -2.78
C PHE K 583 3.31 11.15 -4.13
N TRP K 584 2.52 11.69 -5.08
CA TRP K 584 3.06 11.96 -6.40
C TRP K 584 4.05 13.11 -6.39
N MET K 585 3.83 14.12 -5.55
CA MET K 585 4.83 15.17 -5.39
C MET K 585 6.12 14.61 -4.82
N LEU K 586 6.03 13.76 -3.81
CA LEU K 586 7.22 13.15 -3.25
C LEU K 586 7.95 12.32 -4.29
N ASN K 587 7.20 11.56 -5.10
CA ASN K 587 7.81 10.75 -6.14
C ASN K 587 8.48 11.62 -7.21
N THR K 588 7.83 12.70 -7.62
CA THR K 588 8.41 13.57 -8.64
C THR K 588 9.65 14.27 -8.13
N ILE K 589 9.61 14.78 -6.90
CA ILE K 589 10.79 15.41 -6.32
C ILE K 589 11.89 14.38 -6.12
N GLY K 590 11.54 13.14 -5.78
CA GLY K 590 12.53 12.09 -5.70
C GLY K 590 13.20 11.83 -7.03
N TRP K 591 12.42 11.78 -8.11
CA TRP K 591 13.00 11.61 -9.43
C TRP K 591 13.93 12.77 -9.78
N VAL K 592 13.48 14.00 -9.53
CA VAL K 592 14.29 15.18 -9.85
C VAL K 592 15.59 15.16 -9.07
N THR K 593 15.51 14.88 -7.77
CA THR K 593 16.71 14.91 -6.92
C THR K 593 17.62 13.73 -7.22
N PHE K 594 17.06 12.56 -7.53
CA PHE K 594 17.88 11.43 -7.96
C PHE K 594 18.66 11.78 -9.21
N TYR K 595 17.98 12.37 -10.20
CA TYR K 595 18.64 12.77 -11.44
C TYR K 595 19.76 13.77 -11.16
N TRP K 596 19.44 14.83 -10.40
CA TRP K 596 20.44 15.85 -10.11
C TRP K 596 21.63 15.25 -9.38
N HIS K 597 21.37 14.46 -8.33
CA HIS K 597 22.45 13.93 -7.51
C HIS K 597 23.32 12.95 -8.29
N TRP K 598 22.72 12.07 -9.08
CA TRP K 598 23.53 11.13 -9.85
C TRP K 598 24.36 11.86 -10.90
N LYS K 599 23.74 12.83 -11.61
CA LYS K 599 24.48 13.59 -12.59
C LYS K 599 25.67 14.29 -11.96
N HIS K 600 25.47 14.91 -10.80
CA HIS K 600 26.55 15.65 -10.17
C HIS K 600 27.57 14.74 -9.50
N LEU K 601 27.16 13.57 -9.01
CA LEU K 601 28.14 12.61 -8.49
C LEU K 601 29.04 12.11 -9.59
N THR K 602 28.47 11.84 -10.78
CA THR K 602 29.31 11.43 -11.89
C THR K 602 30.19 12.57 -12.37
N LEU K 603 29.67 13.80 -12.37
CA LEU K 603 30.47 14.95 -12.78
C LEU K 603 31.64 15.19 -11.82
N TRP K 604 31.40 15.11 -10.51
CA TRP K 604 32.44 15.38 -9.54
C TRP K 604 33.47 14.26 -9.50
N GLN K 605 33.02 13.00 -9.55
CA GLN K 605 33.94 11.88 -9.55
C GLN K 605 34.69 11.76 -10.86
N GLY K 606 34.15 12.30 -11.95
CA GLY K 606 34.79 12.26 -13.24
C GLY K 606 34.26 11.20 -14.18
N ASN K 607 33.53 10.21 -13.67
CA ASN K 607 33.00 9.13 -14.49
C ASN K 607 31.62 9.49 -15.07
N GLN K 608 31.58 10.61 -15.79
CA GLN K 608 30.36 11.02 -16.46
C GLN K 608 29.91 10.01 -17.51
N VAL K 609 30.82 9.15 -17.98
CA VAL K 609 30.44 8.08 -18.88
C VAL K 609 29.58 7.04 -18.17
N GLN K 610 29.71 6.91 -16.84
CA GLN K 610 28.87 5.99 -16.10
C GLN K 610 27.41 6.41 -16.15
N PHE K 611 27.13 7.71 -15.99
CA PHE K 611 25.75 8.17 -16.09
C PHE K 611 25.24 8.08 -17.52
N ASN K 612 26.05 8.53 -18.48
CA ASN K 612 25.59 8.62 -19.87
C ASN K 612 25.23 7.26 -20.44
N GLU K 613 25.81 6.18 -19.90
CA GLU K 613 25.54 4.84 -20.37
C GLU K 613 24.49 4.11 -19.54
N SER K 614 24.57 4.20 -18.22
CA SER K 614 23.69 3.45 -17.34
C SER K 614 22.40 4.16 -16.98
N SER K 615 22.25 5.44 -17.35
CA SER K 615 21.05 6.18 -16.97
C SER K 615 19.89 5.94 -17.91
N ASN K 616 20.08 5.17 -18.99
CA ASN K 616 19.04 4.92 -19.96
C ASN K 616 18.14 3.75 -19.58
N TYR K 617 18.49 2.98 -18.55
CA TYR K 617 17.69 1.84 -18.14
C TYR K 617 17.61 1.80 -16.62
N ILE K 618 16.52 1.22 -16.11
CA ILE K 618 16.20 1.33 -14.69
C ILE K 618 17.25 0.63 -13.84
N MET K 619 17.66 -0.57 -14.24
CA MET K 619 18.67 -1.29 -13.48
C MET K 619 19.96 -0.50 -13.40
N GLY K 620 20.27 0.31 -14.42
CA GLY K 620 21.40 1.20 -14.32
C GLY K 620 21.28 2.14 -13.14
N TRP K 621 20.11 2.76 -12.99
CA TRP K 621 19.88 3.60 -11.82
C TRP K 621 20.05 2.80 -10.54
N LEU K 622 19.33 1.68 -10.43
CA LEU K 622 19.29 0.92 -9.18
C LEU K 622 20.68 0.44 -8.78
N ARG K 623 21.50 0.04 -9.75
CA ARG K 623 22.81 -0.53 -9.44
C ARG K 623 23.88 0.53 -9.25
N ASP K 624 23.91 1.55 -10.11
CA ASP K 624 25.02 2.48 -10.11
C ASP K 624 24.79 3.73 -9.28
N TYR K 625 23.53 4.10 -8.99
CA TYR K 625 23.30 5.21 -8.08
C TYR K 625 23.07 4.70 -6.67
N LEU K 626 21.97 3.96 -6.47
CA LEU K 626 21.56 3.58 -5.13
C LEU K 626 22.50 2.54 -4.54
N TRP K 627 22.60 1.38 -5.19
CA TRP K 627 23.40 0.30 -4.64
C TRP K 627 24.87 0.69 -4.56
N LEU K 628 25.37 1.44 -5.56
CA LEU K 628 26.77 1.80 -5.56
C LEU K 628 27.10 2.83 -4.48
N ASN K 629 26.35 3.93 -4.41
CA ASN K 629 26.69 5.00 -3.49
C ASN K 629 26.17 4.77 -2.09
N SER K 630 25.37 3.73 -1.86
CA SER K 630 24.90 3.44 -0.51
C SER K 630 25.94 2.72 0.33
N SER K 631 27.05 2.27 -0.27
CA SER K 631 28.06 1.55 0.49
C SER K 631 28.71 2.40 1.58
N PRO K 632 29.17 3.63 1.33
CA PRO K 632 29.72 4.42 2.44
C PRO K 632 28.73 4.70 3.54
N LEU K 633 27.44 4.88 3.20
CA LEU K 633 26.45 5.25 4.19
C LEU K 633 26.16 4.09 5.15
N ILE K 634 25.94 2.88 4.61
CA ILE K 634 25.57 1.77 5.47
C ILE K 634 26.75 1.35 6.36
N ASN K 635 27.98 1.61 5.90
CA ASN K 635 29.15 1.37 6.75
C ASN K 635 29.51 2.61 7.55
N GLY K 636 28.51 3.21 8.18
CA GLY K 636 28.74 4.29 9.12
C GLY K 636 29.02 3.72 10.49
N TYR K 637 28.53 2.51 10.70
CA TYR K 637 28.87 1.71 11.87
C TYR K 637 28.68 0.25 11.51
N ASN K 638 29.69 -0.55 11.79
CA ASN K 638 29.71 -1.98 11.50
C ASN K 638 30.12 -2.72 12.77
N PRO K 639 30.05 -4.06 12.77
CA PRO K 639 30.51 -4.79 13.97
C PRO K 639 31.98 -4.59 14.29
N PHE K 640 32.68 -3.77 13.51
CA PHE K 640 34.09 -3.48 13.75
C PHE K 640 34.36 -2.07 14.24
N GLY K 641 33.49 -1.11 13.92
CA GLY K 641 33.71 0.26 14.35
C GLY K 641 32.63 1.18 13.84
N MET K 642 32.96 2.46 13.76
CA MET K 642 32.02 3.47 13.28
C MET K 642 32.80 4.68 12.78
N ASN K 643 32.10 5.53 12.04
CA ASN K 643 32.66 6.75 11.46
C ASN K 643 31.77 7.93 11.83
N SER K 644 32.19 9.12 11.42
CA SER K 644 31.34 10.29 11.58
C SER K 644 30.06 10.21 10.76
N LEU K 645 29.99 9.27 9.82
CA LEU K 645 28.79 8.99 9.05
C LEU K 645 27.83 8.05 9.78
N SER K 646 28.12 7.69 11.02
CA SER K 646 27.26 6.77 11.76
C SER K 646 25.88 7.37 11.98
N VAL K 647 25.82 8.68 12.24
CA VAL K 647 24.53 9.34 12.45
C VAL K 647 23.68 9.26 11.18
N TRP K 648 24.33 9.30 10.01
CA TRP K 648 23.58 9.25 8.76
C TRP K 648 23.01 7.86 8.51
N ALA K 649 23.74 6.81 8.87
CA ALA K 649 23.19 5.46 8.77
C ALA K 649 22.02 5.27 9.72
N TRP K 650 22.13 5.79 10.93
CA TRP K 650 21.03 5.74 11.88
C TRP K 650 19.81 6.47 11.35
N MET K 651 20.03 7.64 10.75
CA MET K 651 18.92 8.38 10.15
C MET K 651 18.33 7.65 8.94
N PHE K 652 19.17 6.95 8.19
CA PHE K 652 18.70 6.10 7.09
C PHE K 652 17.71 5.07 7.59
N LEU K 653 18.12 4.31 8.61
CA LEU K 653 17.24 3.29 9.16
C LEU K 653 16.00 3.92 9.80
N PHE K 654 16.16 5.07 10.45
CA PHE K 654 15.04 5.77 11.05
C PHE K 654 14.02 6.17 9.99
N GLY K 655 14.50 6.69 8.86
CA GLY K 655 13.59 7.04 7.77
C GLY K 655 12.86 5.85 7.21
N HIS K 656 13.56 4.71 7.06
CA HIS K 656 12.89 3.50 6.62
C HIS K 656 11.80 3.09 7.60
N LEU K 657 12.09 3.16 8.89
CA LEU K 657 11.11 2.78 9.92
C LEU K 657 9.89 3.68 9.89
N VAL K 658 10.10 4.99 9.78
CA VAL K 658 8.97 5.93 9.74
C VAL K 658 8.15 5.73 8.47
N TRP K 659 8.83 5.44 7.36
CA TRP K 659 8.15 5.14 6.10
C TRP K 659 7.22 3.93 6.26
N ALA K 660 7.72 2.87 6.89
CA ALA K 660 6.90 1.68 7.03
C ALA K 660 5.79 1.86 8.06
N THR K 661 6.01 2.70 9.08
CA THR K 661 4.92 3.02 9.99
C THR K 661 3.82 3.81 9.26
N GLY K 662 4.23 4.69 8.35
CA GLY K 662 3.25 5.29 7.46
C GLY K 662 2.49 4.25 6.66
N PHE K 663 3.21 3.24 6.18
CA PHE K 663 2.55 2.14 5.49
C PHE K 663 1.48 1.49 6.38
N MET K 664 1.82 1.25 7.66
CA MET K 664 0.81 0.84 8.65
C MET K 664 -0.43 1.71 8.57
N PHE K 665 -0.24 3.02 8.75
CA PHE K 665 -1.37 3.92 8.91
C PHE K 665 -2.17 4.08 7.61
N LEU K 666 -1.56 3.77 6.48
CA LEU K 666 -2.22 3.92 5.19
C LEU K 666 -2.95 2.66 4.76
N ILE K 667 -2.34 1.48 4.93
CA ILE K 667 -2.96 0.24 4.47
C ILE K 667 -4.08 -0.18 5.40
N SER K 668 -3.79 -0.31 6.69
CA SER K 668 -4.79 -0.67 7.68
C SER K 668 -5.63 0.56 8.02
N TRP K 669 -6.95 0.42 7.88
CA TRP K 669 -7.87 1.51 8.13
C TRP K 669 -8.54 1.32 9.49
N ARG K 670 -9.51 2.18 9.79
CA ARG K 670 -10.16 2.19 11.09
C ARG K 670 -11.07 0.97 11.21
N GLY K 671 -11.76 0.88 12.28
CA GLY K 671 -12.67 -0.21 12.34
C GLY K 671 -12.00 -1.44 12.75
N TYR K 672 -10.75 -1.57 12.38
CA TYR K 672 -10.01 -2.71 12.80
C TYR K 672 -9.28 -2.30 14.05
N TRP K 673 -9.17 -1.00 14.26
CA TRP K 673 -8.45 -0.53 15.36
C TRP K 673 -9.35 -0.07 16.43
N GLN K 674 -10.61 0.10 16.13
CA GLN K 674 -11.58 0.45 17.17
C GLN K 674 -11.94 -0.77 18.01
N GLU K 675 -12.12 -1.94 17.37
CA GLU K 675 -12.45 -3.14 18.13
C GLU K 675 -11.28 -3.58 19.00
N LEU K 676 -10.05 -3.47 18.50
CA LEU K 676 -8.88 -3.78 19.30
C LEU K 676 -8.79 -2.84 20.50
N ILE K 677 -9.08 -1.55 20.29
CA ILE K 677 -9.05 -0.59 21.38
C ILE K 677 -10.15 -0.92 22.40
N GLU K 678 -11.30 -1.40 21.93
CA GLU K 678 -12.35 -1.84 22.85
C GLU K 678 -11.90 -3.02 23.69
N THR K 679 -11.19 -3.97 23.08
CA THR K 679 -10.65 -5.09 23.85
C THR K 679 -9.64 -4.60 24.91
N ILE K 680 -8.79 -3.65 24.52
CA ILE K 680 -7.83 -3.09 25.49
C ILE K 680 -8.56 -2.38 26.62
N VAL K 681 -9.64 -1.66 26.28
CA VAL K 681 -10.44 -0.96 27.28
C VAL K 681 -11.03 -1.94 28.27
N TRP K 682 -11.59 -3.04 27.76
CA TRP K 682 -12.12 -4.08 28.65
C TRP K 682 -11.03 -4.64 29.54
N ALA K 683 -9.85 -4.90 28.97
CA ALA K 683 -8.76 -5.46 29.76
C ALA K 683 -8.36 -4.52 30.89
N HIS K 684 -8.26 -3.21 30.59
CA HIS K 684 -7.91 -2.25 31.64
C HIS K 684 -9.00 -2.16 32.69
N GLU K 685 -10.27 -2.16 32.26
CA GLU K 685 -11.37 -2.01 33.20
C GLU K 685 -11.56 -3.23 34.09
N ARG K 686 -11.12 -4.41 33.66
CA ARG K 686 -11.38 -5.65 34.39
C ARG K 686 -10.14 -6.22 35.05
N THR K 687 -9.11 -5.41 35.30
CA THR K 687 -7.90 -5.90 35.93
C THR K 687 -7.66 -5.18 37.26
N PRO K 688 -7.35 -5.90 38.33
CA PRO K 688 -7.07 -5.25 39.61
C PRO K 688 -5.74 -4.50 39.57
N LEU K 689 -5.59 -3.57 40.52
CA LEU K 689 -4.39 -2.77 40.72
C LEU K 689 -4.22 -1.75 39.61
N ALA K 690 -5.05 -1.83 38.58
CA ALA K 690 -5.10 -0.83 37.52
C ALA K 690 -6.48 -0.22 37.36
N ASN K 691 -7.50 -0.80 38.00
CA ASN K 691 -8.81 -0.16 38.05
C ASN K 691 -8.77 1.16 38.80
N LEU K 692 -7.81 1.34 39.69
CA LEU K 692 -7.67 2.59 40.42
C LEU K 692 -7.37 3.76 39.49
N VAL K 693 -6.83 3.50 38.31
CA VAL K 693 -6.49 4.53 37.34
C VAL K 693 -7.44 4.38 36.16
N ARG K 694 -8.15 5.46 35.83
CA ARG K 694 -9.08 5.46 34.72
C ARG K 694 -8.89 6.72 33.88
N TRP K 695 -9.13 6.58 32.58
CA TRP K 695 -8.96 7.68 31.66
C TRP K 695 -10.08 8.72 31.83
N LYS K 696 -9.77 9.97 31.50
CA LYS K 696 -10.78 11.01 31.45
C LYS K 696 -11.42 11.12 30.06
N ASP K 697 -10.61 10.92 29.02
CA ASP K 697 -11.11 10.87 27.65
C ASP K 697 -11.17 9.42 27.21
N LYS K 698 -12.31 9.02 26.66
CA LYS K 698 -12.49 7.64 26.23
C LYS K 698 -11.54 7.35 25.08
N PRO K 699 -10.65 6.36 25.20
CA PRO K 699 -9.72 6.06 24.10
C PRO K 699 -10.45 5.49 22.91
N VAL K 700 -10.30 6.13 21.75
CA VAL K 700 -10.91 5.69 20.51
C VAL K 700 -9.85 5.70 19.42
N ALA K 701 -10.13 4.95 18.36
CA ALA K 701 -9.22 4.90 17.22
C ALA K 701 -9.20 6.24 16.49
N LEU K 702 -8.08 6.52 15.83
CA LEU K 702 -7.94 7.75 15.08
C LEU K 702 -8.98 7.80 13.95
N SER K 703 -9.49 8.98 13.68
CA SER K 703 -10.49 9.13 12.63
C SER K 703 -9.87 8.84 11.26
N ILE K 704 -10.75 8.64 10.27
CA ILE K 704 -10.29 8.25 8.94
C ILE K 704 -9.39 9.32 8.35
N VAL K 705 -9.83 10.59 8.41
CA VAL K 705 -9.02 11.68 7.90
C VAL K 705 -7.74 11.84 8.72
N GLN K 706 -7.85 11.72 10.05
CA GLN K 706 -6.67 11.81 10.89
C GLN K 706 -5.69 10.68 10.59
N ALA K 707 -6.21 9.48 10.36
CA ALA K 707 -5.35 8.36 10.02
C ALA K 707 -4.64 8.59 8.69
N ARG K 708 -5.36 9.11 7.69
CA ARG K 708 -4.72 9.46 6.43
C ARG K 708 -3.63 10.50 6.62
N LEU K 709 -3.89 11.52 7.45
CA LEU K 709 -2.88 12.54 7.71
C LEU K 709 -1.66 11.95 8.40
N VAL K 710 -1.88 11.08 9.39
CA VAL K 710 -0.77 10.52 10.15
C VAL K 710 0.07 9.61 9.27
N GLY K 711 -0.58 8.79 8.44
CA GLY K 711 0.16 7.96 7.50
C GLY K 711 0.94 8.78 6.50
N LEU K 712 0.33 9.85 5.99
CA LEU K 712 1.04 10.75 5.08
C LEU K 712 2.22 11.42 5.75
N ALA K 713 2.05 11.83 7.01
CA ALA K 713 3.15 12.47 7.73
C ALA K 713 4.29 11.51 7.96
N HIS K 714 3.99 10.27 8.34
CA HIS K 714 5.04 9.28 8.50
C HIS K 714 5.74 9.01 7.17
N PHE K 715 4.96 8.82 6.11
CA PHE K 715 5.51 8.58 4.78
C PHE K 715 6.46 9.70 4.38
N THR K 716 6.02 10.95 4.53
CA THR K 716 6.81 12.09 4.10
C THR K 716 8.06 12.27 4.96
N ILE K 717 7.91 12.16 6.29
CA ILE K 717 9.06 12.34 7.16
C ILE K 717 10.11 11.25 6.93
N GLY K 718 9.67 10.00 6.81
CA GLY K 718 10.61 8.94 6.49
C GLY K 718 11.27 9.14 5.14
N TYR K 719 10.49 9.53 4.13
CA TYR K 719 11.03 9.82 2.81
C TYR K 719 12.14 10.86 2.87
N VAL K 720 11.83 12.00 3.52
CA VAL K 720 12.78 13.10 3.57
C VAL K 720 14.02 12.71 4.35
N LEU K 721 13.84 12.06 5.50
CA LEU K 721 14.97 11.70 6.34
C LEU K 721 15.88 10.70 5.64
N THR K 722 15.30 9.64 5.07
CA THR K 722 16.14 8.64 4.42
C THR K 722 16.86 9.22 3.22
N TYR K 723 16.21 10.08 2.43
CA TYR K 723 16.93 10.62 1.27
C TYR K 723 17.98 11.62 1.68
N ALA K 724 17.71 12.44 2.70
CA ALA K 724 18.72 13.38 3.16
C ALA K 724 19.95 12.63 3.66
N ALA K 725 19.73 11.59 4.48
CA ALA K 725 20.83 10.79 4.96
C ALA K 725 21.60 10.17 3.80
N PHE K 726 20.89 9.60 2.83
CA PHE K 726 21.58 8.97 1.71
C PHE K 726 22.41 9.97 0.92
N VAL K 727 21.81 11.08 0.52
CA VAL K 727 22.52 12.02 -0.35
C VAL K 727 23.75 12.57 0.36
N ILE K 728 23.58 13.00 1.61
CA ILE K 728 24.68 13.60 2.34
C ILE K 728 25.79 12.58 2.57
N ALA K 729 25.44 11.41 3.10
CA ALA K 729 26.45 10.41 3.42
C ALA K 729 27.14 9.90 2.16
N SER K 730 26.41 9.70 1.08
CA SER K 730 27.01 9.22 -0.15
C SER K 730 27.99 10.24 -0.71
N THR K 731 27.59 11.52 -0.74
CA THR K 731 28.50 12.54 -1.24
C THR K 731 29.76 12.61 -0.38
N ILE K 732 29.59 12.60 0.94
CA ILE K 732 30.73 12.73 1.84
C ILE K 732 31.66 11.54 1.71
N GLY K 733 31.10 10.32 1.72
CA GLY K 733 31.92 9.12 1.70
C GLY K 733 32.51 8.78 0.34
N LYS K 734 31.92 9.30 -0.74
CA LYS K 734 32.48 9.03 -2.06
C LYS K 734 33.49 10.09 -2.46
N LEU K 735 33.15 11.36 -2.30
CA LEU K 735 34.05 12.46 -2.66
C LEU K 735 34.85 12.94 -1.46
N GLY K 736 35.54 12.02 -0.78
CA GLY K 736 36.37 12.36 0.36
C GLY K 736 35.61 12.96 1.53
N LYS L 4 -30.28 -19.21 41.17
CA LYS L 4 -29.36 -19.23 40.05
C LYS L 4 -29.18 -17.83 39.47
N LEU L 5 -30.29 -17.14 39.24
CA LEU L 5 -30.28 -15.80 38.67
C LEU L 5 -31.02 -14.83 39.60
N LYS L 6 -30.72 -13.54 39.44
CA LYS L 6 -31.27 -12.53 40.33
C LYS L 6 -32.79 -12.46 40.24
N GLN L 7 -33.33 -12.52 39.03
CA GLN L 7 -34.77 -12.44 38.82
C GLN L 7 -35.25 -13.65 38.04
N SER L 8 -36.49 -14.06 38.31
CA SER L 8 -37.05 -15.24 37.68
C SER L 8 -37.40 -15.02 36.22
N ASP L 9 -37.57 -13.76 35.80
CA ASP L 9 -37.94 -13.44 34.42
C ASP L 9 -36.74 -13.28 33.51
N PHE L 10 -35.52 -13.34 34.03
CA PHE L 10 -34.34 -13.27 33.18
C PHE L 10 -34.29 -14.47 32.25
N PRO L 11 -33.86 -14.30 31.00
CA PRO L 11 -33.65 -15.45 30.13
C PRO L 11 -32.57 -16.36 30.70
N LYS L 12 -32.69 -17.65 30.41
CA LYS L 12 -31.75 -18.60 30.98
C LYS L 12 -30.39 -18.47 30.29
N PHE L 13 -29.69 -17.38 30.60
CA PHE L 13 -28.39 -17.07 30.03
C PHE L 13 -27.31 -17.35 31.07
N GLU L 14 -26.20 -17.94 30.62
CA GLU L 14 -25.11 -18.30 31.52
C GLU L 14 -24.14 -17.15 31.76
N GLY L 15 -24.42 -15.97 31.23
CA GLY L 15 -23.54 -14.83 31.43
C GLY L 15 -22.37 -14.81 30.47
N SER L 16 -22.09 -13.65 29.90
CA SER L 16 -21.02 -13.49 28.94
C SER L 16 -20.19 -12.26 29.30
N THR L 17 -18.90 -12.31 28.97
CA THR L 17 -18.05 -11.15 29.16
C THR L 17 -18.21 -10.22 27.96
N GLY L 18 -19.45 -9.91 27.62
CA GLY L 18 -19.76 -8.98 26.55
C GLY L 18 -20.95 -8.14 26.92
N GLY L 19 -21.40 -8.28 28.17
CA GLY L 19 -22.51 -7.51 28.69
C GLY L 19 -22.11 -6.08 28.96
N TRP L 20 -22.90 -5.43 29.81
CA TRP L 20 -22.63 -4.02 30.08
C TRP L 20 -21.44 -3.86 31.02
N LEU L 21 -20.94 -2.64 31.08
CA LEU L 21 -19.74 -2.31 31.85
C LEU L 21 -20.07 -1.19 32.82
N SER L 22 -19.04 -0.56 33.39
CA SER L 22 -19.27 0.51 34.37
C SER L 22 -20.08 1.65 33.80
N ALA L 23 -20.13 1.79 32.47
CA ALA L 23 -20.95 2.84 31.87
C ALA L 23 -22.43 2.65 32.18
N ALA L 24 -22.92 1.42 32.08
CA ALA L 24 -24.34 1.18 32.40
C ALA L 24 -24.52 0.91 33.89
N LYS L 25 -23.87 1.76 34.68
CA LYS L 25 -24.13 1.90 36.11
C LYS L 25 -24.10 3.34 36.56
N ASN L 26 -23.58 4.27 35.76
CA ASN L 26 -23.50 5.68 36.10
C ASN L 26 -23.93 6.61 34.98
N GLU L 27 -24.16 6.10 33.77
CA GLU L 27 -24.64 6.93 32.67
C GLU L 27 -26.04 6.54 32.21
N GLU L 28 -26.23 5.30 31.76
CA GLU L 28 -27.53 4.81 31.33
C GLU L 28 -27.48 3.32 31.00
N LYS L 29 -28.58 2.63 31.22
CA LYS L 29 -28.72 1.23 30.82
C LYS L 29 -30.07 1.05 30.14
N TYR L 30 -30.16 0.05 29.28
CA TYR L 30 -31.35 -0.21 28.50
C TYR L 30 -31.89 -1.60 28.84
N VAL L 31 -33.20 -1.68 29.03
CA VAL L 31 -33.89 -2.92 29.37
C VAL L 31 -34.94 -3.19 28.30
N ILE L 32 -34.98 -4.43 27.82
CA ILE L 32 -35.97 -4.89 26.86
C ILE L 32 -36.82 -5.96 27.53
N ILE L 33 -38.14 -5.81 27.44
CA ILE L 33 -39.06 -6.78 28.02
C ILE L 33 -39.93 -7.34 26.91
N TRP L 34 -40.30 -8.61 27.07
CA TRP L 34 -41.19 -9.25 26.12
C TRP L 34 -41.76 -10.51 26.76
N THR L 35 -42.89 -10.96 26.21
CA THR L 35 -43.54 -12.18 26.66
C THR L 35 -43.50 -13.19 25.52
N SER L 36 -43.05 -14.41 25.82
CA SER L 36 -42.92 -15.46 24.83
C SER L 36 -43.80 -16.64 25.19
N LYS L 37 -44.39 -17.27 24.18
CA LYS L 37 -45.21 -18.45 24.41
C LYS L 37 -44.35 -19.69 24.68
N ASP L 38 -43.15 -19.75 24.12
CA ASP L 38 -42.29 -20.91 24.22
C ASP L 38 -40.92 -20.51 24.73
N ALA L 39 -40.24 -21.45 25.38
CA ALA L 39 -38.89 -21.24 25.88
C ALA L 39 -37.88 -21.43 24.75
N SER L 40 -38.02 -20.59 23.74
CA SER L 40 -37.18 -20.68 22.54
C SER L 40 -35.74 -20.32 22.86
N LEU L 41 -34.81 -20.92 22.13
CA LEU L 41 -33.39 -20.65 22.27
C LEU L 41 -32.99 -19.58 21.26
N PHE L 42 -32.47 -18.47 21.76
CA PHE L 42 -32.12 -17.33 20.92
C PHE L 42 -30.69 -16.91 21.21
N GLU L 43 -30.13 -16.13 20.29
CA GLU L 43 -28.75 -15.67 20.38
C GLU L 43 -28.72 -14.28 20.98
N MET L 44 -27.90 -14.11 22.01
CA MET L 44 -27.76 -12.81 22.65
C MET L 44 -27.07 -11.82 21.71
N PRO L 45 -27.45 -10.55 21.73
CA PRO L 45 -26.70 -9.55 20.96
C PRO L 45 -25.27 -9.38 21.43
N THR L 46 -24.98 -9.76 22.68
CA THR L 46 -23.65 -9.58 23.25
C THR L 46 -22.80 -10.84 23.09
N GLY L 47 -23.26 -11.96 23.63
CA GLY L 47 -22.47 -13.18 23.63
C GLY L 47 -23.05 -14.31 22.82
N GLY L 48 -23.53 -15.35 23.49
CA GLY L 48 -23.98 -16.54 22.80
C GLY L 48 -25.46 -16.84 22.94
N THR L 49 -25.78 -18.11 23.16
CA THR L 49 -27.17 -18.57 23.15
C THR L 49 -27.78 -18.48 24.53
N ALA L 50 -28.99 -17.95 24.60
CA ALA L 50 -29.79 -17.90 25.82
C ALA L 50 -31.13 -18.55 25.56
N LYS L 51 -31.82 -18.92 26.63
CA LYS L 51 -33.12 -19.57 26.55
C LYS L 51 -34.20 -18.64 27.09
N MET L 52 -35.24 -18.44 26.30
CA MET L 52 -36.36 -17.62 26.73
C MET L 52 -37.13 -18.30 27.85
N ASN L 53 -37.95 -17.52 28.54
CA ASN L 53 -38.90 -18.04 29.50
C ASN L 53 -40.27 -18.12 28.85
N ALA L 54 -41.02 -19.18 29.17
CA ALA L 54 -42.38 -19.30 28.67
C ALA L 54 -43.29 -18.33 29.42
N GLY L 55 -43.09 -17.04 29.18
CA GLY L 55 -43.78 -16.00 29.90
C GLY L 55 -43.04 -14.68 29.84
N ASN L 56 -42.96 -13.98 30.96
CA ASN L 56 -42.28 -12.69 30.99
C ASN L 56 -40.77 -12.88 30.86
N ASN L 57 -40.16 -12.08 29.99
CA ASN L 57 -38.72 -12.09 29.78
C ASN L 57 -38.21 -10.66 29.88
N VAL L 58 -37.11 -10.47 30.61
CA VAL L 58 -36.51 -9.16 30.82
C VAL L 58 -35.00 -9.27 30.64
N ALA L 59 -34.44 -8.42 29.79
CA ALA L 59 -33.01 -8.41 29.52
C ALA L 59 -32.48 -6.98 29.60
N TYR L 60 -31.26 -6.84 30.12
CA TYR L 60 -30.61 -5.54 30.26
C TYR L 60 -29.40 -5.46 29.34
N PHE L 61 -29.21 -4.31 28.70
CA PHE L 61 -28.11 -4.10 27.79
C PHE L 61 -27.53 -2.71 27.99
N ALA L 62 -26.36 -2.48 27.40
CA ALA L 62 -25.67 -1.21 27.54
C ALA L 62 -26.00 -0.21 26.44
N ARG L 63 -26.60 -0.66 25.34
CA ARG L 63 -26.89 0.22 24.22
C ARG L 63 -28.32 0.00 23.74
N LYS L 64 -28.90 1.06 23.19
CA LYS L 64 -30.20 0.94 22.54
C LYS L 64 -30.13 0.03 21.32
N GLU L 65 -29.01 0.07 20.59
CA GLU L 65 -28.85 -0.75 19.40
C GLU L 65 -28.86 -2.23 19.75
N GLN L 66 -28.27 -2.61 20.88
CA GLN L 66 -28.28 -4.01 21.29
C GLN L 66 -29.70 -4.49 21.57
N CYS L 67 -30.46 -3.68 22.30
CA CYS L 67 -31.86 -4.04 22.58
C CYS L 67 -32.66 -4.13 21.30
N LEU L 68 -32.44 -3.21 20.36
CA LEU L 68 -33.19 -3.24 19.11
C LEU L 68 -32.78 -4.40 18.23
N ALA L 69 -31.50 -4.80 18.25
CA ALA L 69 -31.09 -6.00 17.53
C ALA L 69 -31.75 -7.23 18.12
N LEU L 70 -31.81 -7.31 19.46
CA LEU L 70 -32.52 -8.42 20.09
C LEU L 70 -33.99 -8.42 19.69
N GLY L 71 -34.62 -7.25 19.66
CA GLY L 71 -36.01 -7.17 19.26
C GLY L 71 -36.24 -7.59 17.83
N SER L 72 -35.34 -7.18 16.93
CA SER L 72 -35.43 -7.60 15.54
C SER L 72 -35.27 -9.11 15.42
N GLN L 73 -34.42 -9.71 16.24
CA GLN L 73 -34.33 -11.17 16.29
C GLN L 73 -35.63 -11.77 16.79
N LEU L 74 -36.27 -11.12 17.77
CA LEU L 74 -37.51 -11.64 18.33
C LEU L 74 -38.62 -11.72 17.30
N ARG L 75 -38.61 -10.81 16.31
CA ARG L 75 -39.64 -10.83 15.28
C ARG L 75 -39.61 -12.13 14.49
N GLY L 76 -38.43 -12.76 14.37
CA GLY L 76 -38.35 -14.05 13.72
C GLY L 76 -39.02 -15.17 14.52
N PHE L 77 -39.22 -14.96 15.81
CA PHE L 77 -39.96 -15.90 16.65
C PHE L 77 -41.44 -15.55 16.75
N LYS L 78 -41.93 -14.68 15.87
CA LYS L 78 -43.31 -14.19 15.90
C LYS L 78 -43.61 -13.46 17.21
N ILE L 79 -42.59 -12.84 17.79
CA ILE L 79 -42.73 -12.04 19.00
C ILE L 79 -42.74 -10.57 18.60
N THR L 80 -43.76 -9.85 19.05
CA THR L 80 -44.01 -8.49 18.57
C THR L 80 -44.16 -7.52 19.74
N ASN L 81 -44.58 -8.02 20.89
CA ASN L 81 -44.88 -7.18 22.04
C ASN L 81 -43.64 -6.73 22.80
N TYR L 82 -42.44 -6.88 22.24
CA TYR L 82 -41.24 -6.46 22.93
C TYR L 82 -41.18 -4.95 23.05
N LYS L 83 -40.74 -4.47 24.21
CA LYS L 83 -40.66 -3.03 24.47
C LYS L 83 -39.33 -2.72 25.15
N ILE L 84 -38.72 -1.61 24.73
CA ILE L 84 -37.38 -1.23 25.15
C ILE L 84 -37.48 0.06 25.96
N PHE L 85 -36.79 0.08 27.10
CA PHE L 85 -36.78 1.24 27.99
C PHE L 85 -35.35 1.70 28.24
N ARG L 86 -35.20 2.98 28.57
CA ARG L 86 -33.92 3.55 28.96
C ARG L 86 -33.96 3.86 30.45
N ILE L 87 -32.95 3.38 31.18
CA ILE L 87 -32.84 3.59 32.62
C ILE L 87 -31.61 4.43 32.87
N TYR L 88 -31.80 5.58 33.50
CA TYR L 88 -30.70 6.47 33.88
C TYR L 88 -30.04 5.89 35.13
N PRO L 89 -29.02 6.55 35.69
CA PRO L 89 -28.30 5.96 36.83
C PRO L 89 -29.23 5.56 37.96
N PRO L 90 -30.24 6.39 38.34
CA PRO L 90 -31.28 5.86 39.23
C PRO L 90 -32.43 5.27 38.43
N LEU L 91 -33.47 4.78 39.12
CA LEU L 91 -34.60 4.16 38.42
C LEU L 91 -35.41 5.25 37.71
N ASP L 92 -34.88 5.71 36.58
CA ASP L 92 -35.53 6.68 35.72
C ASP L 92 -35.87 5.95 34.41
N ILE L 93 -37.04 5.34 34.38
CA ILE L 93 -37.45 4.49 33.26
C ILE L 93 -38.15 5.35 32.22
N THR L 94 -37.77 5.19 30.96
CA THR L 94 -38.37 5.91 29.85
C THR L 94 -38.61 4.92 28.71
N LEU L 95 -39.87 4.76 28.31
CA LEU L 95 -40.19 3.91 27.18
C LEU L 95 -39.63 4.51 25.90
N LEU L 96 -38.93 3.69 25.11
CA LEU L 96 -38.23 4.18 23.93
C LEU L 96 -38.80 3.65 22.62
N HIS L 97 -38.82 2.33 22.43
CA HIS L 97 -39.01 1.85 21.06
C HIS L 97 -40.47 1.91 20.62
N PRO L 98 -41.41 1.24 21.31
CA PRO L 98 -42.81 1.48 20.90
C PRO L 98 -43.32 2.78 21.50
N PHE L 99 -42.84 3.90 20.96
CA PHE L 99 -43.01 5.19 21.61
C PHE L 99 -44.48 5.55 21.76
N ASP L 100 -45.27 5.34 20.72
CA ASP L 100 -46.72 5.56 20.77
C ASP L 100 -47.50 4.25 20.74
N GLY L 101 -46.86 3.14 21.07
CA GLY L 101 -47.51 1.85 21.02
C GLY L 101 -47.56 1.22 19.64
N VAL L 102 -47.19 1.96 18.60
CA VAL L 102 -47.16 1.47 17.23
C VAL L 102 -45.72 1.54 16.74
N PHE L 103 -45.28 0.49 16.06
CA PHE L 103 -43.92 0.45 15.56
C PHE L 103 -43.69 1.60 14.59
N PRO L 104 -42.46 2.15 14.54
CA PRO L 104 -42.21 3.33 13.70
C PRO L 104 -42.45 3.10 12.22
N GLU L 105 -42.43 1.84 11.76
CA GLU L 105 -42.65 1.56 10.35
C GLU L 105 -44.10 1.71 9.93
N LYS L 106 -45.04 1.68 10.88
CA LYS L 106 -46.45 1.82 10.60
C LYS L 106 -46.90 3.23 10.96
N VAL L 107 -47.64 3.87 10.07
CA VAL L 107 -48.07 5.24 10.28
C VAL L 107 -49.12 5.27 11.39
N ASN L 108 -48.93 6.17 12.35
CA ASN L 108 -49.88 6.38 13.43
C ASN L 108 -50.25 7.85 13.49
N GLN L 109 -51.54 8.12 13.67
CA GLN L 109 -51.98 9.49 13.86
C GLN L 109 -51.42 10.05 15.16
N GLY L 110 -51.20 11.36 15.18
CA GLY L 110 -50.60 12.01 16.32
C GLY L 110 -49.10 12.20 16.24
N ARG L 111 -48.48 11.86 15.11
CA ARG L 111 -47.06 12.06 14.90
C ARG L 111 -46.86 13.28 13.99
N SER L 112 -45.96 14.16 14.39
CA SER L 112 -45.64 15.32 13.58
C SER L 112 -44.29 15.13 12.88
N PRO L 113 -44.14 15.64 11.66
CA PRO L 113 -42.87 15.47 10.95
C PRO L 113 -41.76 16.29 11.62
N VAL L 114 -40.64 15.62 11.89
CA VAL L 114 -39.48 16.25 12.50
C VAL L 114 -38.32 16.17 11.51
N GLY L 115 -37.69 17.30 11.23
CA GLY L 115 -36.59 17.32 10.29
C GLY L 115 -37.00 17.23 8.84
N LYS L 116 -38.18 17.75 8.48
CA LYS L 116 -38.67 17.71 7.12
C LYS L 116 -38.39 19.04 6.44
N ARG L 117 -37.79 18.98 5.25
CA ARG L 117 -37.54 20.15 4.42
C ARG L 117 -38.47 20.10 3.21
N ASP L 118 -39.12 21.22 2.92
CA ASP L 118 -40.08 21.29 1.83
C ASP L 118 -39.41 21.59 0.49
N ALA L 119 -38.38 20.82 0.17
CA ALA L 119 -37.65 20.94 -1.08
C ALA L 119 -36.75 19.71 -1.21
N SER L 120 -36.21 19.52 -2.41
CA SER L 120 -35.31 18.40 -2.65
C SER L 120 -33.91 18.79 -2.20
N ILE L 121 -32.93 17.93 -2.51
CA ILE L 121 -31.54 18.22 -2.11
C ILE L 121 -31.02 19.46 -2.83
N GLY L 122 -31.42 19.64 -4.09
CA GLY L 122 -30.90 20.75 -4.88
C GLY L 122 -31.27 22.12 -4.36
N GLY L 123 -32.25 22.21 -3.47
CA GLY L 123 -32.65 23.47 -2.89
C GLY L 123 -31.87 23.91 -1.67
N ASN L 124 -30.83 23.17 -1.29
CA ASN L 124 -30.06 23.54 -0.12
C ASN L 124 -29.27 24.82 -0.38
N PRO L 125 -29.11 25.68 0.62
CA PRO L 125 -28.39 26.94 0.41
C PRO L 125 -26.90 26.71 0.21
N ASN L 126 -26.27 27.64 -0.51
CA ASN L 126 -24.85 27.56 -0.78
C ASN L 126 -24.06 27.79 0.52
N PRO L 127 -23.03 26.99 0.78
CA PRO L 127 -22.28 27.15 2.04
C PRO L 127 -21.64 28.51 2.23
N ALA L 128 -21.24 29.17 1.13
CA ALA L 128 -20.61 30.49 1.25
C ALA L 128 -21.57 31.51 1.85
N SER L 129 -22.87 31.31 1.70
CA SER L 129 -23.87 32.18 2.31
C SER L 129 -24.17 31.78 3.75
N LEU L 130 -23.56 30.72 4.26
CA LEU L 130 -23.73 30.24 5.62
C LEU L 130 -22.42 30.36 6.40
N LYS L 131 -21.79 31.52 6.19
CA LYS L 131 -20.49 31.78 6.82
C LYS L 131 -20.45 33.07 7.58
N PHE L 132 -19.42 33.26 8.40
CA PHE L 132 -19.32 34.43 9.27
C PHE L 132 -20.70 34.97 9.48
N GLN L 133 -21.58 34.12 10.03
CA GLN L 133 -22.95 34.52 10.30
C GLN L 133 -23.66 33.32 10.89
N ILE M 2 -47.19 16.11 -22.17
CA ILE M 2 -46.53 14.82 -22.07
C ILE M 2 -47.53 13.77 -21.65
N GLN M 3 -47.26 12.51 -22.02
CA GLN M 3 -48.16 11.40 -21.72
C GLN M 3 -47.33 10.12 -21.69
N LYS M 4 -48.04 9.00 -21.50
CA LYS M 4 -47.37 7.70 -21.47
C LYS M 4 -46.69 7.42 -22.81
N GLY M 5 -45.44 7.01 -22.75
CA GLY M 5 -44.66 6.71 -23.94
C GLY M 5 -43.96 7.90 -24.54
N SER M 6 -44.19 9.10 -24.04
CA SER M 6 -43.52 10.29 -24.57
C SER M 6 -42.05 10.29 -24.15
N THR M 7 -41.23 10.96 -24.96
CA THR M 7 -39.81 11.09 -24.69
C THR M 7 -39.52 12.49 -24.16
N VAL M 8 -38.86 12.57 -23.01
CA VAL M 8 -38.60 13.83 -22.33
C VAL M 8 -37.13 13.92 -21.98
N ARG M 9 -36.67 15.16 -21.84
CA ARG M 9 -35.31 15.45 -21.37
C ARG M 9 -35.37 15.89 -19.92
N ILE M 10 -34.50 15.33 -19.10
CA ILE M 10 -34.49 15.63 -17.68
C ILE M 10 -33.80 16.97 -17.45
N LEU M 11 -34.48 17.88 -16.76
CA LEU M 11 -33.93 19.18 -16.43
C LEU M 11 -33.50 19.29 -14.97
N ARG M 12 -33.68 18.24 -14.17
CA ARG M 12 -33.23 18.27 -12.79
C ARG M 12 -31.71 18.11 -12.75
N LYS M 13 -31.03 19.06 -12.10
CA LYS M 13 -29.57 19.06 -12.13
C LYS M 13 -28.99 17.95 -11.27
N GLU M 14 -29.61 17.65 -10.13
CA GLU M 14 -29.10 16.60 -9.24
C GLU M 14 -29.62 15.22 -9.66
N SER M 15 -29.50 14.92 -10.95
CA SER M 15 -30.06 13.70 -11.51
C SER M 15 -28.98 12.95 -12.28
N TYR M 16 -28.98 11.62 -12.11
CA TYR M 16 -28.10 10.78 -12.90
C TYR M 16 -28.46 10.78 -14.38
N TRP M 17 -29.64 11.30 -14.73
CA TRP M 17 -30.07 11.37 -16.12
C TRP M 17 -30.28 12.81 -16.58
N TYR M 18 -29.61 13.76 -15.94
CA TYR M 18 -29.70 15.15 -16.36
C TYR M 18 -29.18 15.29 -17.79
N ASN M 19 -29.87 16.10 -18.58
CA ASN M 19 -29.61 16.35 -20.00
C ASN M 19 -29.85 15.11 -20.85
N GLU M 20 -30.27 13.99 -20.27
CA GLU M 20 -30.53 12.77 -21.02
C GLU M 20 -32.02 12.64 -21.30
N SER M 21 -32.35 11.70 -22.19
CA SER M 21 -33.72 11.46 -22.61
C SER M 21 -34.24 10.16 -22.01
N GLY M 22 -35.48 10.20 -21.52
CA GLY M 22 -36.13 9.03 -20.98
C GLY M 22 -37.53 8.90 -21.54
N THR M 23 -38.17 7.79 -21.18
CA THR M 23 -39.51 7.46 -21.64
C THR M 23 -40.48 7.60 -20.47
N VAL M 24 -41.55 8.37 -20.67
CA VAL M 24 -42.53 8.61 -19.61
C VAL M 24 -43.37 7.35 -19.44
N VAL M 25 -43.43 6.83 -18.21
CA VAL M 25 -44.22 5.64 -17.94
C VAL M 25 -45.67 6.01 -17.64
N VAL M 26 -45.87 7.03 -16.82
CA VAL M 26 -47.21 7.50 -16.47
C VAL M 26 -47.10 8.88 -15.86
N VAL M 27 -48.04 9.75 -16.22
CA VAL M 27 -48.14 11.08 -15.62
C VAL M 27 -49.36 11.06 -14.71
N ASP M 28 -49.13 11.17 -13.40
CA ASP M 28 -50.22 11.13 -12.45
C ASP M 28 -51.07 12.38 -12.57
N GLN M 29 -52.39 12.19 -12.48
CA GLN M 29 -53.34 13.28 -12.57
C GLN M 29 -53.77 13.82 -11.21
N SER M 30 -53.24 13.27 -10.12
CA SER M 30 -53.58 13.73 -8.79
C SER M 30 -52.75 14.96 -8.44
N LYS M 31 -52.78 15.36 -7.17
CA LYS M 31 -52.11 16.56 -6.71
C LYS M 31 -50.73 16.27 -6.13
N VAL M 32 -50.05 15.23 -6.65
CA VAL M 32 -48.72 14.91 -6.16
C VAL M 32 -47.71 15.92 -6.70
N ARG M 33 -46.58 16.02 -5.99
CA ARG M 33 -45.57 17.02 -6.33
C ARG M 33 -44.76 16.63 -7.56
N TYR M 34 -44.48 15.34 -7.74
CA TYR M 34 -43.67 14.84 -8.85
C TYR M 34 -44.45 13.74 -9.56
N PRO M 35 -45.36 14.11 -10.46
CA PRO M 35 -46.24 13.11 -11.06
C PRO M 35 -45.61 12.32 -12.20
N VAL M 36 -44.68 12.93 -12.93
CA VAL M 36 -44.14 12.31 -14.14
C VAL M 36 -43.18 11.19 -13.73
N LEU M 37 -43.46 9.98 -14.20
CA LEU M 37 -42.60 8.82 -13.97
C LEU M 37 -41.90 8.48 -15.27
N VAL M 38 -40.56 8.50 -15.24
CA VAL M 38 -39.75 8.36 -16.44
C VAL M 38 -38.86 7.14 -16.27
N ARG M 39 -38.77 6.32 -17.32
CA ARG M 39 -37.92 5.14 -17.34
C ARG M 39 -36.74 5.37 -18.28
N PHE M 40 -35.55 4.99 -17.83
CA PHE M 40 -34.33 5.21 -18.58
C PHE M 40 -33.68 3.88 -18.91
N THR M 41 -32.81 3.90 -19.92
CA THR M 41 -32.08 2.70 -20.31
C THR M 41 -30.83 2.50 -19.48
N LYS M 42 -30.25 3.58 -18.96
CA LYS M 42 -29.03 3.52 -18.16
C LYS M 42 -29.39 3.53 -16.69
N VAL M 43 -28.95 2.49 -15.96
CA VAL M 43 -29.15 2.45 -14.52
C VAL M 43 -28.25 3.48 -13.86
N ASN M 44 -28.73 4.05 -12.76
CA ASN M 44 -27.94 5.03 -12.02
C ASN M 44 -26.93 4.30 -11.14
N TYR M 45 -26.26 5.04 -10.26
CA TYR M 45 -25.26 4.44 -9.39
C TYR M 45 -25.86 3.49 -8.38
N ALA M 46 -27.14 3.66 -8.05
CA ALA M 46 -27.82 2.78 -7.11
C ALA M 46 -28.46 1.57 -7.78
N GLY M 47 -28.44 1.51 -9.11
CA GLY M 47 -29.00 0.41 -9.86
C GLY M 47 -30.39 0.63 -10.41
N THR M 48 -31.09 1.65 -9.93
CA THR M 48 -32.43 1.93 -10.43
C THR M 48 -32.37 2.55 -11.82
N ASN M 49 -33.46 2.38 -12.57
CA ASN M 49 -33.56 2.91 -13.92
C ASN M 49 -34.84 3.72 -14.12
N THR M 50 -35.48 4.15 -13.03
CA THR M 50 -36.71 4.93 -13.13
C THR M 50 -36.76 5.92 -11.97
N ASN M 51 -37.49 7.01 -12.19
CA ASN M 51 -37.61 8.05 -11.18
C ASN M 51 -38.81 8.92 -11.47
N ASN M 52 -39.35 9.54 -10.42
CA ASN M 52 -40.47 10.45 -10.54
C ASN M 52 -39.96 11.88 -10.66
N PHE M 53 -40.46 12.61 -11.65
CA PHE M 53 -40.02 13.97 -11.93
C PHE M 53 -41.21 14.91 -11.93
N GLY M 54 -40.94 16.19 -11.64
CA GLY M 54 -41.97 17.19 -11.70
C GLY M 54 -42.30 17.60 -13.12
N LEU M 55 -43.34 18.41 -13.27
CA LEU M 55 -43.77 18.83 -14.60
C LEU M 55 -42.80 19.83 -15.20
N ASN M 56 -42.13 20.62 -14.37
CA ASN M 56 -41.16 21.61 -14.84
C ASN M 56 -39.74 21.07 -14.92
N GLU M 57 -39.53 19.81 -14.53
CA GLU M 57 -38.20 19.19 -14.60
C GLU M 57 -38.05 18.26 -15.80
N VAL M 58 -39.05 18.18 -16.67
CA VAL M 58 -38.99 17.35 -17.87
C VAL M 58 -39.36 18.21 -19.07
N GLU M 59 -38.65 18.02 -20.17
CA GLU M 59 -38.90 18.75 -21.41
C GLU M 59 -39.08 17.73 -22.53
N GLU M 60 -40.25 17.76 -23.17
CA GLU M 60 -40.56 16.76 -24.20
C GLU M 60 -39.68 16.96 -25.42
N VAL M 61 -39.18 15.86 -25.97
CA VAL M 61 -38.40 15.88 -27.19
C VAL M 61 -39.35 15.90 -28.37
N VAL M 62 -39.01 16.68 -29.40
CA VAL M 62 -39.84 16.84 -30.59
C VAL M 62 -40.11 15.50 -31.27
N ASP N 25 28.00 14.86 -36.97
CA ASP N 25 26.96 15.47 -37.78
C ASP N 25 25.89 16.11 -36.91
N ILE N 26 24.67 15.59 -37.00
CA ILE N 26 23.55 16.14 -36.26
C ILE N 26 23.75 15.87 -34.77
N GLY N 27 23.82 16.94 -33.98
CA GLY N 27 23.98 16.79 -32.55
C GLY N 27 25.34 16.28 -32.12
N GLY N 28 26.35 16.43 -32.96
CA GLY N 28 27.68 15.95 -32.64
C GLY N 28 27.89 14.46 -32.86
N LEU N 29 26.88 13.75 -33.33
CA LEU N 29 26.99 12.32 -33.57
C LEU N 29 27.77 12.06 -34.86
N ASN N 30 28.19 10.81 -35.03
CA ASN N 30 28.91 10.38 -36.20
C ASN N 30 28.28 9.10 -36.75
N PRO N 31 28.39 8.85 -38.05
CA PRO N 31 27.84 7.63 -38.61
C PRO N 31 28.47 6.39 -37.98
N CYS N 32 27.65 5.36 -37.78
CA CYS N 32 28.13 4.13 -37.15
C CYS N 32 29.10 3.36 -38.04
N LYS N 33 29.08 3.62 -39.36
CA LYS N 33 30.03 2.97 -40.24
C LYS N 33 31.46 3.42 -39.99
N ASP N 34 31.66 4.58 -39.39
CA ASP N 34 32.98 5.11 -39.09
C ASP N 34 33.22 5.26 -37.60
N SER N 35 32.42 4.60 -36.77
CA SER N 35 32.54 4.68 -35.32
C SER N 35 33.39 3.50 -34.85
N GLU N 36 34.57 3.81 -34.32
CA GLU N 36 35.49 2.76 -33.86
C GLU N 36 34.88 1.98 -32.70
N VAL N 37 34.21 2.66 -31.78
CA VAL N 37 33.61 1.99 -30.64
C VAL N 37 32.52 1.01 -31.06
N PHE N 38 31.82 1.31 -32.16
CA PHE N 38 30.84 0.37 -32.69
C PHE N 38 31.50 -0.93 -33.12
N GLN N 39 32.61 -0.83 -33.85
CA GLN N 39 33.33 -2.03 -34.26
C GLN N 39 33.94 -2.75 -33.07
N LYS N 40 34.37 -2.00 -32.04
CA LYS N 40 34.85 -2.64 -30.82
C LYS N 40 33.76 -3.44 -30.15
N ARG N 41 32.54 -2.88 -30.10
CA ARG N 41 31.41 -3.61 -29.53
C ARG N 41 31.14 -4.89 -30.32
N LEU N 42 31.15 -4.79 -31.65
CA LEU N 42 30.92 -5.97 -32.48
C LEU N 42 31.99 -7.03 -32.23
N ALA N 43 33.25 -6.61 -32.17
CA ALA N 43 34.35 -7.55 -31.97
C ALA N 43 34.26 -8.21 -30.60
N LYS N 44 33.92 -7.44 -29.56
CA LYS N 44 33.81 -8.01 -28.22
C LYS N 44 32.66 -9.01 -28.14
N THR N 45 31.51 -8.68 -28.73
CA THR N 45 30.39 -9.62 -28.72
C THR N 45 30.73 -10.90 -29.46
N VAL N 46 31.37 -10.77 -30.63
CA VAL N 46 31.76 -11.95 -31.40
C VAL N 46 32.78 -12.78 -30.64
N LYS N 47 33.73 -12.12 -29.97
CA LYS N 47 34.74 -12.85 -29.20
C LYS N 47 34.11 -13.61 -28.05
N LYS N 48 33.17 -12.99 -27.34
CA LYS N 48 32.48 -13.68 -26.26
C LYS N 48 31.71 -14.88 -26.78
N LEU N 49 31.02 -14.72 -27.92
CA LEU N 49 30.26 -15.82 -28.49
C LEU N 49 31.17 -16.96 -28.92
N GLU N 50 32.33 -16.63 -29.51
CA GLU N 50 33.27 -17.66 -29.93
C GLU N 50 33.88 -18.38 -28.73
N ASN N 51 34.20 -17.64 -27.67
CA ASN N 51 34.70 -18.28 -26.45
C ASN N 51 33.67 -19.23 -25.87
N ARG N 52 32.39 -18.83 -25.89
CA ARG N 52 31.33 -19.76 -25.50
C ARG N 52 31.28 -20.96 -26.44
N LEU N 53 31.49 -20.73 -27.73
CA LEU N 53 31.45 -21.81 -28.72
C LEU N 53 32.57 -22.81 -28.50
N LYS N 54 33.69 -22.38 -27.91
CA LYS N 54 34.85 -23.25 -27.77
C LYS N 54 34.58 -24.41 -26.81
N LYS N 55 33.66 -24.25 -25.87
CA LYS N 55 33.45 -25.25 -24.82
C LYS N 55 32.46 -26.34 -25.22
N TYR N 56 31.99 -26.35 -26.45
CA TYR N 56 31.14 -27.42 -26.96
C TYR N 56 31.90 -28.22 -28.01
N GLU N 57 31.27 -29.28 -28.50
CA GLU N 57 31.95 -30.28 -29.32
C GLU N 57 31.30 -30.42 -30.69
N GLU N 58 32.14 -30.43 -31.73
CA GLU N 58 31.79 -30.84 -33.10
C GLU N 58 30.55 -30.09 -33.59
N GLY N 59 29.81 -30.72 -34.50
CA GLY N 59 28.61 -30.10 -35.06
C GLY N 59 27.37 -30.37 -34.25
N THR N 60 27.51 -30.28 -32.93
CA THR N 60 26.39 -30.54 -32.04
C THR N 60 25.47 -29.35 -31.97
N PRO N 61 24.19 -29.56 -31.72
CA PRO N 61 23.21 -28.46 -31.79
C PRO N 61 23.63 -27.24 -31.00
N PRO N 62 24.27 -27.37 -29.83
CA PRO N 62 24.76 -26.15 -29.16
C PRO N 62 25.71 -25.32 -30.01
N GLN N 63 26.64 -25.97 -30.70
CA GLN N 63 27.57 -25.23 -31.56
C GLN N 63 26.85 -24.59 -32.73
N ILE N 64 25.85 -25.28 -33.29
CA ILE N 64 25.06 -24.71 -34.38
C ILE N 64 24.32 -23.46 -33.89
N ALA N 65 23.74 -23.54 -32.69
CA ALA N 65 23.01 -22.39 -32.15
C ALA N 65 23.94 -21.22 -31.90
N ILE N 66 25.13 -21.48 -31.34
CA ILE N 66 26.06 -20.38 -31.08
C ILE N 66 26.57 -19.78 -32.40
N GLN N 67 26.80 -20.63 -33.41
CA GLN N 67 27.21 -20.11 -34.71
C GLN N 67 26.11 -19.26 -35.34
N GLN N 68 24.86 -19.68 -35.19
CA GLN N 68 23.75 -18.85 -35.67
C GLN N 68 23.69 -17.53 -34.93
N GLN N 69 23.97 -17.56 -33.62
CA GLN N 69 24.03 -16.32 -32.85
C GLN N 69 25.11 -15.39 -33.39
N ILE N 70 26.29 -15.94 -33.70
CA ILE N 70 27.39 -15.15 -34.23
C ILE N 70 27.01 -14.55 -35.58
N THR N 71 26.41 -15.36 -36.45
CA THR N 71 26.02 -14.89 -37.77
C THR N 71 24.97 -13.77 -37.66
N GLN N 72 23.98 -13.95 -36.79
CA GLN N 72 22.95 -12.93 -36.61
C GLN N 72 23.54 -11.65 -36.03
N THR N 73 24.48 -11.77 -35.10
CA THR N 73 25.12 -10.58 -34.54
C THR N 73 25.87 -9.81 -35.61
N LYS N 74 26.63 -10.54 -36.44
CA LYS N 74 27.37 -9.88 -37.52
C LYS N 74 26.41 -9.22 -38.51
N GLN N 75 25.33 -9.91 -38.87
CA GLN N 75 24.37 -9.34 -39.81
C GLN N 75 23.71 -8.08 -39.24
N ARG N 76 23.33 -8.13 -37.96
CA ARG N 76 22.70 -6.97 -37.34
C ARG N 76 23.64 -5.78 -37.28
N PHE N 77 24.91 -6.03 -36.90
CA PHE N 77 25.87 -4.92 -36.85
C PHE N 77 26.13 -4.35 -38.24
N THR N 78 26.24 -5.22 -39.25
CA THR N 78 26.46 -4.74 -40.62
C THR N 78 25.26 -3.92 -41.10
N ARG N 79 24.05 -4.38 -40.81
CA ARG N 79 22.86 -3.65 -41.23
C ARG N 79 22.76 -2.31 -40.54
N TYR N 80 23.09 -2.26 -39.24
CA TYR N 80 23.06 -0.98 -38.52
C TYR N 80 24.12 -0.03 -39.06
N ALA N 81 25.28 -0.56 -39.44
CA ALA N 81 26.33 0.29 -40.02
C ALA N 81 25.87 0.92 -41.32
N ASP N 82 25.25 0.13 -42.19
CA ASP N 82 24.80 0.61 -43.50
C ASP N 82 23.32 0.99 -43.45
N SER N 83 22.98 1.90 -42.53
CA SER N 83 21.58 2.26 -42.34
C SER N 83 21.36 3.74 -42.10
N ASN N 84 22.34 4.59 -42.40
CA ASN N 84 22.26 6.03 -42.11
C ASN N 84 21.94 6.25 -40.63
N LEU N 85 22.62 5.47 -39.78
CA LEU N 85 22.42 5.54 -38.33
C LEU N 85 23.58 6.30 -37.70
N LEU N 86 23.25 7.23 -36.81
CA LEU N 86 24.25 8.04 -36.12
C LEU N 86 24.54 7.42 -34.76
N CYS N 87 25.83 7.25 -34.47
CA CYS N 87 26.27 6.64 -33.22
C CYS N 87 26.96 7.69 -32.37
N GLY N 88 26.73 7.62 -31.06
CA GLY N 88 27.35 8.53 -30.12
C GLY N 88 28.74 8.09 -29.73
N ASN N 89 29.17 8.57 -28.56
CA ASN N 89 30.48 8.18 -28.03
C ASN N 89 30.48 6.80 -27.39
N ASP N 90 29.30 6.18 -27.24
CA ASP N 90 29.19 4.84 -26.69
C ASP N 90 29.07 3.76 -27.75
N GLY N 91 29.08 4.14 -29.03
CA GLY N 91 28.95 3.16 -30.09
C GLY N 91 27.59 2.49 -30.16
N LEU N 92 26.53 3.26 -29.95
CA LEU N 92 25.17 2.74 -30.05
C LEU N 92 24.36 3.64 -30.95
N PRO N 93 23.47 3.08 -31.77
CA PRO N 93 22.71 3.89 -32.72
C PRO N 93 21.77 4.84 -31.99
N HIS N 94 21.90 6.13 -32.30
CA HIS N 94 21.02 7.16 -31.75
C HIS N 94 19.97 7.53 -32.78
N LEU N 95 18.75 7.80 -32.32
CA LEU N 95 17.63 8.09 -33.19
C LEU N 95 17.48 9.61 -33.33
N ILE N 96 17.37 10.06 -34.58
CA ILE N 96 17.21 11.48 -34.89
C ILE N 96 15.73 11.68 -35.20
N THR N 97 14.97 12.17 -34.21
CA THR N 97 13.53 12.31 -34.31
C THR N 97 13.08 13.76 -34.30
N ASP N 98 13.92 14.68 -34.77
CA ASP N 98 13.53 16.07 -34.85
C ASP N 98 12.52 16.31 -35.96
N GLY N 99 12.44 15.42 -36.94
CA GLY N 99 11.46 15.54 -38.00
C GLY N 99 12.07 15.52 -39.39
N ARG N 100 13.39 15.57 -39.49
CA ARG N 100 14.04 15.60 -40.79
C ARG N 100 13.83 14.29 -41.53
N TRP N 101 13.57 14.39 -42.83
CA TRP N 101 13.30 13.19 -43.64
C TRP N 101 14.56 12.38 -43.89
N SER N 102 15.75 12.96 -43.67
CA SER N 102 16.98 12.20 -43.86
C SER N 102 17.01 10.98 -42.97
N HIS N 103 16.76 11.17 -41.68
CA HIS N 103 16.54 10.06 -40.75
C HIS N 103 15.04 9.78 -40.59
N GLY N 104 14.33 9.65 -41.71
CA GLY N 104 12.90 9.45 -41.65
C GLY N 104 12.46 8.04 -41.35
N SER N 105 13.34 7.06 -41.58
CA SER N 105 13.01 5.66 -41.31
C SER N 105 13.15 5.28 -39.85
N GLU N 106 13.67 6.19 -39.01
CA GLU N 106 13.84 5.88 -37.60
C GLU N 106 12.56 6.13 -36.81
N PHE N 107 11.93 7.28 -37.01
CA PHE N 107 10.71 7.63 -36.30
C PHE N 107 9.53 7.90 -37.22
N LEU N 108 9.73 8.66 -38.29
CA LEU N 108 8.59 9.20 -39.05
C LEU N 108 7.81 8.08 -39.75
N LEU N 109 8.51 7.20 -40.47
CA LEU N 109 7.82 6.10 -41.14
C LEU N 109 7.18 5.12 -40.14
N PRO N 110 7.86 4.68 -39.08
CA PRO N 110 7.15 3.89 -38.06
C PRO N 110 6.01 4.66 -37.42
N SER N 111 6.14 5.99 -37.29
CA SER N 111 5.05 6.79 -36.75
C SER N 111 3.82 6.71 -37.65
N ILE N 112 4.03 6.84 -38.97
CA ILE N 112 2.92 6.74 -39.90
C ILE N 112 2.30 5.35 -39.86
N LEU N 113 3.15 4.32 -39.81
CA LEU N 113 2.64 2.95 -39.76
C LEU N 113 1.78 2.72 -38.52
N PHE N 114 2.28 3.16 -37.35
CA PHE N 114 1.48 2.98 -36.14
C PHE N 114 0.21 3.80 -36.19
N LEU N 115 0.27 5.03 -36.70
CA LEU N 115 -0.93 5.84 -36.76
C LEU N 115 -1.98 5.16 -37.61
N TYR N 116 -1.56 4.57 -38.75
CA TYR N 116 -2.50 3.83 -39.58
C TYR N 116 -3.11 2.66 -38.83
N ILE N 117 -2.26 1.84 -38.19
CA ILE N 117 -2.76 0.63 -37.53
C ILE N 117 -3.68 0.98 -36.36
N SER N 118 -3.27 1.95 -35.53
CA SER N 118 -4.05 2.32 -34.36
C SER N 118 -5.34 3.01 -34.75
N GLY N 119 -5.32 3.85 -35.80
CA GLY N 119 -6.55 4.42 -36.30
C GLY N 119 -7.49 3.35 -36.83
N TRP N 120 -6.93 2.33 -37.48
CA TRP N 120 -7.73 1.18 -37.90
C TRP N 120 -8.42 0.53 -36.71
N ILE N 121 -7.65 0.25 -35.64
CA ILE N 121 -8.21 -0.42 -34.47
C ILE N 121 -9.31 0.44 -33.84
N GLY N 122 -9.01 1.72 -33.61
CA GLY N 122 -9.99 2.61 -33.00
C GLY N 122 -11.23 2.77 -33.85
N TRP N 123 -11.06 2.88 -35.17
CA TRP N 123 -12.20 3.05 -36.05
C TRP N 123 -13.09 1.81 -36.05
N VAL N 124 -12.51 0.62 -36.12
CA VAL N 124 -13.35 -0.57 -36.13
C VAL N 124 -14.03 -0.76 -34.78
N GLY N 125 -13.34 -0.44 -33.68
CA GLY N 125 -13.98 -0.51 -32.38
C GLY N 125 -15.15 0.45 -32.25
N ARG N 126 -14.96 1.70 -32.69
CA ARG N 126 -16.01 2.69 -32.63
C ARG N 126 -17.18 2.31 -33.52
N LYS N 127 -16.90 1.81 -34.72
CA LYS N 127 -17.96 1.41 -35.63
C LYS N 127 -18.75 0.24 -35.07
N TYR N 128 -18.08 -0.73 -34.45
CA TYR N 128 -18.80 -1.84 -33.83
C TYR N 128 -19.65 -1.36 -32.66
N ILE N 129 -19.10 -0.45 -31.84
CA ILE N 129 -19.86 0.07 -30.71
C ILE N 129 -21.11 0.79 -31.19
N ARG N 130 -20.97 1.62 -32.22
CA ARG N 130 -22.13 2.38 -32.71
C ARG N 130 -23.11 1.49 -33.46
N THR N 131 -22.65 0.38 -34.03
CA THR N 131 -23.52 -0.49 -34.81
C THR N 131 -24.39 -1.36 -33.91
N VAL N 132 -23.78 -2.02 -32.92
CA VAL N 132 -24.55 -2.82 -31.96
C VAL N 132 -25.20 -1.95 -30.90
N GLY N 133 -24.95 -0.65 -30.89
CA GLY N 133 -25.63 0.25 -29.99
C GLY N 133 -27.05 0.58 -30.39
N GLN N 134 -27.47 0.19 -31.59
CA GLN N 134 -28.81 0.41 -32.09
C GLN N 134 -29.62 -0.87 -32.20
N THR N 135 -29.23 -1.91 -31.47
CA THR N 135 -29.95 -3.18 -31.45
C THR N 135 -30.71 -3.32 -30.14
N SER N 136 -31.48 -4.40 -30.03
CA SER N 136 -32.33 -4.60 -28.86
C SER N 136 -31.51 -4.78 -27.59
N ASN N 137 -30.39 -5.50 -27.66
CA ASN N 137 -29.57 -5.82 -26.50
C ASN N 137 -28.14 -5.40 -26.78
N PRO N 138 -27.85 -4.09 -26.68
CA PRO N 138 -26.48 -3.63 -26.96
C PRO N 138 -25.44 -4.20 -26.02
N THR N 139 -25.79 -4.42 -24.75
CA THR N 139 -24.80 -4.91 -23.79
C THR N 139 -24.47 -6.37 -24.02
N GLU N 140 -25.43 -7.16 -24.50
CA GLU N 140 -25.17 -8.57 -24.76
C GLU N 140 -24.15 -8.74 -25.88
N LYS N 141 -24.23 -7.90 -26.91
CA LYS N 141 -23.33 -8.00 -28.06
C LYS N 141 -21.94 -7.47 -27.77
N GLU N 142 -21.64 -7.10 -26.52
CA GLU N 142 -20.31 -6.64 -26.14
C GLU N 142 -19.50 -7.70 -25.40
N ILE N 143 -20.15 -8.64 -24.73
CA ILE N 143 -19.45 -9.76 -24.10
C ILE N 143 -19.49 -10.96 -25.04
N ILE N 144 -20.51 -11.01 -25.89
CA ILE N 144 -20.65 -12.06 -26.89
C ILE N 144 -20.64 -11.34 -28.24
N ILE N 145 -19.46 -11.27 -28.86
CA ILE N 145 -19.29 -10.49 -30.07
C ILE N 145 -20.04 -11.11 -31.22
N ASP N 146 -20.69 -10.28 -32.03
CA ASP N 146 -21.29 -10.72 -33.29
C ASP N 146 -20.15 -10.87 -34.29
N VAL N 147 -19.58 -12.08 -34.32
CA VAL N 147 -18.39 -12.32 -35.15
C VAL N 147 -18.63 -11.99 -36.62
N PRO N 148 -19.77 -12.32 -37.24
CA PRO N 148 -19.99 -11.87 -38.62
C PRO N 148 -19.90 -10.35 -38.77
N LEU N 149 -20.64 -9.61 -37.94
CA LEU N 149 -20.58 -8.15 -38.01
C LEU N 149 -19.20 -7.63 -37.63
N ALA N 150 -18.56 -8.27 -36.65
CA ALA N 150 -17.21 -7.85 -36.26
C ALA N 150 -16.23 -7.99 -37.42
N ILE N 151 -16.28 -9.12 -38.12
CA ILE N 151 -15.41 -9.33 -39.27
C ILE N 151 -15.76 -8.34 -40.37
N SER N 152 -17.05 -8.05 -40.56
CA SER N 152 -17.45 -7.08 -41.57
C SER N 152 -16.86 -5.71 -41.28
N ILE N 153 -16.89 -5.28 -40.03
CA ILE N 153 -16.40 -3.95 -39.67
C ILE N 153 -14.88 -3.91 -39.69
N MET N 154 -14.22 -4.97 -39.21
CA MET N 154 -12.77 -4.95 -39.03
C MET N 154 -12.03 -4.82 -40.36
N THR N 155 -12.47 -5.53 -41.38
CA THR N 155 -11.83 -5.43 -42.69
C THR N 155 -12.17 -4.15 -43.42
N SER N 156 -13.07 -3.33 -42.88
CA SER N 156 -13.45 -2.06 -43.47
C SER N 156 -12.65 -0.90 -42.89
N GLY N 157 -11.72 -1.16 -41.98
CA GLY N 157 -10.93 -0.11 -41.37
C GLY N 157 -9.76 0.40 -42.18
N PHE N 158 -9.50 -0.18 -43.35
CA PHE N 158 -8.41 0.29 -44.20
C PHE N 158 -8.68 1.68 -44.75
N LEU N 159 -9.94 2.13 -44.73
CA LEU N 159 -10.32 3.46 -45.16
C LEU N 159 -10.57 4.40 -43.98
N TRP N 160 -10.06 4.05 -42.81
CA TRP N 160 -10.33 4.88 -41.63
C TRP N 160 -9.90 6.34 -41.79
N PRO N 161 -8.76 6.68 -42.41
CA PRO N 161 -8.51 8.12 -42.63
C PRO N 161 -9.55 8.78 -43.50
N PHE N 162 -10.05 8.07 -44.52
CA PHE N 162 -11.08 8.63 -45.39
C PHE N 162 -12.45 8.62 -44.72
N ALA N 163 -12.77 7.55 -43.98
CA ALA N 163 -14.05 7.48 -43.29
C ALA N 163 -14.14 8.53 -42.20
N ALA N 164 -13.05 8.77 -41.49
CA ALA N 164 -13.04 9.80 -40.45
C ALA N 164 -13.25 11.19 -41.05
N TRP N 165 -12.53 11.49 -42.13
CA TRP N 165 -12.80 12.75 -42.83
C TRP N 165 -13.83 12.56 -43.93
N GLN N 166 -14.90 11.85 -43.59
CA GLN N 166 -16.19 11.90 -44.27
C GLN N 166 -17.34 11.88 -43.29
N GLU N 167 -17.10 11.49 -42.05
CA GLU N 167 -18.07 11.52 -40.96
C GLU N 167 -17.93 12.79 -40.12
N PHE N 168 -16.72 13.33 -40.01
CA PHE N 168 -16.54 14.62 -39.36
C PHE N 168 -17.19 15.73 -40.18
N LEU N 169 -17.11 15.64 -41.50
CA LEU N 169 -17.74 16.64 -42.36
C LEU N 169 -19.25 16.64 -42.23
N SER N 170 -19.84 15.46 -42.07
CA SER N 170 -21.29 15.33 -41.95
C SER N 170 -21.78 15.54 -40.54
N GLY N 171 -20.90 15.82 -39.59
CA GLY N 171 -21.30 16.04 -38.21
C GLY N 171 -21.66 14.80 -37.44
N ASP N 172 -21.40 13.62 -37.99
CA ASP N 172 -21.72 12.36 -37.35
C ASP N 172 -20.61 11.84 -36.45
N LEU N 173 -19.49 12.55 -36.35
CA LEU N 173 -18.37 12.10 -35.54
C LEU N 173 -18.41 12.61 -34.11
N ILE N 174 -19.05 13.75 -33.87
CA ILE N 174 -18.99 14.43 -32.58
C ILE N 174 -20.40 14.64 -32.04
N ALA N 175 -20.60 14.32 -30.77
CA ALA N 175 -21.82 14.71 -30.07
C ALA N 175 -21.73 16.17 -29.63
N SER N 176 -22.89 16.78 -29.40
CA SER N 176 -22.94 18.22 -29.13
C SER N 176 -23.39 18.55 -27.70
N ASP N 177 -24.60 18.17 -27.32
CA ASP N 177 -25.09 18.50 -25.98
C ASP N 177 -25.92 17.41 -25.32
N GLU N 178 -26.08 16.25 -25.95
CA GLU N 178 -26.67 15.11 -25.27
C GLU N 178 -25.69 14.47 -24.29
N THR N 179 -24.42 14.86 -24.35
CA THR N 179 -23.45 14.36 -23.40
C THR N 179 -23.76 14.87 -22.00
N ILE N 180 -23.54 14.01 -21.01
CA ILE N 180 -23.90 14.32 -19.63
C ILE N 180 -22.80 15.16 -18.98
N THR N 181 -23.20 15.99 -18.03
CA THR N 181 -22.27 16.85 -17.31
C THR N 181 -22.59 16.78 -15.82
N THR N 182 -21.57 16.94 -14.99
CA THR N 182 -21.75 16.92 -13.55
C THR N 182 -22.49 18.18 -13.09
N SER N 183 -22.73 18.27 -11.79
CA SER N 183 -23.50 19.38 -11.25
C SER N 183 -22.85 20.74 -11.48
N PRO N 184 -21.56 20.96 -11.18
CA PRO N 184 -21.04 22.31 -11.42
C PRO N 184 -20.64 22.55 -12.87
N GLU O 44 -17.82 56.22 -15.86
CA GLU O 44 -17.18 54.96 -15.50
C GLU O 44 -17.65 53.81 -16.39
N SER O 45 -17.74 52.62 -15.81
CA SER O 45 -18.20 51.42 -16.50
C SER O 45 -17.31 51.12 -17.72
N THR O 46 -16.05 50.80 -17.42
CA THR O 46 -15.10 50.43 -18.46
C THR O 46 -15.47 49.13 -19.16
N TYR O 47 -16.39 48.34 -18.60
CA TYR O 47 -16.83 47.12 -19.26
C TYR O 47 -17.54 47.45 -20.57
N TRP O 48 -17.26 46.65 -21.59
CA TRP O 48 -17.81 46.91 -22.92
C TRP O 48 -18.06 45.59 -23.63
N GLU O 49 -19.03 45.61 -24.55
CA GLU O 49 -19.36 44.44 -25.35
C GLU O 49 -19.53 44.76 -26.83
N GLY O 50 -19.44 46.01 -27.24
CA GLY O 50 -19.66 46.36 -28.63
C GLY O 50 -18.47 46.09 -29.52
N LYS O 51 -18.20 47.00 -30.46
CA LYS O 51 -17.07 46.85 -31.36
C LYS O 51 -15.79 47.42 -30.77
N ALA O 52 -15.89 48.53 -30.04
CA ALA O 52 -14.74 49.18 -29.43
C ALA O 52 -15.10 49.60 -28.02
N PRO O 53 -14.11 49.65 -27.12
CA PRO O 53 -14.38 50.11 -25.76
C PRO O 53 -14.68 51.60 -25.73
N PRO O 54 -15.38 52.07 -24.70
CA PRO O 54 -15.60 53.52 -24.58
C PRO O 54 -14.29 54.25 -24.34
N SER O 55 -14.29 55.53 -24.69
CA SER O 55 -13.08 56.34 -24.60
C SER O 55 -12.61 56.53 -23.17
N VAL O 56 -13.44 56.22 -22.17
CA VAL O 56 -13.03 56.37 -20.78
C VAL O 56 -11.89 55.43 -20.40
N VAL O 57 -11.71 54.33 -21.13
CA VAL O 57 -10.63 53.40 -20.83
C VAL O 57 -9.26 53.96 -21.15
N LEU O 58 -9.21 55.07 -21.90
CA LEU O 58 -7.94 55.70 -22.26
C LEU O 58 -7.45 56.69 -21.20
N GLY O 59 -8.23 56.93 -20.15
CA GLY O 59 -7.87 57.90 -19.15
C GLY O 59 -8.29 59.29 -19.55
N PRO O 60 -8.41 60.19 -18.58
CA PRO O 60 -8.87 61.55 -18.89
C PRO O 60 -7.73 62.44 -19.37
N PHE O 61 -6.87 61.89 -20.19
CA PHE O 61 -5.89 62.62 -20.99
C PHE O 61 -5.90 62.16 -22.44
N LEU O 62 -6.04 60.86 -22.68
CA LEU O 62 -6.18 60.33 -24.03
C LEU O 62 -7.63 60.27 -24.48
N SER O 63 -8.58 60.39 -23.56
CA SER O 63 -9.99 60.37 -23.95
C SER O 63 -10.37 61.57 -24.81
N LYS O 64 -9.55 62.63 -24.80
CA LYS O 64 -9.87 63.87 -25.48
C LYS O 64 -8.92 64.17 -26.63
N ILE O 65 -8.02 63.26 -26.95
CA ILE O 65 -7.13 63.45 -28.10
C ILE O 65 -7.87 62.99 -29.36
N PRO O 66 -7.95 63.81 -30.40
CA PRO O 66 -8.54 63.33 -31.66
C PRO O 66 -7.71 62.19 -32.24
N SER O 67 -8.40 61.26 -32.90
CA SER O 67 -7.70 60.12 -33.49
C SER O 67 -6.73 60.56 -34.58
N GLY O 68 -7.06 61.65 -35.29
CA GLY O 68 -6.14 62.19 -36.28
C GLY O 68 -4.86 62.73 -35.70
N VAL O 69 -4.81 62.93 -34.39
CA VAL O 69 -3.57 63.29 -33.72
C VAL O 69 -2.84 62.06 -33.19
N LEU O 70 -3.58 61.14 -32.56
CA LEU O 70 -2.96 59.96 -31.98
C LEU O 70 -2.34 59.06 -33.06
N GLY O 71 -3.03 58.88 -34.18
CA GLY O 71 -2.56 57.99 -35.22
C GLY O 71 -1.20 58.36 -35.76
N PRO O 72 -1.10 59.53 -36.39
CA PRO O 72 0.23 59.98 -36.86
C PRO O 72 1.26 60.07 -35.74
N ALA O 73 0.84 60.48 -34.53
CA ALA O 73 1.78 60.49 -33.42
C ALA O 73 2.27 59.09 -33.09
N SER O 74 1.37 58.10 -33.13
CA SER O 74 1.78 56.72 -32.88
C SER O 74 2.75 56.23 -33.93
N LEU O 75 2.48 56.52 -35.20
CA LEU O 75 3.38 56.09 -36.27
C LEU O 75 4.75 56.76 -36.13
N VAL O 76 4.76 58.06 -35.82
CA VAL O 76 6.02 58.78 -35.65
C VAL O 76 6.80 58.21 -34.47
N ALA O 77 6.11 57.93 -33.37
CA ALA O 77 6.78 57.37 -32.20
C ALA O 77 7.35 55.99 -32.50
N LEU O 78 6.60 55.16 -33.25
CA LEU O 78 7.11 53.84 -33.60
C LEU O 78 8.35 53.95 -34.48
N ILE O 79 8.31 54.82 -35.48
CA ILE O 79 9.46 54.98 -36.37
C ILE O 79 10.67 55.49 -35.59
N VAL O 80 10.45 56.50 -34.73
CA VAL O 80 11.54 57.07 -33.96
C VAL O 80 12.13 56.03 -33.02
N GLY O 81 11.28 55.25 -32.36
CA GLY O 81 11.78 54.23 -31.45
C GLY O 81 12.54 53.12 -32.16
N SER O 82 12.03 52.69 -33.30
CA SER O 82 12.75 51.67 -34.08
C SER O 82 14.09 52.19 -34.53
N TYR O 83 14.15 53.44 -35.00
CA TYR O 83 15.43 54.01 -35.42
C TYR O 83 16.39 54.15 -34.25
N CYS O 84 15.89 54.56 -33.09
CA CYS O 84 16.76 54.70 -31.92
C CYS O 84 17.30 53.34 -31.48
N THR O 85 16.45 52.32 -31.50
CA THR O 85 16.92 50.96 -31.16
C THR O 85 17.96 50.49 -32.17
N HIS O 86 17.72 50.72 -33.45
CA HIS O 86 18.65 50.29 -34.49
C HIS O 86 19.90 51.14 -34.55
N GLU O 87 19.92 52.30 -33.91
CA GLU O 87 21.13 53.10 -33.87
C GLU O 87 21.96 52.81 -32.62
N SER O 88 21.30 52.55 -31.49
CA SER O 88 22.02 52.12 -30.30
C SER O 88 22.61 50.73 -30.47
N ASN O 89 21.87 49.83 -31.11
CA ASN O 89 22.33 48.47 -31.35
C ASN O 89 22.22 48.14 -32.83
N ILE O 90 22.40 46.87 -33.19
CA ILE O 90 22.13 46.38 -34.54
C ILE O 90 23.05 47.04 -35.56
N PHE O 91 22.82 48.32 -35.86
CA PHE O 91 23.66 49.01 -36.83
C PHE O 91 25.03 49.34 -36.23
N ASN O 92 25.05 49.78 -34.98
CA ASN O 92 26.29 50.05 -34.25
C ASN O 92 26.27 49.25 -32.97
N THR O 93 27.29 48.43 -32.75
CA THR O 93 27.34 47.58 -31.58
C THR O 93 27.47 48.42 -30.31
N LEU O 94 26.78 47.98 -29.25
CA LEU O 94 26.78 48.73 -28.01
C LEU O 94 28.13 48.64 -27.31
N THR O 95 28.46 49.69 -26.57
CA THR O 95 29.70 49.76 -25.82
C THR O 95 29.46 50.60 -24.58
N VAL O 96 30.33 50.44 -23.58
CA VAL O 96 30.19 51.19 -22.34
C VAL O 96 30.21 52.69 -22.62
N ASP O 97 31.07 53.13 -23.52
CA ASP O 97 31.24 54.55 -23.82
C ASP O 97 30.12 55.11 -24.69
N THR O 98 29.24 54.25 -25.23
CA THR O 98 28.18 54.68 -26.15
C THR O 98 26.86 54.11 -25.65
N ILE O 99 26.13 54.91 -24.85
CA ILE O 99 24.82 54.52 -24.34
C ILE O 99 23.72 55.45 -24.84
N TYR O 100 23.99 56.77 -24.90
CA TYR O 100 23.11 57.72 -25.56
C TYR O 100 21.68 57.70 -25.03
N PRO O 101 21.46 58.34 -23.87
CA PRO O 101 20.11 58.41 -23.31
C PRO O 101 19.02 58.79 -24.31
N ALA O 102 19.35 59.53 -25.37
CA ALA O 102 18.35 59.81 -26.40
C ALA O 102 17.88 58.54 -27.08
N TYR O 103 18.83 57.68 -27.48
CA TYR O 103 18.46 56.41 -28.09
C TYR O 103 17.75 55.50 -27.10
N VAL O 104 18.18 55.52 -25.85
CA VAL O 104 17.50 54.72 -24.86
C VAL O 104 16.10 55.25 -24.59
N LEU O 105 16.03 56.50 -24.24
CA LEU O 105 14.73 57.07 -24.03
C LEU O 105 13.94 56.90 -25.29
N GLY O 106 14.58 56.97 -26.43
CA GLY O 106 13.87 56.87 -27.68
C GLY O 106 13.28 55.52 -27.76
N SER O 107 14.15 54.51 -27.70
CA SER O 107 13.70 53.13 -27.76
C SER O 107 12.50 52.92 -26.87
N PHE O 108 12.42 53.63 -25.75
CA PHE O 108 11.19 53.46 -24.96
C PHE O 108 9.90 53.89 -25.65
N LEU O 109 9.91 54.56 -26.78
CA LEU O 109 8.80 54.99 -27.57
C LEU O 109 8.22 53.89 -28.40
N THR O 110 8.98 52.80 -28.60
CA THR O 110 8.49 51.64 -29.32
C THR O 110 7.42 50.94 -28.47
N PRO O 111 7.76 50.54 -27.23
CA PRO O 111 6.68 49.98 -26.41
C PRO O 111 5.52 50.97 -26.34
N ILE O 112 5.82 52.25 -26.12
CA ILE O 112 4.78 53.27 -26.03
C ILE O 112 3.95 53.33 -27.31
N SER O 113 4.62 53.47 -28.44
CA SER O 113 3.93 53.50 -29.72
C SER O 113 2.76 52.52 -29.75
N TRP O 114 2.98 51.29 -29.28
CA TRP O 114 1.93 50.30 -29.24
C TRP O 114 0.76 50.90 -28.54
N GLY O 115 0.94 51.53 -27.40
CA GLY O 115 -0.22 52.03 -26.69
C GLY O 115 -0.90 53.19 -27.41
N LEU O 116 -0.09 54.05 -28.03
CA LEU O 116 -0.62 55.21 -28.71
C LEU O 116 -1.50 54.81 -29.89
N HIS O 117 -1.08 53.83 -30.68
CA HIS O 117 -1.95 53.48 -31.80
C HIS O 117 -3.14 52.65 -31.36
N VAL O 118 -3.03 51.89 -30.28
CA VAL O 118 -4.22 51.24 -29.74
C VAL O 118 -5.24 52.29 -29.33
N ALA O 119 -4.78 53.34 -28.64
CA ALA O 119 -5.67 54.44 -28.28
C ALA O 119 -6.19 55.18 -29.50
N ALA O 120 -5.38 55.30 -30.55
CA ALA O 120 -5.82 55.95 -31.78
C ALA O 120 -6.97 55.18 -32.41
N TRP O 121 -6.86 53.85 -32.48
CA TRP O 121 -7.95 53.04 -33.00
C TRP O 121 -9.20 53.16 -32.14
N ILE O 122 -9.01 53.15 -30.81
CA ILE O 122 -10.17 53.26 -29.91
C ILE O 122 -10.87 54.59 -30.12
N GLN O 123 -10.11 55.68 -30.27
CA GLN O 123 -10.71 56.99 -30.52
C GLN O 123 -11.40 57.04 -31.87
N LYS O 124 -10.77 56.46 -32.90
CA LYS O 124 -11.37 56.48 -34.23
C LYS O 124 -12.70 55.74 -34.25
N MET O 125 -12.78 54.59 -33.59
CA MET O 125 -14.03 53.83 -33.59
C MET O 125 -15.10 54.48 -32.73
N ASN O 126 -14.74 55.37 -31.82
CA ASN O 126 -15.69 56.05 -30.95
C ASN O 126 -16.08 57.42 -31.47
N LYS O 127 -15.89 57.66 -32.77
CA LYS O 127 -16.23 58.94 -33.41
C LYS O 127 -15.52 60.10 -32.73
N ALA O 128 -14.20 59.99 -32.69
CA ALA O 128 -13.36 61.04 -32.09
C ALA O 128 -12.08 61.22 -32.88
N MET P 1 33.32 29.65 36.44
CA MET P 1 32.60 28.81 35.49
C MET P 1 32.99 29.15 34.06
N SER P 2 33.61 28.20 33.38
CA SER P 2 34.05 28.41 32.00
C SER P 2 32.86 28.31 31.05
N LEU P 3 33.10 28.71 29.79
CA LEU P 3 32.07 28.63 28.77
C LEU P 3 31.79 27.19 28.34
N ASP P 4 32.75 26.29 28.51
CA ASP P 4 32.58 24.91 28.09
C ASP P 4 31.73 24.09 29.06
N LEU P 5 31.43 24.63 30.24
CA LEU P 5 30.51 24.00 31.17
C LEU P 5 29.05 24.29 30.83
N LEU P 6 28.80 25.29 29.98
CA LEU P 6 27.43 25.62 29.61
C LEU P 6 26.67 24.49 28.93
N PRO P 7 27.26 23.71 28.01
CA PRO P 7 26.51 22.56 27.48
C PRO P 7 26.06 21.58 28.56
N SER P 8 26.95 21.20 29.47
CA SER P 8 26.57 20.28 30.52
C SER P 8 25.59 20.90 31.51
N PHE P 9 25.55 22.23 31.62
CA PHE P 9 24.56 22.85 32.48
C PHE P 9 23.20 22.93 31.80
N PHE P 10 23.17 23.18 30.49
CA PHE P 10 21.93 23.52 29.79
C PHE P 10 21.25 22.33 29.13
N VAL P 11 22.00 21.45 28.46
CA VAL P 11 21.39 20.33 27.75
C VAL P 11 20.54 19.45 28.67
N PRO P 12 21.04 19.00 29.83
CA PRO P 12 20.13 18.27 30.73
C PRO P 12 18.96 19.13 31.16
N LEU P 13 19.25 20.36 31.58
CA LEU P 13 18.21 21.30 32.00
C LEU P 13 17.09 21.36 30.97
N VAL P 14 17.40 21.83 29.76
CA VAL P 14 16.38 21.94 28.72
C VAL P 14 15.76 20.57 28.50
N GLY P 15 16.55 19.63 27.97
CA GLY P 15 16.04 18.41 27.39
C GLY P 15 15.39 17.45 28.36
N LEU P 16 15.49 17.68 29.67
CA LEU P 16 14.76 16.86 30.62
C LEU P 16 13.80 17.66 31.49
N VAL P 17 14.25 18.77 32.08
CA VAL P 17 13.38 19.53 32.95
C VAL P 17 12.26 20.19 32.16
N LEU P 18 12.59 20.83 31.02
CA LEU P 18 11.54 21.49 30.26
C LEU P 18 10.46 20.51 29.79
N PRO P 19 10.78 19.32 29.28
CA PRO P 19 9.71 18.33 29.05
C PRO P 19 8.87 18.06 30.29
N LEU P 20 9.48 17.91 31.46
CA LEU P 20 8.68 17.55 32.64
C LEU P 20 7.67 18.64 32.98
N PHE P 21 8.13 19.89 33.09
CA PHE P 21 7.22 20.98 33.45
C PHE P 21 6.22 21.24 32.33
N SER P 22 6.65 21.13 31.07
CA SER P 22 5.73 21.33 29.95
C SER P 22 4.64 20.26 29.94
N ILE P 23 5.01 19.00 30.20
CA ILE P 23 4.03 17.93 30.30
C ILE P 23 3.07 18.19 31.45
N ILE P 24 3.59 18.60 32.61
CA ILE P 24 2.72 18.90 33.74
C ILE P 24 1.70 19.97 33.35
N GLY P 25 2.18 21.07 32.78
CA GLY P 25 1.29 22.17 32.43
C GLY P 25 0.28 21.79 31.37
N LEU P 26 0.74 21.09 30.32
CA LEU P 26 -0.16 20.72 29.24
C LEU P 26 -1.20 19.72 29.69
N PHE P 27 -0.80 18.71 30.49
CA PHE P 27 -1.76 17.75 31.01
C PHE P 27 -2.78 18.44 31.90
N LEU P 28 -2.32 19.32 32.80
CA LEU P 28 -3.24 20.04 33.65
C LEU P 28 -4.21 20.86 32.83
N TYR P 29 -3.71 21.54 31.79
CA TYR P 29 -4.57 22.41 30.99
C TYR P 29 -5.60 21.60 30.20
N ILE P 30 -5.16 20.54 29.53
CA ILE P 30 -6.08 19.76 28.69
C ILE P 30 -7.01 18.88 29.52
N GLU P 31 -6.73 18.67 30.80
CA GLU P 31 -7.63 17.92 31.66
C GLU P 31 -8.49 18.82 32.54
N LYS P 32 -8.52 20.12 32.28
CA LYS P 32 -9.34 21.02 33.08
C LYS P 32 -10.81 20.80 32.81
N GLU P 33 -11.65 21.43 33.63
CA GLU P 33 -13.09 21.39 33.47
C GLU P 33 -13.65 22.80 33.43
N ASN P 34 -14.97 22.94 33.47
CA ASN P 34 -15.60 24.25 33.45
C ASN P 34 -16.62 24.39 34.58
N MET Q 1 -23.58 -28.05 -32.66
CA MET Q 1 -22.53 -27.06 -32.90
C MET Q 1 -23.10 -25.67 -33.10
N LYS Q 2 -24.28 -25.42 -32.52
CA LYS Q 2 -24.88 -24.09 -32.58
C LYS Q 2 -24.53 -23.27 -31.35
N ASP Q 3 -24.52 -23.89 -30.18
CA ASP Q 3 -24.13 -23.20 -28.95
C ASP Q 3 -22.63 -23.27 -28.70
N PHE Q 4 -21.94 -24.28 -29.23
CA PHE Q 4 -20.49 -24.30 -29.14
C PHE Q 4 -19.88 -23.14 -29.92
N LEU Q 5 -20.39 -22.88 -31.12
CA LEU Q 5 -19.92 -21.74 -31.89
C LEU Q 5 -20.30 -20.42 -31.21
N LYS Q 6 -21.43 -20.39 -30.50
CA LYS Q 6 -21.76 -19.22 -29.71
C LYS Q 6 -20.82 -19.08 -28.51
N TYR Q 7 -20.41 -20.21 -27.92
CA TYR Q 7 -19.44 -20.15 -26.84
C TYR Q 7 -18.10 -19.63 -27.33
N LEU Q 8 -17.67 -20.07 -28.52
CA LEU Q 8 -16.45 -19.57 -29.10
C LEU Q 8 -16.54 -18.09 -29.46
N SER Q 9 -17.76 -17.55 -29.55
CA SER Q 9 -17.97 -16.13 -29.83
C SER Q 9 -17.96 -15.27 -28.58
N THR Q 10 -17.75 -15.88 -27.41
CA THR Q 10 -17.69 -15.10 -26.18
C THR Q 10 -16.42 -14.24 -26.14
N ALA Q 11 -16.46 -13.23 -25.29
CA ALA Q 11 -15.32 -12.31 -25.18
C ALA Q 11 -14.01 -12.98 -24.81
N PRO Q 12 -13.94 -13.90 -23.83
CA PRO Q 12 -12.63 -14.45 -23.45
C PRO Q 12 -12.01 -15.30 -24.53
N VAL Q 13 -12.80 -16.20 -25.13
CA VAL Q 13 -12.28 -17.08 -26.16
C VAL Q 13 -11.84 -16.27 -27.37
N LEU Q 14 -12.66 -15.30 -27.78
CA LEU Q 14 -12.29 -14.48 -28.92
C LEU Q 14 -11.05 -13.64 -28.64
N LEU Q 15 -10.96 -13.06 -27.45
CA LEU Q 15 -9.78 -12.28 -27.10
C LEU Q 15 -8.54 -13.16 -27.05
N THR Q 16 -8.65 -14.37 -26.48
CA THR Q 16 -7.52 -15.28 -26.43
C THR Q 16 -7.08 -15.67 -27.83
N ALA Q 17 -8.03 -16.00 -28.71
CA ALA Q 17 -7.68 -16.37 -30.07
C ALA Q 17 -7.03 -15.21 -30.81
N TRP Q 18 -7.59 -14.00 -30.65
CA TRP Q 18 -7.05 -12.84 -31.36
C TRP Q 18 -5.67 -12.48 -30.85
N LEU Q 19 -5.46 -12.53 -29.53
CA LEU Q 19 -4.15 -12.20 -28.99
C LEU Q 19 -3.12 -13.28 -29.32
N THR Q 20 -3.54 -14.54 -29.35
CA THR Q 20 -2.64 -15.61 -29.75
C THR Q 20 -2.22 -15.44 -31.21
N PHE Q 21 -3.18 -15.14 -32.09
CA PHE Q 21 -2.86 -14.86 -33.49
C PHE Q 21 -1.96 -13.65 -33.62
N THR Q 22 -2.22 -12.60 -32.84
CA THR Q 22 -1.45 -11.37 -32.92
C THR Q 22 -0.01 -11.59 -32.48
N ALA Q 23 0.17 -12.19 -31.31
CA ALA Q 23 1.51 -12.55 -30.86
C ALA Q 23 2.18 -13.49 -31.85
N GLY Q 24 1.40 -14.38 -32.47
CA GLY Q 24 1.99 -15.30 -33.43
C GLY Q 24 2.58 -14.58 -34.63
N PHE Q 25 1.82 -13.68 -35.25
CA PHE Q 25 2.38 -13.06 -36.44
C PHE Q 25 3.46 -12.04 -36.07
N VAL Q 26 3.39 -11.44 -34.89
CA VAL Q 26 4.48 -10.57 -34.44
C VAL Q 26 5.76 -11.38 -34.26
N ILE Q 27 5.67 -12.51 -33.55
CA ILE Q 27 6.84 -13.33 -33.30
C ILE Q 27 7.41 -13.87 -34.61
N GLU Q 28 6.55 -14.21 -35.56
CA GLU Q 28 7.07 -14.76 -36.81
C GLU Q 28 7.68 -13.68 -37.70
N ILE Q 29 7.13 -12.47 -37.69
CA ILE Q 29 7.81 -11.36 -38.36
C ILE Q 29 9.19 -11.15 -37.76
N ASN Q 30 9.28 -11.18 -36.42
CA ASN Q 30 10.57 -10.98 -35.77
C ASN Q 30 11.51 -12.16 -35.93
N ARG Q 31 10.99 -13.34 -36.27
CA ARG Q 31 11.87 -14.45 -36.61
C ARG Q 31 12.43 -14.32 -38.01
N PHE Q 32 11.56 -14.02 -38.99
CA PHE Q 32 12.02 -13.97 -40.37
C PHE Q 32 12.81 -12.72 -40.68
N TYR Q 33 12.50 -11.60 -40.02
CA TYR Q 33 13.28 -10.37 -40.15
C TYR Q 33 13.64 -9.88 -38.74
N PRO Q 34 14.64 -10.48 -38.12
CA PRO Q 34 15.00 -10.11 -36.75
C PRO Q 34 15.81 -8.83 -36.69
N ASP Q 35 15.90 -8.28 -35.48
CA ASP Q 35 16.76 -7.14 -35.18
C ASP Q 35 16.46 -5.93 -36.06
N ALA Q 36 15.17 -5.64 -36.23
CA ALA Q 36 14.73 -4.52 -37.06
C ALA Q 36 14.58 -3.29 -36.18
N LEU Q 37 15.59 -2.42 -36.17
CA LEU Q 37 15.55 -1.21 -35.38
C LEU Q 37 14.86 -0.06 -36.09
N THR Q 38 15.01 0.04 -37.41
CA THR Q 38 14.38 1.08 -38.21
C THR Q 38 13.48 0.46 -39.25
N PHE Q 39 12.75 1.31 -39.96
CA PHE Q 39 11.90 0.83 -41.04
C PHE Q 39 12.76 0.20 -42.13
N PRO Q 40 12.35 -0.95 -42.68
CA PRO Q 40 13.19 -1.61 -43.69
C PRO Q 40 13.43 -0.76 -44.92
N PHE Q 41 12.46 0.05 -45.33
CA PHE Q 41 12.64 0.92 -46.48
C PHE Q 41 13.57 2.08 -46.16
N VAL R 2 -20.28 -30.78 38.55
CA VAL R 2 -19.99 -29.45 39.08
C VAL R 2 -19.49 -28.54 37.97
N SER R 3 -19.68 -27.23 38.17
CA SER R 3 -19.18 -26.22 37.26
C SER R 3 -18.44 -25.16 38.07
N PHE R 4 -17.23 -24.82 37.63
CA PHE R 4 -16.38 -23.89 38.35
C PHE R 4 -16.37 -22.49 37.74
N ILE R 5 -17.21 -22.24 36.74
CA ILE R 5 -17.38 -20.91 36.18
C ILE R 5 -18.87 -20.60 36.17
N LYS R 6 -19.25 -19.51 36.81
CA LYS R 6 -20.63 -19.08 36.94
C LYS R 6 -20.70 -17.58 36.75
N PRO R 7 -21.88 -17.04 36.42
CA PRO R 7 -22.00 -15.58 36.32
C PRO R 7 -21.65 -14.90 37.63
N TYR R 8 -21.02 -13.73 37.52
CA TYR R 8 -20.52 -13.03 38.70
C TYR R 8 -21.66 -12.45 39.51
N ARG R 9 -21.76 -12.87 40.78
CA ARG R 9 -22.77 -12.36 41.71
C ARG R 9 -24.18 -12.53 41.16
N GLN R 10 -24.41 -13.64 40.45
CA GLN R 10 -25.73 -13.99 39.92
C GLN R 10 -26.26 -12.94 38.95
N ASP R 11 -25.36 -12.23 38.27
CA ASP R 11 -25.74 -11.25 37.24
C ASP R 11 -25.18 -11.71 35.91
N PRO R 12 -26.01 -12.29 35.02
CA PRO R 12 -25.49 -12.78 33.74
C PRO R 12 -25.19 -11.68 32.73
N PHE R 13 -25.39 -10.42 33.08
CA PHE R 13 -25.22 -9.32 32.14
C PHE R 13 -23.98 -8.47 32.43
N VAL R 14 -23.26 -8.74 33.52
CA VAL R 14 -22.00 -8.06 33.76
C VAL R 14 -20.95 -8.57 32.79
N GLY R 15 -20.00 -7.71 32.45
CA GLY R 15 -18.87 -8.12 31.64
C GLY R 15 -17.80 -8.78 32.49
N HIS R 16 -18.19 -9.81 33.23
CA HIS R 16 -17.30 -10.46 34.18
C HIS R 16 -17.81 -11.87 34.44
N LEU R 17 -16.91 -12.71 34.97
CA LEU R 17 -17.24 -14.09 35.28
C LEU R 17 -16.63 -14.47 36.62
N ALA R 18 -17.26 -15.44 37.29
CA ALA R 18 -16.78 -15.95 38.57
C ALA R 18 -15.99 -17.23 38.29
N THR R 19 -14.74 -17.05 37.88
CA THR R 19 -13.84 -18.15 37.57
C THR R 19 -13.05 -18.55 38.81
N PRO R 20 -12.35 -19.70 38.77
CA PRO R 20 -11.55 -20.10 39.93
C PRO R 20 -10.35 -19.20 40.19
N ILE R 21 -10.28 -18.07 39.50
CA ILE R 21 -9.22 -17.09 39.68
C ILE R 21 -9.76 -15.73 40.14
N THR R 22 -10.90 -15.32 39.59
CA THR R 22 -11.47 -14.05 40.01
C THR R 22 -12.05 -14.12 41.42
N THR R 23 -12.74 -15.22 41.74
CA THR R 23 -13.47 -15.35 43.01
C THR R 23 -13.07 -16.61 43.74
N SER R 24 -11.78 -16.92 43.78
CA SER R 24 -11.29 -18.04 44.59
C SER R 24 -10.88 -17.54 45.97
N ALA R 25 -10.98 -18.43 46.96
CA ALA R 25 -10.62 -18.05 48.32
C ALA R 25 -9.17 -17.57 48.40
N PHE R 26 -8.28 -18.21 47.65
CA PHE R 26 -6.90 -17.76 47.60
C PHE R 26 -6.81 -16.34 47.07
N THR R 27 -7.53 -16.05 45.98
CA THR R 27 -7.53 -14.70 45.43
C THR R 27 -8.09 -13.71 46.46
N ARG R 28 -9.18 -14.07 47.13
CA ARG R 28 -9.77 -13.19 48.13
C ARG R 28 -8.77 -12.85 49.22
N ALA R 29 -8.17 -13.87 49.84
CA ALA R 29 -7.25 -13.60 50.95
C ALA R 29 -6.00 -12.85 50.46
N TYR R 30 -5.44 -13.26 49.31
CA TYR R 30 -4.23 -12.64 48.83
C TYR R 30 -4.44 -11.17 48.50
N LEU R 31 -5.58 -10.84 47.87
CA LEU R 31 -5.83 -9.44 47.58
C LEU R 31 -6.23 -8.66 48.83
N LYS R 32 -6.80 -9.33 49.83
CA LYS R 32 -7.15 -8.64 51.07
C LYS R 32 -5.96 -8.45 52.00
N VAL R 33 -4.84 -9.13 51.77
CA VAL R 33 -3.63 -8.85 52.56
C VAL R 33 -2.72 -7.85 51.87
N LEU R 34 -3.01 -7.47 50.62
CA LEU R 34 -2.20 -6.48 49.94
C LEU R 34 -2.48 -5.09 50.51
N PRO R 35 -1.49 -4.19 50.48
CA PRO R 35 -1.68 -2.86 51.06
C PRO R 35 -2.82 -2.08 50.44
N ALA R 36 -3.08 -2.27 49.15
CA ALA R 36 -4.13 -1.51 48.48
C ALA R 36 -5.52 -1.87 49.01
N TYR R 37 -5.70 -3.09 49.52
CA TYR R 37 -6.99 -3.54 50.01
C TYR R 37 -6.98 -4.04 51.44
N ARG R 38 -5.84 -4.00 52.12
CA ARG R 38 -5.77 -4.50 53.49
C ARG R 38 -6.64 -3.64 54.40
N PRO R 39 -7.52 -4.24 55.20
CA PRO R 39 -8.35 -3.44 56.11
C PRO R 39 -7.54 -2.84 57.24
N GLY R 40 -8.04 -1.73 57.76
CA GLY R 40 -7.40 -1.07 58.89
C GLY R 40 -6.23 -0.20 58.56
N LEU R 41 -6.04 0.16 57.29
CA LEU R 41 -4.92 1.00 56.87
C LEU R 41 -5.42 2.36 56.42
N THR R 42 -4.79 3.41 56.93
CA THR R 42 -5.03 4.76 56.42
C THR R 42 -4.40 4.90 55.04
N PRO R 43 -4.87 5.85 54.23
CA PRO R 43 -4.28 5.99 52.88
C PRO R 43 -2.80 6.30 52.92
N LEU R 44 -2.34 7.03 53.93
CA LEU R 44 -0.91 7.27 54.08
C LEU R 44 -0.16 5.96 54.31
N SER R 45 -0.71 5.07 55.13
CA SER R 45 -0.05 3.79 55.38
C SER R 45 -0.01 2.93 54.12
N ARG R 46 -1.11 2.89 53.37
CA ARG R 46 -1.13 2.16 52.11
C ARG R 46 -0.07 2.70 51.16
N GLY R 47 -0.02 4.02 51.00
CA GLY R 47 0.99 4.61 50.15
C GLY R 47 2.40 4.31 50.61
N ALA R 48 2.63 4.38 51.93
CA ALA R 48 3.97 4.12 52.46
C ALA R 48 4.41 2.69 52.18
N GLU R 49 3.52 1.73 52.41
CA GLU R 49 3.88 0.33 52.16
C GLU R 49 4.12 0.08 50.67
N ILE R 50 3.24 0.61 49.82
CA ILE R 50 3.40 0.43 48.38
C ILE R 50 4.70 1.05 47.90
N GLY R 51 5.00 2.26 48.37
CA GLY R 51 6.25 2.90 47.99
C GLY R 51 7.47 2.14 48.47
N PHE R 52 7.43 1.62 49.70
CA PHE R 52 8.55 0.84 50.20
C PHE R 52 8.80 -0.37 49.32
N THR R 53 7.76 -1.16 49.06
CA THR R 53 7.95 -2.35 48.23
C THR R 53 8.44 -1.97 46.83
N HIS R 54 7.87 -0.91 46.27
CA HIS R 54 8.17 -0.58 44.88
C HIS R 54 9.59 -0.03 44.72
N GLY R 55 10.02 0.87 45.61
CA GLY R 55 11.41 1.29 45.58
C GLY R 55 12.37 0.14 45.83
N TYR R 56 12.00 -0.76 46.75
CA TYR R 56 12.85 -1.90 47.09
C TYR R 56 13.11 -2.77 45.86
N PHE R 57 12.05 -3.07 45.09
CA PHE R 57 12.29 -3.89 43.90
C PHE R 57 12.67 -3.06 42.68
N LEU R 58 12.57 -1.73 42.76
CA LEU R 58 12.93 -0.89 41.62
C LEU R 58 14.42 -0.60 41.57
N ILE R 59 15.08 -0.52 42.73
CA ILE R 59 16.52 -0.27 42.71
C ILE R 59 17.26 -1.41 42.03
N GLY R 60 16.68 -2.61 42.03
CA GLY R 60 17.34 -3.79 41.51
C GLY R 60 17.76 -3.68 40.06
N PRO R 61 16.80 -3.55 39.14
CA PRO R 61 17.15 -3.49 37.71
C PRO R 61 18.07 -2.33 37.36
N PHE R 62 17.90 -1.18 38.00
CA PHE R 62 18.75 -0.04 37.71
C PHE R 62 20.20 -0.30 38.12
N TYR R 63 20.40 -0.87 39.31
CA TYR R 63 21.76 -1.14 39.77
C TYR R 63 22.39 -2.28 38.98
N THR R 64 21.62 -3.32 38.66
CA THR R 64 22.20 -4.50 38.03
C THR R 64 22.54 -4.24 36.57
N TYR R 65 21.65 -3.61 35.82
CA TYR R 65 21.79 -3.49 34.37
C TYR R 65 21.98 -2.05 33.90
N GLY R 66 22.28 -1.12 34.79
CA GLY R 66 22.39 0.28 34.42
C GLY R 66 23.54 0.56 33.46
N PRO R 67 23.80 1.84 33.20
CA PRO R 67 24.94 2.20 32.35
C PRO R 67 26.28 2.13 33.08
N LEU R 68 26.28 2.00 34.39
CA LEU R 68 27.49 1.96 35.20
C LEU R 68 27.56 0.67 36.01
N ARG R 69 27.28 -0.46 35.37
CA ARG R 69 27.33 -1.75 36.06
C ARG R 69 28.75 -2.08 36.50
N SER R 70 28.85 -3.13 37.31
CA SER R 70 30.14 -3.64 37.75
C SER R 70 29.92 -5.08 38.17
N VAL R 71 30.69 -6.01 37.59
CA VAL R 71 30.56 -7.41 37.98
C VAL R 71 30.98 -7.60 39.43
N GLU R 72 31.87 -6.75 39.93
CA GLU R 72 32.16 -6.68 41.35
C GLU R 72 31.29 -5.59 41.99
N PHE R 73 31.42 -5.40 43.29
CA PHE R 73 30.64 -4.38 43.97
C PHE R 73 31.33 -3.03 43.85
N SER R 74 30.57 -2.04 43.37
CA SER R 74 31.07 -0.68 43.23
C SER R 74 30.11 0.27 43.93
N LEU R 75 30.65 1.19 44.72
CA LEU R 75 29.81 2.21 45.34
C LEU R 75 29.19 3.13 44.32
N THR R 76 29.90 3.40 43.22
CA THR R 76 29.35 4.25 42.17
C THR R 76 28.16 3.59 41.49
N SER R 77 28.23 2.28 41.24
CA SER R 77 27.10 1.58 40.65
C SER R 77 25.89 1.61 41.57
N LEU R 78 26.11 1.38 42.86
CA LEU R 78 25.02 1.42 43.82
C LEU R 78 24.40 2.80 43.91
N ALA R 79 25.25 3.84 43.92
CA ALA R 79 24.74 5.21 43.96
C ALA R 79 23.95 5.55 42.71
N ALA R 80 24.43 5.11 41.55
CA ALA R 80 23.72 5.35 40.30
C ALA R 80 22.36 4.67 40.31
N GLY R 81 22.31 3.40 40.72
CA GLY R 81 21.05 2.70 40.79
C GLY R 81 20.09 3.33 41.78
N LEU R 82 20.60 3.74 42.94
CA LEU R 82 19.77 4.38 43.95
C LEU R 82 19.19 5.70 43.44
N LEU R 83 20.02 6.52 42.79
CA LEU R 83 19.55 7.79 42.26
C LEU R 83 18.52 7.58 41.15
N ALA R 84 18.76 6.61 40.27
CA ALA R 84 17.79 6.32 39.22
C ALA R 84 16.47 5.86 39.80
N ALA R 85 16.51 4.98 40.81
CA ALA R 85 15.29 4.52 41.44
C ALA R 85 14.54 5.66 42.11
N ILE R 86 15.27 6.54 42.81
CA ILE R 86 14.64 7.65 43.50
C ILE R 86 13.99 8.61 42.49
N THR R 87 14.67 8.88 41.38
CA THR R 87 14.09 9.78 40.37
C THR R 87 12.88 9.14 39.71
N LEU R 88 12.92 7.83 39.47
CA LEU R 88 11.74 7.15 38.93
C LEU R 88 10.57 7.23 39.91
N LEU R 89 10.85 7.07 41.20
CA LEU R 89 9.81 7.23 42.21
C LEU R 89 9.27 8.65 42.21
N LEU R 90 10.13 9.64 41.99
CA LEU R 90 9.68 11.03 41.90
C LEU R 90 8.76 11.21 40.70
N ILE R 91 9.10 10.62 39.56
CA ILE R 91 8.24 10.71 38.37
C ILE R 91 6.90 10.06 38.64
N LEU R 92 6.91 8.89 39.28
CA LEU R 92 5.67 8.19 39.61
C LEU R 92 4.83 9.01 40.59
N THR R 93 5.48 9.68 41.54
CA THR R 93 4.76 10.52 42.49
C THR R 93 4.15 11.73 41.80
N VAL R 94 4.86 12.30 40.83
CA VAL R 94 4.30 13.40 40.05
C VAL R 94 3.06 12.94 39.30
N GLY R 95 3.14 11.75 38.69
CA GLY R 95 1.97 11.20 38.01
C GLY R 95 0.81 10.96 38.96
N LEU R 96 1.09 10.43 40.15
CA LEU R 96 0.05 10.22 41.14
C LEU R 96 -0.60 11.54 41.54
N SER R 97 0.23 12.57 41.76
CA SER R 97 -0.29 13.86 42.20
C SER R 97 -1.20 14.47 41.15
N ILE R 98 -0.77 14.46 39.88
CA ILE R 98 -1.60 15.07 38.84
C ILE R 98 -2.86 14.24 38.61
N TYR R 99 -2.76 12.91 38.68
CA TYR R 99 -3.93 12.06 38.54
C TYR R 99 -4.96 12.36 39.62
N GLY R 100 -4.52 12.43 40.87
CA GLY R 100 -5.43 12.78 41.95
C GLY R 100 -5.99 14.18 41.83
N GLN R 101 -5.18 15.11 41.32
CA GLN R 101 -5.66 16.48 41.13
C GLN R 101 -6.79 16.52 40.12
N VAL R 102 -6.66 15.78 39.02
CA VAL R 102 -7.67 15.86 37.96
C VAL R 102 -8.81 14.87 38.13
N THR R 103 -8.72 13.92 39.06
CA THR R 103 -9.72 12.87 39.15
C THR R 103 -10.84 13.21 40.15
N TYR R 104 -10.49 13.43 41.41
CA TYR R 104 -11.46 13.55 42.48
C TYR R 104 -11.70 15.00 42.87
N ASP R 105 -12.93 15.29 43.32
CA ASP R 105 -13.21 16.49 44.13
C ASP R 105 -14.06 16.11 45.35
N VAL R 106 -13.39 15.54 46.37
CA VAL R 106 -14.03 15.13 47.62
C VAL R 106 -12.98 15.22 48.72
N TYR R 107 -13.44 15.52 49.94
CA TYR R 107 -12.58 15.46 51.12
C TYR R 107 -13.04 14.44 52.15
N ASP R 108 -14.27 13.94 52.07
CA ASP R 108 -14.74 12.90 52.98
C ASP R 108 -15.79 12.08 52.25
N ASN R 109 -15.45 10.84 51.92
CA ASN R 109 -16.30 9.98 51.11
C ASN R 109 -17.09 9.04 52.02
N ALA R 110 -17.90 8.19 51.41
CA ALA R 110 -18.84 7.26 52.04
C ALA R 110 -19.96 8.00 52.76
N LEU R 111 -19.94 9.33 52.77
CA LEU R 111 -21.03 10.13 53.31
C LEU R 111 -21.74 10.93 52.23
N ILE R 112 -20.99 11.70 51.42
CA ILE R 112 -21.58 12.56 50.41
C ILE R 112 -22.56 11.78 49.53
N VAL R 113 -22.23 10.53 49.23
CA VAL R 113 -23.13 9.69 48.45
C VAL R 113 -24.46 9.52 49.18
N LYS R 114 -24.40 9.22 50.48
CA LYS R 114 -25.63 9.05 51.26
C LYS R 114 -26.39 10.37 51.39
N LEU R 115 -25.66 11.48 51.57
CA LEU R 115 -26.29 12.79 51.68
C LEU R 115 -27.07 13.13 50.42
N VAL R 116 -26.50 12.84 49.25
CA VAL R 116 -27.19 13.17 48.01
C VAL R 116 -28.22 12.11 47.64
N ARG R 117 -28.12 10.90 48.19
CA ARG R 117 -29.18 9.92 48.05
C ARG R 117 -30.33 10.16 49.00
N GLN R 118 -30.13 11.02 50.01
CA GLN R 118 -31.16 11.32 51.00
C GLN R 118 -31.66 12.75 50.89
N MET R 119 -30.76 13.73 50.96
CA MET R 119 -31.14 15.15 50.98
C MET R 119 -31.16 15.77 49.59
N VAL R 120 -31.25 14.97 48.54
CA VAL R 120 -31.34 15.42 47.14
C VAL R 120 -30.04 16.09 46.70
N GLY R 121 -29.77 16.03 45.40
CA GLY R 121 -28.53 16.54 44.85
C GLY R 121 -28.70 17.47 43.67
N SER R 122 -29.71 18.34 43.72
CA SER R 122 -30.04 19.19 42.59
C SER R 122 -28.99 20.27 42.39
N GLU R 123 -27.79 19.86 41.97
CA GLU R 123 -26.68 20.78 41.73
C GLU R 123 -26.00 20.38 40.43
N ARG R 124 -24.81 20.93 40.19
CA ARG R 124 -24.05 20.64 38.98
C ARG R 124 -23.58 19.19 38.89
N THR R 125 -23.82 18.38 39.92
CA THR R 125 -23.52 16.96 39.94
C THR R 125 -22.02 16.68 39.78
N GLN R 126 -21.67 15.39 39.80
CA GLN R 126 -20.31 14.89 39.63
C GLN R 126 -19.45 15.17 40.86
N ASP R 127 -19.96 15.96 41.80
CA ASP R 127 -19.35 16.13 43.11
C ASP R 127 -20.30 15.75 44.23
N LEU R 128 -21.51 16.30 44.24
CA LEU R 128 -22.56 15.84 45.13
C LEU R 128 -23.04 14.47 44.67
N PRO R 129 -23.67 14.40 43.50
CA PRO R 129 -24.09 13.10 42.96
C PRO R 129 -22.93 12.33 42.36
N GLN R 130 -23.24 11.20 41.70
CA GLN R 130 -22.24 10.34 41.07
C GLN R 130 -21.28 9.79 42.11
N ILE R 131 -20.01 10.22 42.06
CA ILE R 131 -18.97 9.79 42.98
C ILE R 131 -18.73 8.29 42.84
N LYS R 132 -17.70 7.92 42.08
CA LYS R 132 -17.34 6.52 41.88
C LYS R 132 -16.45 6.06 43.02
N GLY R 133 -16.82 4.94 43.63
CA GLY R 133 -16.03 4.38 44.72
C GLY R 133 -16.27 5.06 46.06
N THR R 134 -16.30 4.28 47.13
CA THR R 134 -16.51 4.79 48.47
C THR R 134 -15.28 4.68 49.35
N SER R 135 -14.14 4.27 48.79
CA SER R 135 -12.93 4.13 49.58
C SER R 135 -12.38 5.50 49.97
N GLU R 136 -11.59 5.52 51.04
CA GLU R 136 -10.90 6.73 51.45
C GLU R 136 -9.82 7.15 50.46
N LEU R 137 -9.36 6.23 49.60
CA LEU R 137 -8.42 6.57 48.55
C LEU R 137 -9.05 7.39 47.44
N ASP R 138 -10.38 7.50 47.42
CA ASP R 138 -11.10 8.17 46.33
C ASP R 138 -11.48 9.59 46.70
N THR R 139 -10.62 10.28 47.45
CA THR R 139 -10.83 11.66 47.82
C THR R 139 -9.59 12.47 47.48
N VAL R 140 -9.75 13.80 47.42
CA VAL R 140 -8.60 14.67 47.18
C VAL R 140 -7.61 14.54 48.32
N LEU R 141 -8.11 14.58 49.56
CA LEU R 141 -7.23 14.41 50.72
C LEU R 141 -6.64 13.01 50.76
N GLY R 142 -7.45 11.99 50.49
CA GLY R 142 -6.95 10.62 50.57
C GLY R 142 -5.87 10.33 49.55
N TRP R 143 -6.06 10.77 48.31
CA TRP R 143 -5.06 10.52 47.29
C TRP R 143 -3.80 11.34 47.51
N GLN R 144 -3.93 12.54 48.06
CA GLN R 144 -2.75 13.34 48.38
C GLN R 144 -1.88 12.64 49.41
N LYS R 145 -2.49 12.14 50.49
CA LYS R 145 -1.74 11.40 51.49
C LYS R 145 -1.21 10.08 50.92
N PHE R 146 -1.96 9.46 50.01
CA PHE R 146 -1.47 8.25 49.36
C PHE R 146 -0.20 8.53 48.57
N SER R 147 -0.19 9.62 47.80
CA SER R 147 0.99 9.99 47.02
C SER R 147 2.16 10.35 47.93
N GLU R 148 1.89 11.08 49.01
CA GLU R 148 2.94 11.43 49.97
C GLU R 148 3.56 10.18 50.58
N GLY R 149 2.72 9.23 50.99
CA GLY R 149 3.22 7.98 51.53
C GLY R 149 3.99 7.18 50.51
N PHE R 150 3.49 7.13 49.27
CA PHE R 150 4.22 6.42 48.22
C PHE R 150 5.61 7.01 48.04
N PHE R 151 5.71 8.33 48.04
CA PHE R 151 6.98 8.99 47.79
C PHE R 151 7.96 8.77 48.94
N SER R 152 7.50 8.98 50.17
CA SER R 152 8.38 8.77 51.32
C SER R 152 8.80 7.31 51.45
N GLY R 153 7.84 6.40 51.35
CA GLY R 153 8.16 4.98 51.43
C GLY R 153 9.05 4.52 50.29
N GLY R 154 8.90 5.11 49.11
CA GLY R 154 9.79 4.77 48.01
C GLY R 154 11.23 5.16 48.33
N LEU R 155 11.42 6.37 48.85
CA LEU R 155 12.77 6.77 49.24
C LEU R 155 13.34 5.82 50.28
N ILE R 156 12.56 5.53 51.33
CA ILE R 156 13.05 4.70 52.43
C ILE R 156 13.36 3.29 51.94
N GLY R 157 12.47 2.71 51.14
CA GLY R 157 12.68 1.37 50.64
C GLY R 157 13.85 1.27 49.69
N SER R 158 14.05 2.28 48.85
CA SER R 158 15.21 2.29 47.98
C SER R 158 16.50 2.34 48.79
N ILE R 159 16.53 3.19 49.83
CA ILE R 159 17.73 3.24 50.67
C ILE R 159 17.97 1.92 51.38
N VAL R 160 16.90 1.30 51.90
CA VAL R 160 17.03 0.03 52.60
C VAL R 160 17.54 -1.05 51.65
N ALA R 161 17.01 -1.08 50.42
CA ALA R 161 17.45 -2.08 49.46
C ALA R 161 18.90 -1.84 49.04
N ALA R 162 19.31 -0.58 48.92
CA ALA R 162 20.71 -0.30 48.63
C ALA R 162 21.62 -0.80 49.75
N VAL R 163 21.22 -0.57 51.00
CA VAL R 163 21.99 -1.06 52.13
C VAL R 163 22.07 -2.58 52.11
N GLY R 164 20.95 -3.24 51.84
CA GLY R 164 20.95 -4.69 51.78
C GLY R 164 21.82 -5.23 50.66
N ILE R 165 21.78 -4.57 49.50
CA ILE R 165 22.62 -4.99 48.37
C ILE R 165 24.09 -4.83 48.72
N ALA R 166 24.45 -3.72 49.35
CA ALA R 166 25.84 -3.52 49.76
C ALA R 166 26.28 -4.57 50.76
N LEU R 167 25.43 -4.88 51.75
CA LEU R 167 25.79 -5.89 52.73
C LEU R 167 25.94 -7.27 52.09
N TYR R 168 25.04 -7.62 51.17
CA TYR R 168 25.12 -8.92 50.51
C TYR R 168 26.38 -9.01 49.65
N SER R 169 26.72 -7.93 48.95
CA SER R 169 27.89 -7.97 48.07
C SER R 169 29.19 -7.93 48.86
N THR R 170 29.19 -7.33 50.06
CA THR R 170 30.41 -7.21 50.84
C THR R 170 30.66 -8.43 51.72
N TYR R 171 29.68 -8.82 52.53
CA TYR R 171 29.88 -9.83 53.56
C TYR R 171 29.53 -11.25 53.10
N LEU R 172 29.22 -11.43 51.82
CA LEU R 172 28.92 -12.77 51.31
C LEU R 172 29.84 -13.11 50.14
N MET S 1 37.14 33.83 19.54
CA MET S 1 36.51 33.37 20.76
C MET S 1 35.78 34.52 21.46
N ILE S 2 34.49 34.33 21.70
CA ILE S 2 33.67 35.33 22.37
C ILE S 2 33.82 35.16 23.88
N TYR S 3 33.64 36.25 24.60
CA TYR S 3 33.87 36.27 26.04
C TYR S 3 32.63 35.83 26.81
N ASP S 4 32.80 35.69 28.13
CA ASP S 4 31.67 35.37 28.99
C ASP S 4 30.67 36.52 29.02
N SER S 5 31.16 37.77 29.00
CA SER S 5 30.27 38.91 28.99
C SER S 5 29.42 38.94 27.72
N GLN S 6 30.01 38.61 26.58
CA GLN S 6 29.27 38.61 25.32
C GLN S 6 28.15 37.59 25.34
N VAL S 7 28.44 36.38 25.80
CA VAL S 7 27.43 35.32 25.86
C VAL S 7 26.40 35.64 26.93
N TYR S 8 26.84 36.18 28.07
CA TYR S 8 25.92 36.44 29.17
C TYR S 8 24.88 37.48 28.79
N ILE S 9 25.31 38.59 28.16
CA ILE S 9 24.35 39.63 27.81
C ILE S 9 23.45 39.17 26.67
N ALA S 10 23.96 38.32 25.77
CA ALA S 10 23.10 37.74 24.75
C ALA S 10 22.04 36.84 25.38
N LEU S 11 22.42 36.11 26.43
CA LEU S 11 21.43 35.31 27.16
C LEU S 11 20.41 36.20 27.85
N VAL S 12 20.86 37.30 28.44
CA VAL S 12 19.94 38.21 29.11
C VAL S 12 18.97 38.84 28.10
N ILE S 13 19.49 39.26 26.95
CA ILE S 13 18.62 39.83 25.91
C ILE S 13 17.66 38.77 25.39
N ALA S 14 18.12 37.51 25.32
CA ALA S 14 17.23 36.43 24.89
C ALA S 14 16.10 36.23 25.90
N VAL S 15 16.39 36.40 27.19
CA VAL S 15 15.34 36.32 28.20
C VAL S 15 14.30 37.41 27.97
N VAL S 16 14.74 38.63 27.67
CA VAL S 16 13.81 39.72 27.43
C VAL S 16 12.92 39.41 26.23
N ALA S 17 13.52 38.84 25.17
CA ALA S 17 12.73 38.40 24.02
C ALA S 17 11.78 37.28 24.38
N SER S 18 12.08 36.49 25.42
CA SER S 18 11.18 35.44 25.85
C SER S 18 9.96 36.02 26.57
N VAL S 19 10.17 37.01 27.44
CA VAL S 19 9.05 37.64 28.13
C VAL S 19 8.15 38.37 27.13
N LEU S 20 8.74 38.92 26.07
CA LEU S 20 7.92 39.51 25.02
C LEU S 20 7.16 38.44 24.25
N ALA S 21 7.69 37.23 24.18
CA ALA S 21 7.01 36.16 23.45
C ALA S 21 5.80 35.64 24.20
N ILE S 22 5.92 35.44 25.52
CA ILE S 22 4.77 34.98 26.30
C ILE S 22 3.70 36.06 26.34
N ARG S 23 4.10 37.34 26.39
CA ARG S 23 3.10 38.40 26.33
C ARG S 23 2.32 38.37 25.04
N LEU S 24 3.01 38.12 23.91
CA LEU S 24 2.30 37.90 22.66
C LEU S 24 1.50 36.61 22.68
N GLY S 25 2.07 35.55 23.28
CA GLY S 25 1.35 34.29 23.36
C GLY S 25 0.10 34.38 24.21
N ALA S 26 0.20 35.02 25.37
CA ALA S 26 -0.98 35.18 26.22
C ALA S 26 -1.98 36.17 25.62
N THR S 27 -1.51 37.14 24.84
CA THR S 27 -2.42 38.10 24.22
C THR S 27 -3.18 37.46 23.07
N LEU S 28 -2.59 36.47 22.40
CA LEU S 28 -3.32 35.66 21.43
C LEU S 28 -4.28 34.68 22.10
N TYR S 29 -4.42 34.85 23.41
CA TYR S 29 -5.41 34.16 24.24
C TYR S 29 -5.07 32.70 24.50
N ASN S 30 -5.73 32.13 25.49
CA ASN S 30 -5.55 30.74 25.89
C ASN S 30 -5.72 29.79 24.70
N UNK T 1 -19.46 15.03 61.18
CA UNK T 1 -19.78 14.21 60.02
C UNK T 1 -20.31 15.08 58.87
N UNK T 2 -21.07 16.10 59.21
CA UNK T 2 -21.64 17.01 58.23
C UNK T 2 -22.12 18.30 58.87
N UNK T 3 -23.43 18.54 58.77
CA UNK T 3 -24.06 19.72 59.35
C UNK T 3 -25.56 19.47 59.48
N UNK T 4 -26.34 20.55 59.46
CA UNK T 4 -27.80 20.48 59.54
C UNK T 4 -28.27 19.65 60.74
N UNK T 5 -29.44 19.03 60.60
CA UNK T 5 -30.01 18.21 61.67
C UNK T 5 -31.20 17.39 61.17
N UNK T 6 -32.13 17.12 62.09
CA UNK T 6 -33.38 16.43 61.79
C UNK T 6 -33.19 15.01 61.25
N UNK T 7 -32.94 14.90 59.95
CA UNK T 7 -32.90 13.60 59.29
C UNK T 7 -31.55 12.91 59.44
N UNK T 8 -30.90 13.10 60.59
CA UNK T 8 -29.64 12.42 60.87
C UNK T 8 -29.89 10.97 61.23
N UNK T 9 -31.15 10.66 61.58
CA UNK T 9 -31.54 9.30 61.94
C UNK T 9 -31.44 8.37 60.73
N UNK T 10 -31.97 8.81 59.60
CA UNK T 10 -31.93 8.03 58.37
C UNK T 10 -30.50 8.03 57.80
N UNK T 11 -29.76 9.09 58.09
CA UNK T 11 -28.38 9.21 57.62
C UNK T 11 -27.46 8.25 58.36
N UNK T 12 -27.53 8.26 59.69
CA UNK T 12 -26.71 7.39 60.51
C UNK T 12 -27.13 5.93 60.34
N UNK T 13 -28.37 5.71 59.92
CA UNK T 13 -28.86 4.38 59.65
C UNK T 13 -28.21 3.82 58.39
N UNK T 14 -28.25 4.60 57.32
CA UNK T 14 -27.64 4.20 56.06
C UNK T 14 -26.12 4.16 56.17
N UNK T 15 -25.57 5.02 57.03
CA UNK T 15 -24.13 5.08 57.24
C UNK T 15 -23.62 3.78 57.85
N UNK T 16 -24.20 3.39 58.97
CA UNK T 16 -23.79 2.17 59.67
C UNK T 16 -24.09 0.94 58.81
N UNK T 17 -25.08 1.04 57.94
CA UNK T 17 -25.44 -0.07 57.07
C UNK T 17 -24.47 -0.18 55.89
N UNK T 18 -24.09 0.97 55.34
CA UNK T 18 -23.16 0.99 54.20
C UNK T 18 -21.74 0.74 54.65
N UNK T 19 -21.37 1.28 55.82
CA UNK T 19 -20.04 1.07 56.38
C UNK T 19 -19.85 -0.41 56.71
N UNK T 20 -20.93 -1.05 57.13
CA UNK T 20 -20.92 -2.49 57.39
C UNK T 20 -20.79 -3.26 56.08
N UNK T 21 -21.78 -3.09 55.21
CA UNK T 21 -21.85 -3.81 53.94
C UNK T 21 -20.55 -3.72 53.12
N UNK T 22 -19.90 -2.57 53.17
CA UNK T 22 -18.65 -2.38 52.45
C UNK T 22 -17.52 -3.17 53.11
N UNK T 23 -17.43 -3.09 54.43
CA UNK T 23 -16.34 -3.71 55.17
C UNK T 23 -16.64 -5.18 55.51
N UNK T 24 -17.87 -5.47 55.90
CA UNK T 24 -18.24 -6.82 56.30
C UNK T 24 -18.17 -7.79 55.14
N UNK T 25 -19.23 -7.85 54.34
CA UNK T 25 -19.29 -8.76 53.21
C UNK T 25 -18.32 -8.35 52.11
N UNK T 26 -18.86 -7.75 51.05
CA UNK T 26 -18.07 -7.43 49.86
C UNK T 26 -17.33 -8.67 49.38
N UNK T 27 -16.21 -8.97 50.03
CA UNK T 27 -15.39 -10.15 49.71
C UNK T 27 -15.04 -10.15 48.22
N UNK T 28 -15.00 -8.96 47.65
CA UNK T 28 -14.80 -8.75 46.22
C UNK T 28 -14.86 -7.25 45.99
N UNK T 29 -14.34 -6.50 46.95
CA UNK T 29 -14.31 -5.05 46.87
C UNK T 29 -13.58 -4.57 45.62
N UNK T 30 -12.68 -5.41 45.12
CA UNK T 30 -11.97 -5.14 43.88
C UNK T 30 -12.92 -5.06 42.69
N UNK T 31 -14.02 -5.81 42.76
CA UNK T 31 -15.00 -5.83 41.69
C UNK T 31 -16.36 -5.34 42.19
N UNK T 32 -16.46 -4.03 42.41
CA UNK T 32 -17.69 -3.44 42.93
C UNK T 32 -18.53 -2.83 41.81
N UNK T 33 -17.89 -2.57 40.67
CA UNK T 33 -18.59 -2.02 39.52
C UNK T 33 -19.21 -3.14 38.67
N UNK T 34 -19.34 -4.32 39.28
CA UNK T 34 -19.91 -5.47 38.60
C UNK T 34 -21.15 -5.97 39.35
N UNK T 35 -21.80 -5.06 40.07
CA UNK T 35 -23.01 -5.38 40.80
C UNK T 35 -23.94 -4.18 40.86
N UNK T 36 -25.21 -4.40 41.15
CA UNK T 36 -26.19 -3.31 41.20
C UNK T 36 -27.37 -3.66 42.10
N UNK T 37 -28.17 -2.65 42.40
CA UNK T 37 -29.37 -2.82 43.20
C UNK T 37 -30.52 -2.02 42.60
N UNK T 38 -30.27 -1.46 41.41
CA UNK T 38 -31.27 -0.66 40.71
C UNK T 38 -31.92 -1.46 39.59
N UNK T 39 -32.62 -2.52 39.95
CA UNK T 39 -33.34 -3.34 38.99
C UNK T 39 -34.83 -3.16 39.16
N UNK T 40 -35.55 -3.07 38.05
CA UNK T 40 -36.99 -2.86 38.08
C UNK T 40 -37.75 -4.16 37.83
N UNK T 41 -38.98 -4.23 38.33
CA UNK T 41 -39.82 -5.40 38.13
C UNK T 41 -40.51 -5.34 36.78
N UNK T 42 -40.86 -6.49 36.23
CA UNK T 42 -41.51 -6.57 34.93
C UNK T 42 -42.89 -5.93 34.99
N UNK T 43 -43.53 -5.99 36.16
CA UNK T 43 -44.84 -5.42 36.35
C UNK T 43 -44.81 -3.90 36.24
N UNK T 44 -43.82 -3.29 36.88
CA UNK T 44 -43.68 -1.84 36.87
C UNK T 44 -43.29 -1.33 35.49
N UNK T 45 -42.45 -2.09 34.79
CA UNK T 45 -42.00 -1.71 33.46
C UNK T 45 -43.13 -1.85 32.44
N UNK T 46 -43.89 -2.93 32.54
CA UNK T 46 -44.99 -3.17 31.61
C UNK T 46 -46.13 -2.17 31.82
N UNK T 47 -46.19 -1.59 33.01
CA UNK T 47 -47.24 -0.63 33.34
C UNK T 47 -46.95 0.74 32.73
N UNK T 48 -45.74 1.23 32.94
CA UNK T 48 -45.32 2.52 32.40
C UNK T 48 -45.34 2.51 30.88
N UNK T 49 -45.12 1.32 30.32
CA UNK T 49 -45.05 1.15 28.87
C UNK T 49 -46.40 1.35 28.20
N UNK T 50 -47.39 0.56 28.60
CA UNK T 50 -48.74 0.66 28.05
C UNK T 50 -49.34 2.04 28.31
N SER U 2 -24.61 15.37 18.18
CA SER U 2 -25.46 14.42 17.47
C SER U 2 -25.53 14.78 15.99
N HIS U 3 -25.69 13.76 15.15
CA HIS U 3 -25.75 13.99 13.71
C HIS U 3 -27.09 14.60 13.34
N THR U 4 -27.15 15.15 12.13
CA THR U 4 -28.33 15.82 11.61
C THR U 4 -28.91 15.01 10.46
N VAL U 5 -30.21 14.75 10.52
CA VAL U 5 -30.92 13.98 9.50
C VAL U 5 -32.05 14.86 8.97
N LYS U 6 -32.07 15.07 7.66
CA LYS U 6 -33.09 15.87 7.01
C LYS U 6 -33.87 15.02 6.01
N ILE U 7 -35.16 15.32 5.90
CA ILE U 7 -36.04 14.64 4.95
C ILE U 7 -36.50 15.66 3.92
N TYR U 8 -36.53 15.24 2.66
CA TYR U 8 -36.86 16.13 1.55
C TYR U 8 -38.12 15.64 0.87
N ASP U 9 -38.88 16.58 0.28
CA ASP U 9 -40.19 16.27 -0.26
C ASP U 9 -40.16 15.32 -1.44
N THR U 10 -38.98 14.90 -1.90
CA THR U 10 -38.90 13.83 -2.90
C THR U 10 -39.26 12.47 -2.31
N CYS U 11 -39.44 12.39 -0.99
CA CYS U 11 -39.93 11.20 -0.32
C CYS U 11 -41.15 10.61 -1.02
N ILE U 12 -41.08 9.31 -1.29
CA ILE U 12 -42.21 8.57 -1.85
C ILE U 12 -42.89 7.70 -0.81
N GLY U 13 -42.45 7.77 0.43
CA GLY U 13 -43.09 7.03 1.50
C GLY U 13 -43.01 5.52 1.36
N CYS U 14 -41.86 5.01 0.90
CA CYS U 14 -41.70 3.57 0.71
C CYS U 14 -41.22 2.86 1.97
N THR U 15 -40.99 3.60 3.06
CA THR U 15 -40.69 3.10 4.40
C THR U 15 -39.36 2.35 4.50
N GLN U 16 -38.59 2.23 3.42
CA GLN U 16 -37.37 1.44 3.47
C GLN U 16 -36.33 2.07 4.39
N CYS U 17 -36.35 3.39 4.54
CA CYS U 17 -35.40 4.04 5.44
C CYS U 17 -35.73 3.71 6.90
N VAL U 18 -37.00 3.76 7.26
CA VAL U 18 -37.40 3.56 8.65
C VAL U 18 -37.08 2.14 9.10
N ARG U 19 -37.37 1.15 8.26
CA ARG U 19 -37.13 -0.24 8.62
C ARG U 19 -35.67 -0.64 8.46
N ALA U 20 -34.80 0.28 8.06
CA ALA U 20 -33.37 0.02 7.99
C ALA U 20 -32.59 0.71 9.10
N CYS U 21 -33.19 1.66 9.81
CA CYS U 21 -32.51 2.36 10.89
C CYS U 21 -32.22 1.41 12.04
N PRO U 22 -30.95 1.25 12.45
CA PRO U 22 -30.65 0.32 13.55
C PRO U 22 -30.89 0.89 14.93
N THR U 23 -31.16 2.19 15.06
CA THR U 23 -31.30 2.84 16.36
C THR U 23 -32.64 3.55 16.55
N ASP U 24 -33.61 3.25 15.68
CA ASP U 24 -34.95 3.83 15.77
C ASP U 24 -34.89 5.35 15.80
N VAL U 25 -34.37 5.92 14.72
CA VAL U 25 -34.31 7.36 14.56
C VAL U 25 -35.42 7.87 13.65
N LEU U 26 -35.72 7.13 12.59
CA LEU U 26 -36.72 7.54 11.61
C LEU U 26 -38.06 6.87 11.87
N GLU U 27 -39.12 7.58 11.49
CA GLU U 27 -40.48 7.06 11.61
C GLU U 27 -41.31 7.63 10.47
N MET U 28 -42.42 6.96 10.17
CA MET U 28 -43.30 7.36 9.10
C MET U 28 -44.45 8.18 9.65
N VAL U 29 -44.69 9.35 9.07
CA VAL U 29 -45.71 10.27 9.56
C VAL U 29 -46.65 10.61 8.40
N PRO U 30 -47.88 10.99 8.70
CA PRO U 30 -48.83 11.32 7.62
C PRO U 30 -48.36 12.49 6.78
N TRP U 31 -48.72 12.46 5.50
CA TRP U 31 -48.33 13.49 4.55
C TRP U 31 -49.32 13.48 3.40
N ASP U 32 -49.27 14.54 2.59
CA ASP U 32 -50.15 14.65 1.42
C ASP U 32 -49.37 15.05 0.16
N GLY U 33 -48.06 14.82 0.15
CA GLY U 33 -47.23 15.15 -0.98
C GLY U 33 -46.86 13.99 -1.87
N CYS U 34 -47.39 12.80 -1.61
CA CYS U 34 -47.06 11.62 -2.42
C CYS U 34 -48.23 10.66 -2.40
N LYS U 35 -48.14 9.63 -3.25
CA LYS U 35 -49.23 8.67 -3.38
C LYS U 35 -49.47 7.92 -2.09
N ALA U 36 -48.39 7.50 -1.42
CA ALA U 36 -48.52 6.72 -0.19
C ALA U 36 -49.12 7.52 0.95
N GLY U 37 -49.13 8.85 0.84
CA GLY U 37 -49.66 9.67 1.92
C GLY U 37 -48.83 9.66 3.18
N GLN U 38 -47.55 9.33 3.07
CA GLN U 38 -46.66 9.23 4.21
C GLN U 38 -45.30 9.81 3.86
N ILE U 39 -44.61 10.35 4.87
CA ILE U 39 -43.27 10.87 4.69
C ILE U 39 -42.44 10.47 5.91
N ALA U 40 -41.15 10.23 5.66
CA ALA U 40 -40.24 9.90 6.75
C ALA U 40 -39.99 11.12 7.62
N SER U 41 -39.77 10.87 8.91
CA SER U 41 -39.44 11.91 9.88
C SER U 41 -38.25 11.44 10.70
N ALA U 42 -37.54 12.41 11.28
CA ALA U 42 -36.36 12.13 12.11
C ALA U 42 -36.53 12.82 13.45
N PRO U 43 -37.40 12.30 14.32
CA PRO U 43 -37.64 12.94 15.62
C PRO U 43 -36.69 12.49 16.72
N ARG U 44 -35.84 11.52 16.49
CA ARG U 44 -34.95 10.96 17.51
C ARG U 44 -33.51 10.93 17.02
N THR U 45 -33.06 12.05 16.46
CA THR U 45 -31.70 12.14 15.94
C THR U 45 -30.65 12.05 17.04
N GLU U 46 -31.02 12.19 18.31
CA GLU U 46 -30.06 11.97 19.39
C GLU U 46 -29.55 10.54 19.43
N ASP U 47 -30.32 9.60 18.89
CA ASP U 47 -29.90 8.21 18.76
C ASP U 47 -29.24 7.92 17.42
N CYS U 48 -29.19 8.89 16.52
CA CYS U 48 -28.57 8.68 15.22
C CYS U 48 -27.10 8.33 15.38
N VAL U 49 -26.67 7.25 14.75
CA VAL U 49 -25.30 6.80 14.85
C VAL U 49 -24.47 7.19 13.63
N GLY U 50 -25.10 7.57 12.53
CA GLY U 50 -24.39 7.93 11.33
C GLY U 50 -24.02 6.78 10.42
N CYS U 51 -24.58 5.59 10.63
CA CYS U 51 -24.23 4.44 9.80
C CYS U 51 -24.72 4.61 8.37
N LYS U 52 -25.69 5.50 8.14
CA LYS U 52 -26.19 5.81 6.80
C LYS U 52 -26.86 4.61 6.13
N ARG U 53 -27.33 3.64 6.91
CA ARG U 53 -28.19 2.61 6.35
C ARG U 53 -29.49 3.20 5.82
N CYS U 54 -29.91 4.33 6.39
CA CYS U 54 -31.18 4.94 5.98
C CYS U 54 -31.16 5.34 4.51
N GLU U 55 -30.06 5.95 4.07
CA GLU U 55 -29.97 6.42 2.70
C GLU U 55 -29.39 5.39 1.74
N THR U 56 -28.94 4.24 2.24
CA THR U 56 -28.63 3.12 1.37
C THR U 56 -29.89 2.42 0.88
N ALA U 57 -31.00 2.56 1.61
CA ALA U 57 -32.27 1.98 1.23
C ALA U 57 -33.19 2.97 0.54
N CYS U 58 -32.70 4.17 0.25
CA CYS U 58 -33.54 5.19 -0.37
C CYS U 58 -33.60 4.97 -1.88
N PRO U 59 -34.80 4.82 -2.46
CA PRO U 59 -34.89 4.58 -3.91
C PRO U 59 -34.97 5.85 -4.73
N THR U 60 -35.30 6.99 -4.12
CA THR U 60 -35.39 8.24 -4.87
C THR U 60 -34.04 8.61 -5.46
N ASP U 61 -34.07 9.50 -6.46
CA ASP U 61 -32.91 9.67 -7.34
C ASP U 61 -31.67 10.09 -6.58
N PHE U 62 -31.61 11.34 -6.11
CA PHE U 62 -30.57 11.64 -5.14
C PHE U 62 -31.14 11.74 -3.74
N LEU U 63 -31.69 10.64 -3.22
CA LEU U 63 -32.03 10.53 -1.81
C LEU U 63 -33.16 11.46 -1.39
N SER U 64 -33.93 11.04 -0.40
CA SER U 64 -34.86 11.92 0.29
C SER U 64 -34.53 12.04 1.76
N VAL U 65 -33.70 11.16 2.31
CA VAL U 65 -33.16 11.27 3.65
C VAL U 65 -31.66 11.51 3.52
N ARG U 66 -31.17 12.55 4.20
CA ARG U 66 -29.77 12.94 4.13
C ARG U 66 -29.23 13.03 5.55
N VAL U 67 -28.08 12.39 5.79
CA VAL U 67 -27.45 12.36 7.10
C VAL U 67 -26.20 13.23 7.04
N TYR U 68 -26.17 14.28 7.85
CA TYR U 68 -25.02 15.17 7.95
C TYR U 68 -24.34 14.90 9.28
N LEU U 69 -23.13 14.34 9.22
CA LEU U 69 -22.38 14.04 10.43
C LEU U 69 -21.98 15.33 11.14
N GLY U 70 -22.13 15.35 12.45
CA GLY U 70 -21.81 16.53 13.23
C GLY U 70 -21.10 16.20 14.53
N GLY U 71 -21.51 16.86 15.62
CA GLY U 71 -20.88 16.61 16.90
C GLY U 71 -21.10 15.18 17.36
N GLU U 72 -20.09 14.64 18.04
CA GLU U 72 -20.11 13.25 18.47
C GLU U 72 -20.59 13.13 19.91
N THR U 73 -21.25 12.01 20.19
CA THR U 73 -21.76 11.69 21.51
C THR U 73 -21.55 10.20 21.74
N THR U 74 -21.57 9.79 23.01
CA THR U 74 -21.42 8.38 23.33
C THR U 74 -22.50 7.54 22.66
N ARG U 75 -23.68 8.12 22.42
CA ARG U 75 -24.70 7.42 21.65
C ARG U 75 -24.37 7.41 20.17
N SER U 76 -23.91 8.54 19.63
CA SER U 76 -23.60 8.64 18.21
C SER U 76 -22.30 7.92 17.86
N LEU U 77 -21.40 7.76 18.82
CA LEU U 77 -20.16 7.01 18.57
C LEU U 77 -20.33 5.51 18.73
N GLY U 78 -21.51 5.05 19.12
CA GLY U 78 -21.73 3.62 19.30
C GLY U 78 -20.87 3.01 20.37
N LEU U 79 -20.70 3.71 21.50
CA LEU U 79 -19.83 3.24 22.57
C LEU U 79 -20.66 2.46 23.57
N ALA U 80 -20.39 1.16 23.67
CA ALA U 80 -20.97 0.34 24.72
C ALA U 80 -20.26 0.52 26.06
N TYR U 81 -19.15 1.26 26.08
CA TYR U 81 -18.40 1.51 27.30
C TYR U 81 -18.39 3.00 27.60
#